data_7MD2
#
_entry.id   7MD2
#
_cell.length_a   1.00
_cell.length_b   1.00
_cell.length_c   1.00
_cell.angle_alpha   90.00
_cell.angle_beta   90.00
_cell.angle_gamma   90.00
#
_symmetry.space_group_name_H-M   'P 1'
#
loop_
_entity.id
_entity.type
_entity.pdbx_description
1 polymer 'ATP synthase subunit alpha'
2 polymer 'ATP synthase subunit beta'
3 polymer 'ATP synthase subunit gamma'
4 polymer 'ATP synthase subunit epsilon, mitochondrial'
5 non-polymer "ADENOSINE-5'-TRIPHOSPHATE"
6 non-polymer 'MAGNESIUM ION'
7 non-polymer 'PHOSPHATE ION'
8 non-polymer (3~{E},5~{Z},7~{E},9~{R},10~{S},11~{E},13~{E},15~{E},17~{R},18~{S},20~{S})-20-[(1~{R})-1-[(2~{S},3~{R},4~{R},5~{S},6~{R})-5-[(2~{S},4~{S},5~{S},6~{R})-5-[(2~{S},4~{R},5~{R},6~{R})-4,6-dimethyl-4,5-bis(oxidanyl)oxan-2-yl]oxy-6-methyl-4-oxidanyl-oxan-2-yl]oxy-3-methoxy-6-(3-methoxypropyl)-5-methyl-2,4-bis(oxidanyl)oxan-2-yl]ethyl]-5,18-dimethoxy-3,7,9,11,13,15-hexamethyl-10-[(2~{R},3~{S},4~{R},5~{R},6~{S})-6-methyl-3,4,5-tris(oxidanyl)oxan-2-yl]oxy-17-oxidanyl-1-oxacycloicosa-3,5,7,11,13,15-hexaen-2-one
#
loop_
_entity_poly.entity_id
_entity_poly.type
_entity_poly.pdbx_seq_one_letter_code
_entity_poly.pdbx_strand_id
1 'polypeptide(L)'
;ASTKAQPTEVSSILEERIKGVSDEANLNETGRVLAVGDGIARVFGLNNIQAEELVEFSSGVKGMALNLEPGQVGIVLFGS
DRLVKEGELVKRTGNIVDVPVGPGLLGRVVDALGNPIDGKGPIDAAGRSRAQVKAPGILPRRSVHEPVQTGLKAVDALVP
IGRGQRELIIGDRQTGKTAVALDTILNQKRWNNGSDESKKLYCVYVAVGQKRSTVAQLVQTLEQHDAMKYSIIVAATASE
AAPLQYLAPFTAASIGEWFRDNGKHALIVYDDLSKQAVAYRQLSLLLRRPPGREAYPGDVFYLHSRLLERAAKLSEKEGS
GSLTALPVIETQGGDVSAYIPTNVISITDGQIFLEAELFYKGIRPAINVGLSVSRVGSAAQVKALKQVAGSLKLFLAQYR
EVAAFAQFGSDLDASTKQTLVRGERLTQLLKQNQYSPLATEEQVPLIYAGVNGHLDGIELSRIGEFESSFLSYLKSNHNE
LLTEIREKGELSKELLASLKSATESFVATF
;
A,B,C
2 'polypeptide(L)'
;ASAAQSTPITGKVTAVIGAIVDVHFEQSELPAILNALEIKTPQGKLVLEVAQHLGENTVRTIAMDGTEGLVRGEKVLDTG
GPISVPVGRETLGRIINVIGEPIDERGPIKSKLRKPIHADPPSFAEQSTSAEILETGIKVVDLLAPYARGGKIGLFGGAG
VGKTVFIQELINNIAKAHGGFSVFTGVGERTREGNDLYREMKETGVINLEGESKVALVFGQMNEPPGARARVALTGLTIA
EYFRDEEGQDVLLFIDNIFRFTQAGSEVSALLGRIPSAVGYQPTLATDMGLLQERITTTKKGSVTSVQAVYVPADDLTDP
APATTFAHLDATTVLSRGISELGIYPAVDPLDSKSRLLDAAVVGQEHYDVASKVQETLQTYKSLQDIIAILGMDELSEQD
KLTVERARKIQRFLSQPFAVAEVFTGIPGKLVRLKDTVASFKAVLEGKYDNIPEHAFYMVGGIEDVVAKAEKLAAEAN
;
D,E,F
3 'polypeptide(L)'
;ATLKEVEMRLKSIKNIEKITKTMKIVASTRLSKAEKAKISAKKMDEAEQLFYKNAETKNLDVEATETGAPKELIVAITSD
KGLCGSIHSQLAKAVRRHLNDQPNADIVTIGDKIKMQLLRTHPNNIKLSINGIGKDAPTFQESALIADKLLSVMKAGTYP
KISIFYNDPVSSLSFEPSEKPIFNAKTIEQSPSFGKFEIDTDANVPRDLFEYTLANQMLTAMAQGYAAEISARRNAMDNA
SKNAGDMINRYSILYNRTRQAVITNELVDIITGASSLG
;
G
4 'polypeptide(L)' SAWRKAGISYAAYLNVAAQAIRSSLKTELQTASVLNRSQTDAFYTQYKNGTAASEPTPITK H
#
loop_
_chem_comp.id
_chem_comp.type
_chem_comp.name
_chem_comp.formula
ATP non-polymer ADENOSINE-5'-TRIPHOSPHATE 'C10 H16 N5 O13 P3'
MG non-polymer 'MAGNESIUM ION' 'Mg 2'
PO4 non-polymer 'PHOSPHATE ION' 'O4 P -3'
ZHD non-polymer (3~{E},5~{Z},7~{E},9~{R},10~{S},11~{E},13~{E},15~{E},17~{R},18~{S},20~{S})-20-[(1~{R})-1-[(2~{S},3~{R},4~{R},5~{S},6~{R})-5-[(2~{S},4~{S},5~{S},6~{R})-5-[(2~{S},4~{R},5~{R},6~{R})-4,6-dimethyl-4,5-bis(oxidanyl)oxan-2-yl]oxy-6-methyl-4-oxidanyl-oxan-2-yl]oxy-3-methoxy-6-(3-methoxypropyl)-5-methyl-2,4-bis(oxidanyl)oxan-2-yl]ethyl]-5,18-dimethoxy-3,7,9,11,13,15-hexamethyl-10-[(2~{R},3~{S},4~{R},5~{R},6~{S})-6-methyl-3,4,5-tris(oxidanyl)oxan-2-yl]oxy-17-oxidanyl-1-oxacycloicosa-3,5,7,11,13,15-hexaen-2-one 'C59 H96 O22'
#
# COMPACT_ATOMS: atom_id res chain seq x y z
N ASN A 26 -52.97 6.08 -18.63
CA ASN A 26 -52.84 4.67 -18.34
C ASN A 26 -51.46 4.38 -17.77
N LEU A 27 -51.40 4.22 -16.45
CA LEU A 27 -50.13 4.06 -15.77
C LEU A 27 -49.53 2.67 -15.89
N ASN A 28 -50.15 1.77 -16.65
CA ASN A 28 -49.50 0.50 -16.98
C ASN A 28 -48.56 0.64 -18.16
N GLU A 29 -49.02 1.25 -19.24
CA GLU A 29 -48.22 1.42 -20.45
C GLU A 29 -47.38 2.71 -20.46
N THR A 30 -47.66 3.66 -19.58
CA THR A 30 -46.98 4.96 -19.61
C THR A 30 -46.61 5.39 -18.20
N GLY A 31 -45.79 6.45 -18.13
CA GLY A 31 -45.31 6.96 -16.86
C GLY A 31 -44.86 8.40 -16.96
N ARG A 32 -44.61 9.00 -15.79
CA ARG A 32 -44.21 10.38 -15.67
C ARG A 32 -42.89 10.48 -14.90
N VAL A 33 -41.98 11.31 -15.41
CA VAL A 33 -40.67 11.49 -14.78
C VAL A 33 -40.80 12.34 -13.53
N LEU A 34 -40.16 11.89 -12.45
CA LEU A 34 -40.15 12.62 -11.19
C LEU A 34 -38.85 13.39 -10.98
N ALA A 35 -37.72 12.79 -11.32
CA ALA A 35 -36.43 13.44 -11.15
C ALA A 35 -35.49 13.03 -12.27
N VAL A 36 -34.59 13.94 -12.63
CA VAL A 36 -33.55 13.69 -13.63
C VAL A 36 -32.22 14.10 -13.05
N GLY A 37 -31.31 13.14 -12.94
CA GLY A 37 -29.98 13.38 -12.42
C GLY A 37 -28.93 13.39 -13.50
N ASP A 38 -27.87 12.60 -13.31
CA ASP A 38 -26.82 12.46 -14.29
C ASP A 38 -27.01 11.12 -14.99
N GLY A 39 -27.47 11.17 -16.24
CA GLY A 39 -27.72 9.96 -17.00
C GLY A 39 -28.73 9.04 -16.37
N ILE A 40 -29.44 9.52 -15.35
CA ILE A 40 -30.41 8.72 -14.61
C ILE A 40 -31.72 9.49 -14.52
N ALA A 41 -32.83 8.75 -14.52
CA ALA A 41 -34.16 9.31 -14.42
C ALA A 41 -35.02 8.41 -13.55
N ARG A 42 -35.96 9.02 -12.84
CA ARG A 42 -36.88 8.30 -11.98
C ARG A 42 -38.30 8.55 -12.43
N VAL A 43 -39.04 7.48 -12.66
CA VAL A 43 -40.31 7.53 -13.36
C VAL A 43 -41.40 6.90 -12.49
N PHE A 44 -42.52 7.61 -12.37
CA PHE A 44 -43.70 7.09 -11.73
C PHE A 44 -44.56 6.35 -12.74
N GLY A 45 -45.21 5.29 -12.28
CA GLY A 45 -46.00 4.46 -13.15
C GLY A 45 -45.22 3.30 -13.73
N LEU A 46 -45.55 2.92 -14.96
CA LEU A 46 -44.91 1.80 -15.63
C LEU A 46 -44.96 0.56 -14.74
N ASN A 47 -46.15 0.28 -14.23
CA ASN A 47 -46.32 -0.83 -13.30
C ASN A 47 -45.95 -2.15 -13.95
N ASN A 48 -46.47 -2.39 -15.16
CA ASN A 48 -46.28 -3.64 -15.87
C ASN A 48 -44.93 -3.76 -16.53
N ILE A 49 -44.00 -2.83 -16.24
CA ILE A 49 -42.73 -2.81 -16.94
C ILE A 49 -41.86 -3.98 -16.52
N GLN A 50 -41.16 -4.54 -17.50
CA GLN A 50 -40.22 -5.62 -17.27
C GLN A 50 -38.84 -5.08 -16.92
N ALA A 51 -38.13 -5.81 -16.07
CA ALA A 51 -36.77 -5.45 -15.72
C ALA A 51 -35.89 -5.53 -16.95
N GLU A 52 -35.05 -4.52 -17.13
CA GLU A 52 -34.16 -4.39 -18.27
C GLU A 52 -34.91 -4.08 -19.55
N GLU A 53 -36.12 -3.51 -19.44
CA GLU A 53 -36.90 -3.18 -20.60
C GLU A 53 -36.53 -1.80 -21.15
N LEU A 54 -36.63 -1.67 -22.46
CA LEU A 54 -36.33 -0.43 -23.14
C LEU A 54 -37.56 0.47 -23.16
N VAL A 55 -37.35 1.74 -22.83
CA VAL A 55 -38.40 2.74 -22.77
C VAL A 55 -37.99 3.94 -23.59
N GLU A 56 -38.98 4.66 -24.11
CA GLU A 56 -38.79 5.83 -24.95
C GLU A 56 -39.45 7.04 -24.30
N PHE A 57 -38.68 8.10 -24.11
CA PHE A 57 -39.21 9.36 -23.64
C PHE A 57 -39.84 10.15 -24.79
N SER A 58 -40.69 11.10 -24.44
CA SER A 58 -41.38 11.90 -25.44
C SER A 58 -40.40 12.58 -26.39
N SER A 59 -39.30 13.09 -25.84
CA SER A 59 -38.29 13.78 -26.63
C SER A 59 -37.59 12.87 -27.63
N GLY A 60 -37.85 11.57 -27.60
CA GLY A 60 -37.20 10.62 -28.48
C GLY A 60 -36.03 9.89 -27.86
N VAL A 61 -35.44 10.43 -26.80
CA VAL A 61 -34.38 9.70 -26.12
C VAL A 61 -34.98 8.48 -25.47
N LYS A 62 -34.22 7.39 -25.47
CA LYS A 62 -34.66 6.16 -24.85
C LYS A 62 -33.58 5.61 -23.93
N GLY A 63 -34.03 4.81 -22.98
CA GLY A 63 -33.18 4.28 -21.93
C GLY A 63 -33.73 2.96 -21.45
N MET A 64 -33.06 2.40 -20.45
CA MET A 64 -33.39 1.08 -19.95
C MET A 64 -33.63 1.12 -18.45
N ALA A 65 -34.61 0.34 -18.02
CA ALA A 65 -35.09 0.34 -16.65
C ALA A 65 -34.31 -0.69 -15.85
N LEU A 66 -33.27 -0.22 -15.15
CA LEU A 66 -32.43 -1.15 -14.43
C LEU A 66 -32.91 -1.37 -13.00
N ASN A 67 -33.55 -0.37 -12.39
CA ASN A 67 -34.05 -0.46 -11.03
C ASN A 67 -35.56 -0.32 -11.03
N LEU A 68 -36.25 -1.33 -10.54
CA LEU A 68 -37.68 -1.29 -10.28
C LEU A 68 -37.88 -1.21 -8.78
N GLU A 69 -38.55 -0.17 -8.33
CA GLU A 69 -38.75 0.09 -6.91
C GLU A 69 -40.24 -0.01 -6.60
N PRO A 70 -40.63 0.04 -5.33
CA PRO A 70 -42.04 -0.14 -4.99
C PRO A 70 -42.94 0.92 -5.58
N GLY A 71 -42.43 2.12 -5.84
CA GLY A 71 -43.27 3.20 -6.35
C GLY A 71 -42.60 4.06 -7.38
N GLN A 72 -41.44 3.65 -7.87
CA GLN A 72 -40.75 4.38 -8.92
C GLN A 72 -39.83 3.43 -9.64
N VAL A 73 -39.39 3.86 -10.82
CA VAL A 73 -38.57 3.06 -11.71
C VAL A 73 -37.34 3.87 -12.08
N GLY A 74 -36.17 3.25 -11.93
CA GLY A 74 -34.91 3.86 -12.28
C GLY A 74 -34.46 3.51 -13.69
N ILE A 75 -34.36 4.54 -14.54
CA ILE A 75 -34.09 4.37 -15.95
C ILE A 75 -32.81 5.10 -16.30
N VAL A 76 -31.87 4.39 -16.89
CA VAL A 76 -30.61 4.94 -17.35
C VAL A 76 -30.77 5.34 -18.80
N LEU A 77 -30.30 6.53 -19.13
CA LEU A 77 -30.58 7.17 -20.41
C LEU A 77 -29.46 6.90 -21.39
N PHE A 78 -29.83 6.64 -22.64
CA PHE A 78 -28.86 6.46 -23.71
C PHE A 78 -28.50 7.80 -24.32
N GLY A 79 -28.70 8.89 -23.60
CA GLY A 79 -28.41 10.20 -24.16
C GLY A 79 -28.31 11.26 -23.09
N SER A 80 -28.26 12.51 -23.56
CA SER A 80 -28.04 13.63 -22.67
C SER A 80 -29.26 13.89 -21.80
N ASP A 81 -29.00 14.21 -20.54
CA ASP A 81 -30.08 14.59 -19.63
C ASP A 81 -30.91 15.72 -20.20
N ARG A 82 -30.30 16.60 -21.00
CA ARG A 82 -30.98 17.79 -21.48
C ARG A 82 -32.30 17.47 -22.16
N LEU A 83 -32.46 16.25 -22.66
CA LEU A 83 -33.64 15.88 -23.43
C LEU A 83 -34.79 15.41 -22.55
N VAL A 84 -34.58 15.28 -21.25
CA VAL A 84 -35.60 14.81 -20.32
C VAL A 84 -35.86 15.90 -19.29
N LYS A 85 -37.13 16.10 -18.98
CA LYS A 85 -37.57 17.06 -17.97
C LYS A 85 -38.54 16.38 -17.02
N GLU A 86 -38.61 16.90 -15.81
CA GLU A 86 -39.63 16.48 -14.88
C GLU A 86 -41.02 16.71 -15.48
N GLY A 87 -41.91 15.75 -15.25
CA GLY A 87 -43.24 15.79 -15.82
C GLY A 87 -43.36 15.23 -17.21
N GLU A 88 -42.27 14.72 -17.78
CA GLU A 88 -42.33 14.22 -19.13
C GLU A 88 -42.87 12.80 -19.17
N LEU A 89 -43.58 12.49 -20.25
CA LEU A 89 -44.18 11.19 -20.44
C LEU A 89 -43.17 10.19 -20.98
N VAL A 90 -43.21 8.98 -20.46
CA VAL A 90 -42.35 7.88 -20.85
C VAL A 90 -43.25 6.72 -21.29
N LYS A 91 -42.90 6.10 -22.41
CA LYS A 91 -43.69 5.03 -22.98
C LYS A 91 -42.84 3.79 -23.13
N ARG A 92 -43.36 2.66 -22.71
CA ARG A 92 -42.61 1.42 -22.77
C ARG A 92 -42.79 0.73 -24.12
N THR A 93 -41.72 0.06 -24.54
CA THR A 93 -41.69 -0.65 -25.82
C THR A 93 -42.15 -2.10 -25.71
N GLY A 94 -42.24 -2.64 -24.50
CA GLY A 94 -42.52 -4.04 -24.30
C GLY A 94 -41.40 -4.97 -24.69
N ASN A 95 -40.23 -4.43 -25.05
CA ASN A 95 -39.12 -5.21 -25.54
C ASN A 95 -37.93 -5.06 -24.60
N ILE A 96 -37.50 -6.17 -24.01
CA ILE A 96 -36.24 -6.19 -23.30
C ILE A 96 -35.14 -5.80 -24.27
N VAL A 97 -34.08 -5.20 -23.74
CA VAL A 97 -33.00 -4.69 -24.59
C VAL A 97 -32.51 -5.81 -25.49
N ASP A 98 -32.64 -5.59 -26.80
CA ASP A 98 -32.32 -6.59 -27.79
C ASP A 98 -31.54 -5.96 -28.94
N VAL A 99 -30.89 -6.80 -29.73
CA VAL A 99 -30.06 -6.38 -30.85
C VAL A 99 -30.45 -7.18 -32.09
N PRO A 100 -30.48 -6.56 -33.27
CA PRO A 100 -30.71 -7.33 -34.49
C PRO A 100 -29.54 -8.26 -34.79
N VAL A 101 -29.87 -9.39 -35.41
CA VAL A 101 -28.87 -10.41 -35.76
C VAL A 101 -29.11 -10.90 -37.18
N GLY A 102 -28.05 -11.44 -37.76
CA GLY A 102 -28.11 -12.01 -39.08
C GLY A 102 -26.85 -11.78 -39.87
N PRO A 103 -26.86 -12.19 -41.14
CA PRO A 103 -25.72 -11.89 -42.01
C PRO A 103 -25.75 -10.52 -42.61
N GLY A 104 -26.91 -9.86 -42.64
CA GLY A 104 -27.00 -8.54 -43.19
C GLY A 104 -26.11 -7.54 -42.48
N LEU A 105 -25.71 -7.86 -41.26
CA LEU A 105 -24.84 -6.97 -40.50
C LEU A 105 -23.42 -7.00 -40.98
N LEU A 106 -23.07 -7.95 -41.85
CA LEU A 106 -21.70 -8.04 -42.34
C LEU A 106 -21.36 -6.78 -43.11
N GLY A 107 -20.23 -6.17 -42.74
CA GLY A 107 -19.78 -4.96 -43.37
C GLY A 107 -20.35 -3.69 -42.81
N ARG A 108 -21.12 -3.76 -41.73
CA ARG A 108 -21.76 -2.60 -41.16
C ARG A 108 -21.07 -2.15 -39.88
N VAL A 109 -21.28 -0.89 -39.54
CA VAL A 109 -20.92 -0.34 -38.24
C VAL A 109 -22.21 0.03 -37.52
N VAL A 110 -22.41 -0.55 -36.34
CA VAL A 110 -23.65 -0.42 -35.60
C VAL A 110 -23.35 0.06 -34.18
N ASP A 111 -24.28 0.81 -33.63
CA ASP A 111 -24.22 1.16 -32.23
C ASP A 111 -24.65 -0.02 -31.36
N ALA A 112 -24.58 0.18 -30.05
CA ALA A 112 -24.82 -0.90 -29.12
C ALA A 112 -26.22 -1.47 -29.23
N LEU A 113 -27.17 -0.72 -29.80
CA LEU A 113 -28.53 -1.18 -29.94
C LEU A 113 -28.87 -1.65 -31.33
N GLY A 114 -27.92 -1.61 -32.25
CA GLY A 114 -28.14 -2.10 -33.59
C GLY A 114 -28.60 -1.06 -34.58
N ASN A 115 -28.42 0.21 -34.28
CA ASN A 115 -28.72 1.26 -35.23
C ASN A 115 -27.49 1.55 -36.08
N PRO A 116 -27.61 1.58 -37.40
CA PRO A 116 -26.43 1.81 -38.25
C PRO A 116 -25.96 3.26 -38.19
N ILE A 117 -24.66 3.42 -38.04
CA ILE A 117 -24.01 4.73 -38.00
C ILE A 117 -23.01 4.93 -39.11
N ASP A 118 -22.80 3.94 -39.97
CA ASP A 118 -21.91 4.09 -41.11
C ASP A 118 -22.48 5.00 -42.19
N GLY A 119 -23.71 5.48 -42.01
CA GLY A 119 -24.34 6.33 -42.98
C GLY A 119 -25.04 5.59 -44.09
N LYS A 120 -24.74 4.31 -44.29
CA LYS A 120 -25.47 3.51 -45.25
C LYS A 120 -26.81 3.07 -44.66
N GLY A 121 -27.62 2.47 -45.52
CA GLY A 121 -29.01 2.23 -45.22
C GLY A 121 -29.26 1.28 -44.07
N PRO A 122 -30.53 0.94 -43.88
CA PRO A 122 -30.91 0.06 -42.77
C PRO A 122 -30.38 -1.35 -42.95
N ILE A 123 -30.42 -2.10 -41.86
CA ILE A 123 -29.86 -3.44 -41.80
C ILE A 123 -30.97 -4.46 -41.99
N ASP A 124 -30.74 -5.42 -42.90
CA ASP A 124 -31.68 -6.50 -43.15
C ASP A 124 -31.43 -7.62 -42.13
N ALA A 125 -31.89 -7.39 -40.91
CA ALA A 125 -31.70 -8.35 -39.85
C ALA A 125 -32.48 -9.63 -40.11
N ALA A 126 -31.86 -10.75 -39.77
CA ALA A 126 -32.50 -12.06 -39.82
C ALA A 126 -33.16 -12.44 -38.51
N GLY A 127 -33.51 -11.47 -37.69
CA GLY A 127 -34.13 -11.68 -36.41
C GLY A 127 -33.53 -10.77 -35.37
N ARG A 128 -33.94 -10.98 -34.13
CA ARG A 128 -33.42 -10.21 -33.00
C ARG A 128 -33.09 -11.15 -31.85
N SER A 129 -32.16 -10.72 -31.02
CA SER A 129 -31.74 -11.52 -29.87
C SER A 129 -31.38 -10.61 -28.72
N ARG A 130 -31.75 -11.05 -27.53
CA ARG A 130 -31.50 -10.29 -26.32
C ARG A 130 -30.01 -10.13 -26.07
N ALA A 131 -29.66 -9.14 -25.27
CA ALA A 131 -28.28 -8.92 -24.89
C ALA A 131 -27.87 -9.89 -23.79
N GLN A 132 -28.60 -9.91 -22.70
CA GLN A 132 -28.32 -10.78 -21.57
C GLN A 132 -29.02 -12.12 -21.83
N VAL A 133 -28.27 -13.09 -22.33
CA VAL A 133 -28.78 -14.41 -22.63
C VAL A 133 -27.79 -15.44 -22.10
N LYS A 134 -28.30 -16.57 -21.64
CA LYS A 134 -27.50 -17.53 -20.90
C LYS A 134 -26.46 -18.17 -21.80
N ALA A 135 -25.24 -18.29 -21.26
CA ALA A 135 -24.19 -19.01 -21.95
C ALA A 135 -24.56 -20.48 -22.06
N PRO A 136 -24.02 -21.19 -23.06
CA PRO A 136 -24.32 -22.60 -23.18
C PRO A 136 -23.61 -23.41 -22.11
N GLY A 137 -24.29 -24.45 -21.66
CA GLY A 137 -23.85 -25.20 -20.49
C GLY A 137 -22.78 -26.22 -20.74
N ILE A 138 -22.72 -27.22 -19.87
CA ILE A 138 -21.65 -28.21 -19.91
C ILE A 138 -21.83 -29.15 -21.11
N LEU A 139 -23.01 -29.74 -21.23
CA LEU A 139 -23.20 -30.80 -22.20
C LEU A 139 -23.00 -30.36 -23.65
N PRO A 140 -23.56 -29.24 -24.11
CA PRO A 140 -23.51 -28.91 -25.54
C PRO A 140 -22.16 -28.43 -26.04
N ARG A 141 -21.16 -28.30 -25.18
CA ARG A 141 -19.86 -27.82 -25.59
C ARG A 141 -18.97 -28.97 -26.08
N ARG A 142 -17.84 -28.61 -26.66
CA ARG A 142 -16.89 -29.58 -27.17
C ARG A 142 -15.48 -29.03 -27.05
N SER A 143 -14.52 -29.94 -26.96
CA SER A 143 -13.11 -29.57 -26.87
C SER A 143 -12.70 -28.70 -28.06
N VAL A 144 -12.02 -27.60 -27.74
CA VAL A 144 -11.54 -26.69 -28.77
C VAL A 144 -10.44 -27.39 -29.55
N HIS A 145 -10.68 -27.63 -30.84
CA HIS A 145 -9.79 -28.45 -31.64
C HIS A 145 -9.39 -27.84 -32.97
N GLU A 146 -9.85 -26.64 -33.31
CA GLU A 146 -9.56 -26.03 -34.59
C GLU A 146 -8.78 -24.74 -34.41
N PRO A 147 -7.86 -24.43 -35.33
CA PRO A 147 -7.00 -23.26 -35.13
C PRO A 147 -7.64 -21.95 -35.58
N VAL A 148 -7.40 -20.91 -34.79
CA VAL A 148 -7.69 -19.53 -35.18
C VAL A 148 -6.34 -18.96 -35.63
N GLN A 149 -6.09 -19.02 -36.92
CA GLN A 149 -4.80 -18.63 -37.48
C GLN A 149 -4.70 -17.12 -37.47
N THR A 150 -3.80 -16.61 -36.64
CA THR A 150 -3.61 -15.17 -36.51
C THR A 150 -2.68 -14.62 -37.59
N GLY A 151 -1.82 -15.45 -38.13
CA GLY A 151 -0.82 -14.99 -39.07
C GLY A 151 0.32 -14.25 -38.44
N LEU A 152 0.34 -14.15 -37.11
CA LEU A 152 1.45 -13.57 -36.38
C LEU A 152 2.30 -14.70 -35.83
N LYS A 153 3.57 -14.71 -36.20
CA LYS A 153 4.42 -15.85 -35.92
C LYS A 153 4.56 -16.09 -34.43
N ALA A 154 4.56 -15.03 -33.64
CA ALA A 154 4.77 -15.15 -32.20
C ALA A 154 3.60 -15.82 -31.50
N VAL A 155 2.45 -15.94 -32.16
CA VAL A 155 1.24 -16.41 -31.53
C VAL A 155 0.93 -17.81 -32.01
N ASP A 156 0.76 -17.96 -33.31
CA ASP A 156 0.50 -19.27 -33.89
C ASP A 156 1.52 -20.30 -33.45
N ALA A 157 2.73 -19.86 -33.10
CA ALA A 157 3.82 -20.78 -32.81
C ALA A 157 4.01 -21.07 -31.34
N LEU A 158 3.76 -20.10 -30.48
CA LEU A 158 4.06 -20.24 -29.05
C LEU A 158 2.86 -20.05 -28.15
N VAL A 159 1.83 -19.31 -28.57
CA VAL A 159 0.61 -19.16 -27.77
C VAL A 159 -0.59 -19.29 -28.71
N PRO A 160 -0.88 -20.51 -29.16
CA PRO A 160 -1.93 -20.70 -30.16
C PRO A 160 -3.33 -20.51 -29.61
N ILE A 161 -4.22 -20.09 -30.49
CA ILE A 161 -5.62 -19.84 -30.17
C ILE A 161 -6.47 -20.89 -30.89
N GLY A 162 -7.42 -21.44 -30.18
CA GLY A 162 -8.32 -22.43 -30.73
C GLY A 162 -9.73 -21.88 -30.89
N ARG A 163 -10.47 -22.44 -31.84
CA ARG A 163 -11.83 -22.02 -32.11
C ARG A 163 -12.72 -22.48 -30.98
N GLY A 164 -13.16 -21.52 -30.18
CA GLY A 164 -13.89 -21.75 -28.95
C GLY A 164 -13.20 -21.24 -27.72
N GLN A 165 -12.01 -20.68 -27.87
CA GLN A 165 -11.20 -20.24 -26.76
C GLN A 165 -11.57 -18.84 -26.31
N ARG A 166 -11.21 -18.54 -25.07
CA ARG A 166 -11.26 -17.20 -24.52
C ARG A 166 -9.82 -16.80 -24.23
N GLU A 167 -9.34 -15.76 -24.92
CA GLU A 167 -7.90 -15.45 -24.94
C GLU A 167 -7.73 -13.95 -24.70
N LEU A 168 -7.15 -13.62 -23.55
CA LEU A 168 -7.02 -12.24 -23.09
C LEU A 168 -5.77 -11.60 -23.67
N ILE A 169 -5.95 -10.49 -24.37
CA ILE A 169 -4.84 -9.64 -24.79
C ILE A 169 -4.67 -8.55 -23.73
N ILE A 170 -3.56 -8.60 -23.00
CA ILE A 170 -3.34 -7.77 -21.83
C ILE A 170 -2.07 -6.96 -22.00
N GLY A 171 -2.12 -5.70 -21.63
CA GLY A 171 -0.92 -4.88 -21.67
C GLY A 171 -1.21 -3.41 -21.58
N ASP A 172 -0.14 -2.65 -21.35
CA ASP A 172 -0.23 -1.22 -21.19
C ASP A 172 -0.55 -0.53 -22.50
N ARG A 173 -0.92 0.75 -22.41
CA ARG A 173 -1.31 1.51 -23.57
C ARG A 173 -0.19 1.58 -24.59
N GLN A 174 -0.57 1.57 -25.86
CA GLN A 174 0.37 1.59 -26.98
C GLN A 174 1.43 0.50 -26.82
N THR A 175 0.95 -0.74 -26.87
CA THR A 175 1.82 -1.90 -26.82
C THR A 175 1.51 -2.93 -27.89
N GLY A 176 0.48 -2.74 -28.70
CA GLY A 176 0.20 -3.61 -29.82
C GLY A 176 -1.04 -4.46 -29.74
N LYS A 177 -1.96 -4.14 -28.83
CA LYS A 177 -3.12 -4.99 -28.62
C LYS A 177 -4.06 -4.93 -29.82
N THR A 178 -4.51 -3.72 -30.16
CA THR A 178 -5.39 -3.57 -31.30
C THR A 178 -4.76 -4.14 -32.56
N ALA A 179 -3.43 -4.06 -32.65
CA ALA A 179 -2.74 -4.55 -33.83
C ALA A 179 -2.79 -6.07 -33.91
N VAL A 180 -2.64 -6.75 -32.77
CA VAL A 180 -2.75 -8.20 -32.77
C VAL A 180 -4.13 -8.61 -33.21
N ALA A 181 -5.16 -8.03 -32.60
CA ALA A 181 -6.51 -8.38 -32.97
C ALA A 181 -6.79 -8.10 -34.44
N LEU A 182 -6.34 -6.94 -34.92
CA LEU A 182 -6.66 -6.54 -36.28
C LEU A 182 -5.91 -7.39 -37.30
N ASP A 183 -4.70 -7.83 -36.97
CA ASP A 183 -3.99 -8.74 -37.86
C ASP A 183 -4.66 -10.10 -37.92
N THR A 184 -5.17 -10.58 -36.80
CA THR A 184 -5.96 -11.79 -36.80
C THR A 184 -7.18 -11.63 -37.70
N ILE A 185 -7.84 -10.47 -37.63
CA ILE A 185 -9.00 -10.23 -38.49
C ILE A 185 -8.58 -10.20 -39.96
N LEU A 186 -7.49 -9.52 -40.27
CA LEU A 186 -7.10 -9.33 -41.66
C LEU A 186 -6.68 -10.63 -42.30
N ASN A 187 -6.19 -11.58 -41.51
CA ASN A 187 -5.61 -12.79 -42.09
C ASN A 187 -6.66 -13.72 -42.66
N GLN A 188 -7.88 -13.69 -42.14
CA GLN A 188 -8.86 -14.70 -42.49
C GLN A 188 -9.37 -14.58 -43.92
N LYS A 189 -8.93 -13.58 -44.67
CA LYS A 189 -9.38 -13.44 -46.04
C LYS A 189 -8.85 -14.55 -46.91
N ARG A 190 -7.88 -15.32 -46.42
CA ARG A 190 -7.41 -16.48 -47.13
C ARG A 190 -8.49 -17.52 -47.24
N TRP A 191 -9.44 -17.51 -46.31
CA TRP A 191 -10.45 -18.53 -46.18
C TRP A 191 -11.86 -18.04 -46.39
N ASN A 192 -12.17 -16.83 -45.93
CA ASN A 192 -13.52 -16.32 -46.01
C ASN A 192 -13.96 -16.08 -47.45
N ASN A 193 -13.03 -16.08 -48.39
CA ASN A 193 -13.36 -16.03 -49.81
C ASN A 193 -13.52 -17.42 -50.42
N GLY A 194 -13.07 -18.46 -49.74
CA GLY A 194 -13.25 -19.81 -50.22
C GLY A 194 -14.70 -20.27 -50.08
N SER A 195 -14.95 -21.47 -50.59
CA SER A 195 -16.29 -22.04 -50.55
C SER A 195 -16.53 -22.94 -49.36
N ASP A 196 -15.48 -23.34 -48.63
CA ASP A 196 -15.62 -24.23 -47.47
C ASP A 196 -16.15 -23.42 -46.29
N GLU A 197 -17.46 -23.48 -46.09
CA GLU A 197 -18.11 -22.74 -45.01
C GLU A 197 -17.58 -23.12 -43.64
N SER A 198 -16.85 -24.24 -43.51
CA SER A 198 -16.41 -24.70 -42.21
C SER A 198 -15.13 -24.05 -41.75
N LYS A 199 -14.40 -23.40 -42.65
CA LYS A 199 -13.12 -22.78 -42.32
C LYS A 199 -13.21 -21.28 -42.18
N LYS A 200 -14.27 -20.68 -42.70
CA LYS A 200 -14.47 -19.25 -42.57
C LYS A 200 -14.56 -18.84 -41.11
N LEU A 201 -14.19 -17.60 -40.84
CA LEU A 201 -14.26 -17.05 -39.50
C LEU A 201 -14.72 -15.61 -39.62
N TYR A 202 -15.99 -15.37 -39.30
CA TYR A 202 -16.54 -14.03 -39.29
C TYR A 202 -16.10 -13.30 -38.03
N CYS A 203 -16.04 -11.98 -38.10
CA CYS A 203 -15.35 -11.18 -37.10
C CYS A 203 -16.26 -10.06 -36.58
N VAL A 204 -16.09 -9.75 -35.29
CA VAL A 204 -16.81 -8.68 -34.62
C VAL A 204 -15.82 -7.91 -33.76
N TYR A 205 -15.85 -6.58 -33.86
CA TYR A 205 -14.98 -5.71 -33.08
C TYR A 205 -15.86 -4.80 -32.25
N VAL A 206 -15.72 -4.88 -30.93
CA VAL A 206 -16.50 -4.09 -30.01
C VAL A 206 -15.56 -2.99 -29.50
N ALA A 207 -15.68 -1.82 -30.11
CA ALA A 207 -14.91 -0.64 -29.74
C ALA A 207 -15.63 0.07 -28.60
N VAL A 208 -15.15 -0.16 -27.38
CA VAL A 208 -15.75 0.41 -26.19
C VAL A 208 -14.82 1.47 -25.64
N GLY A 209 -15.36 2.67 -25.42
CA GLY A 209 -14.59 3.77 -24.89
C GLY A 209 -13.51 4.28 -25.83
N GLN A 210 -13.48 3.75 -27.05
CA GLN A 210 -12.51 4.19 -28.01
C GLN A 210 -12.94 5.50 -28.66
N LYS A 211 -11.96 6.24 -29.15
CA LYS A 211 -12.23 7.46 -29.91
C LYS A 211 -12.95 7.11 -31.21
N ARG A 212 -13.84 8.02 -31.60
CA ARG A 212 -14.61 7.82 -32.82
C ARG A 212 -13.71 7.89 -34.06
N SER A 213 -12.66 8.71 -34.00
CA SER A 213 -11.72 8.79 -35.10
C SER A 213 -10.90 7.52 -35.24
N THR A 214 -10.55 6.90 -34.11
CA THR A 214 -9.83 5.65 -34.17
C THR A 214 -10.67 4.56 -34.82
N VAL A 215 -11.96 4.51 -34.49
CA VAL A 215 -12.83 3.53 -35.13
C VAL A 215 -13.00 3.85 -36.60
N ALA A 216 -13.02 5.12 -36.97
CA ALA A 216 -13.18 5.46 -38.38
C ALA A 216 -11.98 5.01 -39.18
N GLN A 217 -10.78 5.28 -38.69
CA GLN A 217 -9.60 4.86 -39.42
C GLN A 217 -9.36 3.36 -39.32
N LEU A 218 -9.88 2.70 -38.29
CA LEU A 218 -9.86 1.24 -38.26
C LEU A 218 -10.75 0.66 -39.34
N VAL A 219 -11.95 1.22 -39.49
CA VAL A 219 -12.83 0.81 -40.57
C VAL A 219 -12.15 1.03 -41.91
N GLN A 220 -11.41 2.13 -42.04
CA GLN A 220 -10.74 2.38 -43.32
C GLN A 220 -9.62 1.38 -43.57
N THR A 221 -8.85 1.06 -42.54
CA THR A 221 -7.82 0.03 -42.68
C THR A 221 -8.43 -1.29 -43.11
N LEU A 222 -9.60 -1.60 -42.56
CA LEU A 222 -10.27 -2.84 -42.93
C LEU A 222 -10.77 -2.79 -44.37
N GLU A 223 -11.34 -1.66 -44.78
CA GLU A 223 -11.89 -1.57 -46.13
C GLU A 223 -10.79 -1.57 -47.19
N GLN A 224 -9.60 -1.07 -46.85
CA GLN A 224 -8.50 -1.11 -47.80
C GLN A 224 -8.08 -2.55 -48.08
N HIS A 225 -8.06 -3.38 -47.06
CA HIS A 225 -7.69 -4.79 -47.19
C HIS A 225 -8.89 -5.67 -47.47
N ASP A 226 -10.07 -5.10 -47.71
CA ASP A 226 -11.27 -5.81 -48.09
C ASP A 226 -11.77 -6.73 -47.00
N ALA A 227 -11.35 -6.49 -45.77
CA ALA A 227 -11.74 -7.34 -44.66
C ALA A 227 -13.15 -7.05 -44.17
N MET A 228 -13.73 -5.93 -44.58
CA MET A 228 -14.97 -5.48 -43.98
C MET A 228 -16.13 -6.42 -44.30
N LYS A 229 -16.16 -6.95 -45.53
CA LYS A 229 -17.28 -7.78 -45.95
C LYS A 229 -17.50 -8.97 -45.03
N TYR A 230 -16.53 -9.31 -44.20
CA TYR A 230 -16.69 -10.37 -43.21
C TYR A 230 -16.49 -9.88 -41.79
N SER A 231 -16.57 -8.58 -41.56
CA SER A 231 -16.41 -8.00 -40.24
C SER A 231 -17.63 -7.16 -39.88
N ILE A 232 -17.86 -7.04 -38.57
CA ILE A 232 -18.88 -6.19 -38.00
C ILE A 232 -18.24 -5.37 -36.90
N ILE A 233 -18.52 -4.08 -36.87
CA ILE A 233 -17.97 -3.17 -35.87
C ILE A 233 -19.12 -2.64 -35.03
N VAL A 234 -19.07 -2.90 -33.73
CA VAL A 234 -20.05 -2.44 -32.77
C VAL A 234 -19.37 -1.38 -31.93
N ALA A 235 -19.83 -0.14 -32.04
CA ALA A 235 -19.10 1.02 -31.56
C ALA A 235 -19.88 1.73 -30.47
N ALA A 236 -19.28 1.80 -29.28
CA ALA A 236 -19.80 2.57 -28.14
C ALA A 236 -18.66 3.47 -27.67
N THR A 237 -18.57 4.65 -28.27
CA THR A 237 -17.42 5.52 -28.09
C THR A 237 -17.52 6.34 -26.81
N ALA A 238 -16.40 6.99 -26.48
CA ALA A 238 -16.24 7.67 -25.21
C ALA A 238 -17.27 8.76 -24.98
N SER A 239 -17.81 9.34 -26.04
CA SER A 239 -18.79 10.40 -25.91
C SER A 239 -20.21 9.86 -25.80
N GLU A 240 -20.39 8.58 -26.02
CA GLU A 240 -21.70 7.97 -25.91
C GLU A 240 -21.95 7.55 -24.47
N ALA A 241 -23.21 7.56 -24.07
CA ALA A 241 -23.58 7.35 -22.69
C ALA A 241 -23.01 6.03 -22.17
N ALA A 242 -22.80 6.00 -20.86
CA ALA A 242 -22.27 4.80 -20.21
C ALA A 242 -23.13 3.56 -20.41
N PRO A 243 -24.45 3.64 -20.36
CA PRO A 243 -25.25 2.43 -20.61
C PRO A 243 -24.91 1.75 -21.93
N LEU A 244 -24.60 2.53 -22.97
CA LEU A 244 -24.29 1.92 -24.24
C LEU A 244 -22.95 1.21 -24.20
N GLN A 245 -21.99 1.74 -23.45
CA GLN A 245 -20.71 1.08 -23.29
C GLN A 245 -20.88 -0.21 -22.49
N TYR A 246 -21.79 -0.20 -21.52
CA TYR A 246 -22.08 -1.42 -20.78
C TYR A 246 -22.74 -2.46 -21.67
N LEU A 247 -23.63 -2.03 -22.56
CA LEU A 247 -24.39 -2.97 -23.37
C LEU A 247 -23.59 -3.54 -24.54
N ALA A 248 -22.74 -2.72 -25.17
CA ALA A 248 -22.16 -3.10 -26.46
C ALA A 248 -21.54 -4.48 -26.48
N PRO A 249 -20.73 -4.88 -25.51
CA PRO A 249 -20.14 -6.23 -25.55
C PRO A 249 -21.19 -7.32 -25.64
N PHE A 250 -22.28 -7.16 -24.89
CA PHE A 250 -23.30 -8.20 -24.85
C PHE A 250 -24.05 -8.28 -26.16
N THR A 251 -24.24 -7.16 -26.84
CA THR A 251 -24.92 -7.20 -28.13
C THR A 251 -24.00 -7.74 -29.22
N ALA A 252 -22.71 -7.45 -29.16
CA ALA A 252 -21.78 -8.09 -30.08
C ALA A 252 -21.75 -9.59 -29.85
N ALA A 253 -21.80 -10.02 -28.59
CA ALA A 253 -21.89 -11.43 -28.30
C ALA A 253 -23.16 -12.02 -28.89
N SER A 254 -24.29 -11.34 -28.73
CA SER A 254 -25.53 -11.83 -29.28
C SER A 254 -25.50 -11.87 -30.79
N ILE A 255 -24.68 -11.03 -31.42
CA ILE A 255 -24.52 -11.09 -32.87
C ILE A 255 -23.70 -12.30 -33.27
N GLY A 256 -22.56 -12.49 -32.62
CA GLY A 256 -21.74 -13.65 -32.91
C GLY A 256 -22.43 -14.97 -32.60
N GLU A 257 -23.33 -14.96 -31.62
CA GLU A 257 -24.03 -16.17 -31.26
C GLU A 257 -24.92 -16.69 -32.37
N TRP A 258 -25.36 -15.82 -33.27
CA TRP A 258 -26.09 -16.30 -34.44
C TRP A 258 -25.21 -17.23 -35.26
N PHE A 259 -23.98 -16.82 -35.50
CA PHE A 259 -23.05 -17.64 -36.27
C PHE A 259 -22.72 -18.91 -35.50
N ARG A 260 -22.46 -18.77 -34.20
CA ARG A 260 -22.22 -19.94 -33.36
C ARG A 260 -23.34 -20.97 -33.51
N ASP A 261 -24.58 -20.50 -33.43
CA ASP A 261 -25.71 -21.39 -33.38
C ASP A 261 -26.13 -21.92 -34.74
N ASN A 262 -25.73 -21.26 -35.82
CA ASN A 262 -26.07 -21.71 -37.17
C ASN A 262 -24.96 -22.52 -37.81
N GLY A 263 -24.03 -23.04 -37.02
CA GLY A 263 -22.96 -23.87 -37.54
C GLY A 263 -21.81 -23.09 -38.12
N LYS A 264 -21.75 -21.80 -37.88
CA LYS A 264 -20.70 -20.94 -38.40
C LYS A 264 -19.77 -20.54 -37.28
N HIS A 265 -18.67 -19.90 -37.65
CA HIS A 265 -17.60 -19.63 -36.71
C HIS A 265 -17.36 -18.13 -36.64
N ALA A 266 -17.35 -17.63 -35.41
CA ALA A 266 -17.27 -16.21 -35.16
C ALA A 266 -16.16 -15.93 -34.16
N LEU A 267 -15.56 -14.76 -34.31
CA LEU A 267 -14.53 -14.23 -33.43
C LEU A 267 -14.99 -12.88 -32.95
N ILE A 268 -14.83 -12.61 -31.67
CA ILE A 268 -15.26 -11.35 -31.08
C ILE A 268 -14.10 -10.76 -30.30
N VAL A 269 -13.72 -9.53 -30.66
CA VAL A 269 -12.63 -8.82 -30.03
C VAL A 269 -13.22 -7.66 -29.25
N TYR A 270 -13.09 -7.70 -27.93
CA TYR A 270 -13.56 -6.64 -27.05
C TYR A 270 -12.39 -5.71 -26.76
N ASP A 271 -12.44 -4.48 -27.29
CA ASP A 271 -11.40 -3.48 -27.13
C ASP A 271 -12.08 -2.22 -26.58
N ASP A 272 -12.16 -2.07 -25.26
CA ASP A 272 -11.62 -3.00 -24.27
C ASP A 272 -12.53 -3.03 -23.04
N LEU A 273 -12.46 -4.13 -22.29
CA LEU A 273 -13.42 -4.41 -21.23
C LEU A 273 -13.20 -3.60 -19.97
N SER A 274 -12.00 -3.04 -19.77
CA SER A 274 -11.78 -2.18 -18.61
C SER A 274 -12.73 -0.99 -18.65
N LYS A 275 -12.94 -0.44 -19.85
CA LYS A 275 -13.84 0.68 -20.00
C LYS A 275 -15.30 0.26 -19.85
N GLN A 276 -15.62 -1.01 -20.12
CA GLN A 276 -16.93 -1.52 -19.80
C GLN A 276 -17.13 -1.58 -18.30
N ALA A 277 -16.11 -2.01 -17.56
CA ALA A 277 -16.21 -2.02 -16.12
C ALA A 277 -16.37 -0.61 -15.57
N VAL A 278 -15.69 0.35 -16.17
CA VAL A 278 -15.84 1.73 -15.75
C VAL A 278 -17.25 2.24 -16.03
N ALA A 279 -17.78 1.94 -17.21
CA ALA A 279 -19.16 2.30 -17.53
C ALA A 279 -20.12 1.70 -16.53
N TYR A 280 -19.93 0.43 -16.17
CA TYR A 280 -20.82 -0.21 -15.22
C TYR A 280 -20.69 0.41 -13.84
N ARG A 281 -19.48 0.83 -13.46
CA ARG A 281 -19.29 1.49 -12.18
C ARG A 281 -20.06 2.80 -12.15
N GLN A 282 -19.91 3.62 -13.18
CA GLN A 282 -20.68 4.85 -13.29
C GLN A 282 -22.16 4.56 -13.19
N LEU A 283 -22.64 3.64 -14.03
CA LEU A 283 -24.05 3.31 -14.11
C LEU A 283 -24.60 2.90 -12.74
N SER A 284 -23.82 2.15 -11.97
CA SER A 284 -24.30 1.65 -10.70
C SER A 284 -24.20 2.71 -9.60
N LEU A 285 -23.14 3.50 -9.61
CA LEU A 285 -22.98 4.52 -8.58
C LEU A 285 -23.99 5.63 -8.73
N LEU A 286 -24.38 5.95 -9.97
CA LEU A 286 -25.41 6.94 -10.17
C LEU A 286 -26.77 6.41 -9.81
N LEU A 287 -26.98 5.11 -9.97
CA LEU A 287 -28.14 4.41 -9.43
C LEU A 287 -28.06 4.23 -7.93
N ARG A 288 -26.91 4.58 -7.33
CA ARG A 288 -26.71 4.54 -5.89
C ARG A 288 -26.66 3.13 -5.35
N ARG A 289 -26.30 2.17 -6.20
CA ARG A 289 -26.10 0.82 -5.73
C ARG A 289 -24.82 0.74 -4.89
N PRO A 290 -24.79 -0.10 -3.87
CA PRO A 290 -23.65 -0.12 -2.96
C PRO A 290 -22.39 -0.59 -3.67
N PRO A 291 -21.33 0.19 -3.62
CA PRO A 291 -20.08 -0.21 -4.28
C PRO A 291 -19.28 -1.19 -3.43
N GLY A 292 -18.21 -1.69 -4.06
CA GLY A 292 -17.26 -2.58 -3.42
C GLY A 292 -15.85 -2.09 -3.66
N ARG A 293 -14.96 -3.05 -3.86
CA ARG A 293 -13.56 -2.73 -4.09
C ARG A 293 -13.41 -1.84 -5.31
N GLU A 294 -12.43 -0.93 -5.24
CA GLU A 294 -12.08 -0.05 -6.34
C GLU A 294 -13.29 0.72 -6.86
N ALA A 295 -14.25 0.93 -5.98
CA ALA A 295 -15.46 1.67 -6.28
C ALA A 295 -16.35 0.88 -7.24
N TYR A 296 -15.89 -0.30 -7.65
CA TYR A 296 -16.65 -1.12 -8.56
C TYR A 296 -17.82 -1.76 -7.82
N PRO A 297 -18.89 -2.08 -8.54
CA PRO A 297 -19.98 -2.84 -7.91
C PRO A 297 -19.51 -4.24 -7.57
N GLY A 298 -20.34 -4.93 -6.81
CA GLY A 298 -20.03 -6.26 -6.34
C GLY A 298 -19.80 -7.24 -7.46
N ASP A 299 -20.73 -7.27 -8.41
CA ASP A 299 -20.86 -8.36 -9.37
C ASP A 299 -20.16 -8.08 -10.69
N VAL A 300 -19.05 -7.34 -10.68
CA VAL A 300 -18.33 -7.11 -11.93
C VAL A 300 -17.81 -8.43 -12.49
N PHE A 301 -17.45 -9.36 -11.60
CA PHE A 301 -17.06 -10.69 -12.05
C PHE A 301 -18.18 -11.35 -12.85
N TYR A 302 -19.41 -11.17 -12.39
CA TYR A 302 -20.58 -11.70 -13.08
C TYR A 302 -20.93 -10.91 -14.33
N LEU A 303 -20.34 -9.73 -14.50
CA LEU A 303 -20.43 -9.02 -15.76
C LEU A 303 -19.49 -9.64 -16.79
N HIS A 304 -18.22 -9.76 -16.43
CA HIS A 304 -17.24 -10.21 -17.41
C HIS A 304 -17.35 -11.69 -17.69
N SER A 305 -17.74 -12.51 -16.72
CA SER A 305 -17.92 -13.93 -16.98
C SER A 305 -19.14 -14.16 -17.86
N ARG A 306 -20.26 -13.55 -17.49
CA ARG A 306 -21.47 -13.63 -18.30
C ARG A 306 -21.22 -13.18 -19.73
N LEU A 307 -20.27 -12.25 -19.91
CA LEU A 307 -19.92 -11.86 -21.27
C LEU A 307 -19.03 -12.90 -21.94
N LEU A 308 -17.95 -13.30 -21.26
CA LEU A 308 -16.89 -14.03 -21.94
C LEU A 308 -17.28 -15.47 -22.19
N GLU A 309 -17.79 -16.16 -21.18
CA GLU A 309 -18.00 -17.58 -21.31
C GLU A 309 -19.28 -17.93 -22.02
N ARG A 310 -19.82 -16.97 -22.77
CA ARG A 310 -20.71 -17.27 -23.87
C ARG A 310 -19.96 -17.75 -25.09
N ALA A 311 -18.65 -17.49 -25.14
CA ALA A 311 -17.79 -18.11 -26.12
C ALA A 311 -17.70 -19.60 -25.88
N ALA A 312 -17.79 -20.38 -26.94
CA ALA A 312 -17.86 -21.82 -26.78
C ALA A 312 -17.69 -22.50 -28.13
N LYS A 313 -17.30 -23.77 -28.07
CA LYS A 313 -17.30 -24.66 -29.21
C LYS A 313 -18.39 -25.70 -28.97
N LEU A 314 -19.32 -25.80 -29.90
CA LEU A 314 -20.50 -26.61 -29.68
C LEU A 314 -20.33 -28.03 -30.22
N SER A 315 -21.16 -28.93 -29.69
CA SER A 315 -21.15 -30.31 -30.11
C SER A 315 -21.90 -30.49 -31.42
N GLU A 316 -21.76 -31.68 -32.00
CA GLU A 316 -22.42 -31.97 -33.28
C GLU A 316 -23.93 -31.86 -33.16
N LYS A 317 -24.48 -32.19 -31.99
CA LYS A 317 -25.91 -32.06 -31.78
C LYS A 317 -26.41 -30.64 -32.00
N GLU A 318 -25.51 -29.66 -31.94
CA GLU A 318 -25.89 -28.25 -31.99
C GLU A 318 -25.33 -27.52 -33.21
N GLY A 319 -24.73 -28.25 -34.16
CA GLY A 319 -24.20 -27.63 -35.35
C GLY A 319 -22.72 -27.35 -35.32
N SER A 320 -22.05 -27.59 -34.21
CA SER A 320 -20.59 -27.54 -34.11
C SER A 320 -20.03 -26.18 -34.48
N GLY A 321 -20.83 -25.13 -34.33
CA GLY A 321 -20.32 -23.78 -34.45
C GLY A 321 -19.36 -23.42 -33.32
N SER A 322 -18.92 -22.17 -33.34
CA SER A 322 -18.06 -21.65 -32.31
C SER A 322 -18.11 -20.13 -32.28
N LEU A 323 -17.70 -19.57 -31.15
CA LEU A 323 -17.49 -18.14 -30.99
C LEU A 323 -16.24 -17.94 -30.14
N THR A 324 -15.28 -17.19 -30.66
CA THR A 324 -13.98 -17.02 -30.03
C THR A 324 -13.83 -15.59 -29.57
N ALA A 325 -13.37 -15.42 -28.33
CA ALA A 325 -13.31 -14.13 -27.66
C ALA A 325 -11.87 -13.73 -27.42
N LEU A 326 -11.48 -12.58 -27.95
CA LEU A 326 -10.21 -11.96 -27.61
C LEU A 326 -10.44 -10.66 -26.85
N PRO A 327 -10.67 -10.74 -25.54
CA PRO A 327 -10.80 -9.51 -24.75
C PRO A 327 -9.48 -8.79 -24.57
N VAL A 328 -9.55 -7.47 -24.57
CA VAL A 328 -8.40 -6.62 -24.33
C VAL A 328 -8.53 -5.98 -22.95
N ILE A 329 -7.43 -5.94 -22.22
CA ILE A 329 -7.35 -5.25 -20.94
C ILE A 329 -6.10 -4.38 -20.92
N GLU A 330 -6.32 -3.09 -20.64
CA GLU A 330 -5.24 -2.11 -20.50
C GLU A 330 -4.79 -2.09 -19.05
N THR A 331 -3.56 -2.56 -18.81
CA THR A 331 -2.98 -2.57 -17.48
C THR A 331 -2.08 -1.36 -17.29
N GLN A 332 -2.38 -0.57 -16.27
CA GLN A 332 -1.53 0.56 -15.94
C GLN A 332 -0.23 0.07 -15.31
N GLY A 333 0.89 0.56 -15.82
CA GLY A 333 2.18 0.16 -15.29
C GLY A 333 2.44 -1.33 -15.36
N GLY A 334 1.68 -2.05 -16.17
CA GLY A 334 1.88 -3.47 -16.30
C GLY A 334 1.50 -4.29 -15.10
N ASP A 335 0.82 -3.71 -14.12
CA ASP A 335 0.45 -4.44 -12.92
C ASP A 335 -0.79 -5.28 -13.19
N VAL A 336 -0.69 -6.58 -12.93
CA VAL A 336 -1.81 -7.49 -13.10
C VAL A 336 -2.48 -7.77 -11.76
N SER A 337 -2.05 -7.08 -10.72
CA SER A 337 -2.65 -7.25 -9.42
C SER A 337 -4.00 -6.57 -9.31
N ALA A 338 -4.33 -5.70 -10.27
CA ALA A 338 -5.57 -4.95 -10.21
C ALA A 338 -6.77 -5.89 -10.21
N TYR A 339 -7.93 -5.31 -9.90
CA TYR A 339 -9.13 -6.12 -9.65
C TYR A 339 -9.68 -6.70 -10.95
N ILE A 340 -9.93 -5.85 -11.93
CA ILE A 340 -10.55 -6.27 -13.18
C ILE A 340 -9.60 -7.16 -13.96
N PRO A 341 -8.32 -6.81 -14.06
CA PRO A 341 -7.38 -7.74 -14.71
C PRO A 341 -7.30 -9.08 -14.03
N THR A 342 -7.27 -9.12 -12.70
CA THR A 342 -7.28 -10.40 -12.00
C THR A 342 -8.51 -11.21 -12.38
N ASN A 343 -9.67 -10.57 -12.37
CA ASN A 343 -10.90 -11.28 -12.67
C ASN A 343 -10.88 -11.86 -14.08
N VAL A 344 -10.44 -11.06 -15.04
CA VAL A 344 -10.46 -11.53 -16.43
C VAL A 344 -9.38 -12.58 -16.64
N ILE A 345 -8.23 -12.44 -15.99
CA ILE A 345 -7.19 -13.46 -16.06
C ILE A 345 -7.72 -14.77 -15.49
N SER A 346 -8.62 -14.68 -14.52
CA SER A 346 -9.17 -15.89 -13.92
C SER A 346 -10.29 -16.48 -14.76
N ILE A 347 -10.96 -15.66 -15.56
CA ILE A 347 -12.06 -16.14 -16.38
C ILE A 347 -11.57 -16.80 -17.65
N THR A 348 -10.46 -16.35 -18.22
CA THR A 348 -10.08 -16.70 -19.57
C THR A 348 -9.20 -17.95 -19.61
N ASP A 349 -9.12 -18.54 -20.79
CA ASP A 349 -8.36 -19.75 -21.06
C ASP A 349 -6.92 -19.48 -21.43
N GLY A 350 -6.42 -18.30 -21.12
CA GLY A 350 -5.06 -17.95 -21.46
C GLY A 350 -4.90 -16.45 -21.49
N GLN A 351 -3.69 -16.02 -21.80
CA GLN A 351 -3.40 -14.61 -21.91
C GLN A 351 -2.24 -14.40 -22.88
N ILE A 352 -2.31 -13.29 -23.60
CA ILE A 352 -1.22 -12.83 -24.45
C ILE A 352 -0.73 -11.53 -23.83
N PHE A 353 0.48 -11.56 -23.28
CA PHE A 353 0.99 -10.45 -22.51
C PHE A 353 1.91 -9.61 -23.37
N LEU A 354 1.53 -8.36 -23.59
CA LEU A 354 2.32 -7.41 -24.35
C LEU A 354 2.99 -6.45 -23.40
N GLU A 355 4.30 -6.33 -23.51
CA GLU A 355 5.12 -5.60 -22.55
C GLU A 355 5.71 -4.36 -23.22
N ALA A 356 5.62 -3.23 -22.51
CA ALA A 356 6.21 -2.00 -23.02
C ALA A 356 7.72 -2.09 -23.10
N GLU A 357 8.33 -2.80 -22.16
CA GLU A 357 9.79 -2.91 -22.14
C GLU A 357 10.33 -3.49 -23.43
N LEU A 358 9.61 -4.41 -24.05
CA LEU A 358 10.04 -4.98 -25.31
C LEU A 358 9.59 -4.11 -26.49
N PHE A 359 8.52 -3.34 -26.30
CA PHE A 359 7.96 -2.55 -27.39
C PHE A 359 8.87 -1.39 -27.77
N TYR A 360 9.37 -0.66 -26.78
CA TYR A 360 10.22 0.49 -27.05
C TYR A 360 11.67 0.10 -27.30
N LYS A 361 12.01 -1.18 -27.14
CA LYS A 361 13.23 -1.74 -27.66
C LYS A 361 13.07 -2.27 -29.08
N GLY A 362 11.99 -1.90 -29.75
CA GLY A 362 11.81 -2.21 -31.16
C GLY A 362 11.25 -3.58 -31.47
N ILE A 363 10.94 -4.39 -30.47
CA ILE A 363 10.31 -5.68 -30.72
C ILE A 363 8.83 -5.45 -30.98
N ARG A 364 8.33 -6.07 -32.03
CA ARG A 364 6.98 -5.79 -32.50
C ARG A 364 6.43 -7.00 -33.25
N PRO A 365 5.42 -7.71 -32.72
CA PRO A 365 4.69 -7.55 -31.46
C PRO A 365 5.48 -7.90 -30.22
N ALA A 366 5.22 -7.14 -29.17
CA ALA A 366 5.96 -7.23 -27.91
C ALA A 366 5.40 -8.31 -27.01
N ILE A 367 5.32 -9.53 -27.52
CA ILE A 367 4.75 -10.64 -26.76
C ILE A 367 5.80 -11.20 -25.81
N ASN A 368 5.51 -11.15 -24.52
CA ASN A 368 6.32 -11.78 -23.49
C ASN A 368 6.03 -13.27 -23.50
N VAL A 369 6.95 -14.05 -24.07
CA VAL A 369 6.74 -15.49 -24.19
C VAL A 369 6.75 -16.18 -22.83
N GLY A 370 7.33 -15.56 -21.82
CA GLY A 370 7.41 -16.19 -20.52
C GLY A 370 6.10 -16.12 -19.75
N LEU A 371 5.37 -15.02 -19.89
CA LEU A 371 4.11 -14.84 -19.19
C LEU A 371 2.91 -15.28 -20.00
N SER A 372 3.02 -15.30 -21.32
CA SER A 372 1.91 -15.71 -22.17
C SER A 372 1.72 -17.21 -22.10
N VAL A 373 0.46 -17.64 -22.13
CA VAL A 373 0.11 -19.04 -21.97
C VAL A 373 -1.20 -19.31 -22.68
N SER A 374 -1.27 -20.43 -23.39
CA SER A 374 -2.52 -20.97 -23.90
C SER A 374 -2.72 -22.36 -23.32
N ARG A 375 -3.73 -22.50 -22.48
CA ARG A 375 -4.02 -23.74 -21.79
C ARG A 375 -4.88 -24.69 -22.62
N VAL A 376 -5.34 -24.25 -23.78
CA VAL A 376 -6.25 -25.02 -24.61
C VAL A 376 -5.66 -25.24 -26.00
N GLY A 377 -5.15 -24.17 -26.60
CA GLY A 377 -4.87 -24.16 -28.02
C GLY A 377 -3.78 -25.12 -28.47
N SER A 378 -2.93 -25.58 -27.55
CA SER A 378 -1.86 -26.48 -27.95
C SER A 378 -2.41 -27.74 -28.59
N ALA A 379 -3.63 -28.14 -28.23
CA ALA A 379 -4.32 -29.20 -28.93
C ALA A 379 -4.84 -28.76 -30.28
N ALA A 380 -5.13 -27.47 -30.44
CA ALA A 380 -5.67 -26.94 -31.67
C ALA A 380 -4.60 -26.53 -32.67
N GLN A 381 -3.38 -26.29 -32.19
CA GLN A 381 -2.32 -25.78 -33.03
C GLN A 381 -2.16 -26.59 -34.30
N VAL A 382 -1.62 -25.94 -35.32
CA VAL A 382 -1.38 -26.59 -36.60
C VAL A 382 -0.17 -27.50 -36.48
N LYS A 383 -0.33 -28.73 -36.99
CA LYS A 383 0.70 -29.75 -36.78
C LYS A 383 2.02 -29.35 -37.41
N ALA A 384 1.99 -28.85 -38.64
CA ALA A 384 3.22 -28.39 -39.28
C ALA A 384 3.97 -27.42 -38.38
N LEU A 385 3.26 -26.52 -37.71
CA LEU A 385 3.92 -25.56 -36.84
C LEU A 385 4.39 -26.21 -35.54
N LYS A 386 3.60 -27.12 -34.99
CA LYS A 386 3.97 -27.76 -33.74
C LYS A 386 5.26 -28.55 -33.90
N GLN A 387 5.35 -29.31 -34.98
CA GLN A 387 6.52 -30.16 -35.20
C GLN A 387 7.79 -29.35 -35.16
N VAL A 388 7.78 -28.16 -35.73
CA VAL A 388 8.98 -27.37 -35.90
C VAL A 388 9.22 -26.44 -34.72
N ALA A 389 8.16 -25.99 -34.05
CA ALA A 389 8.27 -24.99 -33.01
C ALA A 389 8.25 -25.57 -31.61
N GLY A 390 8.13 -26.88 -31.45
CA GLY A 390 8.13 -27.45 -30.10
C GLY A 390 9.28 -26.94 -29.25
N SER A 391 10.46 -26.81 -29.85
CA SER A 391 11.66 -26.43 -29.09
C SER A 391 11.84 -24.93 -28.95
N LEU A 392 11.01 -24.13 -29.63
CA LEU A 392 11.19 -22.68 -29.59
C LEU A 392 10.90 -22.14 -28.20
N LYS A 393 9.97 -22.76 -27.48
CA LYS A 393 9.73 -22.39 -26.09
C LYS A 393 11.00 -22.52 -25.27
N LEU A 394 11.70 -23.65 -25.38
CA LEU A 394 12.90 -23.86 -24.59
C LEU A 394 14.02 -22.92 -25.01
N PHE A 395 14.28 -22.80 -26.31
CA PHE A 395 15.34 -21.91 -26.75
C PHE A 395 15.09 -20.49 -26.28
N LEU A 396 13.83 -20.04 -26.32
CA LEU A 396 13.52 -18.68 -25.91
C LEU A 396 13.61 -18.54 -24.40
N ALA A 397 13.23 -19.58 -23.66
CA ALA A 397 13.33 -19.53 -22.21
C ALA A 397 14.77 -19.47 -21.76
N GLN A 398 15.67 -20.09 -22.52
CA GLN A 398 17.09 -20.01 -22.19
C GLN A 398 17.67 -18.67 -22.59
N TYR A 399 17.24 -18.13 -23.73
CA TYR A 399 17.69 -16.81 -24.13
C TYR A 399 17.26 -15.77 -23.12
N ARG A 400 16.06 -15.91 -22.57
CA ARG A 400 15.56 -14.92 -21.62
C ARG A 400 16.38 -14.91 -20.34
N GLU A 401 17.06 -16.01 -20.03
CA GLU A 401 17.99 -16.02 -18.91
C GLU A 401 19.31 -15.40 -19.32
N VAL A 402 19.90 -15.89 -20.41
CA VAL A 402 21.23 -15.45 -20.79
C VAL A 402 21.28 -13.98 -21.18
N ALA A 403 20.14 -13.39 -21.52
CA ALA A 403 20.12 -11.99 -21.95
C ALA A 403 20.77 -11.08 -20.94
N ALA A 404 20.69 -11.40 -19.64
CA ALA A 404 21.30 -10.55 -18.64
C ALA A 404 22.83 -10.60 -18.71
N PHE A 405 23.38 -11.77 -19.02
CA PHE A 405 24.83 -11.94 -19.05
C PHE A 405 25.45 -11.51 -20.37
N ALA A 406 24.63 -11.15 -21.36
CA ALA A 406 25.12 -11.04 -22.73
C ALA A 406 26.20 -9.98 -22.86
N GLN A 407 25.97 -8.80 -22.29
CA GLN A 407 26.81 -7.64 -22.59
C GLN A 407 28.24 -7.81 -22.14
N PHE A 408 28.59 -8.90 -21.45
CA PHE A 408 29.94 -9.03 -20.92
C PHE A 408 30.94 -9.38 -22.02
N GLY A 409 30.62 -10.33 -22.88
CA GLY A 409 31.49 -10.66 -23.99
C GLY A 409 32.18 -12.01 -23.84
N SER A 410 33.40 -12.05 -24.37
CA SER A 410 34.16 -13.30 -24.55
C SER A 410 34.15 -14.18 -23.31
N ASP A 411 33.90 -13.60 -22.15
CA ASP A 411 33.89 -14.37 -20.91
C ASP A 411 32.87 -15.50 -20.93
N LEU A 412 31.93 -15.51 -21.90
CA LEU A 412 30.83 -16.45 -21.86
C LEU A 412 31.20 -17.79 -22.49
N ASP A 413 30.71 -18.86 -21.88
CA ASP A 413 30.99 -20.21 -22.35
C ASP A 413 30.31 -20.46 -23.70
N ALA A 414 30.88 -21.40 -24.47
CA ALA A 414 30.36 -21.68 -25.80
C ALA A 414 28.95 -22.26 -25.75
N SER A 415 28.64 -23.05 -24.72
CA SER A 415 27.29 -23.61 -24.58
C SER A 415 26.27 -22.53 -24.29
N THR A 416 26.70 -21.33 -23.93
CA THR A 416 25.81 -20.18 -23.81
C THR A 416 25.93 -19.22 -24.97
N LYS A 417 27.10 -19.17 -25.62
CA LYS A 417 27.24 -18.38 -26.82
C LYS A 417 26.34 -18.92 -27.93
N GLN A 418 26.19 -20.24 -28.01
CA GLN A 418 25.27 -20.81 -28.99
C GLN A 418 23.84 -20.36 -28.72
N THR A 419 23.44 -20.35 -27.45
CA THR A 419 22.11 -19.87 -27.09
C THR A 419 21.95 -18.40 -27.46
N LEU A 420 22.98 -17.61 -27.20
CA LEU A 420 22.91 -16.18 -27.47
C LEU A 420 22.87 -15.92 -28.97
N VAL A 421 23.45 -16.81 -29.75
CA VAL A 421 23.42 -16.67 -31.21
C VAL A 421 22.05 -17.04 -31.74
N ARG A 422 21.46 -18.12 -31.22
CA ARG A 422 20.17 -18.57 -31.70
C ARG A 422 19.06 -17.60 -31.31
N GLY A 423 18.96 -17.29 -30.02
CA GLY A 423 17.82 -16.54 -29.55
C GLY A 423 17.70 -15.17 -30.18
N GLU A 424 18.82 -14.58 -30.57
CA GLU A 424 18.77 -13.29 -31.26
C GLU A 424 18.07 -13.43 -32.60
N ARG A 425 18.47 -14.42 -33.39
CA ARG A 425 17.83 -14.62 -34.68
C ARG A 425 16.37 -14.98 -34.51
N LEU A 426 16.06 -15.75 -33.46
CA LEU A 426 14.68 -16.15 -33.24
C LEU A 426 13.80 -14.96 -32.89
N THR A 427 14.28 -14.09 -31.99
CA THR A 427 13.52 -12.90 -31.64
C THR A 427 13.38 -11.96 -32.82
N GLN A 428 14.42 -11.87 -33.65
CA GLN A 428 14.32 -11.06 -34.86
C GLN A 428 13.40 -11.68 -35.89
N LEU A 429 13.20 -13.01 -35.82
CA LEU A 429 12.28 -13.68 -36.72
C LEU A 429 10.84 -13.44 -36.31
N LEU A 430 10.55 -13.58 -35.02
CA LEU A 430 9.19 -13.47 -34.56
C LEU A 430 8.61 -12.07 -34.70
N LYS A 431 9.45 -11.06 -34.90
CA LYS A 431 8.95 -9.70 -35.14
C LYS A 431 8.61 -9.52 -36.61
N GLN A 432 7.57 -8.74 -36.86
CA GLN A 432 7.08 -8.54 -38.21
C GLN A 432 6.27 -7.25 -38.25
N ASN A 433 6.14 -6.70 -39.44
CA ASN A 433 5.47 -5.43 -39.62
C ASN A 433 3.96 -5.60 -39.59
N GLN A 434 3.27 -4.53 -39.22
CA GLN A 434 1.83 -4.62 -39.00
C GLN A 434 1.09 -4.56 -40.32
N TYR A 435 -0.08 -5.18 -40.33
CA TYR A 435 -0.87 -5.39 -41.54
C TYR A 435 -0.16 -6.29 -42.55
N SER A 436 0.76 -7.13 -42.08
CA SER A 436 1.39 -8.18 -42.88
C SER A 436 1.27 -9.52 -42.16
N PRO A 437 0.09 -10.15 -42.21
CA PRO A 437 -0.06 -11.46 -41.60
C PRO A 437 0.30 -12.59 -42.56
N LEU A 438 1.08 -13.55 -42.08
CA LEU A 438 1.70 -14.56 -42.92
C LEU A 438 0.98 -15.90 -42.85
N ALA A 439 0.94 -16.59 -43.97
CA ALA A 439 0.33 -17.91 -44.04
C ALA A 439 1.20 -18.95 -43.35
N THR A 440 0.55 -19.98 -42.81
CA THR A 440 1.28 -21.06 -42.16
C THR A 440 2.33 -21.66 -43.08
N GLU A 441 1.99 -21.83 -44.37
CA GLU A 441 2.95 -22.34 -45.33
C GLU A 441 4.21 -21.47 -45.38
N GLU A 442 4.08 -20.18 -45.08
CA GLU A 442 5.24 -19.30 -45.04
C GLU A 442 5.84 -19.21 -43.64
N GLN A 443 5.11 -19.64 -42.63
CA GLN A 443 5.60 -19.55 -41.26
C GLN A 443 6.46 -20.74 -40.88
N VAL A 444 6.04 -21.96 -41.27
CA VAL A 444 6.75 -23.15 -40.84
C VAL A 444 8.17 -23.19 -41.39
N PRO A 445 8.44 -22.78 -42.64
CA PRO A 445 9.82 -22.85 -43.12
C PRO A 445 10.76 -21.95 -42.34
N LEU A 446 10.25 -20.82 -41.85
CA LEU A 446 11.11 -19.85 -41.19
C LEU A 446 11.46 -20.32 -39.78
N ILE A 447 10.45 -20.81 -39.06
CA ILE A 447 10.70 -21.41 -37.76
C ILE A 447 11.61 -22.61 -37.91
N TYR A 448 11.52 -23.32 -39.04
CA TYR A 448 12.41 -24.45 -39.25
C TYR A 448 13.85 -23.98 -39.43
N ALA A 449 14.06 -23.04 -40.35
CA ALA A 449 15.40 -22.51 -40.55
C ALA A 449 15.99 -22.03 -39.24
N GLY A 450 15.15 -21.48 -38.37
CA GLY A 450 15.67 -20.92 -37.13
C GLY A 450 16.00 -21.97 -36.10
N VAL A 451 15.05 -22.85 -35.79
CA VAL A 451 15.27 -23.86 -34.76
C VAL A 451 16.43 -24.75 -35.14
N ASN A 452 16.57 -25.06 -36.42
CA ASN A 452 17.69 -25.83 -36.92
C ASN A 452 18.94 -24.99 -37.18
N GLY A 453 18.99 -23.74 -36.71
CA GLY A 453 20.23 -23.00 -36.65
C GLY A 453 20.82 -22.59 -37.98
N HIS A 454 20.06 -22.71 -39.07
CA HIS A 454 20.59 -22.36 -40.37
C HIS A 454 20.84 -20.87 -40.52
N LEU A 455 20.14 -20.03 -39.75
CA LEU A 455 20.33 -18.60 -39.84
C LEU A 455 21.57 -18.10 -39.11
N ASP A 456 22.27 -18.96 -38.37
CA ASP A 456 23.41 -18.50 -37.59
C ASP A 456 24.49 -17.87 -38.44
N GLY A 457 24.63 -18.28 -39.69
CA GLY A 457 25.60 -17.69 -40.58
C GLY A 457 25.21 -16.37 -41.18
N ILE A 458 24.14 -15.76 -40.71
CA ILE A 458 23.63 -14.50 -41.25
C ILE A 458 23.73 -13.44 -40.18
N GLU A 459 24.16 -12.25 -40.58
CA GLU A 459 24.24 -11.14 -39.64
C GLU A 459 22.86 -10.81 -39.12
N LEU A 460 22.78 -10.53 -37.81
CA LEU A 460 21.50 -10.30 -37.18
C LEU A 460 20.74 -9.13 -37.81
N SER A 461 21.46 -8.23 -38.48
CA SER A 461 20.84 -7.06 -39.06
C SER A 461 20.11 -7.37 -40.36
N ARG A 462 20.30 -8.55 -40.93
CA ARG A 462 19.80 -8.87 -42.25
C ARG A 462 18.70 -9.94 -42.22
N ILE A 463 18.21 -10.34 -41.05
CA ILE A 463 17.20 -11.39 -41.01
C ILE A 463 15.96 -10.98 -41.80
N GLY A 464 15.57 -9.71 -41.71
CA GLY A 464 14.43 -9.27 -42.48
C GLY A 464 14.65 -9.43 -43.97
N GLU A 465 15.87 -9.17 -44.42
CA GLU A 465 16.20 -9.41 -45.81
C GLU A 465 16.13 -10.90 -46.13
N PHE A 466 16.50 -11.73 -45.15
CA PHE A 466 16.47 -13.17 -45.36
C PHE A 466 15.05 -13.64 -45.55
N GLU A 467 14.18 -13.35 -44.58
CA GLU A 467 12.81 -13.84 -44.65
C GLU A 467 12.16 -13.43 -45.97
N SER A 468 12.15 -12.12 -46.25
CA SER A 468 11.52 -11.64 -47.47
C SER A 468 12.08 -12.31 -48.70
N SER A 469 13.36 -12.68 -48.68
CA SER A 469 13.94 -13.38 -49.82
C SER A 469 13.50 -14.84 -49.82
N PHE A 470 13.55 -15.48 -48.65
CA PHE A 470 13.29 -16.90 -48.56
C PHE A 470 11.91 -17.24 -49.11
N LEU A 471 10.91 -16.48 -48.69
CA LEU A 471 9.56 -16.70 -49.17
C LEU A 471 9.52 -16.73 -50.69
N SER A 472 10.25 -15.82 -51.34
CA SER A 472 10.20 -15.74 -52.78
C SER A 472 10.84 -16.97 -53.42
N TYR A 473 11.83 -17.55 -52.76
CA TYR A 473 12.51 -18.69 -53.36
C TYR A 473 11.63 -19.92 -53.32
N LEU A 474 11.11 -20.24 -52.14
CA LEU A 474 10.21 -21.38 -52.01
C LEU A 474 8.99 -21.22 -52.89
N LYS A 475 8.44 -20.00 -52.95
CA LYS A 475 7.30 -19.73 -53.81
C LYS A 475 7.67 -19.84 -55.28
N SER A 476 8.92 -19.53 -55.65
CA SER A 476 9.31 -19.54 -57.05
C SER A 476 9.96 -20.85 -57.48
N ASN A 477 10.53 -21.61 -56.54
CA ASN A 477 11.27 -22.79 -56.89
C ASN A 477 10.90 -24.03 -56.08
N HIS A 478 10.04 -23.91 -55.07
CA HIS A 478 9.61 -25.06 -54.29
C HIS A 478 8.14 -24.97 -53.91
N ASN A 479 7.30 -24.43 -54.80
CA ASN A 479 5.88 -24.26 -54.50
C ASN A 479 5.18 -25.56 -54.14
N GLU A 480 5.59 -26.67 -54.76
CA GLU A 480 4.93 -27.94 -54.47
C GLU A 480 4.92 -28.23 -52.97
N LEU A 481 5.96 -27.81 -52.28
CA LEU A 481 6.09 -28.11 -50.86
C LEU A 481 5.16 -27.24 -50.02
N LEU A 482 5.04 -25.96 -50.36
CA LEU A 482 4.06 -25.11 -49.68
C LEU A 482 2.65 -25.62 -49.90
N THR A 483 2.34 -25.97 -51.15
CA THR A 483 1.04 -26.52 -51.48
C THR A 483 0.74 -27.75 -50.65
N GLU A 484 1.73 -28.65 -50.53
CA GLU A 484 1.50 -29.85 -49.74
C GLU A 484 1.38 -29.53 -48.26
N ILE A 485 2.17 -28.58 -47.77
CA ILE A 485 2.09 -28.21 -46.37
C ILE A 485 0.69 -27.77 -46.02
N ARG A 486 0.10 -26.92 -46.85
CA ARG A 486 -1.23 -26.40 -46.51
C ARG A 486 -2.35 -27.35 -46.91
N GLU A 487 -2.12 -28.24 -47.86
CA GLU A 487 -3.13 -29.23 -48.21
C GLU A 487 -3.22 -30.32 -47.15
N LYS A 488 -2.09 -30.68 -46.55
CA LYS A 488 -2.03 -31.75 -45.57
C LYS A 488 -1.98 -31.23 -44.14
N GLY A 489 -1.32 -30.11 -43.91
CA GLY A 489 -1.20 -29.52 -42.60
C GLY A 489 -0.16 -30.15 -41.73
N GLU A 490 0.48 -31.21 -42.19
CA GLU A 490 1.46 -31.92 -41.38
C GLU A 490 2.60 -32.35 -42.29
N LEU A 491 3.80 -32.40 -41.71
CA LEU A 491 5.01 -32.64 -42.47
C LEU A 491 5.33 -34.13 -42.43
N SER A 492 5.35 -34.75 -43.61
CA SER A 492 5.79 -36.12 -43.73
C SER A 492 7.29 -36.22 -43.46
N LYS A 493 7.75 -37.45 -43.25
CA LYS A 493 9.17 -37.74 -43.20
C LYS A 493 9.91 -37.10 -44.37
N GLU A 494 9.27 -37.10 -45.54
CA GLU A 494 9.90 -36.64 -46.75
C GLU A 494 9.89 -35.12 -46.89
N LEU A 495 8.83 -34.49 -46.38
CA LEU A 495 8.72 -33.04 -46.52
C LEU A 495 9.72 -32.34 -45.62
N LEU A 496 9.99 -32.89 -44.44
CA LEU A 496 11.03 -32.32 -43.60
C LEU A 496 12.38 -32.37 -44.31
N ALA A 497 12.65 -33.45 -45.03
CA ALA A 497 13.93 -33.58 -45.72
C ALA A 497 14.01 -32.58 -46.86
N SER A 498 12.94 -32.44 -47.63
CA SER A 498 12.97 -31.47 -48.73
C SER A 498 13.10 -30.06 -48.21
N LEU A 499 12.51 -29.79 -47.04
CA LEU A 499 12.62 -28.47 -46.45
C LEU A 499 14.03 -28.21 -45.94
N LYS A 500 14.66 -29.21 -45.33
CA LYS A 500 16.07 -29.07 -44.95
C LYS A 500 16.92 -28.78 -46.17
N SER A 501 16.67 -29.49 -47.26
CA SER A 501 17.46 -29.29 -48.48
C SER A 501 17.28 -27.90 -49.03
N ALA A 502 16.04 -27.43 -49.14
CA ALA A 502 15.80 -26.11 -49.68
C ALA A 502 16.36 -25.03 -48.78
N THR A 503 16.17 -25.17 -47.47
CA THR A 503 16.69 -24.19 -46.53
C THR A 503 18.21 -24.09 -46.61
N GLU A 504 18.89 -25.23 -46.65
CA GLU A 504 20.35 -25.18 -46.69
C GLU A 504 20.85 -24.66 -48.03
N SER A 505 20.23 -25.08 -49.13
CA SER A 505 20.67 -24.61 -50.43
C SER A 505 20.47 -23.11 -50.55
N PHE A 506 19.46 -22.58 -49.88
CA PHE A 506 19.26 -21.14 -49.87
C PHE A 506 20.29 -20.45 -48.99
N VAL A 507 20.40 -20.87 -47.73
CA VAL A 507 21.30 -20.22 -46.80
C VAL A 507 22.71 -20.18 -47.35
N ALA A 508 23.15 -21.29 -47.95
CA ALA A 508 24.48 -21.31 -48.56
C ALA A 508 24.61 -20.21 -49.62
N THR A 509 23.66 -20.11 -50.53
CA THR A 509 23.74 -19.16 -51.63
C THR A 509 23.12 -17.81 -51.31
N PHE A 510 22.60 -17.62 -50.11
CA PHE A 510 22.04 -16.34 -49.71
C PHE A 510 23.15 -15.31 -49.54
N ASN B 26 -50.47 -7.28 26.08
CA ASN B 26 -49.66 -6.64 27.10
C ASN B 26 -48.28 -6.30 26.55
N LEU B 27 -48.17 -5.11 25.97
CA LEU B 27 -46.92 -4.70 25.34
C LEU B 27 -45.82 -4.43 26.35
N ASN B 28 -46.12 -4.42 27.64
CA ASN B 28 -45.10 -4.10 28.63
C ASN B 28 -44.09 -5.24 28.78
N GLU B 29 -44.56 -6.49 28.77
CA GLU B 29 -43.69 -7.64 28.92
C GLU B 29 -43.58 -8.50 27.67
N THR B 30 -44.37 -8.22 26.64
CA THR B 30 -44.30 -8.94 25.38
C THR B 30 -44.13 -7.96 24.24
N GLY B 31 -43.68 -8.49 23.11
CA GLY B 31 -43.47 -7.70 21.91
C GLY B 31 -43.67 -8.56 20.67
N ARG B 32 -43.72 -7.89 19.53
CA ARG B 32 -43.84 -8.55 18.25
C ARG B 32 -42.77 -8.05 17.29
N VAL B 33 -42.16 -8.97 16.55
CA VAL B 33 -41.07 -8.64 15.65
C VAL B 33 -41.59 -7.80 14.50
N LEU B 34 -41.04 -6.60 14.37
CA LEU B 34 -41.31 -5.80 13.17
C LEU B 34 -40.45 -6.25 12.00
N ALA B 35 -39.19 -6.56 12.26
CA ALA B 35 -38.27 -6.95 11.19
C ALA B 35 -37.22 -7.89 11.74
N VAL B 36 -36.56 -8.60 10.83
CA VAL B 36 -35.48 -9.50 11.19
C VAL B 36 -34.54 -9.66 10.02
N GLY B 37 -33.26 -9.44 10.25
CA GLY B 37 -32.26 -9.62 9.22
C GLY B 37 -30.88 -9.32 9.75
N ASP B 38 -29.90 -9.97 9.13
CA ASP B 38 -28.49 -9.76 9.47
C ASP B 38 -28.21 -10.09 10.93
N GLY B 39 -28.94 -11.06 11.47
CA GLY B 39 -28.79 -11.44 12.85
C GLY B 39 -29.37 -10.45 13.84
N ILE B 40 -29.97 -9.36 13.37
CA ILE B 40 -30.56 -8.35 14.22
C ILE B 40 -32.07 -8.33 14.01
N ALA B 41 -32.81 -8.23 15.10
CA ALA B 41 -34.26 -8.27 15.09
C ALA B 41 -34.81 -6.98 15.68
N ARG B 42 -35.75 -6.38 14.99
CA ARG B 42 -36.40 -5.17 15.45
C ARG B 42 -37.80 -5.52 15.91
N VAL B 43 -38.10 -5.17 17.17
CA VAL B 43 -39.25 -5.67 17.90
C VAL B 43 -40.07 -4.49 18.42
N PHE B 44 -41.38 -4.61 18.32
CA PHE B 44 -42.30 -3.64 18.86
C PHE B 44 -42.68 -4.02 20.27
N GLY B 45 -42.90 -3.01 21.10
CA GLY B 45 -43.28 -3.24 22.48
C GLY B 45 -42.10 -3.45 23.39
N LEU B 46 -42.23 -4.37 24.33
CA LEU B 46 -41.22 -4.58 25.35
C LEU B 46 -40.89 -3.26 26.03
N ASN B 47 -41.94 -2.51 26.35
CA ASN B 47 -41.77 -1.17 26.89
C ASN B 47 -40.87 -1.16 28.12
N ASN B 48 -41.10 -2.09 29.05
CA ASN B 48 -40.39 -2.13 30.32
C ASN B 48 -39.09 -2.89 30.24
N ILE B 49 -38.57 -3.12 29.04
CA ILE B 49 -37.37 -3.93 28.89
C ILE B 49 -36.15 -3.20 29.40
N GLN B 50 -35.26 -3.95 30.03
CA GLN B 50 -33.98 -3.43 30.45
C GLN B 50 -32.96 -3.51 29.32
N ALA B 51 -31.98 -2.62 29.37
CA ALA B 51 -30.89 -2.66 28.40
C ALA B 51 -30.03 -3.88 28.66
N GLU B 52 -29.62 -4.54 27.58
CA GLU B 52 -28.88 -5.79 27.62
C GLU B 52 -29.68 -6.93 28.22
N GLU B 53 -31.01 -6.83 28.25
CA GLU B 53 -31.83 -7.89 28.78
C GLU B 53 -31.94 -9.06 27.82
N LEU B 54 -32.03 -10.25 28.38
CA LEU B 54 -32.26 -11.44 27.58
C LEU B 54 -33.74 -11.62 27.30
N VAL B 55 -34.05 -11.95 26.05
CA VAL B 55 -35.41 -12.12 25.57
C VAL B 55 -35.52 -13.48 24.91
N GLU B 56 -36.70 -14.08 25.02
CA GLU B 56 -36.98 -15.39 24.45
C GLU B 56 -38.03 -15.26 23.36
N PHE B 57 -37.68 -15.68 22.15
CA PHE B 57 -38.65 -15.79 21.09
C PHE B 57 -39.43 -17.09 21.23
N SER B 58 -40.60 -17.14 20.59
CA SER B 58 -41.45 -18.33 20.66
C SER B 58 -40.68 -19.58 20.22
N SER B 59 -39.78 -19.43 19.26
CA SER B 59 -38.95 -20.52 18.77
C SER B 59 -37.88 -20.96 19.75
N GLY B 60 -37.83 -20.38 20.95
CA GLY B 60 -36.83 -20.74 21.93
C GLY B 60 -35.49 -20.06 21.74
N VAL B 61 -35.27 -19.40 20.61
CA VAL B 61 -34.02 -18.70 20.38
C VAL B 61 -33.93 -17.48 21.27
N LYS B 62 -32.75 -17.28 21.84
CA LYS B 62 -32.53 -16.21 22.81
C LYS B 62 -31.89 -15.00 22.13
N GLY B 63 -32.14 -13.83 22.70
CA GLY B 63 -31.61 -12.59 22.18
C GLY B 63 -31.27 -11.62 23.29
N MET B 64 -30.52 -10.59 22.92
CA MET B 64 -30.06 -9.56 23.85
C MET B 64 -30.52 -8.20 23.34
N ALA B 65 -31.20 -7.46 24.21
CA ALA B 65 -31.68 -6.13 23.89
C ALA B 65 -30.54 -5.12 23.89
N LEU B 66 -29.95 -4.88 22.73
CA LEU B 66 -28.72 -4.11 22.66
C LEU B 66 -28.99 -2.61 22.60
N ASN B 67 -29.97 -2.20 21.81
CA ASN B 67 -30.28 -0.78 21.66
C ASN B 67 -31.78 -0.58 21.76
N LEU B 68 -32.18 0.36 22.62
CA LEU B 68 -33.58 0.72 22.82
C LEU B 68 -33.83 2.07 22.19
N GLU B 69 -34.90 2.16 21.42
CA GLU B 69 -35.32 3.38 20.75
C GLU B 69 -36.77 3.62 21.10
N PRO B 70 -37.28 4.81 20.82
CA PRO B 70 -38.72 5.03 21.03
C PRO B 70 -39.54 4.20 20.07
N GLY B 71 -40.42 3.38 20.63
CA GLY B 71 -41.32 2.55 19.85
C GLY B 71 -40.72 1.32 19.22
N GLN B 72 -39.41 1.10 19.32
CA GLN B 72 -38.83 -0.14 18.82
C GLN B 72 -37.57 -0.49 19.60
N VAL B 73 -37.31 -1.79 19.69
CA VAL B 73 -36.17 -2.34 20.40
C VAL B 73 -35.36 -3.18 19.44
N GLY B 74 -34.02 -3.08 19.55
CA GLY B 74 -33.11 -3.83 18.72
C GLY B 74 -32.47 -4.95 19.49
N ILE B 75 -32.60 -6.17 18.97
CA ILE B 75 -32.24 -7.39 19.67
C ILE B 75 -31.26 -8.18 18.82
N VAL B 76 -30.08 -8.45 19.37
CA VAL B 76 -29.13 -9.36 18.74
C VAL B 76 -29.54 -10.79 19.04
N LEU B 77 -29.44 -11.65 18.04
CA LEU B 77 -29.93 -13.02 18.16
C LEU B 77 -28.78 -13.96 18.47
N PHE B 78 -28.91 -14.69 19.57
CA PHE B 78 -27.95 -15.74 19.90
C PHE B 78 -28.34 -17.04 19.19
N GLY B 79 -28.38 -16.96 17.87
CA GLY B 79 -28.75 -18.10 17.07
C GLY B 79 -28.98 -17.68 15.63
N SER B 80 -29.30 -18.68 14.82
CA SER B 80 -29.58 -18.44 13.40
C SER B 80 -30.85 -17.64 13.24
N ASP B 81 -30.81 -16.65 12.35
CA ASP B 81 -31.95 -15.78 12.12
C ASP B 81 -33.13 -16.51 11.48
N ARG B 82 -32.91 -17.71 10.97
CA ARG B 82 -34.02 -18.49 10.41
C ARG B 82 -35.10 -18.75 11.45
N LEU B 83 -34.72 -18.82 12.72
CA LEU B 83 -35.65 -19.19 13.78
C LEU B 83 -36.63 -18.09 14.13
N VAL B 84 -36.46 -16.89 13.56
CA VAL B 84 -37.28 -15.73 13.89
C VAL B 84 -37.98 -15.26 12.63
N LYS B 85 -39.25 -14.92 12.77
CA LYS B 85 -40.07 -14.43 11.67
C LYS B 85 -40.84 -13.20 12.13
N GLU B 86 -41.09 -12.30 11.18
CA GLU B 86 -41.92 -11.14 11.46
C GLU B 86 -43.25 -11.58 12.08
N GLY B 87 -43.72 -10.80 13.05
CA GLY B 87 -44.95 -11.09 13.72
C GLY B 87 -44.83 -11.99 14.92
N GLU B 88 -43.70 -12.66 15.08
CA GLU B 88 -43.55 -13.62 16.16
C GLU B 88 -43.38 -12.93 17.51
N LEU B 89 -43.92 -13.56 18.54
CA LEU B 89 -43.91 -12.99 19.88
C LEU B 89 -42.54 -13.13 20.54
N VAL B 90 -42.14 -12.09 21.25
CA VAL B 90 -40.93 -12.04 22.04
C VAL B 90 -41.31 -11.75 23.47
N LYS B 91 -40.73 -12.50 24.41
CA LYS B 91 -41.05 -12.38 25.82
C LYS B 91 -39.81 -12.00 26.61
N ARG B 92 -40.01 -11.21 27.65
CA ARG B 92 -38.93 -10.89 28.56
C ARG B 92 -38.66 -12.05 29.50
N THR B 93 -37.39 -12.44 29.60
CA THR B 93 -36.97 -13.39 30.62
C THR B 93 -36.71 -12.70 31.95
N GLY B 94 -36.68 -11.38 31.96
CA GLY B 94 -36.57 -10.62 33.18
C GLY B 94 -35.18 -10.52 33.77
N ASN B 95 -34.15 -10.80 32.99
CA ASN B 95 -32.81 -10.93 33.54
C ASN B 95 -31.77 -10.51 32.51
N ILE B 96 -30.78 -9.75 32.99
CA ILE B 96 -29.64 -9.42 32.16
C ILE B 96 -28.95 -10.72 31.74
N VAL B 97 -28.19 -10.64 30.65
CA VAL B 97 -27.49 -11.80 30.12
C VAL B 97 -26.64 -12.38 31.24
N ASP B 98 -26.91 -13.63 31.60
CA ASP B 98 -26.34 -14.24 32.78
C ASP B 98 -25.94 -15.67 32.46
N VAL B 99 -25.01 -16.20 33.25
CA VAL B 99 -24.50 -17.55 33.07
C VAL B 99 -24.56 -18.26 34.41
N PRO B 100 -24.89 -19.55 34.44
CA PRO B 100 -24.77 -20.29 35.69
C PRO B 100 -23.32 -20.45 36.10
N VAL B 101 -23.11 -20.46 37.41
CA VAL B 101 -21.78 -20.54 37.99
C VAL B 101 -21.82 -21.50 39.18
N GLY B 102 -20.66 -22.08 39.45
CA GLY B 102 -20.50 -22.95 40.59
C GLY B 102 -19.48 -24.04 40.35
N PRO B 103 -19.26 -24.87 41.37
CA PRO B 103 -18.34 -26.00 41.21
C PRO B 103 -18.94 -27.17 40.48
N GLY B 104 -20.27 -27.22 40.33
CA GLY B 104 -20.89 -28.28 39.57
C GLY B 104 -20.59 -28.24 38.10
N LEU B 105 -19.95 -27.19 37.63
CA LEU B 105 -19.60 -27.08 36.23
C LEU B 105 -18.30 -27.80 35.91
N LEU B 106 -17.54 -28.16 36.93
CA LEU B 106 -16.27 -28.83 36.72
C LEU B 106 -16.50 -30.17 36.03
N GLY B 107 -15.79 -30.37 34.93
CA GLY B 107 -15.93 -31.57 34.13
C GLY B 107 -16.95 -31.49 33.02
N ARG B 108 -17.46 -30.30 32.73
CA ARG B 108 -18.53 -30.12 31.78
C ARG B 108 -18.09 -29.27 30.60
N VAL B 109 -18.82 -29.39 29.50
CA VAL B 109 -18.70 -28.51 28.34
C VAL B 109 -20.01 -27.74 28.21
N VAL B 110 -19.90 -26.44 28.06
CA VAL B 110 -21.07 -25.57 28.06
C VAL B 110 -20.94 -24.53 26.95
N ASP B 111 -22.08 -24.21 26.34
CA ASP B 111 -22.12 -23.18 25.33
C ASP B 111 -22.00 -21.80 25.99
N ALA B 112 -21.97 -20.77 25.15
CA ALA B 112 -21.74 -19.42 25.65
C ALA B 112 -22.79 -18.99 26.66
N LEU B 113 -24.00 -19.54 26.60
CA LEU B 113 -25.06 -19.16 27.50
C LEU B 113 -25.20 -20.10 28.67
N GLY B 114 -24.34 -21.11 28.76
CA GLY B 114 -24.35 -22.04 29.87
C GLY B 114 -25.20 -23.26 29.70
N ASN B 115 -25.68 -23.53 28.50
CA ASN B 115 -26.42 -24.76 28.31
C ASN B 115 -25.44 -25.90 28.06
N PRO B 116 -25.62 -27.04 28.73
CA PRO B 116 -24.70 -28.16 28.51
C PRO B 116 -24.82 -28.71 27.11
N ILE B 117 -23.66 -29.06 26.54
CA ILE B 117 -23.59 -29.63 25.20
C ILE B 117 -22.85 -30.97 25.18
N ASP B 118 -22.46 -31.48 26.33
CA ASP B 118 -21.80 -32.78 26.43
C ASP B 118 -22.78 -33.93 26.64
N GLY B 119 -24.04 -33.63 26.93
CA GLY B 119 -25.05 -34.65 27.12
C GLY B 119 -24.93 -35.44 28.39
N LYS B 120 -23.96 -35.14 29.24
CA LYS B 120 -23.83 -35.81 30.51
C LYS B 120 -24.92 -35.43 31.51
N GLY B 121 -25.80 -34.50 31.16
CA GLY B 121 -26.86 -34.10 32.03
C GLY B 121 -26.85 -32.62 32.38
N PRO B 122 -27.68 -32.24 33.35
CA PRO B 122 -27.85 -30.82 33.67
C PRO B 122 -26.72 -30.28 34.55
N ILE B 123 -26.67 -28.97 34.64
CA ILE B 123 -25.65 -28.26 35.40
C ILE B 123 -26.20 -27.94 36.79
N ASP B 124 -25.54 -28.48 37.82
CA ASP B 124 -25.92 -28.21 39.22
C ASP B 124 -25.31 -26.88 39.64
N ALA B 125 -25.92 -25.80 39.13
CA ALA B 125 -25.39 -24.47 39.36
C ALA B 125 -25.51 -24.06 40.82
N ALA B 126 -24.44 -23.41 41.31
CA ALA B 126 -24.48 -22.77 42.62
C ALA B 126 -25.16 -21.40 42.56
N GLY B 127 -25.13 -20.75 41.41
CA GLY B 127 -25.87 -19.52 41.24
C GLY B 127 -25.81 -19.06 39.80
N ARG B 128 -26.16 -17.80 39.58
CA ARG B 128 -26.06 -17.20 38.26
C ARG B 128 -25.41 -15.83 38.38
N SER B 129 -24.59 -15.50 37.40
CA SER B 129 -23.79 -14.28 37.42
C SER B 129 -23.76 -13.65 36.05
N ARG B 130 -23.77 -12.33 36.03
CA ARG B 130 -23.87 -11.60 34.78
C ARG B 130 -22.64 -11.83 33.91
N ALA B 131 -22.84 -11.72 32.60
CA ALA B 131 -21.74 -11.83 31.66
C ALA B 131 -20.88 -10.57 31.69
N GLN B 132 -21.52 -9.41 31.58
CA GLN B 132 -20.83 -8.14 31.63
C GLN B 132 -20.85 -7.64 33.07
N VAL B 133 -19.74 -7.81 33.76
CA VAL B 133 -19.55 -7.28 35.11
C VAL B 133 -18.17 -6.63 35.17
N LYS B 134 -18.08 -5.52 35.89
CA LYS B 134 -16.84 -4.74 35.93
C LYS B 134 -15.72 -5.51 36.60
N ALA B 135 -14.50 -5.23 36.17
CA ALA B 135 -13.33 -5.72 36.86
C ALA B 135 -13.22 -5.03 38.22
N PRO B 136 -12.63 -5.69 39.20
CA PRO B 136 -12.42 -5.05 40.49
C PRO B 136 -11.41 -3.92 40.39
N GLY B 137 -11.59 -2.92 41.25
CA GLY B 137 -10.80 -1.72 41.20
C GLY B 137 -9.39 -1.85 41.74
N ILE B 138 -8.83 -0.71 42.16
CA ILE B 138 -7.44 -0.67 42.57
C ILE B 138 -7.26 -1.28 43.95
N LEU B 139 -8.18 -1.00 44.85
CA LEU B 139 -8.02 -1.33 46.26
C LEU B 139 -8.16 -2.81 46.55
N PRO B 140 -9.11 -3.51 45.92
CA PRO B 140 -9.29 -4.93 46.23
C PRO B 140 -8.13 -5.80 45.82
N ARG B 141 -7.31 -5.37 44.88
CA ARG B 141 -6.28 -6.20 44.30
C ARG B 141 -5.06 -6.31 45.20
N ARG B 142 -4.20 -7.26 44.86
CA ARG B 142 -2.92 -7.48 45.49
C ARG B 142 -1.90 -7.79 44.41
N SER B 143 -0.64 -7.60 44.75
CA SER B 143 0.44 -7.94 43.84
C SER B 143 0.46 -9.42 43.56
N VAL B 144 0.80 -9.78 42.33
CA VAL B 144 0.88 -11.18 41.94
C VAL B 144 2.19 -11.74 42.49
N HIS B 145 2.09 -12.76 43.33
CA HIS B 145 3.26 -13.28 44.02
C HIS B 145 3.33 -14.78 44.13
N GLU B 146 2.41 -15.54 43.52
CA GLU B 146 2.43 -16.98 43.62
C GLU B 146 2.30 -17.57 42.21
N PRO B 147 3.08 -18.60 41.90
CA PRO B 147 3.29 -18.95 40.50
C PRO B 147 2.25 -19.86 39.91
N VAL B 148 2.10 -19.75 38.59
CA VAL B 148 1.34 -20.70 37.80
C VAL B 148 2.35 -21.61 37.13
N GLN B 149 2.55 -22.79 37.70
CA GLN B 149 3.58 -23.71 37.25
C GLN B 149 3.14 -24.40 35.96
N THR B 150 3.74 -23.99 34.85
CA THR B 150 3.35 -24.48 33.53
C THR B 150 3.96 -25.82 33.19
N GLY B 151 4.98 -26.24 33.91
CA GLY B 151 5.70 -27.45 33.58
C GLY B 151 6.64 -27.30 32.42
N LEU B 152 6.65 -26.16 31.77
CA LEU B 152 7.54 -25.89 30.65
C LEU B 152 8.77 -25.19 31.16
N LYS B 153 9.93 -25.74 30.87
CA LYS B 153 11.19 -25.14 31.31
C LYS B 153 11.24 -23.67 30.94
N ALA B 154 10.96 -23.34 29.69
CA ALA B 154 11.25 -22.01 29.19
C ALA B 154 10.36 -20.96 29.85
N VAL B 155 9.08 -21.26 30.02
CA VAL B 155 8.17 -20.29 30.60
C VAL B 155 8.43 -20.15 32.09
N ASP B 156 8.44 -21.28 32.80
CA ASP B 156 8.68 -21.24 34.24
C ASP B 156 10.01 -20.59 34.57
N ALA B 157 10.99 -20.67 33.67
CA ALA B 157 12.34 -20.23 33.98
C ALA B 157 12.67 -18.84 33.47
N LEU B 158 12.09 -18.41 32.35
CA LEU B 158 12.46 -17.16 31.71
C LEU B 158 11.33 -16.15 31.63
N VAL B 159 10.09 -16.60 31.43
CA VAL B 159 8.94 -15.70 31.37
C VAL B 159 7.87 -16.25 32.30
N PRO B 160 8.05 -16.14 33.61
CA PRO B 160 7.11 -16.73 34.54
C PRO B 160 5.72 -16.13 34.47
N ILE B 161 4.73 -16.97 34.71
CA ILE B 161 3.33 -16.56 34.76
C ILE B 161 2.89 -16.63 36.21
N GLY B 162 2.32 -15.55 36.71
CA GLY B 162 1.83 -15.50 38.06
C GLY B 162 0.32 -15.62 38.14
N ARG B 163 -0.14 -16.00 39.32
CA ARG B 163 -1.57 -16.05 39.59
C ARG B 163 -2.11 -14.64 39.78
N GLY B 164 -3.02 -14.24 38.90
CA GLY B 164 -3.52 -12.89 38.84
C GLY B 164 -3.04 -12.10 37.64
N GLN B 165 -2.19 -12.68 36.82
CA GLN B 165 -1.61 -12.01 35.67
C GLN B 165 -2.44 -12.23 34.41
N ARG B 166 -2.22 -11.36 33.44
CA ARG B 166 -2.66 -11.55 32.07
C ARG B 166 -1.42 -11.75 31.20
N GLU B 167 -1.28 -12.94 30.62
CA GLU B 167 -0.12 -13.29 29.82
C GLU B 167 -0.59 -13.76 28.46
N LEU B 168 -0.25 -13.01 27.42
CA LEU B 168 -0.70 -13.27 26.07
C LEU B 168 0.20 -14.31 25.41
N ILE B 169 -0.40 -15.36 24.88
CA ILE B 169 0.28 -16.27 23.98
C ILE B 169 -0.05 -15.83 22.55
N ILE B 170 0.97 -15.34 21.85
CA ILE B 170 0.79 -14.74 20.54
C ILE B 170 1.67 -15.45 19.53
N GLY B 171 1.12 -15.73 18.36
CA GLY B 171 1.91 -16.40 17.35
C GLY B 171 1.17 -16.51 16.04
N ASP B 172 1.78 -17.26 15.13
CA ASP B 172 1.21 -17.58 13.84
C ASP B 172 0.57 -18.96 13.90
N ARG B 173 -0.11 -19.34 12.83
CA ARG B 173 -0.78 -20.62 12.81
C ARG B 173 0.22 -21.76 12.84
N GLN B 174 -0.13 -22.82 13.56
CA GLN B 174 0.74 -23.97 13.75
C GLN B 174 2.07 -23.57 14.37
N THR B 175 2.00 -23.04 15.60
CA THR B 175 3.19 -22.57 16.30
C THR B 175 3.23 -22.94 17.77
N GLY B 176 2.37 -23.83 18.24
CA GLY B 176 2.41 -24.28 19.62
C GLY B 176 1.54 -23.51 20.58
N LYS B 177 0.70 -22.61 20.09
CA LYS B 177 -0.08 -21.75 20.98
C LYS B 177 -0.94 -22.57 21.93
N THR B 178 -1.75 -23.47 21.38
CA THR B 178 -2.71 -24.20 22.20
C THR B 178 -2.01 -25.17 23.11
N ALA B 179 -0.88 -25.72 22.68
CA ALA B 179 -0.18 -26.74 23.44
C ALA B 179 0.38 -26.16 24.73
N VAL B 180 0.80 -24.91 24.73
CA VAL B 180 1.32 -24.29 25.95
C VAL B 180 0.23 -24.27 27.02
N ALA B 181 -0.96 -23.83 26.65
CA ALA B 181 -2.02 -23.67 27.62
C ALA B 181 -2.54 -25.04 28.05
N LEU B 182 -2.53 -25.99 27.12
CA LEU B 182 -2.99 -27.33 27.46
C LEU B 182 -2.01 -28.01 28.40
N ASP B 183 -0.71 -27.74 28.27
CA ASP B 183 0.26 -28.26 29.22
C ASP B 183 0.13 -27.59 30.57
N THR B 184 -0.14 -26.28 30.59
CA THR B 184 -0.40 -25.59 31.84
C THR B 184 -1.59 -26.21 32.56
N ILE B 185 -2.63 -26.54 31.81
CA ILE B 185 -3.79 -27.20 32.41
C ILE B 185 -3.42 -28.58 32.93
N LEU B 186 -2.71 -29.37 32.13
CA LEU B 186 -2.44 -30.74 32.49
C LEU B 186 -1.54 -30.83 33.72
N ASN B 187 -0.61 -29.88 33.87
CA ASN B 187 0.37 -29.97 34.93
C ASN B 187 -0.21 -29.76 36.31
N GLN B 188 -1.36 -29.11 36.42
CA GLN B 188 -1.91 -28.77 37.72
C GLN B 188 -2.47 -29.97 38.46
N LYS B 189 -2.51 -31.14 37.83
CA LYS B 189 -3.19 -32.27 38.44
C LYS B 189 -2.48 -32.74 39.70
N ARG B 190 -1.18 -32.50 39.80
CA ARG B 190 -0.43 -32.95 40.96
C ARG B 190 -0.76 -32.13 42.20
N TRP B 191 -1.31 -30.94 42.04
CA TRP B 191 -1.78 -30.12 43.14
C TRP B 191 -3.28 -30.22 43.34
N ASN B 192 -4.05 -30.27 42.24
CA ASN B 192 -5.50 -30.36 42.36
C ASN B 192 -5.92 -31.64 43.04
N ASN B 193 -5.05 -32.64 43.07
CA ASN B 193 -5.33 -33.87 43.81
C ASN B 193 -5.01 -33.73 45.30
N GLY B 194 -3.97 -32.98 45.64
CA GLY B 194 -3.60 -32.82 47.03
C GLY B 194 -4.69 -32.14 47.84
N SER B 195 -4.63 -32.34 49.16
CA SER B 195 -5.66 -31.81 50.03
C SER B 195 -5.57 -30.30 50.19
N ASP B 196 -4.39 -29.73 49.94
CA ASP B 196 -4.18 -28.30 50.17
C ASP B 196 -5.02 -27.51 49.17
N GLU B 197 -6.05 -26.84 49.68
CA GLU B 197 -7.00 -26.14 48.81
C GLU B 197 -6.40 -24.89 48.20
N SER B 198 -5.35 -24.34 48.79
CA SER B 198 -4.85 -23.05 48.36
C SER B 198 -3.83 -23.14 47.25
N LYS B 199 -3.33 -24.34 46.95
CA LYS B 199 -2.38 -24.52 45.86
C LYS B 199 -3.08 -24.93 44.57
N LYS B 200 -4.28 -25.47 44.67
CA LYS B 200 -5.06 -25.88 43.51
C LYS B 200 -5.30 -24.72 42.56
N LEU B 201 -5.48 -25.07 41.30
CA LEU B 201 -5.75 -24.10 40.23
C LEU B 201 -6.73 -24.73 39.26
N TYR B 202 -7.98 -24.28 39.30
CA TYR B 202 -8.99 -24.76 38.38
C TYR B 202 -8.85 -24.06 37.04
N CYS B 203 -9.31 -24.72 35.98
CA CYS B 203 -9.02 -24.31 34.62
C CYS B 203 -10.30 -24.12 33.81
N VAL B 204 -10.28 -23.11 32.93
CA VAL B 204 -11.36 -22.81 32.01
C VAL B 204 -10.74 -22.58 30.64
N TYR B 205 -11.35 -23.16 29.61
CA TYR B 205 -10.85 -23.05 28.24
C TYR B 205 -11.98 -22.59 27.34
N VAL B 206 -11.83 -21.42 26.75
CA VAL B 206 -12.85 -20.82 25.89
C VAL B 206 -12.41 -21.00 24.45
N ALA B 207 -13.11 -21.90 23.75
CA ALA B 207 -12.84 -22.19 22.35
C ALA B 207 -13.77 -21.32 21.50
N VAL B 208 -13.25 -20.21 21.03
CA VAL B 208 -13.99 -19.31 20.16
C VAL B 208 -13.50 -19.52 18.74
N GLY B 209 -14.44 -19.77 17.83
CA GLY B 209 -14.12 -19.97 16.44
C GLY B 209 -13.53 -21.31 16.09
N GLN B 210 -13.28 -22.17 17.08
CA GLN B 210 -12.65 -23.45 16.82
C GLN B 210 -13.66 -24.47 16.33
N LYS B 211 -13.17 -25.39 15.50
CA LYS B 211 -14.00 -26.48 15.02
C LYS B 211 -14.41 -27.41 16.16
N ARG B 212 -15.68 -27.80 16.16
CA ARG B 212 -16.19 -28.73 17.17
C ARG B 212 -15.34 -29.98 17.24
N SER B 213 -14.70 -30.36 16.15
CA SER B 213 -13.86 -31.55 16.15
C SER B 213 -12.61 -31.35 16.98
N THR B 214 -11.95 -30.21 16.78
CA THR B 214 -10.76 -29.89 17.56
C THR B 214 -11.11 -29.82 19.04
N VAL B 215 -12.27 -29.24 19.36
CA VAL B 215 -12.67 -29.14 20.76
C VAL B 215 -12.98 -30.50 21.34
N ALA B 216 -13.60 -31.37 20.54
CA ALA B 216 -13.91 -32.70 21.05
C ALA B 216 -12.63 -33.50 21.30
N GLN B 217 -11.64 -33.31 20.44
CA GLN B 217 -10.37 -33.98 20.64
C GLN B 217 -9.62 -33.42 21.84
N LEU B 218 -9.68 -32.11 22.03
CA LEU B 218 -9.08 -31.51 23.22
C LEU B 218 -9.74 -32.05 24.48
N VAL B 219 -11.06 -32.21 24.45
CA VAL B 219 -11.77 -32.74 25.60
C VAL B 219 -11.36 -34.17 25.88
N GLN B 220 -11.21 -34.97 24.82
CA GLN B 220 -10.79 -36.35 25.04
C GLN B 220 -9.37 -36.43 25.57
N THR B 221 -8.52 -35.50 25.13
CA THR B 221 -7.16 -35.45 25.63
C THR B 221 -7.13 -35.12 27.11
N LEU B 222 -7.88 -34.11 27.50
CA LEU B 222 -7.96 -33.75 28.91
C LEU B 222 -8.53 -34.88 29.73
N GLU B 223 -9.48 -35.63 29.17
CA GLU B 223 -10.12 -36.70 29.92
C GLU B 223 -9.18 -37.88 30.10
N GLN B 224 -8.37 -38.20 29.08
CA GLN B 224 -7.49 -39.34 29.19
C GLN B 224 -6.26 -39.04 30.03
N HIS B 225 -5.97 -37.76 30.27
CA HIS B 225 -5.00 -37.35 31.26
C HIS B 225 -5.64 -36.97 32.59
N ASP B 226 -6.95 -37.20 32.74
CA ASP B 226 -7.71 -36.95 33.96
C ASP B 226 -7.80 -35.47 34.33
N ALA B 227 -7.37 -34.59 33.44
CA ALA B 227 -7.39 -33.15 33.69
C ALA B 227 -8.79 -32.55 33.64
N MET B 228 -9.82 -33.36 33.38
CA MET B 228 -11.15 -32.81 33.24
C MET B 228 -11.85 -32.60 34.58
N LYS B 229 -11.42 -33.32 35.62
CA LYS B 229 -12.03 -33.15 36.93
C LYS B 229 -12.06 -31.70 37.36
N TYR B 230 -11.11 -30.90 36.87
CA TYR B 230 -10.92 -29.53 37.31
C TYR B 230 -10.92 -28.54 36.16
N SER B 231 -11.39 -28.92 34.99
CA SER B 231 -11.44 -28.04 33.83
C SER B 231 -12.86 -27.84 33.36
N ILE B 232 -13.15 -26.63 32.90
CA ILE B 232 -14.42 -26.27 32.29
C ILE B 232 -14.14 -25.80 30.88
N ILE B 233 -14.96 -26.25 29.93
CA ILE B 233 -14.82 -25.88 28.52
C ILE B 233 -16.05 -25.09 28.11
N VAL B 234 -15.84 -23.89 27.58
CA VAL B 234 -16.90 -23.06 27.01
C VAL B 234 -16.64 -22.96 25.52
N ALA B 235 -17.57 -23.48 24.73
CA ALA B 235 -17.37 -23.65 23.29
C ALA B 235 -18.37 -22.83 22.51
N ALA B 236 -17.87 -21.86 21.75
CA ALA B 236 -18.65 -21.11 20.77
C ALA B 236 -17.96 -21.30 19.43
N THR B 237 -18.34 -22.36 18.73
CA THR B 237 -17.64 -22.78 17.53
C THR B 237 -18.04 -21.93 16.32
N ALA B 238 -17.32 -22.14 15.23
CA ALA B 238 -17.48 -21.30 14.04
C ALA B 238 -18.87 -21.43 13.44
N SER B 239 -19.56 -22.54 13.69
CA SER B 239 -20.95 -22.66 13.28
C SER B 239 -21.87 -21.86 14.19
N GLU B 240 -21.36 -21.42 15.35
CA GLU B 240 -22.15 -20.64 16.28
C GLU B 240 -22.24 -19.21 15.76
N ALA B 241 -23.41 -18.60 15.94
CA ALA B 241 -23.62 -17.25 15.46
C ALA B 241 -22.64 -16.30 16.11
N ALA B 242 -22.27 -15.25 15.37
CA ALA B 242 -21.25 -14.32 15.84
C ALA B 242 -21.54 -13.78 17.24
N PRO B 243 -22.79 -13.49 17.62
CA PRO B 243 -23.04 -13.04 18.98
C PRO B 243 -22.58 -14.01 20.05
N LEU B 244 -22.63 -15.31 19.79
CA LEU B 244 -22.23 -16.27 20.80
C LEU B 244 -20.72 -16.35 20.92
N GLN B 245 -20.01 -16.27 19.79
CA GLN B 245 -18.56 -16.13 19.85
C GLN B 245 -18.17 -14.88 20.63
N TYR B 246 -18.90 -13.79 20.40
CA TYR B 246 -18.69 -12.57 21.14
C TYR B 246 -18.87 -12.78 22.63
N LEU B 247 -19.90 -13.53 23.02
CA LEU B 247 -20.29 -13.60 24.42
C LEU B 247 -19.49 -14.63 25.21
N ALA B 248 -19.06 -15.71 24.59
CA ALA B 248 -18.47 -16.82 25.33
C ALA B 248 -17.38 -16.41 26.29
N PRO B 249 -16.42 -15.56 25.92
CA PRO B 249 -15.36 -15.21 26.87
C PRO B 249 -15.88 -14.56 28.13
N PHE B 250 -16.93 -13.75 28.03
CA PHE B 250 -17.41 -13.03 29.19
C PHE B 250 -18.07 -13.96 30.18
N THR B 251 -18.76 -14.98 29.70
CA THR B 251 -19.35 -15.99 30.58
C THR B 251 -18.29 -16.91 31.16
N ALA B 252 -17.29 -17.30 30.37
CA ALA B 252 -16.17 -18.03 30.94
C ALA B 252 -15.50 -17.24 32.06
N ALA B 253 -15.35 -15.93 31.86
CA ALA B 253 -14.79 -15.09 32.90
C ALA B 253 -15.69 -15.04 34.12
N SER B 254 -16.99 -14.95 33.91
CA SER B 254 -17.92 -14.97 35.03
C SER B 254 -17.91 -16.31 35.76
N ILE B 255 -17.44 -17.37 35.10
CA ILE B 255 -17.29 -18.65 35.77
C ILE B 255 -16.03 -18.69 36.60
N GLY B 256 -14.93 -18.20 36.03
CA GLY B 256 -13.70 -18.09 36.80
C GLY B 256 -13.85 -17.17 37.99
N GLU B 257 -14.63 -16.10 37.83
CA GLU B 257 -14.79 -15.11 38.88
C GLU B 257 -15.50 -15.68 40.09
N TRP B 258 -16.15 -16.83 39.96
CA TRP B 258 -16.72 -17.48 41.13
C TRP B 258 -15.64 -18.10 41.99
N PHE B 259 -14.71 -18.81 41.37
CA PHE B 259 -13.57 -19.33 42.10
C PHE B 259 -12.77 -18.19 42.72
N ARG B 260 -12.54 -17.14 41.93
CA ARG B 260 -11.87 -15.95 42.45
C ARG B 260 -12.59 -15.40 43.68
N ASP B 261 -13.87 -15.09 43.53
CA ASP B 261 -14.60 -14.38 44.56
C ASP B 261 -14.89 -15.22 45.79
N ASN B 262 -14.76 -16.53 45.68
CA ASN B 262 -14.90 -17.43 46.81
C ASN B 262 -13.57 -18.02 47.26
N GLY B 263 -12.47 -17.31 47.01
CA GLY B 263 -11.19 -17.64 47.60
C GLY B 263 -10.38 -18.66 46.87
N LYS B 264 -10.80 -19.03 45.67
CA LYS B 264 -10.16 -20.11 44.93
C LYS B 264 -9.49 -19.56 43.69
N HIS B 265 -8.53 -20.33 43.18
CA HIS B 265 -7.68 -19.88 42.11
C HIS B 265 -8.11 -20.50 40.80
N ALA B 266 -8.24 -19.67 39.78
CA ALA B 266 -8.67 -20.08 38.47
C ALA B 266 -7.73 -19.54 37.41
N LEU B 267 -7.70 -20.24 36.30
CA LEU B 267 -6.95 -19.89 35.12
C LEU B 267 -7.90 -19.95 33.94
N ILE B 268 -7.82 -18.97 33.06
CA ILE B 268 -8.69 -18.88 31.89
C ILE B 268 -7.84 -18.73 30.65
N VAL B 269 -8.02 -19.67 29.72
CA VAL B 269 -7.40 -19.64 28.41
C VAL B 269 -8.45 -19.20 27.40
N TYR B 270 -8.13 -18.19 26.61
CA TYR B 270 -8.97 -17.76 25.51
C TYR B 270 -8.29 -18.15 24.20
N ASP B 271 -8.90 -19.06 23.46
CA ASP B 271 -8.37 -19.56 22.19
C ASP B 271 -9.50 -19.40 21.16
N ASP B 272 -9.54 -18.28 20.44
CA ASP B 272 -8.61 -17.17 20.57
C ASP B 272 -9.35 -15.86 20.35
N LEU B 273 -8.78 -14.77 20.87
CA LEU B 273 -9.47 -13.50 20.87
C LEU B 273 -9.54 -12.85 19.49
N SER B 274 -8.66 -13.24 18.57
CA SER B 274 -8.74 -12.71 17.22
C SER B 274 -10.08 -13.00 16.60
N LYS B 275 -10.63 -14.17 16.88
CA LYS B 275 -11.89 -14.58 16.30
C LYS B 275 -13.08 -13.99 17.04
N GLN B 276 -12.95 -13.74 18.34
CA GLN B 276 -13.92 -12.91 19.02
C GLN B 276 -13.98 -11.52 18.41
N ALA B 277 -12.82 -10.95 18.08
CA ALA B 277 -12.77 -9.65 17.45
C ALA B 277 -13.44 -9.68 16.10
N VAL B 278 -13.18 -10.73 15.32
CA VAL B 278 -13.83 -10.87 14.02
C VAL B 278 -15.34 -10.95 14.18
N ALA B 279 -15.80 -11.73 15.16
CA ALA B 279 -17.23 -11.85 15.40
C ALA B 279 -17.85 -10.53 15.82
N TYR B 280 -17.12 -9.74 16.61
CA TYR B 280 -17.63 -8.44 17.02
C TYR B 280 -17.64 -7.47 15.86
N ARG B 281 -16.65 -7.56 14.97
CA ARG B 281 -16.66 -6.78 13.74
C ARG B 281 -17.88 -7.11 12.91
N GLN B 282 -18.20 -8.40 12.78
CA GLN B 282 -19.40 -8.82 12.09
C GLN B 282 -20.65 -8.22 12.71
N LEU B 283 -20.85 -8.48 14.00
CA LEU B 283 -22.02 -7.98 14.71
C LEU B 283 -22.15 -6.48 14.55
N SER B 284 -21.04 -5.76 14.57
CA SER B 284 -21.08 -4.31 14.49
C SER B 284 -21.41 -3.83 13.08
N LEU B 285 -20.63 -4.27 12.11
CA LEU B 285 -20.84 -3.83 10.74
C LEU B 285 -22.23 -4.17 10.26
N LEU B 286 -22.81 -5.27 10.75
CA LEU B 286 -24.18 -5.57 10.40
C LEU B 286 -25.17 -4.63 11.09
N LEU B 287 -24.76 -3.98 12.17
CA LEU B 287 -25.53 -2.91 12.78
C LEU B 287 -25.17 -1.53 12.24
N ARG B 288 -24.43 -1.47 11.14
CA ARG B 288 -24.04 -0.21 10.50
C ARG B 288 -23.11 0.61 11.37
N ARG B 289 -22.43 -0.01 12.30
CA ARG B 289 -21.44 0.68 13.10
C ARG B 289 -20.22 1.02 12.25
N PRO B 290 -19.84 2.29 12.15
CA PRO B 290 -18.81 2.68 11.19
C PRO B 290 -17.50 1.98 11.44
N PRO B 291 -16.84 1.51 10.40
CA PRO B 291 -15.57 0.80 10.58
C PRO B 291 -14.42 1.75 10.85
N GLY B 292 -13.52 1.31 11.71
CA GLY B 292 -12.28 2.00 11.98
C GLY B 292 -11.11 1.36 11.27
N ARG B 293 -10.01 1.21 12.00
CA ARG B 293 -8.80 0.62 11.45
C ARG B 293 -8.99 -0.87 11.25
N GLU B 294 -8.43 -1.39 10.16
CA GLU B 294 -8.57 -2.80 9.81
C GLU B 294 -10.03 -3.22 9.76
N ALA B 295 -10.90 -2.29 9.41
CA ALA B 295 -12.34 -2.46 9.34
C ALA B 295 -12.95 -2.82 10.69
N TYR B 296 -12.15 -2.84 11.75
CA TYR B 296 -12.67 -3.18 13.04
C TYR B 296 -13.43 -1.99 13.64
N PRO B 297 -14.40 -2.26 14.50
CA PRO B 297 -15.08 -1.15 15.18
C PRO B 297 -14.16 -0.47 16.16
N GLY B 298 -14.52 0.77 16.52
CA GLY B 298 -13.71 1.53 17.44
C GLY B 298 -13.64 0.95 18.83
N ASP B 299 -14.62 0.15 19.22
CA ASP B 299 -14.72 -0.35 20.59
C ASP B 299 -14.20 -1.77 20.75
N VAL B 300 -13.28 -2.20 19.90
CA VAL B 300 -12.64 -3.50 20.12
C VAL B 300 -11.73 -3.47 21.34
N PHE B 301 -11.04 -2.35 21.57
CA PHE B 301 -10.26 -2.22 22.79
C PHE B 301 -11.13 -2.38 24.02
N TYR B 302 -12.35 -1.85 23.97
CA TYR B 302 -13.26 -2.01 25.09
C TYR B 302 -13.83 -3.43 25.12
N LEU B 303 -13.91 -4.08 23.96
CA LEU B 303 -14.28 -5.49 23.93
C LEU B 303 -13.31 -6.32 24.76
N HIS B 304 -12.02 -6.05 24.61
CA HIS B 304 -11.04 -6.88 25.30
C HIS B 304 -10.66 -6.39 26.68
N SER B 305 -10.66 -5.08 26.91
CA SER B 305 -10.14 -4.55 28.16
C SER B 305 -11.02 -4.92 29.34
N ARG B 306 -12.33 -4.81 29.18
CA ARG B 306 -13.26 -5.21 30.22
C ARG B 306 -13.36 -6.72 30.36
N LEU B 307 -12.78 -7.47 29.44
CA LEU B 307 -12.66 -8.92 29.59
C LEU B 307 -11.44 -9.30 30.40
N LEU B 308 -10.30 -8.71 30.06
CA LEU B 308 -9.03 -9.11 30.63
C LEU B 308 -8.71 -8.43 31.94
N GLU B 309 -9.34 -7.30 32.24
CA GLU B 309 -9.13 -6.64 33.51
C GLU B 309 -9.72 -7.43 34.66
N ARG B 310 -10.65 -8.34 34.37
CA ARG B 310 -11.26 -9.16 35.40
C ARG B 310 -10.28 -10.16 35.99
N ALA B 311 -9.20 -10.47 35.28
CA ALA B 311 -8.14 -11.29 35.82
C ALA B 311 -7.39 -10.48 36.86
N ALA B 312 -7.67 -10.75 38.13
CA ALA B 312 -7.09 -9.98 39.21
C ALA B 312 -6.79 -10.88 40.40
N LYS B 313 -5.75 -10.52 41.12
CA LYS B 313 -5.38 -11.16 42.38
C LYS B 313 -5.89 -10.29 43.51
N LEU B 314 -6.72 -10.87 44.37
CA LEU B 314 -7.43 -10.12 45.39
C LEU B 314 -6.73 -10.19 46.73
N SER B 315 -7.13 -9.28 47.61
CA SER B 315 -6.56 -9.15 48.94
C SER B 315 -7.25 -10.08 49.93
N GLU B 316 -6.64 -10.21 51.11
CA GLU B 316 -7.23 -10.99 52.19
C GLU B 316 -8.49 -10.36 52.74
N LYS B 317 -8.78 -9.12 52.36
CA LYS B 317 -10.07 -8.52 52.70
C LYS B 317 -11.18 -9.16 51.87
N GLU B 318 -10.87 -9.53 50.63
CA GLU B 318 -11.82 -10.18 49.74
C GLU B 318 -11.76 -11.71 49.81
N GLY B 319 -10.58 -12.27 50.04
CA GLY B 319 -10.46 -13.70 50.25
C GLY B 319 -9.33 -14.39 49.52
N SER B 320 -8.43 -13.63 48.90
CA SER B 320 -7.17 -14.08 48.33
C SER B 320 -7.35 -14.87 47.05
N GLY B 321 -8.49 -14.78 46.39
CA GLY B 321 -8.67 -15.44 45.12
C GLY B 321 -7.84 -14.81 44.03
N SER B 322 -7.82 -15.48 42.88
CA SER B 322 -7.11 -14.97 41.73
C SER B 322 -7.66 -15.62 40.47
N LEU B 323 -7.67 -14.85 39.39
CA LEU B 323 -8.01 -15.35 38.06
C LEU B 323 -6.89 -14.97 37.11
N THR B 324 -6.30 -15.99 36.49
CA THR B 324 -5.16 -15.85 35.60
C THR B 324 -5.62 -16.03 34.16
N ALA B 325 -5.34 -15.04 33.33
CA ALA B 325 -5.80 -15.01 31.96
C ALA B 325 -4.64 -15.25 31.00
N LEU B 326 -4.78 -16.28 30.18
CA LEU B 326 -3.83 -16.55 29.11
C LEU B 326 -4.54 -16.40 27.77
N PRO B 327 -4.70 -15.18 27.28
CA PRO B 327 -5.32 -14.99 25.97
C PRO B 327 -4.42 -15.44 24.85
N VAL B 328 -5.02 -15.94 23.78
CA VAL B 328 -4.29 -16.39 22.60
C VAL B 328 -4.61 -15.49 21.43
N ILE B 329 -3.59 -15.18 20.63
CA ILE B 329 -3.73 -14.35 19.44
C ILE B 329 -2.98 -14.98 18.28
N GLU B 330 -3.63 -14.98 17.12
CA GLU B 330 -3.04 -15.41 15.86
C GLU B 330 -2.61 -14.18 15.06
N THR B 331 -1.35 -14.15 14.65
CA THR B 331 -0.77 -13.02 13.94
C THR B 331 -0.61 -13.37 12.48
N GLN B 332 -1.15 -12.52 11.61
CA GLN B 332 -1.00 -12.70 10.17
C GLN B 332 0.44 -12.41 9.79
N GLY B 333 1.09 -13.37 9.15
CA GLY B 333 2.44 -13.16 8.67
C GLY B 333 3.47 -12.89 9.73
N GLY B 334 3.15 -13.14 10.99
CA GLY B 334 4.10 -12.92 12.05
C GLY B 334 4.28 -11.47 12.46
N ASP B 335 3.34 -10.60 12.12
CA ASP B 335 3.47 -9.18 12.41
C ASP B 335 2.75 -8.85 13.70
N VAL B 336 3.50 -8.36 14.69
CA VAL B 336 2.91 -7.96 15.96
C VAL B 336 2.40 -6.53 15.93
N SER B 337 2.62 -5.81 14.84
CA SER B 337 2.20 -4.42 14.73
C SER B 337 0.75 -4.28 14.31
N ALA B 338 -0.01 -5.37 14.21
CA ALA B 338 -1.40 -5.29 13.83
C ALA B 338 -2.23 -4.67 14.95
N TYR B 339 -3.49 -4.37 14.65
CA TYR B 339 -4.33 -3.59 15.56
C TYR B 339 -4.69 -4.40 16.80
N ILE B 340 -5.25 -5.59 16.62
CA ILE B 340 -5.75 -6.37 17.74
C ILE B 340 -4.58 -6.88 18.58
N PRO B 341 -3.52 -7.41 17.95
CA PRO B 341 -2.35 -7.80 18.75
C PRO B 341 -1.81 -6.66 19.58
N THR B 342 -1.67 -5.47 18.99
CA THR B 342 -1.14 -4.35 19.73
C THR B 342 -2.07 -3.96 20.87
N ASN B 343 -3.38 -4.05 20.65
CA ASN B 343 -4.32 -3.71 21.70
C ASN B 343 -4.18 -4.65 22.88
N VAL B 344 -4.11 -5.95 22.60
CA VAL B 344 -4.02 -6.90 23.69
C VAL B 344 -2.65 -6.83 24.35
N ILE B 345 -1.62 -6.44 23.62
CA ILE B 345 -0.32 -6.24 24.23
C ILE B 345 -0.36 -5.04 25.16
N SER B 346 -1.17 -4.04 24.83
CA SER B 346 -1.32 -2.88 25.70
C SER B 346 -2.08 -3.25 26.96
N ILE B 347 -3.12 -4.08 26.82
CA ILE B 347 -3.90 -4.48 27.98
C ILE B 347 -3.09 -5.38 28.91
N THR B 348 -2.39 -6.35 28.35
CA THR B 348 -1.85 -7.46 29.12
C THR B 348 -0.56 -7.07 29.82
N ASP B 349 -0.10 -7.98 30.67
CA ASP B 349 1.10 -7.81 31.46
C ASP B 349 2.29 -8.60 30.90
N GLY B 350 2.20 -9.06 29.65
CA GLY B 350 3.32 -9.75 29.04
C GLY B 350 2.87 -10.46 27.79
N GLN B 351 3.84 -11.07 27.13
CA GLN B 351 3.57 -11.86 25.93
C GLN B 351 4.60 -12.98 25.80
N ILE B 352 4.13 -14.13 25.33
CA ILE B 352 4.97 -15.26 24.95
C ILE B 352 4.83 -15.42 23.45
N PHE B 353 5.83 -14.94 22.71
CA PHE B 353 5.78 -14.94 21.25
C PHE B 353 6.39 -16.24 20.73
N LEU B 354 5.57 -17.02 20.04
CA LEU B 354 5.98 -18.27 19.45
C LEU B 354 6.23 -18.04 17.96
N GLU B 355 7.46 -18.27 17.52
CA GLU B 355 7.91 -17.89 16.18
C GLU B 355 7.99 -19.12 15.30
N ALA B 356 7.47 -19.01 14.08
CA ALA B 356 7.35 -20.16 13.20
C ALA B 356 8.70 -20.63 12.69
N GLU B 357 9.63 -19.70 12.48
CA GLU B 357 10.97 -20.08 12.04
C GLU B 357 11.61 -21.06 13.00
N LEU B 358 11.45 -20.82 14.30
CA LEU B 358 12.00 -21.72 15.30
C LEU B 358 11.24 -23.04 15.31
N PHE B 359 9.93 -22.98 15.09
CA PHE B 359 9.11 -24.20 15.10
C PHE B 359 9.54 -25.15 14.00
N TYR B 360 9.76 -24.62 12.80
CA TYR B 360 10.19 -25.46 11.70
C TYR B 360 11.60 -25.99 11.93
N LYS B 361 12.46 -25.19 12.55
CA LYS B 361 13.81 -25.61 12.89
C LYS B 361 13.85 -26.74 13.91
N GLY B 362 12.73 -27.08 14.53
CA GLY B 362 12.71 -28.07 15.59
C GLY B 362 12.86 -27.52 16.98
N ILE B 363 12.78 -26.21 17.17
CA ILE B 363 12.78 -25.61 18.50
C ILE B 363 11.32 -25.54 18.94
N ARG B 364 10.88 -26.53 19.73
CA ARG B 364 9.52 -26.61 20.18
C ARG B 364 9.52 -26.86 21.69
N PRO B 365 8.90 -25.98 22.50
CA PRO B 365 8.19 -24.74 22.17
C PRO B 365 9.06 -23.62 21.64
N ALA B 366 8.53 -22.92 20.65
CA ALA B 366 9.27 -21.91 19.91
C ALA B 366 9.27 -20.56 20.58
N ILE B 367 9.67 -20.50 21.85
CA ILE B 367 9.65 -19.27 22.61
C ILE B 367 10.74 -18.35 22.10
N ASN B 368 10.35 -17.23 21.51
CA ASN B 368 11.27 -16.13 21.23
C ASN B 368 11.55 -15.42 22.55
N VAL B 369 12.66 -15.80 23.20
CA VAL B 369 12.95 -15.24 24.51
C VAL B 369 13.20 -13.75 24.44
N GLY B 370 13.48 -13.21 23.25
CA GLY B 370 13.72 -11.80 23.10
C GLY B 370 12.47 -10.97 23.18
N LEU B 371 11.49 -11.29 22.33
CA LEU B 371 10.24 -10.56 22.34
C LEU B 371 9.38 -10.92 23.55
N SER B 372 9.65 -12.05 24.18
CA SER B 372 8.88 -12.50 25.33
C SER B 372 9.32 -11.77 26.59
N VAL B 373 8.36 -11.46 27.45
CA VAL B 373 8.61 -10.71 28.67
C VAL B 373 7.39 -10.86 29.58
N SER B 374 7.66 -10.93 30.87
CA SER B 374 6.63 -10.94 31.90
C SER B 374 6.91 -9.77 32.84
N ARG B 375 6.13 -8.72 32.73
CA ARG B 375 6.51 -7.46 33.35
C ARG B 375 6.37 -7.50 34.86
N VAL B 376 5.70 -8.51 35.40
CA VAL B 376 5.80 -8.81 36.82
C VAL B 376 7.02 -9.69 37.10
N GLY B 377 7.30 -10.64 36.21
CA GLY B 377 8.55 -11.39 36.26
C GLY B 377 8.81 -12.08 37.57
N SER B 378 10.01 -11.87 38.08
CA SER B 378 10.58 -12.71 39.13
C SER B 378 9.72 -12.80 40.37
N ALA B 379 8.72 -11.94 40.53
CA ALA B 379 7.95 -11.94 41.77
C ALA B 379 7.19 -13.24 41.94
N ALA B 380 6.71 -13.81 40.84
CA ALA B 380 5.99 -15.07 40.90
C ALA B 380 6.93 -16.27 40.82
N GLN B 381 8.06 -16.13 40.14
CA GLN B 381 8.94 -17.25 39.93
C GLN B 381 9.32 -17.91 41.24
N VAL B 382 9.49 -19.23 41.20
CA VAL B 382 9.88 -19.97 42.40
C VAL B 382 11.28 -19.56 42.78
N LYS B 383 11.50 -19.38 44.09
CA LYS B 383 12.78 -18.87 44.57
C LYS B 383 13.92 -19.75 44.10
N ALA B 384 13.68 -21.06 44.08
CA ALA B 384 14.68 -22.00 43.59
C ALA B 384 15.20 -21.60 42.21
N LEU B 385 14.28 -21.35 41.27
CA LEU B 385 14.71 -21.11 39.90
C LEU B 385 15.34 -19.73 39.71
N LYS B 386 14.91 -18.72 40.46
CA LYS B 386 15.58 -17.44 40.36
C LYS B 386 16.98 -17.51 40.96
N GLN B 387 17.12 -18.24 42.07
CA GLN B 387 18.42 -18.49 42.66
C GLN B 387 19.33 -19.25 41.70
N VAL B 388 18.77 -20.24 41.01
CA VAL B 388 19.55 -21.13 40.16
C VAL B 388 19.93 -20.44 38.85
N ALA B 389 18.95 -19.87 38.16
CA ALA B 389 19.12 -19.47 36.77
C ALA B 389 20.11 -18.33 36.58
N GLY B 390 20.26 -17.46 37.57
CA GLY B 390 21.18 -16.34 37.41
C GLY B 390 20.86 -15.54 36.16
N SER B 391 19.58 -15.40 35.85
CA SER B 391 19.13 -14.62 34.70
C SER B 391 19.69 -15.19 33.39
N LEU B 392 19.22 -16.41 33.09
CA LEU B 392 19.59 -17.07 31.84
C LEU B 392 19.31 -16.20 30.63
N LYS B 393 18.43 -15.23 30.76
CA LYS B 393 18.27 -14.19 29.76
C LYS B 393 19.21 -13.03 30.06
N VAL B 421 28.39 -22.13 22.13
CA VAL B 421 28.25 -23.57 22.21
C VAL B 421 27.46 -23.95 23.46
N ARG B 422 27.75 -23.29 24.58
CA ARG B 422 26.98 -23.49 25.80
C ARG B 422 25.51 -23.18 25.58
N GLY B 423 25.22 -22.03 24.98
CA GLY B 423 23.85 -21.63 24.75
C GLY B 423 23.10 -22.52 23.79
N GLU B 424 23.80 -23.18 22.88
CA GLU B 424 23.12 -24.10 21.98
C GLU B 424 22.62 -25.32 22.73
N ARG B 425 23.43 -25.86 23.62
CA ARG B 425 23.01 -27.00 24.42
C ARG B 425 21.94 -26.57 25.42
N LEU B 426 22.02 -25.34 25.91
CA LEU B 426 20.94 -24.81 26.74
C LEU B 426 19.62 -24.78 25.98
N THR B 427 19.64 -24.28 24.75
CA THR B 427 18.42 -24.30 23.93
C THR B 427 17.92 -25.72 23.75
N GLN B 428 18.82 -26.62 23.35
CA GLN B 428 18.44 -28.02 23.20
C GLN B 428 17.78 -28.56 24.46
N LEU B 429 18.23 -28.10 25.63
CA LEU B 429 17.65 -28.56 26.88
C LEU B 429 16.29 -27.93 27.12
N LEU B 430 16.10 -26.69 26.68
CA LEU B 430 14.80 -26.05 26.84
C LEU B 430 13.73 -26.71 25.98
N LYS B 431 14.12 -27.36 24.89
CA LYS B 431 13.16 -28.10 24.10
C LYS B 431 12.40 -29.08 24.97
N GLN B 432 11.13 -29.26 24.67
CA GLN B 432 10.28 -30.10 25.50
C GLN B 432 9.22 -30.76 24.64
N ASN B 433 8.96 -32.02 24.94
CA ASN B 433 7.94 -32.76 24.23
C ASN B 433 6.55 -32.33 24.69
N GLN B 434 5.59 -32.46 23.78
CA GLN B 434 4.23 -32.11 24.14
C GLN B 434 3.68 -33.10 25.16
N TYR B 435 2.78 -32.59 26.00
CA TYR B 435 2.13 -33.38 27.05
C TYR B 435 3.14 -34.00 28.00
N SER B 436 4.34 -33.46 28.10
CA SER B 436 5.39 -33.97 28.98
C SER B 436 5.86 -32.87 29.92
N PRO B 437 5.03 -32.48 30.87
CA PRO B 437 5.41 -31.41 31.80
C PRO B 437 6.35 -31.87 32.91
N LEU B 438 7.22 -30.96 33.31
CA LEU B 438 8.24 -31.23 34.33
C LEU B 438 7.94 -30.44 35.60
N ALA B 439 8.27 -31.03 36.74
CA ALA B 439 8.14 -30.38 38.03
C ALA B 439 9.35 -29.47 38.30
N THR B 440 9.19 -28.57 39.26
CA THR B 440 10.26 -27.62 39.56
C THR B 440 11.45 -28.32 40.20
N GLU B 441 11.22 -29.37 40.97
CA GLU B 441 12.34 -30.14 41.49
C GLU B 441 13.09 -30.86 40.39
N GLU B 442 12.47 -30.99 39.21
CA GLU B 442 13.15 -31.54 38.04
C GLU B 442 13.73 -30.45 37.16
N GLN B 443 13.07 -29.30 37.08
CA GLN B 443 13.60 -28.19 36.27
C GLN B 443 14.84 -27.60 36.90
N VAL B 444 14.87 -27.49 38.22
CA VAL B 444 16.02 -26.87 38.89
C VAL B 444 17.32 -27.56 38.53
N PRO B 445 17.45 -28.88 38.61
CA PRO B 445 18.71 -29.51 38.19
C PRO B 445 19.04 -29.32 36.72
N LEU B 446 18.04 -29.32 35.84
CA LEU B 446 18.33 -29.19 34.43
C LEU B 446 18.92 -27.83 34.10
N ILE B 447 18.36 -26.77 34.68
CA ILE B 447 18.95 -25.44 34.52
C ILE B 447 20.27 -25.36 35.25
N TYR B 448 20.39 -26.07 36.38
CA TYR B 448 21.59 -26.00 37.20
C TYR B 448 22.79 -26.52 36.42
N ALA B 449 22.64 -27.68 35.78
CA ALA B 449 23.77 -28.32 35.13
C ALA B 449 24.24 -27.53 33.93
N GLY B 450 23.37 -26.70 33.35
CA GLY B 450 23.71 -25.93 32.16
C GLY B 450 24.20 -24.54 32.46
N VAL B 451 23.71 -23.96 33.56
CA VAL B 451 24.13 -22.62 33.94
C VAL B 451 25.52 -22.67 34.54
N ASN B 452 25.78 -23.66 35.40
CA ASN B 452 27.08 -23.82 36.02
C ASN B 452 28.11 -24.46 35.09
N GLY B 453 27.71 -24.97 33.92
CA GLY B 453 28.63 -25.34 32.87
C GLY B 453 28.76 -26.81 32.62
N HIS B 454 28.18 -27.66 33.47
CA HIS B 454 28.46 -29.09 33.42
C HIS B 454 28.19 -29.67 32.04
N LEU B 455 27.14 -29.21 31.37
CA LEU B 455 26.67 -29.88 30.16
C LEU B 455 27.51 -29.60 28.92
N ASP B 456 28.43 -28.64 28.97
CA ASP B 456 29.14 -28.24 27.76
C ASP B 456 29.93 -29.39 27.13
N GLY B 457 30.21 -30.43 27.89
CA GLY B 457 31.04 -31.53 27.42
C GLY B 457 30.30 -32.69 26.81
N ILE B 458 28.98 -32.65 26.72
CA ILE B 458 28.17 -33.75 26.25
C ILE B 458 27.77 -33.49 24.80
N GLU B 459 27.79 -34.53 23.98
CA GLU B 459 27.39 -34.40 22.59
C GLU B 459 26.01 -33.76 22.49
N LEU B 460 25.83 -32.95 21.45
CA LEU B 460 24.61 -32.17 21.32
C LEU B 460 23.40 -33.07 21.15
N SER B 461 23.51 -34.07 20.27
CA SER B 461 22.39 -34.97 20.03
C SER B 461 22.03 -35.79 21.25
N ARG B 462 22.90 -35.80 22.26
CA ARG B 462 22.72 -36.65 23.43
C ARG B 462 22.13 -35.91 24.63
N ILE B 463 21.98 -34.59 24.55
CA ILE B 463 21.43 -33.84 25.69
C ILE B 463 20.07 -34.38 26.07
N GLY B 464 19.22 -34.60 25.08
CA GLY B 464 17.89 -35.13 25.36
C GLY B 464 17.92 -36.43 26.14
N GLU B 465 19.02 -37.17 26.08
CA GLU B 465 19.13 -38.40 26.83
C GLU B 465 19.74 -38.20 28.20
N PHE B 466 20.56 -37.15 28.38
CA PHE B 466 20.99 -36.79 29.72
C PHE B 466 19.79 -36.43 30.58
N GLU B 467 18.92 -35.58 30.06
CA GLU B 467 17.72 -35.18 30.79
C GLU B 467 16.98 -36.40 31.31
N SER B 468 16.80 -37.41 30.47
CA SER B 468 16.10 -38.61 30.88
C SER B 468 16.94 -39.43 31.85
N SER B 469 18.26 -39.49 31.63
CA SER B 469 19.10 -40.35 32.44
C SER B 469 19.47 -39.68 33.76
N PHE B 470 19.51 -38.36 33.79
CA PHE B 470 19.87 -37.66 35.02
C PHE B 470 18.73 -37.66 36.00
N LEU B 471 17.57 -37.17 35.59
CA LEU B 471 16.44 -37.05 36.51
C LEU B 471 15.99 -38.41 37.02
N SER B 472 16.16 -39.46 36.22
CA SER B 472 15.92 -40.81 36.73
C SER B 472 16.90 -41.13 37.85
N TYR B 473 18.19 -40.93 37.60
CA TYR B 473 19.19 -41.23 38.61
C TYR B 473 18.99 -40.37 39.85
N LEU B 474 18.82 -39.07 39.66
CA LEU B 474 18.56 -38.18 40.79
C LEU B 474 17.36 -38.69 41.57
N LYS B 475 16.41 -39.32 40.89
CA LYS B 475 15.25 -39.90 41.56
C LYS B 475 15.58 -41.24 42.20
N SER B 476 16.41 -42.04 41.53
CA SER B 476 16.71 -43.38 42.04
C SER B 476 17.62 -43.32 43.25
N ASN B 477 18.49 -42.33 43.32
CA ASN B 477 19.49 -42.23 44.38
C ASN B 477 19.31 -41.03 45.29
N HIS B 478 19.05 -39.84 44.73
CA HIS B 478 19.15 -38.59 45.47
C HIS B 478 17.78 -37.93 45.71
N ASN B 479 16.75 -38.72 45.99
CA ASN B 479 15.43 -38.12 46.15
C ASN B 479 15.40 -37.10 47.27
N GLU B 480 16.26 -37.26 48.29
CA GLU B 480 16.30 -36.31 49.39
C GLU B 480 16.37 -34.86 48.90
N LEU B 481 17.30 -34.58 47.98
CA LEU B 481 17.45 -33.22 47.49
C LEU B 481 16.19 -32.76 46.75
N LEU B 482 15.59 -33.65 45.96
CA LEU B 482 14.34 -33.31 45.29
C LEU B 482 13.25 -32.95 46.29
N THR B 483 13.16 -33.72 47.38
CA THR B 483 12.16 -33.43 48.40
C THR B 483 12.42 -32.07 49.03
N GLU B 484 13.69 -31.73 49.24
CA GLU B 484 13.99 -30.44 49.83
C GLU B 484 13.66 -29.30 48.87
N ILE B 485 14.09 -29.44 47.62
CA ILE B 485 13.83 -28.40 46.62
C ILE B 485 12.33 -28.23 46.41
N ARG B 486 11.56 -29.31 46.57
CA ARG B 486 10.12 -29.21 46.44
C ARG B 486 9.49 -28.56 47.66
N GLU B 487 9.79 -29.08 48.85
CA GLU B 487 9.13 -28.60 50.05
C GLU B 487 9.56 -27.19 50.42
N LYS B 488 10.86 -26.94 50.48
CA LYS B 488 11.34 -25.63 50.89
C LYS B 488 11.16 -24.59 49.80
N GLY B 489 11.38 -24.96 48.55
CA GLY B 489 11.23 -24.07 47.43
C GLY B 489 12.39 -23.12 47.23
N GLU B 490 13.29 -23.01 48.19
CA GLU B 490 14.47 -22.17 48.08
C GLU B 490 15.67 -22.99 48.51
N LEU B 491 16.74 -22.93 47.72
CA LEU B 491 17.91 -23.74 47.97
C LEU B 491 18.76 -23.11 49.06
N SER B 492 19.11 -23.88 50.07
CA SER B 492 20.22 -23.51 50.93
C SER B 492 21.54 -23.76 50.21
N LYS B 493 22.55 -22.98 50.58
CA LYS B 493 23.84 -23.09 49.90
C LYS B 493 24.44 -24.48 50.06
N GLU B 494 24.14 -25.14 51.18
CA GLU B 494 24.60 -26.52 51.35
C GLU B 494 23.89 -27.47 50.39
N LEU B 495 22.64 -27.18 50.05
CA LEU B 495 21.96 -27.96 49.03
C LEU B 495 22.43 -27.58 47.63
N LEU B 496 22.82 -26.32 47.43
CA LEU B 496 23.55 -25.96 46.22
C LEU B 496 24.78 -26.85 46.05
N ALA B 497 25.51 -27.08 47.14
CA ALA B 497 26.70 -27.93 47.06
C ALA B 497 26.32 -29.39 46.85
N SER B 498 25.22 -29.84 47.45
CA SER B 498 24.75 -31.21 47.21
C SER B 498 24.39 -31.42 45.74
N LEU B 499 23.73 -30.44 45.14
CA LEU B 499 23.44 -30.52 43.71
C LEU B 499 24.72 -30.50 42.88
N LYS B 500 25.75 -29.75 43.30
CA LYS B 500 27.01 -29.81 42.59
C LYS B 500 27.65 -31.20 42.69
N SER B 501 27.64 -31.77 43.89
CA SER B 501 28.17 -33.13 44.06
C SER B 501 27.41 -34.12 43.20
N ALA B 502 26.11 -33.90 42.99
CA ALA B 502 25.34 -34.81 42.16
C ALA B 502 25.66 -34.63 40.68
N THR B 503 25.75 -33.39 40.20
CA THR B 503 25.96 -33.16 38.79
C THR B 503 27.38 -33.50 38.36
N GLU B 504 28.38 -33.01 39.10
CA GLU B 504 29.76 -33.31 38.75
C GLU B 504 30.04 -34.80 38.80
N SER B 505 29.18 -35.57 39.49
CA SER B 505 29.30 -37.02 39.49
C SER B 505 28.61 -37.64 38.28
N PHE B 506 27.36 -37.23 38.03
CA PHE B 506 26.59 -37.93 37.00
C PHE B 506 27.13 -37.61 35.61
N VAL B 507 27.50 -36.36 35.36
CA VAL B 507 28.10 -36.02 34.08
C VAL B 507 29.26 -36.95 33.79
N ALA B 508 30.09 -37.23 34.80
CA ALA B 508 31.20 -38.16 34.61
C ALA B 508 30.70 -39.58 34.40
N THR B 509 29.58 -39.94 35.03
CA THR B 509 29.06 -41.30 34.89
C THR B 509 28.29 -41.51 33.59
N PHE B 510 28.01 -40.45 32.84
CA PHE B 510 27.20 -40.56 31.63
C PHE B 510 28.04 -41.06 30.46
N ASN C 26 -42.06 38.07 13.10
CA ASN C 26 -40.72 38.65 12.94
C ASN C 26 -39.71 37.59 12.54
N LEU C 27 -40.19 36.41 12.12
CA LEU C 27 -39.30 35.31 11.80
C LEU C 27 -38.28 35.68 10.73
N ASN C 28 -38.55 36.70 9.92
CA ASN C 28 -37.58 37.11 8.90
C ASN C 28 -36.29 37.61 9.52
N GLU C 29 -36.40 38.38 10.61
CA GLU C 29 -35.22 38.91 11.29
C GLU C 29 -34.72 37.99 12.40
N THR C 30 -35.63 37.30 13.10
CA THR C 30 -35.31 36.60 14.33
C THR C 30 -35.87 35.18 14.27
N GLY C 31 -34.97 34.19 14.27
CA GLY C 31 -35.36 32.81 14.27
C GLY C 31 -35.25 32.15 15.64
N ARG C 32 -35.63 30.87 15.67
CA ARG C 32 -35.56 30.03 16.87
C ARG C 32 -34.66 28.84 16.62
N VAL C 33 -33.86 28.48 17.62
CA VAL C 33 -33.02 27.30 17.52
C VAL C 33 -33.86 26.04 17.65
N LEU C 34 -33.69 25.12 16.70
CA LEU C 34 -34.32 23.82 16.74
C LEU C 34 -33.48 22.79 17.48
N ALA C 35 -32.18 22.80 17.24
CA ALA C 35 -31.26 21.80 17.74
C ALA C 35 -29.87 22.40 17.77
N VAL C 36 -29.04 21.92 18.70
CA VAL C 36 -27.71 22.46 18.86
C VAL C 36 -26.79 21.37 19.40
N GLY C 37 -25.57 21.36 18.91
CA GLY C 37 -24.59 20.41 19.38
C GLY C 37 -23.34 20.38 18.52
N ASP C 38 -22.22 20.00 19.11
CA ASP C 38 -20.96 19.82 18.41
C ASP C 38 -20.50 21.09 17.71
N GLY C 39 -20.99 22.24 18.15
CA GLY C 39 -20.64 23.50 17.54
C GLY C 39 -21.53 23.92 16.39
N ILE C 40 -22.58 23.17 16.11
CA ILE C 40 -23.49 23.48 15.01
C ILE C 40 -24.88 23.65 15.60
N ALA C 41 -25.54 24.73 15.21
CA ALA C 41 -26.91 25.01 15.56
C ALA C 41 -27.76 25.05 14.31
N ARG C 42 -28.98 24.57 14.43
CA ARG C 42 -29.96 24.61 13.36
C ARG C 42 -31.09 25.53 13.78
N VAL C 43 -31.25 26.63 13.06
CA VAL C 43 -32.16 27.70 13.43
C VAL C 43 -33.33 27.70 12.47
N PHE C 44 -34.53 27.93 13.01
CA PHE C 44 -35.76 28.02 12.25
C PHE C 44 -36.12 29.48 12.03
N GLY C 45 -36.51 29.81 10.82
CA GLY C 45 -36.75 31.18 10.45
C GLY C 45 -35.56 31.78 9.74
N LEU C 46 -35.34 33.08 9.95
CA LEU C 46 -34.27 33.81 9.28
C LEU C 46 -34.40 33.66 7.76
N ASN C 47 -35.59 33.97 7.26
CA ASN C 47 -35.87 33.80 5.84
C ASN C 47 -35.03 34.73 4.97
N ASN C 48 -34.54 35.84 5.50
CA ASN C 48 -33.83 36.84 4.70
C ASN C 48 -32.32 36.78 4.86
N ILE C 49 -31.79 35.80 5.59
CA ILE C 49 -30.38 35.82 5.93
C ILE C 49 -29.53 35.54 4.71
N GLN C 50 -28.45 36.29 4.56
CA GLN C 50 -27.49 36.09 3.49
C GLN C 50 -26.52 34.97 3.83
N ALA C 51 -26.08 34.26 2.80
CA ALA C 51 -25.11 33.19 2.99
C ALA C 51 -23.82 33.74 3.56
N GLU C 52 -23.31 33.07 4.59
CA GLU C 52 -22.09 33.45 5.28
C GLU C 52 -22.27 34.72 6.10
N GLU C 53 -23.51 35.05 6.45
CA GLU C 53 -23.80 36.16 7.35
C GLU C 53 -23.72 35.73 8.81
N LEU C 54 -23.44 36.69 9.67
CA LEU C 54 -23.32 36.45 11.09
C LEU C 54 -24.66 36.59 11.80
N VAL C 55 -24.88 35.73 12.78
CA VAL C 55 -26.05 35.75 13.64
C VAL C 55 -25.60 35.87 15.08
N GLU C 56 -26.40 36.56 15.88
CA GLU C 56 -26.12 36.81 17.28
C GLU C 56 -27.20 36.10 18.10
N PHE C 57 -26.77 35.19 18.95
CA PHE C 57 -27.68 34.45 19.81
C PHE C 57 -27.99 35.24 21.07
N SER C 58 -29.09 34.89 21.70
CA SER C 58 -29.29 35.24 23.10
C SER C 58 -28.12 34.68 23.89
N SER C 59 -27.61 35.48 24.81
CA SER C 59 -26.33 35.27 25.50
C SER C 59 -25.13 35.70 24.67
N GLY C 60 -25.36 36.31 23.51
CA GLY C 60 -24.32 37.05 22.82
C GLY C 60 -23.37 36.24 21.97
N VAL C 61 -23.44 34.91 21.99
CA VAL C 61 -22.53 34.12 21.18
C VAL C 61 -22.81 34.37 19.71
N LYS C 62 -21.75 34.45 18.91
CA LYS C 62 -21.85 34.73 17.50
C LYS C 62 -21.70 33.46 16.68
N GLY C 63 -22.25 33.48 15.48
CA GLY C 63 -22.17 32.35 14.60
C GLY C 63 -22.26 32.76 13.16
N MET C 64 -21.80 31.88 12.28
CA MET C 64 -21.75 32.13 10.86
C MET C 64 -22.70 31.17 10.14
N ALA C 65 -23.59 31.72 9.32
CA ALA C 65 -24.63 30.96 8.64
C ALA C 65 -24.08 30.41 7.33
N LEU C 66 -23.61 29.18 7.38
CA LEU C 66 -22.98 28.61 6.20
C LEU C 66 -23.97 27.87 5.32
N ASN C 67 -24.97 27.23 5.90
CA ASN C 67 -25.95 26.46 5.14
C ASN C 67 -27.30 27.15 5.17
N LEU C 68 -27.82 27.45 3.98
CA LEU C 68 -29.17 27.95 3.81
C LEU C 68 -29.99 26.85 3.17
N GLU C 69 -30.94 26.32 3.93
CA GLU C 69 -31.73 25.17 3.51
C GLU C 69 -33.19 25.58 3.39
N PRO C 70 -34.02 24.77 2.74
CA PRO C 70 -35.39 25.20 2.46
C PRO C 70 -36.16 25.68 3.68
N GLY C 71 -35.84 25.18 4.87
CA GLY C 71 -36.61 25.56 6.03
C GLY C 71 -35.81 25.75 7.30
N GLN C 72 -34.49 25.78 7.19
CA GLN C 72 -33.66 25.94 8.37
C GLN C 72 -32.28 26.43 7.93
N VAL C 73 -31.56 26.99 8.89
CA VAL C 73 -30.27 27.61 8.64
C VAL C 73 -29.22 26.97 9.54
N GLY C 74 -28.07 26.64 8.96
CA GLY C 74 -26.98 26.04 9.69
C GLY C 74 -25.92 27.04 10.14
N ILE C 75 -25.91 27.31 11.44
CA ILE C 75 -25.00 28.29 12.03
C ILE C 75 -23.86 27.53 12.69
N VAL C 76 -22.64 27.95 12.40
CA VAL C 76 -21.44 27.44 13.03
C VAL C 76 -21.00 28.45 14.09
N LEU C 77 -20.83 27.98 15.32
CA LEU C 77 -20.66 28.85 16.46
C LEU C 77 -19.20 29.19 16.67
N PHE C 78 -18.92 30.47 16.83
CA PHE C 78 -17.58 30.95 17.13
C PHE C 78 -17.18 30.73 18.58
N GLY C 79 -18.06 30.16 19.40
CA GLY C 79 -17.78 29.98 20.81
C GLY C 79 -18.34 28.67 21.32
N SER C 80 -18.27 28.53 22.64
CA SER C 80 -18.73 27.32 23.31
C SER C 80 -20.25 27.18 23.17
N ASP C 81 -20.68 25.97 22.83
CA ASP C 81 -22.09 25.69 22.58
C ASP C 81 -22.91 25.58 23.86
N ARG C 82 -22.28 25.51 25.02
CA ARG C 82 -23.03 25.43 26.28
C ARG C 82 -24.05 26.53 26.41
N LEU C 83 -23.73 27.72 25.89
CA LEU C 83 -24.59 28.89 26.09
C LEU C 83 -25.87 28.79 25.28
N VAL C 84 -25.83 28.12 24.14
CA VAL C 84 -26.98 28.07 23.23
C VAL C 84 -27.86 26.91 23.61
N LYS C 85 -29.15 27.17 23.70
CA LYS C 85 -30.15 26.18 24.07
C LYS C 85 -31.30 26.24 23.09
N GLU C 86 -31.98 25.10 22.93
CA GLU C 86 -33.15 25.06 22.08
C GLU C 86 -34.16 26.10 22.54
N GLY C 87 -34.84 26.71 21.58
CA GLY C 87 -35.72 27.83 21.84
C GLY C 87 -35.04 29.17 21.84
N GLU C 88 -33.72 29.22 21.72
CA GLU C 88 -33.01 30.48 21.74
C GLU C 88 -33.41 31.36 20.56
N LEU C 89 -33.74 32.61 20.86
CA LEU C 89 -33.95 33.60 19.81
C LEU C 89 -32.60 33.99 19.22
N VAL C 90 -32.53 33.96 17.90
CA VAL C 90 -31.30 34.20 17.15
C VAL C 90 -31.56 35.33 16.16
N LYS C 91 -30.82 36.41 16.28
CA LYS C 91 -31.08 37.63 15.55
C LYS C 91 -29.95 37.89 14.57
N ARG C 92 -30.30 38.19 13.32
CA ARG C 92 -29.30 38.42 12.30
C ARG C 92 -28.66 39.80 12.45
N THR C 93 -27.41 39.88 12.04
CA THR C 93 -26.62 41.10 12.17
C THR C 93 -26.62 41.96 10.92
N GLY C 94 -26.76 41.34 9.76
CA GLY C 94 -26.63 42.04 8.50
C GLY C 94 -25.21 42.27 8.06
N ASN C 95 -24.25 41.55 8.62
CA ASN C 95 -22.84 41.81 8.42
C ASN C 95 -22.14 40.54 7.98
N ILE C 96 -21.56 40.55 6.79
CA ILE C 96 -20.63 39.49 6.42
C ILE C 96 -19.34 39.69 7.20
N VAL C 97 -18.72 38.59 7.59
CA VAL C 97 -17.63 38.67 8.56
C VAL C 97 -16.52 39.56 8.02
N ASP C 98 -16.11 40.52 8.85
CA ASP C 98 -15.10 41.48 8.47
C ASP C 98 -14.15 41.70 9.64
N VAL C 99 -12.98 42.23 9.33
CA VAL C 99 -11.93 42.45 10.33
C VAL C 99 -11.31 43.81 10.11
N PRO C 100 -10.82 44.43 11.17
CA PRO C 100 -10.20 45.74 11.04
C PRO C 100 -8.87 45.65 10.33
N VAL C 101 -8.53 46.74 9.62
CA VAL C 101 -7.31 46.82 8.86
C VAL C 101 -6.74 48.22 9.01
N GLY C 102 -5.43 48.32 8.86
CA GLY C 102 -4.71 49.54 9.06
C GLY C 102 -3.31 49.30 9.56
N PRO C 103 -2.53 50.37 9.70
CA PRO C 103 -1.17 50.21 10.21
C PRO C 103 -1.09 50.07 11.72
N GLY C 104 -2.11 50.53 12.45
CA GLY C 104 -2.09 50.40 13.89
C GLY C 104 -2.06 48.98 14.39
N LEU C 105 -2.25 48.01 13.50
CA LEU C 105 -2.16 46.61 13.89
C LEU C 105 -0.73 46.14 14.03
N LEU C 106 0.24 46.91 13.55
CA LEU C 106 1.63 46.49 13.57
C LEU C 106 2.11 46.33 15.00
N GLY C 107 2.70 45.18 15.29
CA GLY C 107 3.20 44.88 16.60
C GLY C 107 2.20 44.25 17.54
N ARG C 108 1.11 43.73 17.02
CA ARG C 108 0.01 43.24 17.83
C ARG C 108 -0.29 41.78 17.54
N VAL C 109 -0.88 41.12 18.53
CA VAL C 109 -1.39 39.76 18.39
C VAL C 109 -2.91 39.85 18.46
N VAL C 110 -3.57 39.38 17.42
CA VAL C 110 -5.01 39.53 17.27
C VAL C 110 -5.61 38.19 16.93
N ASP C 111 -6.86 37.99 17.35
CA ASP C 111 -7.58 36.77 17.04
C ASP C 111 -8.12 36.82 15.61
N ALA C 112 -8.85 35.78 15.24
CA ALA C 112 -9.33 35.61 13.88
C ALA C 112 -10.26 36.73 13.43
N LEU C 113 -10.71 37.57 14.35
CA LEU C 113 -11.62 38.66 14.02
C LEU C 113 -11.03 40.02 14.35
N GLY C 114 -9.74 40.09 14.61
CA GLY C 114 -9.07 41.35 14.87
C GLY C 114 -9.14 41.85 16.29
N ASN C 115 -9.64 41.03 17.22
CA ASN C 115 -9.68 41.48 18.60
C ASN C 115 -8.33 41.27 19.26
N PRO C 116 -7.83 42.25 20.01
CA PRO C 116 -6.50 42.13 20.58
C PRO C 116 -6.46 41.14 21.73
N ILE C 117 -5.48 40.23 21.69
CA ILE C 117 -5.25 39.26 22.75
C ILE C 117 -3.91 39.43 23.41
N ASP C 118 -3.15 40.46 23.06
CA ASP C 118 -1.87 40.75 23.71
C ASP C 118 -2.02 41.61 24.95
N GLY C 119 -3.18 42.23 25.15
CA GLY C 119 -3.40 43.04 26.32
C GLY C 119 -2.75 44.41 26.31
N LYS C 120 -2.02 44.76 25.24
CA LYS C 120 -1.46 46.10 25.15
C LYS C 120 -2.52 47.17 24.94
N GLY C 121 -3.76 46.78 24.69
CA GLY C 121 -4.82 47.75 24.52
C GLY C 121 -5.56 47.59 23.20
N PRO C 122 -6.33 48.62 22.84
CA PRO C 122 -7.19 48.50 21.67
C PRO C 122 -6.44 48.68 20.37
N ILE C 123 -7.04 48.17 19.30
CA ILE C 123 -6.53 48.35 17.96
C ILE C 123 -7.03 49.66 17.40
N ASP C 124 -6.17 50.41 16.72
CA ASP C 124 -6.56 51.56 15.94
C ASP C 124 -6.52 51.16 14.47
N ALA C 125 -7.62 51.38 13.77
CA ALA C 125 -7.81 50.81 12.45
C ALA C 125 -8.17 51.89 11.45
N ALA C 126 -7.53 51.83 10.28
CA ALA C 126 -7.86 52.72 9.18
C ALA C 126 -9.17 52.35 8.51
N GLY C 127 -9.65 51.13 8.73
CA GLY C 127 -10.92 50.74 8.17
C GLY C 127 -11.25 49.32 8.55
N ARG C 128 -12.27 48.77 7.91
CA ARG C 128 -12.60 47.36 8.03
C ARG C 128 -12.72 46.75 6.65
N SER C 129 -12.30 45.50 6.53
CA SER C 129 -12.32 44.79 5.27
C SER C 129 -12.92 43.40 5.45
N ARG C 130 -13.71 42.99 4.46
CA ARG C 130 -14.33 41.68 4.49
C ARG C 130 -13.28 40.58 4.43
N ALA C 131 -13.66 39.40 4.91
CA ALA C 131 -12.76 38.26 4.88
C ALA C 131 -12.60 37.70 3.47
N GLN C 132 -13.72 37.27 2.88
CA GLN C 132 -13.65 36.61 1.58
C GLN C 132 -13.89 37.59 0.45
N VAL C 133 -13.02 38.58 0.34
CA VAL C 133 -13.03 39.46 -0.81
C VAL C 133 -12.45 38.71 -2.00
N LYS C 134 -12.78 39.20 -3.19
CA LYS C 134 -12.32 38.55 -4.40
C LYS C 134 -10.90 38.98 -4.74
N ALA C 135 -10.10 38.01 -5.16
CA ALA C 135 -8.73 38.27 -5.55
C ALA C 135 -8.69 39.20 -6.76
N PRO C 136 -7.56 39.88 -6.96
CA PRO C 136 -7.40 40.68 -8.18
C PRO C 136 -7.25 39.80 -9.41
N GLY C 137 -7.62 40.36 -10.54
CA GLY C 137 -7.68 39.62 -11.78
C GLY C 137 -6.40 39.67 -12.59
N ILE C 138 -6.53 39.25 -13.85
CA ILE C 138 -5.39 39.19 -14.76
C ILE C 138 -4.77 40.58 -14.93
N LEU C 139 -5.57 41.55 -15.29
CA LEU C 139 -5.12 42.82 -15.84
C LEU C 139 -4.32 43.67 -14.86
N PRO C 140 -4.76 43.86 -13.61
CA PRO C 140 -4.06 44.78 -12.72
C PRO C 140 -2.70 44.31 -12.23
N ARG C 141 -2.35 43.04 -12.41
CA ARG C 141 -1.11 42.51 -11.89
C ARG C 141 0.08 42.98 -12.72
N ARG C 142 1.27 42.81 -12.12
CA ARG C 142 2.55 42.93 -12.80
C ARG C 142 3.41 41.73 -12.39
N SER C 143 4.33 41.37 -13.27
CA SER C 143 5.13 40.17 -13.05
C SER C 143 6.09 40.34 -11.88
N VAL C 144 6.33 39.22 -11.20
CA VAL C 144 7.25 39.21 -10.08
C VAL C 144 8.66 39.46 -10.58
N HIS C 145 9.30 40.50 -10.05
CA HIS C 145 10.64 40.83 -10.49
C HIS C 145 11.56 41.32 -9.37
N GLU C 146 11.12 41.27 -8.12
CA GLU C 146 11.93 41.78 -7.02
C GLU C 146 11.94 40.81 -5.85
N PRO C 147 13.04 40.73 -5.10
CA PRO C 147 13.27 39.57 -4.24
C PRO C 147 12.74 39.73 -2.82
N VAL C 148 12.29 38.61 -2.27
CA VAL C 148 11.98 38.48 -0.85
C VAL C 148 13.19 37.81 -0.22
N GLN C 149 14.13 38.64 0.23
CA GLN C 149 15.42 38.15 0.69
C GLN C 149 15.28 37.46 2.04
N THR C 150 15.44 36.14 2.03
CA THR C 150 15.33 35.33 3.22
C THR C 150 16.59 35.32 4.07
N GLY C 151 17.74 35.58 3.47
CA GLY C 151 18.98 35.40 4.17
C GLY C 151 19.40 33.96 4.36
N LEU C 152 18.70 33.03 3.72
CA LEU C 152 19.08 31.63 3.74
C LEU C 152 19.69 31.27 2.39
N LYS C 153 20.93 30.78 2.43
CA LYS C 153 21.65 30.48 1.22
C LYS C 153 20.89 29.51 0.34
N ALA C 154 20.33 28.46 0.94
CA ALA C 154 19.70 27.40 0.18
C ALA C 154 18.45 27.86 -0.54
N VAL C 155 17.94 29.04 -0.22
CA VAL C 155 16.69 29.51 -0.80
C VAL C 155 16.98 30.58 -1.83
N ASP C 156 17.61 31.66 -1.39
CA ASP C 156 17.87 32.79 -2.27
C ASP C 156 18.69 32.37 -3.49
N ALA C 157 19.54 31.35 -3.34
CA ALA C 157 20.42 30.94 -4.41
C ALA C 157 19.91 29.74 -5.20
N LEU C 158 18.92 29.02 -4.69
CA LEU C 158 18.45 27.82 -5.35
C LEU C 158 16.94 27.78 -5.57
N VAL C 159 16.14 28.40 -4.73
CA VAL C 159 14.69 28.45 -4.91
C VAL C 159 14.20 29.85 -4.55
N PRO C 160 14.48 30.84 -5.38
CA PRO C 160 14.19 32.22 -5.00
C PRO C 160 12.71 32.51 -4.86
N ILE C 161 12.38 33.35 -3.89
CA ILE C 161 11.02 33.78 -3.62
C ILE C 161 10.92 35.23 -4.04
N GLY C 162 9.89 35.55 -4.80
CA GLY C 162 9.67 36.91 -5.25
C GLY C 162 8.51 37.59 -4.56
N ARG C 163 8.41 38.89 -4.72
CA ARG C 163 7.33 39.67 -4.16
C ARG C 163 6.12 39.57 -5.08
N GLY C 164 5.08 38.90 -4.61
CA GLY C 164 3.95 38.52 -5.42
C GLY C 164 3.82 37.04 -5.63
N GLN C 165 4.65 36.25 -4.97
CA GLN C 165 4.76 34.82 -5.18
C GLN C 165 3.97 34.05 -4.11
N ARG C 166 3.86 32.75 -4.35
CA ARG C 166 3.22 31.83 -3.43
C ARG C 166 4.09 30.59 -3.33
N GLU C 167 4.82 30.46 -2.22
CA GLU C 167 5.79 29.39 -2.05
C GLU C 167 5.38 28.52 -0.87
N LEU C 168 5.15 27.24 -1.15
CA LEU C 168 4.73 26.26 -0.15
C LEU C 168 5.93 25.71 0.60
N ILE C 169 5.97 25.93 1.90
CA ILE C 169 6.96 25.30 2.76
C ILE C 169 6.36 23.98 3.23
N ILE C 170 6.85 22.87 2.68
CA ILE C 170 6.23 21.57 2.88
C ILE C 170 7.22 20.66 3.56
N GLY C 171 6.76 19.94 4.58
CA GLY C 171 7.61 18.93 5.16
C GLY C 171 6.98 18.27 6.36
N ASP C 172 7.58 17.15 6.73
CA ASP C 172 7.13 16.37 7.86
C ASP C 172 7.27 17.15 9.15
N ARG C 173 6.71 16.59 10.22
CA ARG C 173 6.76 17.22 11.53
C ARG C 173 8.19 17.52 11.95
N GLN C 174 8.37 18.67 12.59
CA GLN C 174 9.63 19.02 13.23
C GLN C 174 10.79 18.97 12.25
N THR C 175 10.62 19.63 11.10
CA THR C 175 11.59 19.59 10.02
C THR C 175 12.26 20.93 9.72
N GLY C 176 11.70 22.05 10.17
CA GLY C 176 12.36 23.33 9.99
C GLY C 176 11.55 24.42 9.32
N LYS C 177 10.25 24.16 9.13
CA LYS C 177 9.43 25.05 8.33
C LYS C 177 9.25 26.41 8.99
N THR C 178 8.83 26.41 10.25
CA THR C 178 8.62 27.66 10.96
C THR C 178 9.92 28.43 11.05
N ALA C 179 11.05 27.71 11.13
CA ALA C 179 12.35 28.36 11.13
C ALA C 179 12.59 29.12 9.85
N VAL C 180 12.21 28.54 8.71
CA VAL C 180 12.38 29.23 7.44
C VAL C 180 11.53 30.49 7.41
N ALA C 181 10.26 30.36 7.74
CA ALA C 181 9.38 31.52 7.71
C ALA C 181 9.88 32.61 8.65
N LEU C 182 10.44 32.22 9.79
CA LEU C 182 10.79 33.20 10.81
C LEU C 182 12.12 33.85 10.51
N ASP C 183 13.05 33.11 9.90
CA ASP C 183 14.27 33.74 9.40
C ASP C 183 13.96 34.72 8.29
N THR C 184 12.98 34.39 7.44
CA THR C 184 12.53 35.33 6.44
C THR C 184 11.98 36.60 7.09
N ILE C 185 11.20 36.44 8.15
CA ILE C 185 10.68 37.60 8.87
C ILE C 185 11.83 38.42 9.45
N LEU C 186 12.79 37.75 10.07
CA LEU C 186 13.83 38.43 10.83
C LEU C 186 14.87 39.11 9.96
N ASN C 187 15.02 38.67 8.71
CA ASN C 187 16.03 39.26 7.83
C ASN C 187 15.61 40.59 7.27
N GLN C 188 14.35 40.97 7.42
CA GLN C 188 13.86 42.21 6.86
C GLN C 188 14.26 43.42 7.68
N LYS C 189 14.95 43.19 8.79
CA LYS C 189 15.31 44.27 9.70
C LYS C 189 16.26 45.27 9.06
N ARG C 190 17.07 44.81 8.11
CA ARG C 190 18.05 45.68 7.49
C ARG C 190 17.42 46.64 6.49
N TRP C 191 16.22 46.34 6.02
CA TRP C 191 15.50 47.21 5.11
C TRP C 191 14.38 47.99 5.78
N ASN C 192 13.70 47.38 6.76
CA ASN C 192 12.50 47.98 7.30
C ASN C 192 12.80 49.16 8.20
N ASN C 193 13.96 49.17 8.84
CA ASN C 193 14.42 50.38 9.50
C ASN C 193 14.73 51.48 8.49
N GLY C 194 14.86 51.13 7.21
CA GLY C 194 15.16 52.12 6.21
C GLY C 194 14.00 53.06 5.94
N SER C 195 14.33 54.16 5.28
CA SER C 195 13.35 55.16 4.91
C SER C 195 12.70 54.88 3.55
N ASP C 196 13.34 54.07 2.70
CA ASP C 196 12.83 53.76 1.38
C ASP C 196 11.69 52.76 1.51
N GLU C 197 10.46 53.25 1.41
CA GLU C 197 9.30 52.40 1.63
C GLU C 197 9.15 51.31 0.57
N SER C 198 9.92 51.37 -0.51
CA SER C 198 9.82 50.38 -1.57
C SER C 198 10.53 49.08 -1.23
N LYS C 199 11.41 49.09 -0.24
CA LYS C 199 12.20 47.92 0.12
C LYS C 199 11.67 47.22 1.35
N LYS C 200 11.08 47.97 2.28
CA LYS C 200 10.62 47.38 3.52
C LYS C 200 9.40 46.51 3.29
N LEU C 201 9.41 45.34 3.91
CA LEU C 201 8.38 44.33 3.77
C LEU C 201 7.78 44.05 5.13
N TYR C 202 6.49 44.33 5.28
CA TYR C 202 5.77 44.02 6.50
C TYR C 202 5.33 42.56 6.49
N CYS C 203 5.11 42.02 7.68
CA CYS C 203 4.88 40.60 7.87
C CYS C 203 3.57 40.34 8.60
N VAL C 204 2.91 39.25 8.24
CA VAL C 204 1.75 38.73 8.95
C VAL C 204 1.95 37.23 9.15
N TYR C 205 1.76 36.77 10.37
CA TYR C 205 1.90 35.37 10.73
C TYR C 205 0.58 34.84 11.23
N VAL C 206 0.04 33.83 10.56
CA VAL C 206 -1.24 33.24 10.89
C VAL C 206 -0.98 31.88 11.54
N ALA C 207 -1.15 31.83 12.86
CA ALA C 207 -1.02 30.59 13.62
C ALA C 207 -2.37 29.90 13.69
N VAL C 208 -2.55 28.89 12.86
CA VAL C 208 -3.77 28.10 12.84
C VAL C 208 -3.47 26.74 13.44
N GLY C 209 -4.22 26.38 14.48
CA GLY C 209 -4.07 25.11 15.15
C GLY C 209 -2.92 25.04 16.13
N GLN C 210 -2.11 26.08 16.23
CA GLN C 210 -1.00 26.07 17.16
C GLN C 210 -1.48 26.35 18.58
N LYS C 211 -0.70 25.87 19.54
CA LYS C 211 -1.00 26.16 20.94
C LYS C 211 -0.45 27.52 21.33
N ARG C 212 -1.12 28.14 22.30
CA ARG C 212 -0.85 29.52 22.63
C ARG C 212 0.59 29.73 23.10
N SER C 213 1.17 28.72 23.74
CA SER C 213 2.54 28.85 24.22
C SER C 213 3.54 28.93 23.08
N THR C 214 3.26 28.28 21.95
CA THR C 214 4.13 28.42 20.80
C THR C 214 4.10 29.84 20.26
N VAL C 215 2.93 30.47 20.26
CA VAL C 215 2.83 31.85 19.84
C VAL C 215 3.53 32.76 20.85
N ALA C 216 3.45 32.43 22.13
CA ALA C 216 4.20 33.18 23.12
C ALA C 216 5.69 33.13 22.86
N GLN C 217 6.22 31.96 22.52
CA GLN C 217 7.64 31.86 22.24
C GLN C 217 8.01 32.57 20.94
N LEU C 218 7.13 32.53 19.94
CA LEU C 218 7.41 33.21 18.67
C LEU C 218 7.43 34.71 18.87
N VAL C 219 6.48 35.25 19.64
CA VAL C 219 6.49 36.67 19.93
C VAL C 219 7.71 37.03 20.76
N GLN C 220 8.17 36.13 21.63
CA GLN C 220 9.41 36.40 22.34
C GLN C 220 10.58 36.53 21.38
N THR C 221 10.69 35.60 20.42
CA THR C 221 11.78 35.67 19.46
C THR C 221 11.71 36.96 18.65
N LEU C 222 10.52 37.31 18.19
CA LEU C 222 10.37 38.52 17.38
C LEU C 222 10.62 39.78 18.20
N GLU C 223 10.30 39.77 19.49
CA GLU C 223 10.58 40.92 20.34
C GLU C 223 12.08 41.07 20.58
N GLN C 224 12.75 39.96 20.89
CA GLN C 224 14.20 39.99 21.08
C GLN C 224 14.89 40.62 19.88
N HIS C 225 14.48 40.22 18.68
CA HIS C 225 15.09 40.67 17.46
C HIS C 225 14.53 41.99 16.96
N ASP C 226 13.55 42.56 17.65
CA ASP C 226 12.92 43.83 17.29
C ASP C 226 12.12 43.73 16.00
N ALA C 227 11.65 42.54 15.66
CA ALA C 227 10.88 42.32 14.46
C ALA C 227 9.38 42.53 14.65
N MET C 228 8.91 42.72 15.88
CA MET C 228 7.48 42.85 16.09
C MET C 228 6.95 44.15 15.49
N LYS C 229 7.76 45.20 15.50
CA LYS C 229 7.33 46.49 15.00
C LYS C 229 6.96 46.47 13.53
N TYR C 230 7.24 45.37 12.82
CA TYR C 230 6.81 45.21 11.45
C TYR C 230 6.09 43.89 11.22
N SER C 231 5.52 43.30 12.28
CA SER C 231 4.88 42.00 12.22
C SER C 231 3.51 42.06 12.89
N ILE C 232 2.51 41.47 12.24
CA ILE C 232 1.20 41.22 12.81
C ILE C 232 1.03 39.73 12.98
N ILE C 233 0.59 39.30 14.14
CA ILE C 233 0.33 37.89 14.44
C ILE C 233 -1.17 37.70 14.58
N VAL C 234 -1.71 36.73 13.86
CA VAL C 234 -3.12 36.39 13.91
C VAL C 234 -3.21 34.95 14.37
N ALA C 235 -3.91 34.73 15.49
CA ALA C 235 -3.83 33.48 16.23
C ALA C 235 -5.19 32.84 16.41
N ALA C 236 -5.51 31.87 15.55
CA ALA C 236 -6.64 30.98 15.76
C ALA C 236 -6.11 29.68 16.35
N THR C 237 -5.88 29.71 17.66
CA THR C 237 -5.24 28.61 18.35
C THR C 237 -6.15 27.40 18.46
N ALA C 238 -5.56 26.29 18.92
CA ALA C 238 -6.26 25.01 18.96
C ALA C 238 -7.57 25.10 19.71
N SER C 239 -7.58 25.79 20.84
CA SER C 239 -8.79 25.90 21.63
C SER C 239 -9.84 26.78 20.97
N GLU C 240 -9.43 27.57 19.98
CA GLU C 240 -10.39 28.40 19.25
C GLU C 240 -11.35 27.50 18.48
N ALA C 241 -12.61 27.92 18.44
CA ALA C 241 -13.62 27.17 17.71
C ALA C 241 -13.17 26.97 16.27
N ALA C 242 -13.52 25.82 15.71
CA ALA C 242 -13.13 25.47 14.36
C ALA C 242 -13.50 26.52 13.32
N PRO C 243 -14.65 27.18 13.39
CA PRO C 243 -14.92 28.25 12.44
C PRO C 243 -13.85 29.32 12.42
N LEU C 244 -13.32 29.69 13.58
CA LEU C 244 -12.30 30.73 13.62
C LEU C 244 -10.98 30.24 13.04
N GLN C 245 -10.69 28.94 13.17
CA GLN C 245 -9.49 28.40 12.54
C GLN C 245 -9.64 28.35 11.04
N TYR C 246 -10.86 28.12 10.56
CA TYR C 246 -11.14 28.17 9.13
C TYR C 246 -11.06 29.60 8.61
N LEU C 247 -11.46 30.56 9.43
CA LEU C 247 -11.63 31.94 8.96
C LEU C 247 -10.36 32.78 9.12
N ALA C 248 -9.48 32.44 10.04
CA ALA C 248 -8.34 33.30 10.33
C ALA C 248 -7.49 33.61 9.11
N PRO C 249 -7.18 32.65 8.24
CA PRO C 249 -6.33 32.98 7.10
C PRO C 249 -6.92 34.04 6.20
N PHE C 250 -8.23 34.03 5.99
CA PHE C 250 -8.83 35.03 5.11
C PHE C 250 -8.74 36.42 5.73
N THR C 251 -8.93 36.52 7.04
CA THR C 251 -8.83 37.81 7.70
C THR C 251 -7.40 38.32 7.72
N ALA C 252 -6.42 37.43 7.91
CA ALA C 252 -5.03 37.85 7.84
C ALA C 252 -4.67 38.29 6.42
N ALA C 253 -5.20 37.58 5.42
CA ALA C 253 -5.02 38.01 4.04
C ALA C 253 -5.61 39.39 3.84
N SER C 254 -6.77 39.65 4.41
CA SER C 254 -7.40 40.96 4.25
C SER C 254 -6.59 42.03 4.96
N ILE C 255 -5.90 41.67 6.03
CA ILE C 255 -5.01 42.60 6.70
C ILE C 255 -3.83 42.95 5.82
N GLY C 256 -3.23 41.95 5.18
CA GLY C 256 -2.12 42.21 4.27
C GLY C 256 -2.56 42.96 3.02
N GLU C 257 -3.76 42.69 2.56
CA GLU C 257 -4.26 43.34 1.36
C GLU C 257 -4.36 44.84 1.54
N TRP C 258 -4.42 45.34 2.78
CA TRP C 258 -4.39 46.78 2.97
C TRP C 258 -3.04 47.34 2.57
N PHE C 259 -1.97 46.67 2.97
CA PHE C 259 -0.64 47.10 2.56
C PHE C 259 -0.49 46.98 1.06
N ARG C 260 -1.04 45.92 0.48
CA ARG C 260 -1.01 45.78 -0.98
C ARG C 260 -1.71 46.94 -1.67
N ASP C 261 -2.94 47.24 -1.25
CA ASP C 261 -3.76 48.24 -1.90
C ASP C 261 -3.31 49.66 -1.60
N ASN C 262 -2.43 49.86 -0.63
CA ASN C 262 -1.88 51.17 -0.34
C ASN C 262 -0.41 51.31 -0.76
N GLY C 263 0.05 50.46 -1.66
CA GLY C 263 1.38 50.61 -2.22
C GLY C 263 2.49 50.12 -1.35
N LYS C 264 2.17 49.30 -0.36
CA LYS C 264 3.15 48.71 0.53
C LYS C 264 3.28 47.23 0.23
N HIS C 265 4.24 46.61 0.89
CA HIS C 265 4.59 45.22 0.63
C HIS C 265 4.42 44.38 1.88
N ALA C 266 3.92 43.16 1.67
CA ALA C 266 3.57 42.27 2.76
C ALA C 266 3.96 40.83 2.45
N LEU C 267 4.22 40.08 3.51
CA LEU C 267 4.53 38.65 3.47
C LEU C 267 3.63 37.96 4.47
N ILE C 268 2.74 37.10 3.99
CA ILE C 268 1.80 36.40 4.83
C ILE C 268 2.21 34.94 4.91
N VAL C 269 2.49 34.48 6.12
CA VAL C 269 2.89 33.11 6.40
C VAL C 269 1.70 32.41 7.05
N TYR C 270 1.31 31.28 6.52
CA TYR C 270 0.26 30.45 7.09
C TYR C 270 0.87 29.21 7.70
N ASP C 271 0.71 29.05 9.03
CA ASP C 271 1.25 27.91 9.77
C ASP C 271 0.10 27.34 10.61
N ASP C 272 -0.66 26.38 10.06
CA ASP C 272 -0.51 25.86 8.71
C ASP C 272 -1.86 25.48 8.13
N LEU C 273 -1.89 25.37 6.80
CA LEU C 273 -3.14 25.22 6.08
C LEU C 273 -3.74 23.83 6.21
N SER C 274 -2.94 22.83 6.57
CA SER C 274 -3.49 21.51 6.83
C SER C 274 -4.49 21.56 7.97
N LYS C 275 -4.22 22.35 8.99
CA LYS C 275 -5.11 22.46 10.13
C LYS C 275 -6.35 23.30 9.83
N GLN C 276 -6.23 24.29 8.95
CA GLN C 276 -7.43 24.93 8.42
C GLN C 276 -8.29 23.92 7.68
N ALA C 277 -7.65 23.02 6.93
CA ALA C 277 -8.42 21.98 6.26
C ALA C 277 -9.10 21.06 7.25
N VAL C 278 -8.43 20.72 8.34
CA VAL C 278 -9.05 19.87 9.35
C VAL C 278 -10.25 20.58 9.98
N ALA C 279 -10.13 21.88 10.21
CA ALA C 279 -11.25 22.63 10.78
C ALA C 279 -12.41 22.71 9.81
N TYR C 280 -12.10 22.94 8.53
CA TYR C 280 -13.15 22.97 7.53
C TYR C 280 -13.83 21.62 7.39
N ARG C 281 -13.08 20.54 7.55
CA ARG C 281 -13.66 19.21 7.53
C ARG C 281 -14.60 19.00 8.71
N GLN C 282 -14.16 19.40 9.90
CA GLN C 282 -15.04 19.33 11.06
C GLN C 282 -16.34 20.07 10.81
N LEU C 283 -16.23 21.33 10.38
CA LEU C 283 -17.41 22.13 10.09
C LEU C 283 -18.30 21.43 9.08
N SER C 284 -17.73 20.94 7.98
CA SER C 284 -18.52 20.37 6.91
C SER C 284 -19.24 19.11 7.36
N LEU C 285 -18.53 18.22 8.05
CA LEU C 285 -19.13 16.97 8.47
C LEU C 285 -20.20 17.19 9.52
N LEU C 286 -20.00 18.14 10.42
CA LEU C 286 -21.05 18.42 11.40
C LEU C 286 -22.23 19.14 10.77
N LEU C 287 -22.04 19.79 9.64
CA LEU C 287 -23.13 20.32 8.84
C LEU C 287 -23.76 19.28 7.92
N ARG C 288 -23.28 18.04 7.98
CA ARG C 288 -23.83 16.92 7.23
C ARG C 288 -23.64 17.08 5.72
N ARG C 289 -22.60 17.79 5.31
CA ARG C 289 -22.20 17.78 3.91
C ARG C 289 -21.42 16.50 3.60
N PRO C 290 -21.51 16.01 2.37
CA PRO C 290 -20.91 14.71 2.05
C PRO C 290 -19.41 14.81 1.89
N PRO C 291 -18.66 13.88 2.44
CA PRO C 291 -17.20 13.93 2.34
C PRO C 291 -16.69 13.42 1.00
N GLY C 292 -15.49 13.85 0.69
CA GLY C 292 -14.75 13.41 -0.49
C GLY C 292 -13.59 12.51 -0.12
N ARG C 293 -12.44 12.79 -0.71
CA ARG C 293 -11.26 12.00 -0.41
C ARG C 293 -10.76 12.29 1.00
N GLU C 294 -10.28 11.24 1.66
CA GLU C 294 -9.64 11.33 2.96
C GLU C 294 -10.55 12.05 3.96
N ALA C 295 -11.85 11.89 3.79
CA ALA C 295 -12.89 12.42 4.67
C ALA C 295 -13.03 13.93 4.55
N TYR C 296 -12.22 14.55 3.71
CA TYR C 296 -12.30 15.98 3.54
C TYR C 296 -13.51 16.35 2.68
N PRO C 297 -13.95 17.59 2.75
CA PRO C 297 -15.07 18.01 1.91
C PRO C 297 -14.64 18.17 0.47
N GLY C 298 -15.66 18.25 -0.39
CA GLY C 298 -15.40 18.31 -1.81
C GLY C 298 -14.67 19.57 -2.23
N ASP C 299 -14.98 20.69 -1.58
CA ASP C 299 -14.55 22.00 -2.04
C ASP C 299 -13.41 22.58 -1.20
N VAL C 300 -12.49 21.74 -0.73
CA VAL C 300 -11.33 22.24 -0.02
C VAL C 300 -10.36 22.93 -0.97
N PHE C 301 -10.29 22.48 -2.21
CA PHE C 301 -9.47 23.17 -3.20
C PHE C 301 -9.96 24.60 -3.37
N TYR C 302 -11.28 24.78 -3.45
CA TYR C 302 -11.83 26.12 -3.53
C TYR C 302 -11.64 26.90 -2.24
N LEU C 303 -11.44 26.20 -1.12
CA LEU C 303 -11.10 26.89 0.12
C LEU C 303 -9.71 27.50 0.04
N HIS C 304 -8.73 26.70 -0.34
CA HIS C 304 -7.35 27.18 -0.34
C HIS C 304 -7.03 28.07 -1.53
N SER C 305 -7.67 27.82 -2.67
CA SER C 305 -7.35 28.57 -3.88
C SER C 305 -7.74 30.03 -3.74
N ARG C 306 -8.96 30.29 -3.29
CA ARG C 306 -9.42 31.65 -3.10
C ARG C 306 -8.80 32.30 -1.89
N LEU C 307 -7.93 31.60 -1.18
CA LEU C 307 -7.08 32.15 -0.16
C LEU C 307 -5.73 32.57 -0.71
N LEU C 308 -5.08 31.68 -1.45
CA LEU C 308 -3.67 31.86 -1.77
C LEU C 308 -3.45 32.89 -2.86
N GLU C 309 -4.20 32.80 -3.95
CA GLU C 309 -3.93 33.67 -5.08
C GLU C 309 -4.60 35.02 -4.95
N ARG C 310 -4.97 35.39 -3.72
CA ARG C 310 -5.15 36.79 -3.38
C ARG C 310 -3.80 37.49 -3.28
N ALA C 311 -2.74 36.73 -3.08
CA ALA C 311 -1.39 37.25 -3.26
C ALA C 311 -1.20 37.74 -4.69
N ALA C 312 -0.63 38.92 -4.84
CA ALA C 312 -0.47 39.51 -6.16
C ALA C 312 0.63 40.56 -6.12
N LYS C 313 1.11 40.88 -7.32
CA LYS C 313 2.00 42.01 -7.55
C LYS C 313 1.28 42.98 -8.47
N LEU C 314 0.94 44.13 -7.94
CA LEU C 314 0.12 45.10 -8.64
C LEU C 314 0.97 46.09 -9.42
N SER C 315 0.40 46.56 -10.53
CA SER C 315 1.08 47.46 -11.44
C SER C 315 0.99 48.91 -10.95
N GLU C 316 1.81 49.77 -11.55
CA GLU C 316 1.88 51.16 -11.11
C GLU C 316 0.49 51.80 -11.11
N LYS C 317 -0.39 51.35 -12.00
CA LYS C 317 -1.74 51.87 -12.04
C LYS C 317 -2.44 51.68 -10.71
N GLU C 318 -2.15 50.57 -10.03
CA GLU C 318 -2.84 50.20 -8.80
C GLU C 318 -1.95 50.30 -7.56
N GLY C 319 -0.78 50.92 -7.67
CA GLY C 319 -0.01 51.31 -6.52
C GLY C 319 1.24 50.52 -6.24
N SER C 320 1.61 49.59 -7.10
CA SER C 320 2.86 48.85 -7.04
C SER C 320 2.96 47.92 -5.84
N GLY C 321 1.90 47.73 -5.09
CA GLY C 321 1.98 46.91 -3.91
C GLY C 321 2.13 45.43 -4.21
N SER C 322 2.42 44.69 -3.15
CA SER C 322 2.65 43.25 -3.25
C SER C 322 2.24 42.55 -1.97
N LEU C 323 1.76 41.33 -2.13
CA LEU C 323 1.50 40.42 -1.01
C LEU C 323 2.07 39.06 -1.35
N THR C 324 2.93 38.55 -0.49
CA THR C 324 3.64 37.30 -0.72
C THR C 324 3.20 36.26 0.31
N ALA C 325 2.85 35.07 -0.17
CA ALA C 325 2.28 34.01 0.65
C ALA C 325 3.27 32.86 0.80
N LEU C 326 3.45 32.40 2.03
CA LEU C 326 4.30 31.24 2.34
C LEU C 326 3.46 30.23 3.14
N PRO C 327 2.61 29.47 2.48
CA PRO C 327 1.81 28.46 3.18
C PRO C 327 2.64 27.26 3.60
N VAL C 328 2.47 26.86 4.86
CA VAL C 328 3.10 25.65 5.38
C VAL C 328 2.16 24.46 5.21
N ILE C 329 2.74 23.30 4.91
CA ILE C 329 2.02 22.04 4.89
C ILE C 329 2.84 20.96 5.60
N GLU C 330 2.14 20.11 6.34
CA GLU C 330 2.73 19.04 7.15
C GLU C 330 2.41 17.71 6.49
N THR C 331 3.42 17.03 6.00
CA THR C 331 3.26 15.77 5.28
C THR C 331 3.46 14.60 6.22
N GLN C 332 2.43 13.79 6.38
CA GLN C 332 2.54 12.56 7.15
C GLN C 332 3.34 11.53 6.36
N GLY C 333 4.37 10.99 6.98
CA GLY C 333 5.17 9.96 6.33
C GLY C 333 5.78 10.39 5.01
N GLY C 334 5.97 11.69 4.80
CA GLY C 334 6.55 12.15 3.56
C GLY C 334 5.68 11.98 2.34
N ASP C 335 4.40 11.65 2.52
CA ASP C 335 3.52 11.31 1.40
C ASP C 335 2.92 12.60 0.85
N VAL C 336 3.38 13.00 -0.34
CA VAL C 336 2.76 14.12 -1.03
C VAL C 336 1.53 13.72 -1.82
N SER C 337 1.15 12.44 -1.79
CA SER C 337 -0.03 11.96 -2.46
C SER C 337 -1.30 12.22 -1.66
N ALA C 338 -1.17 12.71 -0.44
CA ALA C 338 -2.32 13.05 0.37
C ALA C 338 -3.11 14.18 -0.28
N TYR C 339 -4.38 14.30 0.08
CA TYR C 339 -5.30 15.16 -0.64
C TYR C 339 -4.89 16.62 -0.55
N ILE C 340 -4.72 17.13 0.69
CA ILE C 340 -4.44 18.56 0.86
C ILE C 340 -3.06 18.92 0.33
N PRO C 341 -2.02 18.13 0.55
CA PRO C 341 -0.76 18.40 -0.16
C PRO C 341 -0.89 18.38 -1.66
N THR C 342 -1.59 17.40 -2.20
CA THR C 342 -1.77 17.32 -3.65
C THR C 342 -2.47 18.57 -4.17
N ASN C 343 -3.39 19.12 -3.40
CA ASN C 343 -4.07 20.34 -3.81
C ASN C 343 -3.12 21.53 -3.75
N VAL C 344 -2.50 21.75 -2.59
CA VAL C 344 -1.76 22.99 -2.38
C VAL C 344 -0.50 23.03 -3.24
N ILE C 345 0.13 21.88 -3.50
CA ILE C 345 1.24 21.84 -4.42
C ILE C 345 0.82 22.30 -5.81
N SER C 346 -0.46 22.13 -6.14
CA SER C 346 -0.99 22.52 -7.43
C SER C 346 -1.38 23.99 -7.48
N ILE C 347 -1.55 24.63 -6.33
CA ILE C 347 -1.95 26.02 -6.31
C ILE C 347 -0.74 26.95 -6.28
N THR C 348 0.36 26.50 -5.70
CA THR C 348 1.49 27.38 -5.42
C THR C 348 2.45 27.44 -6.61
N ASP C 349 3.27 28.49 -6.59
CA ASP C 349 4.26 28.74 -7.62
C ASP C 349 5.57 28.03 -7.38
N GLY C 350 5.75 27.43 -6.21
CA GLY C 350 6.95 26.67 -5.94
C GLY C 350 6.86 26.06 -4.56
N GLN C 351 7.85 25.22 -4.25
CA GLN C 351 7.85 24.49 -3.00
C GLN C 351 9.25 24.33 -2.44
N ILE C 352 9.38 24.61 -1.15
CA ILE C 352 10.58 24.31 -0.38
C ILE C 352 10.27 23.05 0.43
N PHE C 353 10.92 21.96 0.04
CA PHE C 353 10.68 20.64 0.62
C PHE C 353 11.72 20.37 1.69
N LEU C 354 11.28 20.14 2.91
CA LEU C 354 12.14 19.91 4.06
C LEU C 354 12.05 18.44 4.44
N GLU C 355 13.19 17.80 4.62
CA GLU C 355 13.26 16.36 4.83
C GLU C 355 14.19 16.05 6.00
N ALA C 356 13.79 15.05 6.80
CA ALA C 356 14.43 14.82 8.08
C ALA C 356 15.75 14.09 7.96
N GLU C 357 15.89 13.22 6.95
CA GLU C 357 17.15 12.54 6.73
C GLU C 357 18.26 13.56 6.47
N LEU C 358 17.90 14.70 5.91
CA LEU C 358 18.86 15.78 5.73
C LEU C 358 19.10 16.52 7.03
N PHE C 359 18.06 16.65 7.86
CA PHE C 359 18.21 17.33 9.13
C PHE C 359 19.22 16.62 10.01
N TYR C 360 19.06 15.31 10.17
CA TYR C 360 19.92 14.58 11.09
C TYR C 360 21.36 14.48 10.57
N LYS C 361 21.57 14.70 9.28
CA LYS C 361 22.89 14.74 8.69
C LYS C 361 23.57 16.09 8.83
N GLY C 362 22.98 17.01 9.59
CA GLY C 362 23.56 18.32 9.76
C GLY C 362 23.32 19.28 8.62
N ILE C 363 22.55 18.86 7.61
CA ILE C 363 22.12 19.77 6.57
C ILE C 363 20.91 20.52 7.09
N ARG C 364 21.15 21.71 7.62
CA ARG C 364 20.11 22.50 8.23
C ARG C 364 20.24 23.94 7.75
N PRO C 365 19.20 24.52 7.14
CA PRO C 365 17.88 23.93 6.92
C PRO C 365 17.87 22.78 5.95
N ALA C 366 16.98 21.83 6.21
CA ALA C 366 16.96 20.55 5.51
C ALA C 366 16.23 20.61 4.19
N ILE C 367 16.62 21.54 3.32
CA ILE C 367 15.94 21.75 2.06
C ILE C 367 16.46 20.74 1.04
N ASN C 368 15.56 19.92 0.52
CA ASN C 368 15.87 19.02 -0.59
C ASN C 368 15.89 19.86 -1.86
N VAL C 369 17.10 20.18 -2.33
CA VAL C 369 17.24 21.04 -3.49
C VAL C 369 16.69 20.39 -4.73
N GLY C 370 16.55 19.06 -4.74
CA GLY C 370 16.04 18.38 -5.91
C GLY C 370 14.53 18.36 -5.98
N LEU C 371 13.87 18.22 -4.85
CA LEU C 371 12.42 18.26 -4.85
C LEU C 371 11.90 19.69 -4.89
N SER C 372 12.65 20.62 -4.31
CA SER C 372 12.24 22.01 -4.29
C SER C 372 12.39 22.64 -5.66
N VAL C 373 11.47 23.56 -5.98
CA VAL C 373 11.47 24.22 -7.28
C VAL C 373 10.79 25.57 -7.13
N SER C 374 11.17 26.49 -8.02
CA SER C 374 10.48 27.75 -8.20
C SER C 374 10.05 27.90 -9.65
N ARG C 375 8.83 28.38 -9.84
CA ARG C 375 8.32 28.63 -11.17
C ARG C 375 8.51 30.08 -11.61
N VAL C 376 8.88 30.97 -10.68
CA VAL C 376 9.24 32.33 -11.04
C VAL C 376 10.72 32.42 -11.39
N GLY C 377 11.56 31.72 -10.65
CA GLY C 377 12.94 31.53 -11.05
C GLY C 377 13.77 32.79 -11.05
N SER C 378 14.67 32.85 -12.03
CA SER C 378 15.69 33.89 -12.10
C SER C 378 15.10 35.29 -11.99
N ALA C 379 13.88 35.49 -12.45
CA ALA C 379 13.28 36.82 -12.40
C ALA C 379 13.22 37.36 -10.98
N ALA C 380 13.03 36.48 -10.00
CA ALA C 380 12.91 36.90 -8.61
C ALA C 380 14.24 37.06 -7.91
N GLN C 381 15.34 36.71 -8.56
CA GLN C 381 16.62 36.58 -7.89
C GLN C 381 17.42 37.86 -7.99
N VAL C 382 18.21 38.12 -6.95
CA VAL C 382 19.20 39.18 -7.01
C VAL C 382 20.21 38.84 -8.11
N LYS C 383 20.58 39.84 -8.89
CA LYS C 383 21.34 39.58 -10.11
C LYS C 383 22.68 38.94 -9.79
N ALA C 384 23.36 39.47 -8.78
CA ALA C 384 24.66 38.93 -8.40
C ALA C 384 24.54 37.48 -7.97
N LEU C 385 23.46 37.15 -7.27
CA LEU C 385 23.29 35.78 -6.80
C LEU C 385 22.89 34.86 -7.95
N LYS C 386 22.18 35.39 -8.92
CA LYS C 386 21.84 34.63 -10.13
C LYS C 386 23.10 34.20 -10.86
N GLN C 387 24.00 35.16 -11.08
CA GLN C 387 25.22 34.94 -11.84
C GLN C 387 26.01 33.75 -11.32
N VAL C 388 25.75 33.32 -10.09
CA VAL C 388 26.44 32.16 -9.53
C VAL C 388 25.49 31.00 -9.23
N ALA C 389 24.22 31.28 -8.98
CA ALA C 389 23.27 30.21 -8.69
C ALA C 389 23.06 29.34 -9.91
N GLY C 390 23.25 29.88 -11.10
CA GLY C 390 23.15 29.03 -12.27
C GLY C 390 24.11 27.85 -12.19
N SER C 391 25.39 28.14 -12.01
CA SER C 391 26.39 27.10 -11.90
C SER C 391 26.18 26.25 -10.65
N LEU C 392 25.79 26.89 -9.54
CA LEU C 392 25.54 26.13 -8.31
C LEU C 392 24.51 25.04 -8.56
N LYS C 393 23.43 25.40 -9.24
CA LYS C 393 22.35 24.46 -9.52
C LYS C 393 22.80 23.37 -10.45
N LEU C 394 23.54 23.73 -11.49
CA LEU C 394 24.07 22.72 -12.41
C LEU C 394 24.92 21.69 -11.66
N PHE C 395 25.84 22.17 -10.82
CA PHE C 395 26.74 21.27 -10.13
C PHE C 395 26.00 20.41 -9.11
N LEU C 396 25.02 20.98 -8.41
CA LEU C 396 24.26 20.17 -7.48
C LEU C 396 23.38 19.16 -8.19
N ALA C 397 22.96 19.45 -9.41
CA ALA C 397 22.25 18.44 -10.19
C ALA C 397 23.18 17.29 -10.54
N GLN C 398 24.40 17.61 -10.97
CA GLN C 398 25.38 16.56 -11.22
C GLN C 398 25.59 15.71 -9.98
N TYR C 399 25.64 16.36 -8.81
CA TYR C 399 25.82 15.63 -7.57
C TYR C 399 24.62 14.75 -7.28
N ARG C 400 23.42 15.27 -7.45
CA ARG C 400 22.22 14.46 -7.23
C ARG C 400 22.24 13.23 -8.12
N GLU C 401 22.83 13.36 -9.30
CA GLU C 401 22.90 12.21 -10.20
C GLU C 401 23.87 11.16 -9.69
N VAL C 402 25.08 11.60 -9.33
CA VAL C 402 26.11 10.64 -8.91
C VAL C 402 25.93 10.15 -7.48
N ALA C 403 25.07 10.79 -6.68
CA ALA C 403 25.09 10.61 -5.23
C ALA C 403 24.88 9.17 -4.81
N ALA C 404 24.21 8.36 -5.61
CA ALA C 404 24.02 6.98 -5.22
C ALA C 404 25.35 6.30 -4.93
N PHE C 405 26.40 6.72 -5.64
CA PHE C 405 27.74 6.18 -5.48
C PHE C 405 28.59 7.02 -4.55
N ALA C 406 27.97 7.78 -3.65
CA ALA C 406 28.73 8.74 -2.85
C ALA C 406 29.74 8.04 -1.95
N GLN C 407 29.34 6.97 -1.30
CA GLN C 407 30.17 6.37 -0.26
C GLN C 407 31.41 5.73 -0.84
N PHE C 408 31.29 5.03 -1.97
CA PHE C 408 32.43 4.38 -2.61
C PHE C 408 33.11 5.35 -3.58
N GLY C 409 33.52 6.49 -3.02
CA GLY C 409 34.09 7.55 -3.82
C GLY C 409 35.42 7.20 -4.44
N SER C 410 36.20 6.35 -3.79
CA SER C 410 37.58 6.12 -4.21
C SER C 410 37.63 5.46 -5.58
N ASP C 411 36.82 4.44 -5.81
CA ASP C 411 37.00 3.58 -6.97
C ASP C 411 36.35 4.13 -8.23
N LEU C 412 35.66 5.26 -8.12
CA LEU C 412 34.97 5.85 -9.25
C LEU C 412 35.96 6.52 -10.20
N ASP C 413 35.42 7.03 -11.30
CA ASP C 413 36.23 7.74 -12.28
C ASP C 413 36.63 9.11 -11.75
N ALA C 414 37.60 9.71 -12.43
CA ALA C 414 38.07 11.03 -12.06
C ALA C 414 36.95 12.05 -12.05
N SER C 415 36.16 12.10 -13.12
CA SER C 415 35.14 13.13 -13.20
C SER C 415 34.06 12.92 -12.18
N THR C 416 33.71 11.67 -11.91
CA THR C 416 32.69 11.39 -10.91
C THR C 416 33.19 11.74 -9.52
N LYS C 417 34.45 11.41 -9.23
CA LYS C 417 35.07 11.77 -7.96
C LYS C 417 35.11 13.28 -7.78
N GLN C 418 35.45 14.02 -8.83
CA GLN C 418 35.47 15.47 -8.75
C GLN C 418 34.08 16.04 -8.51
N THR C 419 33.08 15.51 -9.21
CA THR C 419 31.72 15.97 -9.01
C THR C 419 31.24 15.69 -7.59
N LEU C 420 31.58 14.51 -7.07
CA LEU C 420 31.21 14.20 -5.70
C LEU C 420 31.85 15.17 -4.73
N VAL C 421 33.14 15.42 -4.91
CA VAL C 421 33.84 16.36 -4.05
C VAL C 421 33.15 17.72 -4.06
N ARG C 422 32.99 18.30 -5.25
CA ARG C 422 32.47 19.66 -5.32
C ARG C 422 31.05 19.73 -4.79
N GLY C 423 30.22 18.73 -5.10
CA GLY C 423 28.85 18.76 -4.64
C GLY C 423 28.74 18.63 -3.14
N GLU C 424 29.56 17.78 -2.55
CA GLU C 424 29.52 17.63 -1.09
C GLU C 424 29.99 18.91 -0.41
N ARG C 425 31.04 19.53 -0.96
CA ARG C 425 31.52 20.78 -0.39
C ARG C 425 30.45 21.87 -0.49
N LEU C 426 29.72 21.90 -1.60
CA LEU C 426 28.66 22.91 -1.75
C LEU C 426 27.48 22.64 -0.82
N THR C 427 27.07 21.38 -0.72
CA THR C 427 25.98 21.04 0.18
C THR C 427 26.32 21.43 1.61
N GLN C 428 27.56 21.20 2.01
CA GLN C 428 28.00 21.65 3.32
C GLN C 428 28.01 23.17 3.39
N LEU C 429 28.35 23.80 2.26
CA LEU C 429 28.41 25.24 2.19
C LEU C 429 27.05 25.89 2.40
N LEU C 430 25.97 25.21 2.03
CA LEU C 430 24.66 25.82 2.11
C LEU C 430 24.07 25.84 3.51
N LYS C 431 24.66 25.12 4.45
CA LYS C 431 24.13 25.11 5.80
C LYS C 431 24.43 26.41 6.53
N GLN C 432 23.55 26.77 7.46
CA GLN C 432 23.72 27.94 8.29
C GLN C 432 22.83 27.82 9.52
N ASN C 433 23.20 28.56 10.55
CA ASN C 433 22.55 28.45 11.85
C ASN C 433 21.17 29.09 11.83
N GLN C 434 20.37 28.68 12.81
CA GLN C 434 19.06 29.28 13.04
C GLN C 434 19.20 30.71 13.54
N TYR C 435 18.19 31.53 13.23
CA TYR C 435 18.16 32.94 13.62
C TYR C 435 19.47 33.64 13.30
N SER C 436 20.16 33.20 12.26
CA SER C 436 21.37 33.84 11.77
C SER C 436 21.29 34.01 10.27
N PRO C 437 20.40 34.87 9.78
CA PRO C 437 20.32 35.12 8.35
C PRO C 437 21.48 35.95 7.83
N LEU C 438 21.75 35.80 6.53
CA LEU C 438 22.87 36.42 5.87
C LEU C 438 22.40 37.45 4.84
N ALA C 439 23.21 38.48 4.64
CA ALA C 439 23.00 39.39 3.54
C ALA C 439 23.51 38.79 2.23
N THR C 440 22.95 39.26 1.12
CA THR C 440 23.39 38.77 -0.18
C THR C 440 24.83 39.16 -0.46
N GLU C 441 25.26 40.29 0.08
CA GLU C 441 26.67 40.65 0.00
C GLU C 441 27.53 39.61 0.68
N GLU C 442 26.98 38.86 1.62
CA GLU C 442 27.69 37.79 2.28
C GLU C 442 27.45 36.44 1.63
N GLN C 443 26.40 36.31 0.83
CA GLN C 443 26.13 35.06 0.13
C GLN C 443 26.92 34.95 -1.17
N VAL C 444 27.03 36.05 -1.91
CA VAL C 444 27.67 36.00 -3.22
C VAL C 444 29.12 35.51 -3.12
N PRO C 445 29.97 36.08 -2.28
CA PRO C 445 31.36 35.62 -2.25
C PRO C 445 31.50 34.16 -1.94
N LEU C 446 30.61 33.64 -1.11
CA LEU C 446 30.71 32.28 -0.61
C LEU C 446 30.28 31.29 -1.69
N ILE C 447 29.18 31.57 -2.37
CA ILE C 447 28.77 30.74 -3.48
C ILE C 447 29.76 30.84 -4.63
N TYR C 448 30.43 31.98 -4.77
CA TYR C 448 31.48 32.11 -5.78
C TYR C 448 32.65 31.21 -5.45
N ALA C 449 33.17 31.31 -4.23
CA ALA C 449 34.29 30.50 -3.81
C ALA C 449 33.96 29.01 -3.90
N GLY C 450 32.69 28.66 -3.76
CA GLY C 450 32.30 27.28 -3.88
C GLY C 450 32.22 26.83 -5.32
N VAL C 451 31.52 27.60 -6.15
CA VAL C 451 31.36 27.22 -7.55
C VAL C 451 32.72 27.14 -8.23
N ASN C 452 33.50 28.20 -8.15
CA ASN C 452 34.71 28.33 -8.93
C ASN C 452 35.86 27.49 -8.38
N GLY C 453 35.57 26.50 -7.55
CA GLY C 453 36.49 25.42 -7.26
C GLY C 453 37.47 25.67 -6.15
N HIS C 454 37.52 26.88 -5.61
CA HIS C 454 38.55 27.18 -4.61
C HIS C 454 38.43 26.29 -3.39
N LEU C 455 37.20 25.93 -3.02
CA LEU C 455 36.99 25.17 -1.80
C LEU C 455 37.34 23.70 -1.92
N ASP C 456 37.72 23.24 -3.12
CA ASP C 456 37.99 21.82 -3.30
C ASP C 456 39.15 21.34 -2.45
N GLY C 457 40.11 22.20 -2.15
CA GLY C 457 41.24 21.82 -1.34
C GLY C 457 40.99 21.80 0.15
N ILE C 458 39.81 22.23 0.59
CA ILE C 458 39.51 22.42 2.01
C ILE C 458 38.72 21.22 2.49
N GLU C 459 39.15 20.66 3.61
CA GLU C 459 38.52 19.45 4.12
C GLU C 459 37.07 19.73 4.48
N LEU C 460 36.23 18.71 4.29
CA LEU C 460 34.79 18.91 4.37
C LEU C 460 34.36 19.42 5.74
N SER C 461 35.18 19.16 6.77
CA SER C 461 34.85 19.58 8.12
C SER C 461 35.19 21.04 8.37
N ARG C 462 36.08 21.63 7.60
CA ARG C 462 36.51 23.00 7.83
C ARG C 462 35.67 24.04 7.12
N ILE C 463 34.69 23.63 6.31
CA ILE C 463 33.89 24.62 5.58
C ILE C 463 33.16 25.54 6.55
N GLY C 464 32.75 25.03 7.69
CA GLY C 464 32.14 25.90 8.69
C GLY C 464 33.09 26.95 9.19
N GLU C 465 34.34 26.57 9.42
CA GLU C 465 35.36 27.55 9.78
C GLU C 465 35.62 28.50 8.63
N PHE C 466 35.29 28.09 7.41
CA PHE C 466 35.64 28.88 6.23
C PHE C 466 34.71 30.08 6.08
N GLU C 467 33.42 29.81 5.90
CA GLU C 467 32.48 30.89 5.66
C GLU C 467 32.42 31.88 6.81
N SER C 468 32.84 31.48 8.00
CA SER C 468 32.92 32.39 9.11
C SER C 468 34.18 33.25 9.02
N SER C 469 35.30 32.62 8.72
CA SER C 469 36.58 33.31 8.72
C SER C 469 36.82 34.09 7.43
N PHE C 470 36.10 33.75 6.37
CA PHE C 470 36.27 34.43 5.10
C PHE C 470 35.51 35.74 5.08
N LEU C 471 34.26 35.72 5.48
CA LEU C 471 33.46 36.95 5.48
C LEU C 471 34.09 37.97 6.42
N SER C 472 34.46 37.54 7.61
CA SER C 472 35.18 38.41 8.53
C SER C 472 36.42 38.99 7.85
N TYR C 473 37.08 38.22 7.01
CA TYR C 473 38.19 38.76 6.25
C TYR C 473 37.71 39.75 5.21
N LEU C 474 36.70 39.36 4.42
CA LEU C 474 36.21 40.24 3.38
C LEU C 474 35.71 41.55 3.96
N LYS C 475 34.99 41.49 5.07
CA LYS C 475 34.50 42.71 5.69
C LYS C 475 35.65 43.58 6.15
N SER C 476 36.73 42.98 6.62
CA SER C 476 37.84 43.76 7.15
C SER C 476 38.67 44.36 6.01
N ASN C 477 39.24 43.50 5.17
CA ASN C 477 40.25 43.92 4.23
C ASN C 477 39.70 44.23 2.83
N HIS C 478 38.48 43.79 2.50
CA HIS C 478 37.91 44.01 1.18
C HIS C 478 36.49 44.53 1.27
N ASN C 479 36.28 45.63 1.99
CA ASN C 479 34.92 46.08 2.24
C ASN C 479 34.24 46.59 0.98
N GLU C 480 35.00 47.20 0.06
CA GLU C 480 34.39 47.78 -1.11
C GLU C 480 33.72 46.74 -2.00
N LEU C 481 34.18 45.48 -1.95
CA LEU C 481 33.51 44.45 -2.73
C LEU C 481 32.11 44.22 -2.20
N LEU C 482 31.96 44.14 -0.89
CA LEU C 482 30.64 43.95 -0.29
C LEU C 482 29.77 45.18 -0.51
N THR C 483 30.35 46.37 -0.38
CA THR C 483 29.60 47.59 -0.57
C THR C 483 29.07 47.69 -1.99
N GLU C 484 29.88 47.31 -2.97
CA GLU C 484 29.44 47.38 -4.36
C GLU C 484 28.48 46.26 -4.71
N ILE C 485 28.70 45.05 -4.20
CA ILE C 485 27.73 43.98 -4.42
C ILE C 485 26.36 44.40 -3.88
N ARG C 486 26.35 45.05 -2.72
CA ARG C 486 25.07 45.50 -2.16
C ARG C 486 24.48 46.64 -2.97
N GLU C 487 25.26 47.69 -3.22
CA GLU C 487 24.70 48.90 -3.83
C GLU C 487 24.32 48.68 -5.28
N LYS C 488 25.23 48.11 -6.07
CA LYS C 488 25.05 47.99 -7.51
C LYS C 488 24.19 46.81 -7.90
N GLY C 489 24.17 45.76 -7.10
CA GLY C 489 23.31 44.61 -7.33
C GLY C 489 23.84 43.63 -8.33
N GLU C 490 24.80 44.00 -9.14
CA GLU C 490 25.32 43.14 -10.19
C GLU C 490 26.82 42.99 -10.04
N LEU C 491 27.31 41.79 -10.33
CA LEU C 491 28.74 41.54 -10.33
C LEU C 491 29.32 41.99 -11.66
N SER C 492 30.06 43.09 -11.63
CA SER C 492 30.79 43.54 -12.79
C SER C 492 32.13 42.81 -12.89
N LYS C 493 32.67 42.79 -14.10
CA LYS C 493 33.90 42.04 -14.35
C LYS C 493 35.07 42.63 -13.57
N GLU C 494 35.17 43.96 -13.55
CA GLU C 494 36.17 44.62 -12.73
C GLU C 494 36.10 44.15 -11.30
N LEU C 495 34.91 43.76 -10.86
CA LEU C 495 34.66 43.34 -9.49
C LEU C 495 34.76 41.83 -9.33
N LEU C 496 34.31 41.07 -10.33
CA LEU C 496 34.43 39.62 -10.28
C LEU C 496 35.89 39.18 -10.27
N ALA C 497 36.74 39.88 -11.04
CA ALA C 497 38.15 39.57 -11.01
C ALA C 497 38.78 39.89 -9.66
N SER C 498 38.37 41.01 -9.04
CA SER C 498 38.92 41.32 -7.73
C SER C 498 38.41 40.36 -6.68
N LEU C 499 37.20 39.83 -6.86
CA LEU C 499 36.70 38.81 -5.96
C LEU C 499 37.50 37.53 -6.11
N LYS C 500 37.86 37.15 -7.34
CA LYS C 500 38.72 35.99 -7.52
C LYS C 500 40.05 36.20 -6.81
N SER C 501 40.67 37.37 -7.04
CA SER C 501 41.90 37.71 -6.35
C SER C 501 41.75 37.58 -4.84
N ALA C 502 40.67 38.16 -4.30
CA ALA C 502 40.48 38.21 -2.86
C ALA C 502 40.13 36.85 -2.28
N THR C 503 39.69 35.91 -3.09
CA THR C 503 39.48 34.56 -2.61
C THR C 503 40.76 33.74 -2.66
N GLU C 504 41.58 33.94 -3.68
CA GLU C 504 42.89 33.32 -3.71
C GLU C 504 43.76 33.81 -2.55
N SER C 505 43.69 35.11 -2.27
CA SER C 505 44.43 35.71 -1.17
C SER C 505 43.95 35.23 0.19
N PHE C 506 42.94 34.38 0.25
CA PHE C 506 42.47 33.78 1.49
C PHE C 506 42.71 32.29 1.55
N VAL C 507 42.32 31.55 0.51
CA VAL C 507 42.53 30.11 0.52
C VAL C 507 43.99 29.78 0.70
N ALA C 508 44.87 30.71 0.35
CA ALA C 508 46.30 30.49 0.54
C ALA C 508 46.66 30.44 2.02
N THR C 509 46.17 31.41 2.78
CA THR C 509 46.44 31.43 4.22
C THR C 509 45.67 30.35 4.96
N PHE C 510 44.41 30.13 4.58
CA PHE C 510 43.58 29.11 5.21
C PHE C 510 44.24 27.75 5.05
N PRO D 8 -41.77 35.90 -18.53
CA PRO D 8 -40.68 34.94 -18.69
C PRO D 8 -40.55 33.99 -17.50
N ILE D 9 -39.83 32.89 -17.67
CA ILE D 9 -39.72 31.86 -16.65
C ILE D 9 -38.91 32.39 -15.49
N THR D 10 -39.57 32.65 -14.37
CA THR D 10 -38.94 33.20 -13.18
C THR D 10 -39.12 32.23 -12.02
N GLY D 11 -38.05 32.03 -11.26
CA GLY D 11 -38.07 31.18 -10.09
C GLY D 11 -37.52 31.88 -8.87
N LYS D 12 -37.54 31.15 -7.76
CA LYS D 12 -37.07 31.66 -6.48
C LYS D 12 -36.11 30.69 -5.83
N VAL D 13 -35.06 31.22 -5.22
CA VAL D 13 -34.05 30.39 -4.58
C VAL D 13 -34.58 29.81 -3.28
N THR D 14 -34.22 28.56 -3.01
CA THR D 14 -34.65 27.84 -1.83
C THR D 14 -33.50 27.31 -0.98
N ALA D 15 -32.33 27.07 -1.56
CA ALA D 15 -31.20 26.58 -0.81
C ALA D 15 -29.92 27.16 -1.38
N VAL D 16 -28.93 27.34 -0.50
CA VAL D 16 -27.59 27.75 -0.87
C VAL D 16 -26.58 27.00 -0.01
N ILE D 17 -25.87 26.06 -0.63
CA ILE D 17 -24.88 25.25 0.07
C ILE D 17 -23.61 25.27 -0.77
N GLY D 18 -22.69 26.17 -0.42
CA GLY D 18 -21.47 26.30 -1.20
C GLY D 18 -21.77 26.77 -2.60
N ALA D 19 -21.16 26.11 -3.57
CA ALA D 19 -21.35 26.45 -4.97
C ALA D 19 -22.65 25.92 -5.53
N ILE D 20 -23.50 25.30 -4.73
CA ILE D 20 -24.74 24.69 -5.17
C ILE D 20 -25.91 25.56 -4.72
N VAL D 21 -26.86 25.76 -5.62
CA VAL D 21 -28.03 26.59 -5.39
C VAL D 21 -29.25 25.86 -5.90
N ASP D 22 -30.32 25.85 -5.13
CA ASP D 22 -31.58 25.25 -5.53
C ASP D 22 -32.60 26.33 -5.84
N VAL D 23 -33.32 26.15 -6.94
CA VAL D 23 -34.32 27.10 -7.41
C VAL D 23 -35.65 26.38 -7.59
N HIS D 24 -36.74 27.11 -7.39
CA HIS D 24 -38.10 26.60 -7.44
C HIS D 24 -38.91 27.42 -8.42
N PHE D 25 -39.69 26.76 -9.26
CA PHE D 25 -40.47 27.41 -10.32
C PHE D 25 -41.94 27.08 -10.11
N GLU D 26 -42.62 27.95 -9.36
CA GLU D 26 -44.02 27.72 -9.05
C GLU D 26 -44.91 27.78 -10.29
N GLN D 27 -44.46 28.45 -11.35
CA GLN D 27 -45.27 28.60 -12.55
C GLN D 27 -45.36 27.31 -13.35
N SER D 28 -44.59 26.28 -12.99
CA SER D 28 -44.70 24.95 -13.57
C SER D 28 -44.18 24.90 -15.00
N GLU D 29 -43.07 25.59 -15.27
CA GLU D 29 -42.35 25.46 -16.54
C GLU D 29 -40.86 25.42 -16.20
N LEU D 30 -40.34 24.23 -15.97
CA LEU D 30 -38.99 24.12 -15.43
C LEU D 30 -37.94 24.29 -16.53
N PRO D 31 -36.77 24.79 -16.16
CA PRO D 31 -35.69 24.91 -17.12
C PRO D 31 -35.00 23.59 -17.37
N ALA D 32 -34.49 23.43 -18.58
CA ALA D 32 -33.83 22.20 -18.98
C ALA D 32 -32.45 22.09 -18.36
N ILE D 33 -31.94 20.86 -18.31
CA ILE D 33 -30.59 20.63 -17.82
C ILE D 33 -29.60 21.31 -18.76
N LEU D 34 -28.55 21.85 -18.17
CA LEU D 34 -27.51 22.62 -18.84
C LEU D 34 -27.96 24.01 -19.26
N ASN D 35 -29.18 24.41 -18.94
CA ASN D 35 -29.60 25.78 -19.16
C ASN D 35 -28.95 26.71 -18.16
N ALA D 36 -28.88 27.99 -18.52
CA ALA D 36 -28.25 29.01 -17.71
C ALA D 36 -29.29 29.95 -17.12
N LEU D 37 -29.22 30.17 -15.82
CA LEU D 37 -30.08 31.08 -15.09
C LEU D 37 -29.26 32.24 -14.53
N GLU D 38 -29.90 33.39 -14.38
CA GLU D 38 -29.23 34.62 -13.99
C GLU D 38 -29.86 35.23 -12.74
N ILE D 39 -29.01 35.70 -11.84
CA ILE D 39 -29.42 36.45 -10.65
C ILE D 39 -28.75 37.82 -10.72
N LYS D 40 -29.57 38.88 -10.68
CA LYS D 40 -29.08 40.26 -10.77
C LYS D 40 -28.51 40.70 -9.43
N THR D 41 -27.31 40.20 -9.15
CA THR D 41 -26.61 40.54 -7.91
C THR D 41 -26.16 42.00 -7.93
N PRO D 42 -25.83 42.57 -6.77
CA PRO D 42 -25.30 43.94 -6.76
C PRO D 42 -24.01 44.10 -7.53
N GLN D 43 -23.11 43.13 -7.44
CA GLN D 43 -21.90 43.10 -8.25
C GLN D 43 -22.12 42.18 -9.45
N GLY D 44 -22.10 42.76 -10.64
CA GLY D 44 -22.30 41.97 -11.85
C GLY D 44 -23.58 41.17 -11.80
N LYS D 45 -23.53 39.95 -12.36
CA LYS D 45 -24.63 39.02 -12.29
C LYS D 45 -24.09 37.62 -12.05
N LEU D 46 -24.89 36.80 -11.38
CA LEU D 46 -24.50 35.47 -10.98
C LEU D 46 -25.20 34.45 -11.88
N VAL D 47 -24.42 33.64 -12.58
CA VAL D 47 -24.92 32.64 -13.51
C VAL D 47 -24.89 31.27 -12.85
N LEU D 48 -25.94 30.50 -13.06
CA LEU D 48 -26.09 29.16 -12.51
C LEU D 48 -26.46 28.21 -13.62
N GLU D 49 -25.81 27.05 -13.66
CA GLU D 49 -26.10 26.02 -14.65
C GLU D 49 -26.89 24.89 -14.00
N VAL D 50 -28.03 24.57 -14.59
CA VAL D 50 -28.90 23.52 -14.05
C VAL D 50 -28.22 22.18 -14.20
N ALA D 51 -28.17 21.43 -13.12
CA ALA D 51 -27.53 20.13 -13.08
C ALA D 51 -28.49 19.01 -12.73
N GLN D 52 -29.57 19.29 -12.00
CA GLN D 52 -30.51 18.24 -11.65
C GLN D 52 -31.92 18.79 -11.56
N HIS D 53 -32.88 17.96 -11.93
CA HIS D 53 -34.28 18.11 -11.55
C HIS D 53 -34.54 17.20 -10.37
N LEU D 54 -35.17 17.74 -9.33
CA LEU D 54 -35.30 17.05 -8.06
C LEU D 54 -36.74 16.93 -7.58
N GLY D 55 -37.70 17.43 -8.33
CA GLY D 55 -39.08 17.35 -7.95
C GLY D 55 -39.53 18.51 -7.09
N GLU D 56 -40.84 18.55 -6.88
CA GLU D 56 -41.48 19.72 -6.27
C GLU D 56 -41.14 20.98 -7.07
N ASN D 57 -40.96 20.80 -8.38
CA ASN D 57 -40.57 21.86 -9.29
C ASN D 57 -39.25 22.51 -8.90
N THR D 58 -38.39 21.76 -8.22
CA THR D 58 -37.12 22.26 -7.74
C THR D 58 -35.99 21.73 -8.62
N VAL D 59 -35.05 22.62 -8.96
CA VAL D 59 -33.89 22.30 -9.77
C VAL D 59 -32.64 22.70 -9.01
N ARG D 60 -31.59 21.89 -9.14
CA ARG D 60 -30.33 22.11 -8.46
C ARG D 60 -29.27 22.50 -9.47
N THR D 61 -28.51 23.54 -9.15
CA THR D 61 -27.69 24.29 -10.08
C THR D 61 -26.30 24.54 -9.48
N ILE D 62 -25.33 24.64 -10.37
CA ILE D 62 -23.93 24.89 -10.02
C ILE D 62 -23.61 26.33 -10.37
N ALA D 63 -23.01 27.04 -9.42
CA ALA D 63 -22.77 28.46 -9.58
C ALA D 63 -21.50 28.72 -10.37
N MET D 64 -21.58 29.70 -11.26
CA MET D 64 -20.43 30.14 -12.03
C MET D 64 -19.68 31.28 -11.36
N ASP D 65 -20.14 31.69 -10.17
CA ASP D 65 -19.46 32.72 -9.39
C ASP D 65 -19.79 32.49 -7.92
N GLY D 66 -19.16 33.31 -7.08
CA GLY D 66 -19.36 33.16 -5.66
C GLY D 66 -20.82 33.28 -5.27
N THR D 67 -21.26 32.38 -4.40
CA THR D 67 -22.63 32.35 -3.93
C THR D 67 -22.85 33.18 -2.69
N GLU D 68 -21.79 33.75 -2.12
CA GLU D 68 -21.94 34.60 -0.94
C GLU D 68 -22.89 35.74 -1.24
N GLY D 69 -23.67 36.12 -0.23
CA GLY D 69 -24.61 37.19 -0.35
C GLY D 69 -25.98 36.80 -0.85
N LEU D 70 -26.20 35.53 -1.18
CA LEU D 70 -27.49 35.08 -1.65
C LEU D 70 -28.49 34.99 -0.52
N VAL D 71 -29.75 35.21 -0.85
CA VAL D 71 -30.85 35.19 0.10
C VAL D 71 -31.86 34.15 -0.33
N ARG D 72 -32.45 33.47 0.64
CA ARG D 72 -33.55 32.57 0.36
C ARG D 72 -34.77 33.37 -0.08
N GLY D 73 -35.20 33.15 -1.32
CA GLY D 73 -36.28 33.91 -1.90
C GLY D 73 -35.88 34.90 -2.95
N GLU D 74 -34.66 34.80 -3.48
CA GLU D 74 -34.22 35.71 -4.53
C GLU D 74 -34.68 35.21 -5.89
N LYS D 75 -35.03 36.15 -6.76
CA LYS D 75 -35.47 35.80 -8.10
C LYS D 75 -34.32 35.23 -8.92
N VAL D 76 -34.69 34.38 -9.86
CA VAL D 76 -33.78 33.78 -10.82
C VAL D 76 -34.49 33.76 -12.16
N LEU D 77 -33.78 34.18 -13.21
CA LEU D 77 -34.35 34.30 -14.54
C LEU D 77 -33.69 33.31 -15.48
N ASP D 78 -34.50 32.57 -16.22
CA ASP D 78 -33.99 31.62 -17.20
C ASP D 78 -33.62 32.33 -18.49
N THR D 79 -32.48 31.96 -19.06
CA THR D 79 -31.98 32.58 -20.28
C THR D 79 -32.48 31.91 -21.53
N GLY D 80 -33.14 30.76 -21.42
CA GLY D 80 -33.65 30.06 -22.57
C GLY D 80 -32.69 29.10 -23.22
N GLY D 81 -31.52 28.88 -22.63
CA GLY D 81 -30.54 28.02 -23.22
C GLY D 81 -29.27 27.92 -22.41
N PRO D 82 -28.29 27.20 -22.94
CA PRO D 82 -27.02 27.05 -22.22
C PRO D 82 -26.19 28.32 -22.28
N ILE D 83 -25.09 28.31 -21.53
CA ILE D 83 -24.17 29.43 -21.55
C ILE D 83 -23.71 29.67 -22.98
N SER D 84 -23.88 30.90 -23.44
CA SER D 84 -23.66 31.27 -24.82
C SER D 84 -22.44 32.18 -24.91
N VAL D 85 -21.38 31.68 -25.54
CA VAL D 85 -20.16 32.44 -25.69
C VAL D 85 -20.22 33.25 -26.98
N PRO D 86 -19.56 34.40 -27.06
CA PRO D 86 -19.47 35.10 -28.34
C PRO D 86 -18.45 34.42 -29.23
N VAL D 87 -18.73 34.48 -30.53
CA VAL D 87 -17.88 33.84 -31.52
C VAL D 87 -17.68 34.77 -32.70
N GLY D 88 -16.50 34.72 -33.27
CA GLY D 88 -16.16 35.52 -34.43
C GLY D 88 -14.75 36.04 -34.34
N ARG D 89 -14.37 36.78 -35.38
CA ARG D 89 -13.08 37.46 -35.40
C ARG D 89 -13.02 38.56 -34.36
N GLU D 90 -14.16 39.03 -33.87
CA GLU D 90 -14.18 40.03 -32.81
C GLU D 90 -13.79 39.45 -31.46
N THR D 91 -13.56 38.14 -31.37
CA THR D 91 -13.06 37.54 -30.15
C THR D 91 -11.56 37.58 -30.05
N LEU D 92 -10.88 37.84 -31.17
CA LEU D 92 -9.43 37.84 -31.19
C LEU D 92 -8.88 39.04 -30.42
N GLY D 93 -7.83 38.80 -29.65
CA GLY D 93 -7.27 39.80 -28.77
C GLY D 93 -7.99 39.99 -27.47
N ARG D 94 -9.25 39.61 -27.37
CA ARG D 94 -10.00 39.74 -26.13
C ARG D 94 -9.71 38.59 -25.18
N ILE D 95 -9.97 38.84 -23.91
CA ILE D 95 -9.93 37.83 -22.86
C ILE D 95 -11.36 37.60 -22.40
N ILE D 96 -11.82 36.36 -22.51
CA ILE D 96 -13.21 36.01 -22.25
C ILE D 96 -13.28 35.05 -21.07
N ASN D 97 -14.26 35.24 -20.21
CA ASN D 97 -14.50 34.35 -19.09
C ASN D 97 -15.49 33.24 -19.49
N VAL D 98 -15.79 32.37 -18.52
CA VAL D 98 -16.60 31.21 -18.78
C VAL D 98 -17.98 31.56 -19.30
N ILE D 99 -18.50 32.74 -18.95
CA ILE D 99 -19.87 33.11 -19.29
C ILE D 99 -19.91 34.03 -20.49
N GLY D 100 -18.80 34.21 -21.18
CA GLY D 100 -18.80 34.97 -22.41
C GLY D 100 -18.71 36.47 -22.23
N GLU D 101 -18.15 36.92 -21.14
CA GLU D 101 -18.08 38.32 -20.86
C GLU D 101 -16.64 38.80 -20.87
N PRO D 102 -16.37 39.97 -21.45
CA PRO D 102 -14.99 40.45 -21.51
C PRO D 102 -14.49 40.86 -20.14
N ILE D 103 -13.27 40.41 -19.83
CA ILE D 103 -12.59 40.73 -18.60
C ILE D 103 -11.29 41.49 -18.84
N ASP D 104 -11.13 42.06 -20.02
CA ASP D 104 -9.97 42.86 -20.37
C ASP D 104 -10.23 44.36 -20.26
N GLU D 105 -11.43 44.75 -19.84
CA GLU D 105 -11.82 46.14 -19.64
C GLU D 105 -11.78 46.96 -20.93
N ARG D 106 -11.63 46.32 -22.08
CA ARG D 106 -11.51 47.00 -23.36
C ARG D 106 -12.84 47.04 -24.13
N GLY D 107 -13.96 47.06 -23.41
CA GLY D 107 -15.25 47.23 -24.02
C GLY D 107 -15.96 45.93 -24.32
N PRO D 108 -17.16 46.04 -24.88
CA PRO D 108 -17.92 44.84 -25.25
C PRO D 108 -17.37 44.17 -26.48
N ILE D 109 -17.92 42.99 -26.76
CA ILE D 109 -17.68 42.28 -28.00
C ILE D 109 -18.91 42.46 -28.88
N LYS D 110 -18.71 43.05 -30.05
CA LYS D 110 -19.80 43.40 -30.94
C LYS D 110 -20.14 42.29 -31.91
N SER D 111 -19.90 41.04 -31.51
CA SER D 111 -20.11 39.90 -32.37
C SER D 111 -21.54 39.84 -32.88
N LYS D 112 -21.72 39.24 -34.05
CA LYS D 112 -23.05 39.04 -34.61
C LYS D 112 -23.74 37.84 -33.99
N LEU D 113 -22.98 36.85 -33.51
CA LEU D 113 -23.54 35.57 -33.12
C LEU D 113 -22.98 35.11 -31.80
N ARG D 114 -23.76 34.27 -31.10
CA ARG D 114 -23.35 33.63 -29.87
C ARG D 114 -23.71 32.16 -29.92
N LYS D 115 -22.80 31.32 -29.45
CA LYS D 115 -22.91 29.89 -29.62
C LYS D 115 -22.89 29.16 -28.29
N PRO D 116 -23.73 28.13 -28.14
CA PRO D 116 -23.71 27.34 -26.90
C PRO D 116 -22.38 26.63 -26.67
N ILE D 117 -22.01 26.53 -25.38
CA ILE D 117 -20.81 25.80 -25.01
C ILE D 117 -21.04 24.30 -25.00
N HIS D 118 -22.28 23.84 -25.06
CA HIS D 118 -22.61 22.42 -25.09
C HIS D 118 -23.13 22.04 -26.47
N ALA D 119 -22.36 21.22 -27.19
CA ALA D 119 -22.74 20.74 -28.51
C ALA D 119 -22.22 19.32 -28.68
N ASP D 120 -22.93 18.54 -29.50
CA ASP D 120 -22.60 17.13 -29.66
C ASP D 120 -21.44 16.95 -30.62
N PRO D 121 -20.58 15.96 -30.38
CA PRO D 121 -19.46 15.71 -31.27
C PRO D 121 -19.93 15.36 -32.67
N PRO D 122 -19.02 15.35 -33.64
CA PRO D 122 -19.40 14.97 -35.00
C PRO D 122 -19.70 13.49 -35.12
N SER D 123 -20.62 13.16 -36.03
CA SER D 123 -21.01 11.79 -36.24
C SER D 123 -19.84 10.96 -36.79
N PHE D 124 -20.03 9.65 -36.79
CA PHE D 124 -19.03 8.74 -37.33
C PHE D 124 -18.82 8.98 -38.82
N ALA D 125 -19.89 9.34 -39.53
CA ALA D 125 -19.80 9.53 -40.98
C ALA D 125 -18.99 10.75 -41.36
N GLU D 126 -18.73 11.65 -40.42
CA GLU D 126 -18.08 12.92 -40.71
C GLU D 126 -16.59 12.93 -40.39
N GLN D 127 -16.10 11.90 -39.70
CA GLN D 127 -14.72 11.92 -39.23
C GLN D 127 -13.73 11.76 -40.38
N SER D 128 -12.53 12.27 -40.16
CA SER D 128 -11.43 12.07 -41.09
C SER D 128 -11.06 10.60 -41.15
N THR D 129 -10.64 10.16 -42.34
CA THR D 129 -10.38 8.75 -42.58
C THR D 129 -8.94 8.34 -42.35
N SER D 130 -8.01 9.30 -42.30
CA SER D 130 -6.59 8.97 -42.21
C SER D 130 -5.88 10.01 -41.35
N ALA D 131 -4.84 9.56 -40.65
CA ALA D 131 -4.02 10.46 -39.87
C ALA D 131 -3.24 11.39 -40.79
N GLU D 132 -2.69 12.44 -40.20
CA GLU D 132 -1.99 13.46 -40.98
C GLU D 132 -1.05 14.22 -40.03
N ILE D 133 0.05 14.69 -40.58
CA ILE D 133 1.18 15.17 -39.79
C ILE D 133 1.17 16.68 -39.71
N LEU D 134 1.44 17.21 -38.52
CA LEU D 134 1.51 18.65 -38.27
C LEU D 134 2.98 19.08 -38.23
N GLU D 135 3.45 19.69 -39.31
CA GLU D 135 4.81 20.21 -39.38
C GLU D 135 4.94 21.36 -38.39
N THR D 136 5.77 21.15 -37.36
CA THR D 136 5.82 22.05 -36.22
C THR D 136 7.02 22.96 -36.21
N GLY D 137 8.11 22.60 -36.89
CA GLY D 137 9.29 23.43 -36.89
C GLY D 137 10.21 23.24 -35.72
N ILE D 138 9.98 22.22 -34.90
CA ILE D 138 10.84 21.89 -33.77
C ILE D 138 11.39 20.49 -34.02
N LYS D 139 12.72 20.39 -34.09
CA LYS D 139 13.35 19.13 -34.48
C LYS D 139 12.84 17.97 -33.66
N VAL D 140 12.96 18.06 -32.34
CA VAL D 140 12.65 16.95 -31.45
C VAL D 140 11.20 16.53 -31.56
N VAL D 141 10.29 17.45 -31.89
CA VAL D 141 8.89 17.13 -32.01
C VAL D 141 8.66 16.33 -33.28
N ASP D 142 9.05 16.90 -34.42
CA ASP D 142 8.71 16.31 -35.70
C ASP D 142 9.75 15.30 -36.17
N LEU D 143 10.64 14.86 -35.28
CA LEU D 143 11.51 13.73 -35.55
C LEU D 143 11.15 12.50 -34.74
N LEU D 144 10.82 12.68 -33.47
CA LEU D 144 10.59 11.55 -32.57
C LEU D 144 9.15 11.46 -32.08
N ALA D 145 8.43 12.57 -32.02
CA ALA D 145 7.08 12.61 -31.45
C ALA D 145 6.22 13.57 -32.25
N PRO D 146 5.99 13.29 -33.52
CA PRO D 146 5.29 14.24 -34.38
C PRO D 146 3.83 14.40 -34.00
N TYR D 147 3.30 15.58 -34.29
CA TYR D 147 1.95 15.92 -33.91
C TYR D 147 0.98 15.60 -35.03
N ALA D 148 -0.27 15.40 -34.64
CA ALA D 148 -1.33 14.99 -35.55
C ALA D 148 -2.27 16.16 -35.82
N ARG D 149 -2.63 16.34 -37.09
CA ARG D 149 -3.65 17.30 -37.45
C ARG D 149 -4.98 16.87 -36.86
N GLY D 150 -5.60 17.76 -36.12
CA GLY D 150 -6.87 17.45 -35.49
C GLY D 150 -6.78 16.44 -34.38
N GLY D 151 -5.59 16.27 -33.79
CA GLY D 151 -5.40 15.36 -32.69
C GLY D 151 -5.28 16.09 -31.36
N LYS D 152 -5.03 15.29 -30.33
CA LYS D 152 -4.80 15.79 -28.99
C LYS D 152 -3.36 15.53 -28.60
N ILE D 153 -2.63 16.60 -28.32
CA ILE D 153 -1.23 16.54 -27.93
C ILE D 153 -1.12 16.93 -26.47
N GLY D 154 -0.40 16.11 -25.70
CA GLY D 154 -0.32 16.30 -24.27
C GLY D 154 1.07 16.73 -23.82
N LEU D 155 1.13 17.92 -23.23
CA LEU D 155 2.38 18.49 -22.78
C LEU D 155 2.51 18.24 -21.28
N PHE D 156 3.60 17.61 -20.88
CA PHE D 156 3.86 17.22 -19.51
C PHE D 156 5.07 17.99 -19.01
N GLY D 157 4.84 19.04 -18.23
CA GLY D 157 5.92 19.84 -17.70
C GLY D 157 5.50 21.17 -17.12
N GLY D 158 6.26 21.64 -16.14
CA GLY D 158 5.93 22.87 -15.45
C GLY D 158 6.42 24.11 -16.19
N ALA D 159 6.15 25.27 -15.58
CA ALA D 159 6.60 26.53 -16.16
C ALA D 159 8.12 26.62 -16.13
N GLY D 160 8.76 26.03 -15.14
CA GLY D 160 10.20 26.15 -14.97
C GLY D 160 11.02 25.54 -16.08
N VAL D 161 10.41 24.73 -16.94
CA VAL D 161 11.13 23.99 -17.96
C VAL D 161 10.86 24.52 -19.37
N GLY D 162 10.19 25.66 -19.48
CA GLY D 162 9.97 26.28 -20.78
C GLY D 162 8.59 26.06 -21.37
N LYS D 163 7.61 25.69 -20.55
CA LYS D 163 6.27 25.39 -21.06
C LYS D 163 5.66 26.60 -21.77
N THR D 164 5.70 27.76 -21.13
CA THR D 164 5.06 28.94 -21.71
C THR D 164 5.70 29.32 -23.04
N VAL D 165 7.01 29.20 -23.14
CA VAL D 165 7.67 29.60 -24.37
C VAL D 165 7.49 28.55 -25.45
N PHE D 166 7.28 27.29 -25.05
CA PHE D 166 6.92 26.26 -26.02
C PHE D 166 5.55 26.54 -26.62
N ILE D 167 4.57 26.88 -25.78
CA ILE D 167 3.26 27.24 -26.29
C ILE D 167 3.37 28.46 -27.20
N GLN D 168 4.23 29.40 -26.83
CA GLN D 168 4.41 30.61 -27.63
C GLN D 168 4.98 30.28 -29.00
N GLU D 169 5.98 29.40 -29.04
CA GLU D 169 6.59 29.06 -30.32
C GLU D 169 5.65 28.25 -31.18
N LEU D 170 4.83 27.40 -30.57
CA LEU D 170 3.81 26.71 -31.35
C LEU D 170 2.85 27.72 -31.98
N ILE D 171 2.34 28.64 -31.16
CA ILE D 171 1.43 29.67 -31.68
C ILE D 171 2.09 30.44 -32.80
N ASN D 172 3.39 30.62 -32.74
CA ASN D 172 4.06 31.43 -33.75
C ASN D 172 4.27 30.64 -35.03
N ASN D 173 4.79 29.41 -34.92
CA ASN D 173 5.18 28.64 -36.08
C ASN D 173 3.96 28.14 -36.84
N ILE D 174 3.02 27.50 -36.15
CA ILE D 174 1.86 26.95 -36.85
C ILE D 174 1.00 28.06 -37.42
N ALA D 175 0.75 29.10 -36.63
CA ALA D 175 -0.20 30.13 -37.02
C ALA D 175 0.38 31.16 -37.98
N LYS D 176 1.70 31.37 -37.98
CA LYS D 176 2.30 32.42 -38.78
C LYS D 176 3.03 31.90 -40.00
N ALA D 177 3.85 30.87 -39.86
CA ALA D 177 4.55 30.33 -41.01
C ALA D 177 3.61 29.53 -41.91
N HIS D 178 2.74 28.72 -41.31
CA HIS D 178 1.79 27.93 -42.08
C HIS D 178 0.47 28.68 -42.29
N GLY D 179 -0.04 29.38 -41.27
CA GLY D 179 -1.23 30.20 -41.42
C GLY D 179 -2.45 29.68 -40.68
N GLY D 180 -3.07 30.52 -39.87
CA GLY D 180 -4.28 30.16 -39.16
C GLY D 180 -4.42 30.94 -37.88
N PHE D 181 -5.53 30.70 -37.19
CA PHE D 181 -5.81 31.29 -35.89
C PHE D 181 -5.59 30.27 -34.78
N SER D 182 -5.78 30.71 -33.53
CA SER D 182 -5.48 29.92 -32.35
C SER D 182 -6.38 30.34 -31.21
N VAL D 183 -6.65 29.41 -30.30
CA VAL D 183 -7.46 29.68 -29.12
C VAL D 183 -6.71 29.15 -27.90
N PHE D 184 -6.70 29.94 -26.83
CA PHE D 184 -6.05 29.59 -25.58
C PHE D 184 -7.08 29.58 -24.46
N THR D 185 -7.07 28.52 -23.66
CA THR D 185 -8.09 28.28 -22.64
C THR D 185 -7.40 27.92 -21.33
N GLY D 186 -7.41 28.87 -20.40
CA GLY D 186 -6.89 28.63 -19.07
C GLY D 186 -7.95 28.06 -18.16
N VAL D 187 -7.88 26.75 -17.96
CA VAL D 187 -8.79 26.03 -17.09
C VAL D 187 -8.09 25.89 -15.74
N GLY D 188 -8.38 26.81 -14.83
CA GLY D 188 -7.72 26.80 -13.55
C GLY D 188 -6.28 27.24 -13.59
N GLU D 189 -5.92 28.07 -14.57
CA GLU D 189 -4.58 28.59 -14.66
C GLU D 189 -4.31 29.56 -13.52
N ARG D 190 -3.06 29.56 -13.06
CA ARG D 190 -2.61 30.58 -12.12
C ARG D 190 -2.69 31.95 -12.78
N THR D 191 -3.27 32.91 -12.06
CA THR D 191 -3.53 34.22 -12.65
C THR D 191 -2.24 34.92 -13.04
N ARG D 192 -1.18 34.73 -12.25
CA ARG D 192 0.10 35.33 -12.57
C ARG D 192 0.61 34.84 -13.92
N GLU D 193 0.48 33.54 -14.17
CA GLU D 193 0.93 33.00 -15.44
C GLU D 193 0.10 33.55 -16.59
N GLY D 194 -1.16 33.85 -16.35
CA GLY D 194 -2.02 34.37 -17.40
C GLY D 194 -1.68 35.80 -17.73
N ASN D 195 -1.41 36.62 -16.72
CA ASN D 195 -0.92 37.96 -16.98
C ASN D 195 0.39 37.91 -17.73
N ASP D 196 1.29 37.00 -17.34
CA ASP D 196 2.57 36.89 -18.01
C ASP D 196 2.39 36.48 -19.47
N LEU D 197 1.47 35.55 -19.72
CA LEU D 197 1.22 35.10 -21.09
C LEU D 197 0.64 36.23 -21.93
N TYR D 198 -0.31 36.97 -21.37
CA TYR D 198 -0.88 38.11 -22.07
C TYR D 198 0.21 39.13 -22.41
N ARG D 199 1.10 39.40 -21.47
CA ARG D 199 2.15 40.39 -21.69
C ARG D 199 3.14 39.91 -22.75
N GLU D 200 3.53 38.63 -22.70
CA GLU D 200 4.47 38.12 -23.70
C GLU D 200 3.84 38.05 -25.07
N MET D 201 2.54 37.74 -25.13
CA MET D 201 1.86 37.70 -26.41
C MET D 201 1.71 39.09 -26.99
N LYS D 202 1.54 40.10 -26.15
CA LYS D 202 1.62 41.47 -26.65
C LYS D 202 3.04 41.77 -27.13
N GLU D 203 4.04 41.24 -26.43
CA GLU D 203 5.43 41.49 -26.82
C GLU D 203 5.79 40.77 -28.11
N THR D 204 5.13 39.66 -28.40
CA THR D 204 5.46 38.85 -29.57
C THR D 204 4.63 39.18 -30.79
N GLY D 205 3.58 39.99 -30.64
CA GLY D 205 2.77 40.39 -31.76
C GLY D 205 1.64 39.45 -32.13
N VAL D 206 1.30 38.51 -31.25
CA VAL D 206 0.10 37.71 -31.48
C VAL D 206 -1.14 38.52 -31.11
N ILE D 207 -1.07 39.27 -30.02
CA ILE D 207 -2.09 40.24 -29.66
C ILE D 207 -1.67 41.61 -30.15
N ASN D 208 -2.59 42.31 -30.79
CA ASN D 208 -2.48 43.74 -30.99
C ASN D 208 -3.80 44.39 -30.60
N LEU D 209 -3.71 45.54 -29.95
CA LEU D 209 -4.92 46.23 -29.52
C LEU D 209 -5.50 47.12 -30.61
N GLU D 210 -4.64 47.84 -31.35
CA GLU D 210 -5.08 48.77 -32.36
C GLU D 210 -5.05 48.17 -33.76
N GLY D 211 -5.01 46.84 -33.88
CA GLY D 211 -4.93 46.22 -35.18
C GLY D 211 -5.21 44.74 -35.10
N GLU D 212 -4.93 44.06 -36.21
CA GLU D 212 -5.25 42.65 -36.33
C GLU D 212 -4.56 41.83 -35.25
N SER D 213 -5.27 40.81 -34.77
CA SER D 213 -4.74 39.89 -33.78
C SER D 213 -5.23 38.49 -34.12
N LYS D 214 -4.49 37.49 -33.65
CA LYS D 214 -4.68 36.13 -34.14
C LYS D 214 -4.64 35.09 -33.04
N VAL D 215 -5.08 35.43 -31.84
CA VAL D 215 -5.33 34.44 -30.80
C VAL D 215 -6.41 34.97 -29.88
N ALA D 216 -7.31 34.09 -29.48
CA ALA D 216 -8.39 34.43 -28.56
C ALA D 216 -8.12 33.74 -27.22
N LEU D 217 -8.40 34.46 -26.14
CA LEU D 217 -8.07 34.01 -24.81
C LEU D 217 -9.35 33.80 -24.01
N VAL D 218 -9.49 32.60 -23.45
CA VAL D 218 -10.51 32.29 -22.48
C VAL D 218 -9.81 31.90 -21.20
N PHE D 219 -10.09 32.63 -20.12
CA PHE D 219 -9.41 32.45 -18.86
C PHE D 219 -10.41 32.12 -17.77
N GLY D 220 -10.26 30.97 -17.17
CA GLY D 220 -10.97 30.63 -15.95
C GLY D 220 -10.00 30.47 -14.81
N GLN D 221 -9.98 31.45 -13.92
CA GLN D 221 -8.94 31.53 -12.92
C GLN D 221 -9.15 30.49 -11.83
N MET D 222 -8.06 30.16 -11.14
CA MET D 222 -8.11 29.14 -10.12
C MET D 222 -8.98 29.56 -8.95
N ASN D 223 -9.14 30.87 -8.73
CA ASN D 223 -10.02 31.35 -7.68
C ASN D 223 -11.50 31.15 -8.00
N GLU D 224 -11.83 30.81 -9.21
CA GLU D 224 -13.23 30.68 -9.56
C GLU D 224 -13.79 29.36 -9.04
N PRO D 225 -15.09 29.30 -8.80
CA PRO D 225 -15.67 28.12 -8.22
C PRO D 225 -15.56 26.92 -9.14
N PRO D 226 -15.77 25.71 -8.64
CA PRO D 226 -15.59 24.52 -9.47
C PRO D 226 -16.50 24.49 -10.68
N GLY D 227 -17.67 25.10 -10.60
CA GLY D 227 -18.57 25.09 -11.73
C GLY D 227 -18.05 25.84 -12.94
N ALA D 228 -17.15 26.79 -12.72
CA ALA D 228 -16.58 27.54 -13.84
C ALA D 228 -15.42 26.79 -14.46
N ARG D 229 -14.49 26.34 -13.62
CA ARG D 229 -13.36 25.56 -14.12
C ARG D 229 -13.83 24.33 -14.87
N ALA D 230 -14.99 23.80 -14.50
CA ALA D 230 -15.54 22.63 -15.19
C ALA D 230 -16.13 22.96 -16.54
N ARG D 231 -16.20 24.23 -16.92
CA ARG D 231 -16.91 24.65 -18.12
C ARG D 231 -16.11 25.59 -19.01
N VAL D 232 -14.98 26.10 -18.54
CA VAL D 232 -14.18 27.02 -19.35
C VAL D 232 -13.67 26.33 -20.61
N ALA D 233 -13.29 25.06 -20.48
CA ALA D 233 -12.71 24.34 -21.61
C ALA D 233 -13.69 24.31 -22.77
N LEU D 234 -14.97 24.15 -22.46
CA LEU D 234 -15.98 24.18 -23.50
C LEU D 234 -16.13 25.58 -24.05
N THR D 235 -15.90 26.58 -23.21
CA THR D 235 -16.02 27.98 -23.64
C THR D 235 -15.03 28.27 -24.75
N GLY D 236 -13.79 27.82 -24.60
CA GLY D 236 -12.82 28.00 -25.67
C GLY D 236 -12.97 27.01 -26.81
N LEU D 237 -13.39 25.78 -26.51
CA LEU D 237 -13.57 24.78 -27.54
C LEU D 237 -14.64 25.21 -28.52
N THR D 238 -15.66 25.92 -28.05
CA THR D 238 -16.71 26.38 -28.93
C THR D 238 -16.22 27.43 -29.91
N ILE D 239 -15.31 28.30 -29.46
CA ILE D 239 -14.73 29.29 -30.37
C ILE D 239 -13.84 28.61 -31.40
N ALA D 240 -13.04 27.65 -30.95
CA ALA D 240 -12.23 26.87 -31.89
C ALA D 240 -13.13 26.21 -32.93
N GLU D 241 -14.24 25.63 -32.49
CA GLU D 241 -15.14 24.95 -33.41
C GLU D 241 -15.80 25.92 -34.36
N TYR D 242 -16.07 27.15 -33.93
CA TYR D 242 -16.63 28.12 -34.85
C TYR D 242 -15.63 28.48 -35.93
N PHE D 243 -14.37 28.72 -35.54
CA PHE D 243 -13.39 29.04 -36.56
C PHE D 243 -13.19 27.87 -37.51
N ARG D 244 -13.34 26.64 -37.02
CA ARG D 244 -13.36 25.49 -37.93
C ARG D 244 -14.54 25.53 -38.89
N ASP D 245 -15.75 25.40 -38.35
CA ASP D 245 -16.94 25.14 -39.14
C ASP D 245 -17.52 26.39 -39.78
N GLU D 246 -17.09 27.57 -39.37
CA GLU D 246 -17.66 28.81 -39.90
C GLU D 246 -16.59 29.78 -40.38
N GLU D 247 -15.32 29.44 -40.26
CA GLU D 247 -14.24 30.17 -40.92
C GLU D 247 -13.45 29.29 -41.87
N GLY D 248 -13.74 27.99 -41.91
CA GLY D 248 -13.13 27.10 -42.88
C GLY D 248 -11.62 27.03 -42.81
N GLN D 249 -11.05 27.00 -41.61
CA GLN D 249 -9.60 27.03 -41.47
C GLN D 249 -9.19 26.14 -40.30
N ASP D 250 -7.94 25.70 -40.34
CA ASP D 250 -7.39 24.86 -39.29
C ASP D 250 -6.94 25.72 -38.11
N VAL D 251 -7.41 25.37 -36.93
CA VAL D 251 -7.09 26.10 -35.71
C VAL D 251 -6.51 25.13 -34.71
N LEU D 252 -5.83 25.68 -33.72
CA LEU D 252 -5.29 24.89 -32.63
C LEU D 252 -5.70 25.48 -31.29
N LEU D 253 -6.06 24.59 -30.37
CA LEU D 253 -6.68 24.94 -29.11
C LEU D 253 -5.77 24.48 -27.97
N PHE D 254 -5.33 25.42 -27.15
CA PHE D 254 -4.52 25.12 -25.99
C PHE D 254 -5.43 25.05 -24.77
N ILE D 255 -5.33 23.95 -24.02
CA ILE D 255 -6.02 23.80 -22.76
C ILE D 255 -4.96 23.65 -21.67
N ASP D 256 -4.99 24.55 -20.68
CA ASP D 256 -3.96 24.59 -19.65
C ASP D 256 -4.66 24.88 -18.32
N ASN D 257 -4.78 23.88 -17.43
CA ASN D 257 -4.30 22.51 -17.52
C ASN D 257 -5.49 21.57 -17.51
N ILE D 258 -5.38 20.47 -18.23
CA ILE D 258 -6.51 19.56 -18.38
C ILE D 258 -6.83 18.81 -17.08
N PHE D 259 -5.87 18.72 -16.17
CA PHE D 259 -6.12 18.06 -14.90
C PHE D 259 -7.25 18.71 -14.14
N ARG D 260 -7.32 20.04 -14.23
CA ARG D 260 -8.26 20.78 -13.42
C ARG D 260 -9.67 20.65 -13.93
N PHE D 261 -9.84 20.26 -15.20
CA PHE D 261 -11.17 19.91 -15.67
C PHE D 261 -11.72 18.74 -14.86
N THR D 262 -10.91 17.71 -14.67
CA THR D 262 -11.34 16.56 -13.89
C THR D 262 -11.44 16.90 -12.41
N GLN D 263 -10.53 17.74 -11.92
CA GLN D 263 -10.60 18.16 -10.53
C GLN D 263 -11.91 18.88 -10.23
N ALA D 264 -12.30 19.81 -11.10
CA ALA D 264 -13.55 20.53 -10.93
C ALA D 264 -14.74 19.60 -11.11
N GLY D 265 -14.65 18.65 -12.03
CA GLY D 265 -15.71 17.67 -12.15
C GLY D 265 -15.89 16.88 -10.87
N SER D 266 -14.79 16.57 -10.19
CA SER D 266 -14.89 15.84 -8.94
C SER D 266 -15.50 16.70 -7.85
N GLU D 267 -15.14 17.98 -7.82
CA GLU D 267 -15.77 18.88 -6.86
C GLU D 267 -17.27 18.97 -7.09
N VAL D 268 -17.68 19.18 -8.34
CA VAL D 268 -19.10 19.36 -8.62
C VAL D 268 -19.87 18.07 -8.38
N SER D 269 -19.24 16.91 -8.60
CA SER D 269 -19.91 15.66 -8.31
C SER D 269 -20.09 15.46 -6.82
N ALA D 270 -19.03 15.68 -6.05
CA ALA D 270 -19.13 15.54 -4.60
C ALA D 270 -20.19 16.48 -4.05
N LEU D 271 -20.23 17.71 -4.55
CA LEU D 271 -21.20 18.67 -4.04
C LEU D 271 -22.63 18.25 -4.39
N LEU D 272 -22.83 17.67 -5.55
CA LEU D 272 -24.14 17.21 -5.99
C LEU D 272 -24.57 15.93 -5.30
N GLY D 273 -23.72 15.34 -4.46
CA GLY D 273 -24.09 14.17 -3.70
C GLY D 273 -23.92 12.85 -4.42
N ARG D 274 -23.12 12.81 -5.48
CA ARG D 274 -22.86 11.57 -6.16
C ARG D 274 -21.78 10.78 -5.43
N ILE D 275 -21.96 9.47 -5.38
CA ILE D 275 -21.03 8.63 -4.62
C ILE D 275 -19.64 8.76 -5.21
N PRO D 276 -18.62 9.07 -4.43
CA PRO D 276 -17.28 9.14 -5.02
C PRO D 276 -16.77 7.76 -5.38
N SER D 277 -16.08 7.71 -6.51
CA SER D 277 -15.48 6.50 -7.05
C SER D 277 -14.10 6.30 -6.41
N ALA D 278 -13.23 5.58 -7.13
CA ALA D 278 -11.80 5.54 -6.84
C ALA D 278 -11.31 6.87 -6.27
N VAL D 279 -9.98 7.00 -6.13
CA VAL D 279 -9.35 7.87 -5.13
C VAL D 279 -10.11 9.16 -4.82
N GLY D 280 -11.15 9.46 -5.60
CA GLY D 280 -12.08 10.51 -5.28
C GLY D 280 -12.64 11.22 -6.49
N TYR D 281 -12.60 10.58 -7.65
CA TYR D 281 -13.07 11.20 -8.86
C TYR D 281 -14.54 10.84 -9.12
N GLN D 282 -15.15 11.61 -10.01
CA GLN D 282 -16.54 11.42 -10.36
C GLN D 282 -16.70 10.15 -11.19
N PRO D 283 -17.84 9.46 -11.06
CA PRO D 283 -18.08 8.32 -11.94
C PRO D 283 -18.13 8.70 -13.40
N THR D 284 -18.53 9.94 -13.70
CA THR D 284 -18.66 10.45 -15.04
C THR D 284 -17.34 10.92 -15.62
N LEU D 285 -16.21 10.47 -15.08
CA LEU D 285 -14.93 11.02 -15.48
C LEU D 285 -14.62 10.72 -16.94
N ALA D 286 -14.74 9.46 -17.33
CA ALA D 286 -14.42 9.09 -18.70
C ALA D 286 -15.38 9.74 -19.68
N THR D 287 -16.65 9.82 -19.32
CA THR D 287 -17.63 10.38 -20.23
C THR D 287 -17.53 11.89 -20.32
N ASP D 288 -17.15 12.55 -19.24
CA ASP D 288 -16.92 13.99 -19.30
C ASP D 288 -15.71 14.31 -20.18
N MET D 289 -14.62 13.58 -19.96
CA MET D 289 -13.45 13.77 -20.81
C MET D 289 -13.78 13.48 -22.26
N GLY D 290 -14.58 12.45 -22.52
CA GLY D 290 -14.98 12.18 -23.89
C GLY D 290 -15.80 13.30 -24.50
N LEU D 291 -16.78 13.79 -23.75
CA LEU D 291 -17.63 14.85 -24.29
C LEU D 291 -16.86 16.14 -24.48
N LEU D 292 -15.69 16.27 -23.86
CA LEU D 292 -14.83 17.38 -24.20
C LEU D 292 -13.94 17.07 -25.40
N GLN D 293 -13.21 15.96 -25.33
CA GLN D 293 -12.17 15.66 -26.31
C GLN D 293 -12.74 15.39 -27.68
N GLU D 294 -13.83 14.62 -27.77
CA GLU D 294 -14.31 14.15 -29.05
C GLU D 294 -14.93 15.24 -29.90
N ARG D 295 -15.01 16.46 -29.40
CA ARG D 295 -15.23 17.62 -30.25
C ARG D 295 -13.94 18.08 -30.91
N ILE D 296 -12.79 17.73 -30.34
CA ILE D 296 -11.50 18.05 -30.91
C ILE D 296 -11.16 16.99 -31.95
N THR D 297 -11.55 17.23 -33.20
CA THR D 297 -11.33 16.25 -34.24
C THR D 297 -11.35 16.95 -35.59
N THR D 298 -10.93 16.21 -36.61
CA THR D 298 -10.93 16.71 -37.97
C THR D 298 -12.29 16.47 -38.63
N THR D 299 -12.76 17.48 -39.34
CA THR D 299 -13.94 17.36 -40.17
C THR D 299 -13.66 17.98 -41.53
N LYS D 300 -14.59 17.78 -42.44
CA LYS D 300 -14.38 18.18 -43.83
C LYS D 300 -14.05 19.66 -43.93
N LYS D 301 -14.54 20.47 -43.00
CA LYS D 301 -14.32 21.90 -43.05
C LYS D 301 -13.01 22.31 -42.39
N GLY D 302 -12.42 21.47 -41.57
CA GLY D 302 -11.16 21.80 -40.94
C GLY D 302 -10.90 20.90 -39.75
N SER D 303 -9.84 21.24 -39.02
CA SER D 303 -9.39 20.48 -37.87
C SER D 303 -9.11 21.41 -36.71
N VAL D 304 -9.67 21.08 -35.55
CA VAL D 304 -9.31 21.73 -34.29
C VAL D 304 -8.27 20.86 -33.61
N THR D 305 -7.03 21.33 -33.63
CA THR D 305 -5.94 20.63 -32.95
C THR D 305 -5.81 21.14 -31.52
N SER D 306 -5.30 20.28 -30.65
CA SER D 306 -5.22 20.62 -29.24
C SER D 306 -3.87 20.22 -28.67
N VAL D 307 -3.32 21.12 -27.87
CA VAL D 307 -2.13 20.90 -27.10
C VAL D 307 -2.51 21.10 -25.65
N GLN D 308 -2.49 20.01 -24.89
CA GLN D 308 -3.06 19.97 -23.56
C GLN D 308 -1.96 19.75 -22.54
N ALA D 309 -1.83 20.68 -21.61
CA ALA D 309 -0.94 20.50 -20.47
C ALA D 309 -1.61 19.56 -19.49
N VAL D 310 -0.85 18.59 -18.97
CA VAL D 310 -1.38 17.55 -18.13
C VAL D 310 -0.58 17.51 -16.83
N TYR D 311 -1.20 17.97 -15.75
CA TYR D 311 -0.57 17.93 -14.43
C TYR D 311 -0.73 16.54 -13.84
N VAL D 312 0.40 15.89 -13.59
CA VAL D 312 0.42 14.56 -13.00
C VAL D 312 0.65 14.70 -11.50
N PRO D 313 -0.38 14.55 -10.67
CA PRO D 313 -0.17 14.67 -9.23
C PRO D 313 0.75 13.58 -8.70
N ALA D 314 1.71 13.98 -7.88
CA ALA D 314 2.59 13.04 -7.19
C ALA D 314 3.34 12.15 -8.18
N ASP D 315 3.52 12.64 -9.40
CA ASP D 315 4.28 11.94 -10.43
C ASP D 315 3.72 10.56 -10.72
N ASP D 316 2.44 10.34 -10.42
CA ASP D 316 1.81 9.03 -10.55
C ASP D 316 0.99 9.02 -11.83
N LEU D 317 1.57 8.48 -12.90
CA LEU D 317 0.85 8.34 -14.15
C LEU D 317 -0.32 7.38 -14.06
N THR D 318 -0.48 6.70 -12.94
CA THR D 318 -1.59 5.77 -12.72
C THR D 318 -2.76 6.41 -12.00
N ASP D 319 -2.67 7.69 -11.68
CA ASP D 319 -3.80 8.38 -11.10
C ASP D 319 -4.91 8.49 -12.15
N PRO D 320 -6.16 8.25 -11.77
CA PRO D 320 -7.22 8.24 -12.78
C PRO D 320 -7.27 9.45 -13.70
N ALA D 321 -6.86 10.63 -13.23
CA ALA D 321 -6.94 11.80 -14.11
C ALA D 321 -6.02 11.67 -15.31
N PRO D 322 -4.70 11.56 -15.14
CA PRO D 322 -3.84 11.38 -16.31
C PRO D 322 -4.09 10.06 -17.01
N ALA D 323 -4.43 9.01 -16.27
CA ALA D 323 -4.72 7.73 -16.92
C ALA D 323 -5.88 7.85 -17.89
N THR D 324 -6.91 8.61 -17.54
CA THR D 324 -8.03 8.79 -18.44
C THR D 324 -7.68 9.74 -19.57
N THR D 325 -6.87 10.76 -19.29
CA THR D 325 -6.47 11.68 -20.33
C THR D 325 -5.66 10.97 -21.41
N PHE D 326 -4.77 10.06 -21.01
CA PHE D 326 -3.89 9.38 -21.95
C PHE D 326 -4.66 8.60 -23.00
N ALA D 327 -5.85 8.11 -22.68
CA ALA D 327 -6.59 7.28 -23.62
C ALA D 327 -6.97 8.06 -24.86
N HIS D 328 -7.07 9.38 -24.75
CA HIS D 328 -7.54 10.23 -25.83
C HIS D 328 -6.41 10.86 -26.62
N LEU D 329 -5.37 11.34 -25.96
CA LEU D 329 -4.25 11.93 -26.67
C LEU D 329 -3.33 10.86 -27.20
N ASP D 330 -2.76 11.15 -28.37
CA ASP D 330 -1.92 10.19 -29.06
C ASP D 330 -0.51 10.71 -29.32
N ALA D 331 -0.23 11.97 -29.01
CA ALA D 331 1.12 12.49 -28.98
C ALA D 331 1.41 13.06 -27.60
N THR D 332 2.61 12.79 -27.11
CA THR D 332 3.05 13.27 -25.81
C THR D 332 4.35 14.04 -25.98
N THR D 333 4.52 15.05 -25.14
CA THR D 333 5.71 15.88 -25.14
C THR D 333 6.07 16.17 -23.69
N VAL D 334 7.06 15.44 -23.18
CA VAL D 334 7.50 15.55 -21.80
C VAL D 334 8.63 16.57 -21.71
N LEU D 335 8.34 17.71 -21.09
CA LEU D 335 9.38 18.65 -20.69
C LEU D 335 9.85 18.26 -19.30
N SER D 336 11.08 17.78 -19.19
CA SER D 336 11.63 17.25 -17.95
C SER D 336 12.74 18.15 -17.43
N ARG D 337 12.76 18.36 -16.11
CA ARG D 337 13.86 19.09 -15.48
C ARG D 337 15.18 18.39 -15.71
N GLY D 338 15.16 17.07 -15.85
CA GLY D 338 16.37 16.30 -16.05
C GLY D 338 17.10 16.57 -17.33
N ILE D 339 16.60 17.50 -18.14
CA ILE D 339 17.21 17.85 -19.41
C ILE D 339 17.69 19.29 -19.41
N SER D 340 16.99 20.17 -18.68
CA SER D 340 17.47 21.51 -18.44
C SER D 340 18.56 21.56 -17.39
N GLU D 341 18.59 20.59 -16.47
CA GLU D 341 19.67 20.50 -15.51
C GLU D 341 21.02 20.39 -16.22
N LEU D 342 21.04 19.88 -17.44
CA LEU D 342 22.24 19.80 -18.26
C LEU D 342 22.16 20.73 -19.47
N GLY D 343 21.22 21.67 -19.45
CA GLY D 343 21.32 22.86 -20.26
C GLY D 343 21.04 22.75 -21.74
N ILE D 344 20.05 21.95 -22.15
CA ILE D 344 19.58 21.94 -23.53
C ILE D 344 18.10 22.26 -23.56
N TYR D 345 17.73 23.27 -24.35
CA TYR D 345 16.37 23.71 -24.57
C TYR D 345 16.02 23.42 -26.02
N PRO D 346 14.80 23.02 -26.34
CA PRO D 346 13.50 22.99 -25.65
C PRO D 346 13.35 22.20 -24.36
N ALA D 347 14.28 21.30 -24.04
CA ALA D 347 14.21 20.47 -22.85
C ALA D 347 13.18 19.35 -22.97
N VAL D 348 12.93 18.87 -24.17
CA VAL D 348 12.01 17.76 -24.39
C VAL D 348 12.76 16.45 -24.29
N ASP D 349 12.26 15.55 -23.46
CA ASP D 349 12.86 14.23 -23.30
C ASP D 349 12.71 13.43 -24.59
N PRO D 350 13.79 13.10 -25.30
CA PRO D 350 13.63 12.37 -26.56
C PRO D 350 13.14 10.96 -26.41
N LEU D 351 13.12 10.41 -25.19
CA LEU D 351 12.78 9.02 -24.99
C LEU D 351 11.46 8.81 -24.27
N ASP D 352 11.14 9.60 -23.26
CA ASP D 352 9.82 9.50 -22.65
C ASP D 352 8.76 10.11 -23.55
N SER D 353 9.12 11.11 -24.34
CA SER D 353 8.20 11.66 -25.31
C SER D 353 7.99 10.68 -26.45
N LYS D 354 6.75 10.50 -26.88
CA LYS D 354 6.41 9.50 -27.88
C LYS D 354 5.15 9.92 -28.63
N SER D 355 4.95 9.27 -29.79
CA SER D 355 3.85 9.60 -30.67
C SER D 355 3.28 8.35 -31.32
N ARG D 356 1.97 8.37 -31.51
CA ARG D 356 1.28 7.28 -32.22
C ARG D 356 1.58 7.33 -33.71
N LEU D 357 1.86 8.52 -34.24
CA LEU D 357 2.01 8.71 -35.67
C LEU D 357 3.38 8.34 -36.19
N LEU D 358 4.30 7.91 -35.32
CA LEU D 358 5.63 7.47 -35.74
C LEU D 358 5.52 6.08 -36.36
N ASP D 359 4.86 6.04 -37.52
CA ASP D 359 4.62 4.81 -38.25
C ASP D 359 5.02 5.01 -39.71
N ALA D 360 5.63 3.98 -40.28
CA ALA D 360 6.14 4.08 -41.64
C ALA D 360 5.04 4.44 -42.63
N ALA D 361 3.80 4.08 -42.32
CA ALA D 361 2.68 4.37 -43.21
C ALA D 361 2.26 5.83 -43.14
N VAL D 362 2.79 6.58 -42.18
CA VAL D 362 2.44 7.98 -41.99
C VAL D 362 3.64 8.89 -42.25
N VAL D 363 4.74 8.65 -41.54
CA VAL D 363 5.91 9.50 -41.66
C VAL D 363 6.87 9.03 -42.76
N GLY D 364 6.70 7.82 -43.26
CA GLY D 364 7.63 7.27 -44.23
C GLY D 364 8.71 6.43 -43.56
N GLN D 365 9.23 5.48 -44.33
CA GLN D 365 10.22 4.58 -43.77
C GLN D 365 11.54 5.29 -43.52
N GLU D 366 11.89 6.25 -44.37
CA GLU D 366 13.13 6.98 -44.19
C GLU D 366 13.15 7.71 -42.87
N HIS D 367 11.99 8.16 -42.40
CA HIS D 367 11.90 8.89 -41.14
C HIS D 367 11.84 7.92 -39.96
N TYR D 368 11.12 6.82 -40.13
CA TYR D 368 11.00 5.84 -39.08
C TYR D 368 12.34 5.23 -38.74
N ASP D 369 13.15 4.96 -39.77
CA ASP D 369 14.48 4.38 -39.53
C ASP D 369 15.34 5.33 -38.73
N VAL D 370 15.33 6.61 -39.10
CA VAL D 370 16.15 7.58 -38.40
C VAL D 370 15.69 7.70 -36.95
N ALA D 371 14.39 7.82 -36.75
CA ALA D 371 13.86 7.97 -35.41
C ALA D 371 14.19 6.75 -34.56
N SER D 372 14.05 5.55 -35.12
CA SER D 372 14.33 4.34 -34.37
C SER D 372 15.79 4.26 -33.98
N LYS D 373 16.69 4.64 -34.89
CA LYS D 373 18.10 4.56 -34.54
C LYS D 373 18.50 5.66 -33.58
N VAL D 374 17.79 6.79 -33.58
CA VAL D 374 18.01 7.81 -32.57
C VAL D 374 17.58 7.31 -31.20
N GLN D 375 16.38 6.73 -31.12
CA GLN D 375 15.89 6.19 -29.87
C GLN D 375 16.66 4.97 -29.43
N GLU D 376 17.49 4.40 -30.30
CA GLU D 376 18.39 3.32 -29.94
C GLU D 376 19.73 3.84 -29.43
N THR D 377 20.29 4.85 -30.09
CA THR D 377 21.54 5.42 -29.63
C THR D 377 21.38 6.10 -28.28
N LEU D 378 20.34 6.92 -28.14
CA LEU D 378 20.12 7.60 -26.87
C LEU D 378 19.86 6.60 -25.75
N GLN D 379 19.17 5.51 -26.07
CA GLN D 379 18.86 4.52 -25.04
C GLN D 379 20.09 3.69 -24.69
N THR D 380 20.95 3.40 -25.66
CA THR D 380 22.22 2.76 -25.37
C THR D 380 23.07 3.63 -24.47
N TYR D 381 23.06 4.95 -24.70
CA TYR D 381 23.78 5.85 -23.82
C TYR D 381 23.17 5.85 -22.43
N LYS D 382 21.85 5.91 -22.36
CA LYS D 382 21.17 5.91 -21.07
C LYS D 382 21.28 4.58 -20.35
N SER D 383 21.82 3.56 -21.01
CA SER D 383 22.07 2.27 -20.39
C SER D 383 23.44 2.21 -19.75
N LEU D 384 24.40 2.96 -20.29
CA LEU D 384 25.79 2.83 -19.92
C LEU D 384 26.23 3.84 -18.85
N GLN D 385 25.32 4.71 -18.41
CA GLN D 385 25.72 5.83 -17.56
C GLN D 385 26.33 5.35 -16.25
N ASP D 386 25.74 4.33 -15.64
CA ASP D 386 26.36 3.74 -14.44
C ASP D 386 27.79 3.30 -14.74
N ILE D 387 27.99 2.68 -15.91
CA ILE D 387 29.30 2.19 -16.30
C ILE D 387 30.24 3.36 -16.56
N ILE D 388 29.72 4.45 -17.13
CA ILE D 388 30.57 5.59 -17.43
C ILE D 388 30.98 6.30 -16.15
N ALA D 389 30.14 6.21 -15.13
CA ALA D 389 30.40 6.87 -13.86
C ALA D 389 31.36 6.06 -13.00
N ILE D 390 30.97 4.83 -12.66
CA ILE D 390 31.80 4.03 -11.78
C ILE D 390 33.13 3.75 -12.44
N LEU D 391 33.09 3.29 -13.68
CA LEU D 391 34.26 3.22 -14.53
C LEU D 391 34.32 4.52 -15.30
N GLY D 392 35.11 4.55 -16.35
CA GLY D 392 35.10 5.69 -17.23
C GLY D 392 34.82 5.33 -18.68
N MET D 393 35.04 6.30 -19.55
CA MET D 393 34.76 6.14 -20.96
C MET D 393 35.88 5.40 -21.67
N ASP D 394 36.99 5.16 -21.00
CA ASP D 394 38.06 4.33 -21.58
C ASP D 394 37.68 2.86 -21.59
N GLU D 395 36.95 2.40 -20.58
CA GLU D 395 36.58 0.99 -20.52
C GLU D 395 35.65 0.61 -21.65
N LEU D 396 34.85 1.55 -22.13
CA LEU D 396 33.93 1.24 -23.20
C LEU D 396 34.66 0.68 -24.39
N SER D 397 33.97 -0.16 -25.14
CA SER D 397 34.47 -0.59 -26.42
C SER D 397 34.51 0.56 -27.39
N GLU D 398 35.30 0.38 -28.44
CA GLU D 398 35.39 1.43 -29.45
C GLU D 398 34.06 1.62 -30.16
N GLN D 399 33.22 0.58 -30.17
CA GLN D 399 31.87 0.74 -30.69
C GLN D 399 31.02 1.63 -29.80
N ASP D 400 30.98 1.34 -28.51
CA ASP D 400 30.12 2.06 -27.59
C ASP D 400 30.66 3.43 -27.28
N LYS D 401 31.95 3.64 -27.52
CA LYS D 401 32.51 4.97 -27.41
C LYS D 401 32.00 5.87 -28.52
N LEU D 402 31.92 5.32 -29.72
CA LEU D 402 31.33 6.02 -30.84
C LEU D 402 29.84 6.23 -30.64
N THR D 403 29.16 5.23 -30.11
CA THR D 403 27.73 5.41 -29.82
C THR D 403 27.51 6.54 -28.82
N VAL D 404 28.33 6.62 -27.78
CA VAL D 404 28.15 7.68 -26.81
C VAL D 404 28.50 9.03 -27.41
N GLU D 405 29.52 9.08 -28.25
CA GLU D 405 29.84 10.34 -28.92
C GLU D 405 28.67 10.82 -29.77
N ARG D 406 28.14 9.95 -30.61
CA ARG D 406 27.04 10.33 -31.47
C ARG D 406 25.77 10.57 -30.67
N ALA D 407 25.61 9.91 -29.53
CA ALA D 407 24.47 10.17 -28.66
C ALA D 407 24.55 11.56 -28.05
N ARG D 408 25.74 11.97 -27.61
CA ARG D 408 25.88 13.31 -27.07
C ARG D 408 25.66 14.35 -28.15
N LYS D 409 26.18 14.08 -29.35
CA LYS D 409 25.97 15.01 -30.45
C LYS D 409 24.49 15.11 -30.80
N ILE D 410 23.77 14.00 -30.73
CA ILE D 410 22.35 14.00 -31.04
C ILE D 410 21.55 14.67 -29.94
N GLN D 411 21.87 14.36 -28.70
CA GLN D 411 21.25 15.01 -27.55
C GLN D 411 21.35 16.52 -27.67
N ARG D 412 22.52 17.00 -28.10
CA ARG D 412 22.69 18.43 -28.22
C ARG D 412 22.01 18.97 -29.48
N PHE D 413 22.05 18.24 -30.58
CA PHE D 413 21.47 18.74 -31.80
C PHE D 413 19.95 18.82 -31.74
N LEU D 414 19.33 18.05 -30.84
CA LEU D 414 17.91 18.19 -30.63
C LEU D 414 17.54 19.52 -30.00
N SER D 415 18.51 20.24 -29.46
CA SER D 415 18.28 21.58 -28.96
C SER D 415 18.00 22.54 -30.10
N GLN D 416 17.29 23.62 -29.78
CA GLN D 416 16.85 24.55 -30.82
C GLN D 416 16.59 25.93 -30.23
N PRO D 417 17.08 26.99 -30.87
CA PRO D 417 16.80 28.35 -30.40
C PRO D 417 15.47 28.83 -30.94
N PHE D 418 14.58 29.26 -30.06
CA PHE D 418 13.26 29.67 -30.49
C PHE D 418 13.29 31.06 -31.10
N ALA D 419 12.43 31.26 -32.12
CA ALA D 419 12.26 32.57 -32.72
C ALA D 419 11.70 33.60 -31.75
N VAL D 420 11.31 33.16 -30.55
CA VAL D 420 10.80 34.06 -29.53
C VAL D 420 11.80 34.28 -28.41
N ALA D 421 12.82 33.43 -28.29
CA ALA D 421 13.87 33.58 -27.31
C ALA D 421 14.88 34.65 -27.71
N GLU D 422 14.69 35.32 -28.85
CA GLU D 422 15.65 36.29 -29.33
C GLU D 422 15.89 37.41 -28.32
N VAL D 423 14.93 37.65 -27.42
CA VAL D 423 15.03 38.80 -26.53
C VAL D 423 15.87 38.47 -25.30
N PHE D 424 15.58 37.34 -24.66
CA PHE D 424 16.23 37.01 -23.39
C PHE D 424 17.54 36.27 -23.61
N THR D 425 17.53 35.23 -24.44
CA THR D 425 18.77 34.53 -24.76
C THR D 425 19.62 35.27 -25.76
N GLY D 426 19.01 36.14 -26.57
CA GLY D 426 19.74 36.83 -27.61
C GLY D 426 19.92 36.03 -28.87
N ILE D 427 19.84 34.70 -28.76
CA ILE D 427 20.14 33.84 -29.91
C ILE D 427 19.09 34.09 -30.99
N PRO D 428 19.46 34.07 -32.27
CA PRO D 428 18.54 34.60 -33.29
C PRO D 428 17.22 33.84 -33.41
N GLY D 429 17.21 32.54 -33.17
CA GLY D 429 15.99 31.77 -33.34
C GLY D 429 15.77 31.30 -34.78
N LYS D 430 15.44 30.01 -34.95
CA LYS D 430 15.21 29.44 -36.28
C LYS D 430 14.26 28.26 -36.17
N LEU D 431 13.62 27.94 -37.28
CA LEU D 431 12.77 26.77 -37.41
C LEU D 431 13.26 25.89 -38.55
N VAL D 432 13.06 24.58 -38.42
CA VAL D 432 13.60 23.59 -39.34
C VAL D 432 12.49 22.71 -39.87
N ARG D 433 12.52 22.46 -41.18
CA ARG D 433 11.56 21.57 -41.81
C ARG D 433 11.86 20.12 -41.47
N LEU D 434 10.87 19.27 -41.73
CA LEU D 434 10.99 17.85 -41.39
C LEU D 434 12.02 17.17 -42.26
N LYS D 435 12.13 17.57 -43.53
CA LYS D 435 13.16 17.04 -44.39
C LYS D 435 14.54 17.45 -43.89
N ASP D 436 14.73 18.75 -43.70
CA ASP D 436 16.03 19.26 -43.26
C ASP D 436 16.45 18.68 -41.92
N THR D 437 15.53 18.08 -41.19
CA THR D 437 15.83 17.49 -39.89
C THR D 437 16.11 16.00 -40.03
N VAL D 438 15.22 15.28 -40.72
CA VAL D 438 15.41 13.86 -40.94
C VAL D 438 16.73 13.61 -41.64
N ALA D 439 16.99 14.34 -42.72
CA ALA D 439 18.24 14.17 -43.45
C ALA D 439 19.43 14.62 -42.61
N SER D 440 19.25 15.66 -41.80
CA SER D 440 20.36 16.17 -41.00
C SER D 440 20.77 15.16 -39.95
N PHE D 441 19.80 14.44 -39.39
CA PHE D 441 20.14 13.41 -38.42
C PHE D 441 20.62 12.13 -39.12
N LYS D 442 20.07 11.81 -40.28
CA LYS D 442 20.59 10.70 -41.07
C LYS D 442 22.08 10.88 -41.33
N ALA D 443 22.49 12.11 -41.65
CA ALA D 443 23.90 12.37 -41.91
C ALA D 443 24.75 12.19 -40.66
N VAL D 444 24.21 12.47 -39.49
CA VAL D 444 24.98 12.28 -38.25
C VAL D 444 25.09 10.81 -37.93
N LEU D 445 23.99 10.06 -38.07
CA LEU D 445 24.03 8.63 -37.80
C LEU D 445 24.91 7.91 -38.80
N GLU D 446 24.84 8.29 -40.07
CA GLU D 446 25.73 7.73 -41.07
C GLU D 446 27.18 8.10 -40.84
N GLY D 447 27.48 8.87 -39.81
CA GLY D 447 28.84 9.17 -39.43
C GLY D 447 29.55 10.18 -40.28
N LYS D 448 28.85 10.89 -41.16
CA LYS D 448 29.51 11.80 -42.07
C LYS D 448 30.15 12.97 -41.33
N TYR D 449 29.48 13.48 -40.30
CA TYR D 449 29.95 14.64 -39.56
C TYR D 449 30.52 14.25 -38.21
N ASP D 450 30.96 13.01 -38.06
CA ASP D 450 31.59 12.59 -36.82
C ASP D 450 32.90 13.32 -36.57
N ASN D 451 33.46 13.94 -37.62
CA ASN D 451 34.66 14.76 -37.49
C ASN D 451 34.45 15.99 -36.61
N ILE D 452 33.21 16.40 -36.39
CA ILE D 452 32.89 17.71 -35.83
C ILE D 452 32.69 17.60 -34.32
N PRO D 453 33.08 18.62 -33.56
CA PRO D 453 32.83 18.59 -32.12
C PRO D 453 31.37 18.72 -31.75
N GLU D 454 31.07 18.40 -30.50
CA GLU D 454 29.69 18.44 -30.01
C GLU D 454 29.14 19.86 -29.98
N HIS D 455 29.97 20.85 -29.68
CA HIS D 455 29.46 22.21 -29.50
C HIS D 455 28.85 22.76 -30.77
N ALA D 456 29.27 22.26 -31.92
CA ALA D 456 28.71 22.74 -33.18
C ALA D 456 27.25 22.37 -33.33
N PHE D 457 26.75 21.47 -32.50
CA PHE D 457 25.37 21.01 -32.60
C PHE D 457 24.43 21.71 -31.64
N TYR D 458 24.93 22.62 -30.80
CA TYR D 458 24.21 22.98 -29.58
C TYR D 458 22.98 23.83 -29.82
N MET D 459 23.05 24.84 -30.69
CA MET D 459 21.92 25.75 -30.88
C MET D 459 21.74 26.07 -32.35
N VAL D 460 21.87 25.06 -33.18
CA VAL D 460 21.97 25.23 -34.62
C VAL D 460 20.78 24.57 -35.29
N GLY D 461 20.05 25.34 -36.09
CA GLY D 461 18.93 24.81 -36.83
C GLY D 461 19.32 24.16 -38.14
N GLY D 462 19.90 22.97 -38.06
CA GLY D 462 20.27 22.23 -39.26
C GLY D 462 21.77 22.13 -39.44
N ILE D 463 22.19 21.05 -40.10
CA ILE D 463 23.61 20.73 -40.23
C ILE D 463 24.32 21.72 -41.14
N GLU D 464 23.61 22.24 -42.16
CA GLU D 464 24.21 23.22 -43.04
C GLU D 464 24.71 24.42 -42.28
N ASP D 465 24.24 24.60 -41.04
CA ASP D 465 24.74 25.65 -40.17
C ASP D 465 25.65 25.11 -39.09
N VAL D 466 25.60 23.81 -38.81
CA VAL D 466 26.56 23.20 -37.91
C VAL D 466 27.96 23.25 -38.51
N VAL D 467 28.07 22.96 -39.81
CA VAL D 467 29.34 23.12 -40.51
C VAL D 467 29.90 24.52 -40.31
N ALA D 468 29.05 25.53 -40.51
CA ALA D 468 29.51 26.90 -40.43
C ALA D 468 29.91 27.27 -39.02
N LYS D 469 29.15 26.81 -38.02
CA LYS D 469 29.53 27.08 -36.64
C LYS D 469 30.86 26.42 -36.31
N ALA D 470 31.06 25.19 -36.78
CA ALA D 470 32.33 24.51 -36.56
C ALA D 470 33.48 25.35 -37.13
N GLU D 471 33.32 25.78 -38.39
CA GLU D 471 34.35 26.60 -39.01
C GLU D 471 34.62 27.86 -38.20
N LYS D 472 33.56 28.55 -37.80
CA LYS D 472 33.71 29.83 -37.13
C LYS D 472 34.28 29.68 -35.72
N LEU D 473 34.01 28.55 -35.07
CA LEU D 473 34.61 28.28 -33.78
C LEU D 473 36.10 27.94 -33.93
N ALA D 474 36.43 27.12 -34.93
CA ALA D 474 37.82 26.78 -35.16
C ALA D 474 38.64 27.99 -35.57
N ALA D 475 38.02 28.95 -36.27
CA ALA D 475 38.73 30.15 -36.68
C ALA D 475 38.98 31.10 -35.52
N GLU D 476 38.17 31.01 -34.46
CA GLU D 476 38.33 31.87 -33.30
C GLU D 476 39.59 31.52 -32.52
N PRO E 8 -50.72 -23.16 -2.46
CA PRO E 8 -49.62 -22.62 -1.65
C PRO E 8 -49.72 -21.12 -1.41
N ILE E 9 -48.98 -20.62 -0.41
CA ILE E 9 -49.08 -19.23 0.00
C ILE E 9 -48.50 -18.34 -1.09
N THR E 10 -49.31 -17.43 -1.61
CA THR E 10 -48.98 -16.62 -2.77
C THR E 10 -48.58 -15.20 -2.38
N GLY E 11 -47.53 -14.70 -3.03
CA GLY E 11 -47.11 -13.33 -2.88
C GLY E 11 -46.90 -12.65 -4.23
N LYS E 12 -46.49 -11.39 -4.16
CA LYS E 12 -46.31 -10.55 -5.33
C LYS E 12 -44.99 -9.79 -5.26
N VAL E 13 -44.29 -9.74 -6.38
CA VAL E 13 -43.05 -8.99 -6.44
C VAL E 13 -43.34 -7.50 -6.35
N THR E 14 -42.41 -6.77 -5.70
CA THR E 14 -42.52 -5.34 -5.50
C THR E 14 -41.29 -4.56 -5.94
N ALA E 15 -40.11 -5.15 -5.93
CA ALA E 15 -38.89 -4.48 -6.35
C ALA E 15 -37.98 -5.48 -7.04
N VAL E 16 -37.22 -4.98 -8.01
CA VAL E 16 -36.19 -5.77 -8.69
C VAL E 16 -34.98 -4.87 -8.87
N ILE E 17 -33.93 -5.16 -8.14
CA ILE E 17 -32.69 -4.40 -8.17
C ILE E 17 -31.57 -5.40 -8.37
N GLY E 18 -31.24 -5.67 -9.62
CA GLY E 18 -30.22 -6.66 -9.91
C GLY E 18 -30.68 -8.04 -9.50
N ALA E 19 -29.84 -8.72 -8.73
CA ALA E 19 -30.16 -10.05 -8.25
C ALA E 19 -31.01 -10.05 -7.00
N ILE E 20 -31.43 -8.89 -6.52
CA ILE E 20 -32.23 -8.79 -5.30
C ILE E 20 -33.66 -8.51 -5.68
N VAL E 21 -34.58 -9.26 -5.08
CA VAL E 21 -36.01 -9.18 -5.37
C VAL E 21 -36.77 -9.11 -4.05
N ASP E 22 -37.67 -8.14 -3.94
CA ASP E 22 -38.52 -8.00 -2.77
C ASP E 22 -39.91 -8.51 -3.09
N VAL E 23 -40.44 -9.36 -2.22
CA VAL E 23 -41.75 -9.98 -2.40
C VAL E 23 -42.64 -9.63 -1.23
N HIS E 24 -43.90 -9.31 -1.52
CA HIS E 24 -44.89 -8.91 -0.54
C HIS E 24 -45.93 -10.01 -0.39
N PHE E 25 -46.23 -10.37 0.85
CA PHE E 25 -47.11 -11.48 1.20
C PHE E 25 -48.31 -10.93 1.97
N GLU E 26 -49.41 -10.68 1.25
CA GLU E 26 -50.56 -10.02 1.86
C GLU E 26 -51.25 -10.92 2.88
N GLN E 27 -51.18 -12.23 2.71
CA GLN E 27 -51.90 -13.15 3.59
C GLN E 27 -51.40 -13.11 5.03
N SER E 28 -50.25 -12.49 5.28
CA SER E 28 -49.66 -12.44 6.61
C SER E 28 -49.28 -13.83 7.10
N GLU E 29 -48.81 -14.69 6.19
CA GLU E 29 -48.17 -15.96 6.52
C GLU E 29 -46.85 -15.98 5.75
N LEU E 30 -45.81 -15.40 6.35
CA LEU E 30 -44.59 -15.12 5.63
C LEU E 30 -43.66 -16.33 5.58
N PRO E 31 -42.78 -16.38 4.57
CA PRO E 31 -41.80 -17.45 4.49
C PRO E 31 -40.61 -17.20 5.41
N ALA E 32 -40.07 -18.28 5.95
CA ALA E 32 -38.93 -18.19 6.84
C ALA E 32 -37.68 -17.85 6.05
N ILE E 33 -36.68 -17.32 6.76
CA ILE E 33 -35.43 -16.98 6.11
C ILE E 33 -34.75 -18.23 5.61
N LEU E 34 -34.05 -18.10 4.49
CA LEU E 34 -33.41 -19.17 3.73
C LEU E 34 -34.42 -20.07 3.02
N ASN E 35 -35.71 -19.79 3.09
CA ASN E 35 -36.68 -20.55 2.33
C ASN E 35 -36.60 -20.22 0.84
N ALA E 36 -37.17 -21.10 0.03
CA ALA E 36 -37.11 -21.00 -1.41
C ALA E 36 -38.47 -20.63 -1.98
N LEU E 37 -38.54 -19.48 -2.63
CA LEU E 37 -39.68 -19.08 -3.44
C LEU E 37 -39.35 -19.40 -4.89
N GLU E 38 -40.38 -19.65 -5.70
CA GLU E 38 -40.15 -19.90 -7.10
C GLU E 38 -41.23 -19.24 -7.95
N ILE E 39 -40.78 -18.64 -9.05
CA ILE E 39 -41.63 -17.93 -9.99
C ILE E 39 -41.71 -18.74 -11.27
N LYS E 40 -42.93 -18.95 -11.76
CA LYS E 40 -43.21 -19.85 -12.87
C LYS E 40 -43.03 -19.14 -14.21
N THR E 41 -41.81 -18.65 -14.42
CA THR E 41 -41.50 -17.90 -15.61
C THR E 41 -41.43 -18.81 -16.83
N PRO E 42 -41.59 -18.26 -18.03
CA PRO E 42 -41.18 -19.00 -19.22
C PRO E 42 -39.69 -19.29 -19.17
N GLN E 43 -39.27 -20.21 -20.02
CA GLN E 43 -37.87 -20.66 -20.06
C GLN E 43 -37.40 -21.14 -18.69
N GLY E 44 -38.27 -21.82 -17.95
CA GLY E 44 -37.92 -22.39 -16.66
C GLY E 44 -38.18 -21.50 -15.46
N LYS E 45 -38.66 -22.10 -14.37
CA LYS E 45 -38.97 -21.37 -13.16
C LYS E 45 -37.71 -20.93 -12.43
N LEU E 46 -37.80 -19.78 -11.75
CA LEU E 46 -36.68 -19.12 -11.09
C LEU E 46 -36.84 -19.21 -9.59
N VAL E 47 -35.76 -19.58 -8.90
CA VAL E 47 -35.75 -19.72 -7.45
C VAL E 47 -35.12 -18.50 -6.81
N LEU E 48 -35.76 -18.01 -5.75
CA LEU E 48 -35.28 -16.92 -4.93
C LEU E 48 -35.17 -17.39 -3.49
N GLU E 49 -34.11 -16.99 -2.81
CA GLU E 49 -33.87 -17.39 -1.44
C GLU E 49 -34.05 -16.20 -0.50
N VAL E 50 -34.86 -16.38 0.53
CA VAL E 50 -35.17 -15.29 1.46
C VAL E 50 -33.92 -14.94 2.25
N ALA E 51 -33.54 -13.67 2.20
CA ALA E 51 -32.39 -13.18 2.93
C ALA E 51 -32.76 -12.26 4.09
N GLN E 52 -33.88 -11.56 4.00
CA GLN E 52 -34.25 -10.63 5.05
C GLN E 52 -35.76 -10.47 5.12
N HIS E 53 -36.25 -10.11 6.30
CA HIS E 53 -37.60 -9.64 6.49
C HIS E 53 -37.55 -8.14 6.78
N LEU E 54 -38.06 -7.34 5.85
CA LEU E 54 -37.91 -5.90 5.89
C LEU E 54 -39.07 -5.21 6.59
N GLY E 55 -40.17 -5.90 6.81
CA GLY E 55 -41.37 -5.28 7.31
C GLY E 55 -42.40 -5.03 6.23
N GLU E 56 -43.58 -4.64 6.67
CA GLU E 56 -44.73 -4.47 5.79
C GLU E 56 -44.94 -5.72 4.95
N ASN E 57 -44.78 -6.86 5.60
CA ASN E 57 -44.94 -8.17 4.98
C ASN E 57 -44.09 -8.32 3.72
N THR E 58 -42.96 -7.63 3.69
CA THR E 58 -42.04 -7.65 2.56
C THR E 58 -40.78 -8.42 2.94
N VAL E 59 -40.38 -9.34 2.05
CA VAL E 59 -39.18 -10.15 2.25
C VAL E 59 -38.21 -9.89 1.11
N ARG E 60 -36.95 -9.70 1.46
CA ARG E 60 -35.88 -9.46 0.52
C ARG E 60 -35.13 -10.75 0.25
N THR E 61 -34.92 -11.04 -1.04
CA THR E 61 -34.43 -12.33 -1.47
C THR E 61 -33.37 -12.16 -2.55
N ILE E 62 -32.55 -13.20 -2.68
CA ILE E 62 -31.48 -13.27 -3.66
C ILE E 62 -31.89 -14.27 -4.73
N ALA E 63 -31.70 -13.90 -5.99
CA ALA E 63 -32.12 -14.73 -7.10
C ALA E 63 -31.02 -15.69 -7.50
N MET E 64 -31.42 -16.94 -7.79
CA MET E 64 -30.50 -17.95 -8.27
C MET E 64 -30.35 -17.94 -9.78
N ASP E 65 -31.15 -17.16 -10.50
CA ASP E 65 -31.00 -17.03 -11.94
C ASP E 65 -31.33 -15.60 -12.32
N GLY E 66 -30.96 -15.23 -13.54
CA GLY E 66 -31.12 -13.87 -14.00
C GLY E 66 -32.51 -13.32 -13.82
N THR E 67 -32.59 -12.11 -13.30
CA THR E 67 -33.85 -11.47 -12.94
C THR E 67 -34.46 -10.70 -14.10
N GLU E 68 -33.89 -10.79 -15.29
CA GLU E 68 -34.44 -10.06 -16.42
C GLU E 68 -35.83 -10.57 -16.76
N GLY E 69 -36.70 -9.64 -17.14
CA GLY E 69 -38.05 -9.95 -17.52
C GLY E 69 -39.05 -9.96 -16.40
N LEU E 70 -38.61 -9.82 -15.15
CA LEU E 70 -39.56 -9.82 -14.04
C LEU E 70 -40.35 -8.51 -14.02
N VAL E 71 -41.65 -8.64 -13.90
CA VAL E 71 -42.52 -7.51 -13.73
C VAL E 71 -42.86 -7.36 -12.25
N ARG E 72 -43.16 -6.13 -11.86
CA ARG E 72 -43.71 -5.88 -10.54
C ARG E 72 -45.15 -6.34 -10.52
N GLY E 73 -45.53 -7.05 -9.46
CA GLY E 73 -46.80 -7.72 -9.41
C GLY E 73 -46.78 -9.16 -9.87
N GLU E 74 -45.61 -9.71 -10.17
CA GLU E 74 -45.52 -11.09 -10.60
C GLU E 74 -45.71 -12.04 -9.42
N LYS E 75 -46.46 -13.11 -9.67
CA LYS E 75 -46.84 -14.04 -8.62
C LYS E 75 -45.66 -14.90 -8.19
N VAL E 76 -45.60 -15.17 -6.89
CA VAL E 76 -44.51 -15.91 -6.27
C VAL E 76 -45.10 -16.93 -5.29
N LEU E 77 -44.55 -18.14 -5.29
CA LEU E 77 -45.04 -19.22 -4.43
C LEU E 77 -43.96 -19.64 -3.43
N ASP E 78 -44.38 -19.82 -2.18
CA ASP E 78 -43.49 -20.32 -1.14
C ASP E 78 -43.49 -21.84 -1.16
N THR E 79 -42.32 -22.43 -1.35
CA THR E 79 -42.16 -23.87 -1.41
C THR E 79 -42.27 -24.54 -0.06
N GLY E 80 -42.35 -23.77 1.03
CA GLY E 80 -42.50 -24.33 2.35
C GLY E 80 -41.23 -24.87 2.96
N GLY E 81 -40.09 -24.69 2.29
CA GLY E 81 -38.83 -25.06 2.86
C GLY E 81 -37.66 -24.52 2.07
N PRO E 82 -36.45 -24.77 2.56
CA PRO E 82 -35.26 -24.34 1.83
C PRO E 82 -35.11 -25.11 0.53
N ILE E 83 -34.12 -24.68 -0.25
CA ILE E 83 -33.84 -25.33 -1.51
C ILE E 83 -33.60 -26.80 -1.24
N SER E 84 -34.44 -27.65 -1.82
CA SER E 84 -34.35 -29.08 -1.64
C SER E 84 -33.74 -29.70 -2.88
N VAL E 85 -32.85 -30.67 -2.66
CA VAL E 85 -32.17 -31.34 -3.75
C VAL E 85 -32.33 -32.84 -3.62
N PRO E 86 -32.31 -33.58 -4.71
CA PRO E 86 -32.45 -35.03 -4.62
C PRO E 86 -31.19 -35.67 -4.08
N VAL E 87 -31.36 -36.87 -3.54
CA VAL E 87 -30.27 -37.59 -2.91
C VAL E 87 -30.38 -39.07 -3.25
N GLY E 88 -29.28 -39.78 -3.02
CA GLY E 88 -29.23 -41.20 -3.22
C GLY E 88 -28.47 -41.63 -4.46
N ARG E 89 -28.60 -42.93 -4.73
CA ARG E 89 -27.90 -43.53 -5.87
C ARG E 89 -28.27 -42.85 -7.17
N GLU E 90 -29.49 -42.35 -7.27
CA GLU E 90 -29.97 -41.78 -8.52
C GLU E 90 -29.16 -40.57 -8.94
N THR E 91 -28.54 -39.87 -8.00
CA THR E 91 -27.71 -38.71 -8.29
C THR E 91 -26.37 -39.09 -8.87
N LEU E 92 -26.04 -40.38 -8.94
CA LEU E 92 -24.72 -40.80 -9.37
C LEU E 92 -24.64 -40.76 -10.88
N GLY E 93 -23.57 -40.16 -11.39
CA GLY E 93 -23.39 -40.05 -12.82
C GLY E 93 -24.29 -39.04 -13.47
N ARG E 94 -24.65 -37.99 -12.75
CA ARG E 94 -25.57 -36.98 -13.23
C ARG E 94 -25.08 -35.61 -12.81
N ILE E 95 -25.48 -34.60 -13.57
CA ILE E 95 -25.06 -33.21 -13.34
C ILE E 95 -26.25 -32.46 -12.78
N ILE E 96 -26.05 -31.83 -11.64
CA ILE E 96 -27.10 -31.13 -10.91
C ILE E 96 -26.73 -29.65 -10.77
N ASN E 97 -27.72 -28.79 -10.94
CA ASN E 97 -27.56 -27.38 -10.61
C ASN E 97 -27.93 -27.11 -9.15
N VAL E 98 -27.63 -25.88 -8.71
CA VAL E 98 -27.82 -25.51 -7.31
C VAL E 98 -29.26 -25.74 -6.87
N ILE E 99 -30.22 -25.54 -7.75
CA ILE E 99 -31.63 -25.68 -7.38
C ILE E 99 -32.08 -27.10 -7.66
N GLY E 100 -31.11 -28.00 -7.88
CA GLY E 100 -31.38 -29.41 -7.90
C GLY E 100 -31.99 -29.97 -9.17
N GLU E 101 -31.77 -29.32 -10.30
CA GLU E 101 -32.31 -29.84 -11.54
C GLU E 101 -31.24 -30.53 -12.36
N PRO E 102 -31.64 -31.52 -13.16
CA PRO E 102 -30.71 -32.14 -14.10
C PRO E 102 -30.40 -31.22 -15.27
N ILE E 103 -29.12 -30.96 -15.47
CA ILE E 103 -28.62 -30.23 -16.62
C ILE E 103 -27.77 -31.10 -17.52
N ASP E 104 -27.83 -32.42 -17.34
CA ASP E 104 -27.24 -33.37 -18.25
C ASP E 104 -28.18 -33.80 -19.37
N GLU E 105 -29.46 -33.43 -19.26
CA GLU E 105 -30.45 -33.68 -20.29
C GLU E 105 -30.66 -35.16 -20.56
N ARG E 106 -30.39 -36.02 -19.59
CA ARG E 106 -30.74 -37.43 -19.66
C ARG E 106 -32.01 -37.75 -18.90
N GLY E 107 -32.77 -36.73 -18.51
CA GLY E 107 -34.07 -36.92 -17.91
C GLY E 107 -34.10 -36.63 -16.43
N PRO E 108 -35.21 -36.97 -15.78
CA PRO E 108 -35.35 -36.61 -14.37
C PRO E 108 -34.57 -37.53 -13.45
N ILE E 109 -34.27 -37.01 -12.27
CA ILE E 109 -33.63 -37.77 -11.21
C ILE E 109 -34.76 -38.29 -10.33
N LYS E 110 -35.18 -39.53 -10.59
CA LYS E 110 -36.39 -40.05 -9.97
C LYS E 110 -36.07 -40.60 -8.58
N SER E 111 -35.44 -39.76 -7.77
CA SER E 111 -35.18 -40.10 -6.37
C SER E 111 -36.44 -39.95 -5.53
N LYS E 112 -36.60 -40.86 -4.57
CA LYS E 112 -37.77 -40.85 -3.70
C LYS E 112 -37.65 -39.82 -2.59
N LEU E 113 -36.44 -39.39 -2.25
CA LEU E 113 -36.22 -38.44 -1.18
C LEU E 113 -35.62 -37.15 -1.75
N ARG E 114 -35.92 -36.04 -1.08
CA ARG E 114 -35.27 -34.77 -1.32
C ARG E 114 -34.98 -34.13 0.02
N LYS E 115 -33.79 -33.54 0.13
CA LYS E 115 -33.33 -33.03 1.41
C LYS E 115 -32.95 -31.56 1.29
N PRO E 116 -33.13 -30.78 2.34
CA PRO E 116 -32.73 -29.37 2.29
C PRO E 116 -31.24 -29.20 2.48
N ILE E 117 -30.69 -28.20 1.79
CA ILE E 117 -29.25 -27.96 1.82
C ILE E 117 -28.80 -27.20 3.05
N HIS E 118 -29.71 -26.56 3.77
CA HIS E 118 -29.36 -25.80 4.97
C HIS E 118 -29.57 -26.64 6.22
N ALA E 119 -28.84 -27.76 6.27
CA ALA E 119 -28.85 -28.61 7.44
C ALA E 119 -28.02 -27.99 8.55
N ASP E 120 -28.29 -28.44 9.78
CA ASP E 120 -27.60 -28.00 10.98
C ASP E 120 -26.51 -28.99 11.34
N PRO E 121 -25.26 -28.56 11.47
CA PRO E 121 -24.17 -29.52 11.66
C PRO E 121 -24.32 -30.35 12.91
N PRO E 122 -23.62 -31.47 12.98
CA PRO E 122 -23.77 -32.37 14.13
C PRO E 122 -23.40 -31.69 15.45
N SER E 123 -23.96 -32.21 16.52
CA SER E 123 -23.71 -31.68 17.85
C SER E 123 -22.31 -32.02 18.31
N PHE E 124 -21.90 -31.35 19.39
CA PHE E 124 -20.64 -31.68 20.04
C PHE E 124 -20.62 -33.13 20.48
N ALA E 125 -21.77 -33.63 20.94
CA ALA E 125 -21.88 -35.00 21.43
C ALA E 125 -21.73 -36.05 20.34
N GLU E 126 -21.76 -35.66 19.07
CA GLU E 126 -21.74 -36.61 17.97
C GLU E 126 -20.42 -36.61 17.22
N GLN E 127 -19.50 -35.70 17.53
CA GLN E 127 -18.22 -35.67 16.87
C GLN E 127 -17.40 -36.91 17.24
N SER E 128 -16.45 -37.23 16.37
CA SER E 128 -15.46 -38.24 16.68
C SER E 128 -14.52 -37.73 17.77
N THR E 129 -14.26 -38.58 18.76
CA THR E 129 -13.41 -38.20 19.88
C THR E 129 -11.93 -38.23 19.56
N SER E 130 -11.52 -38.89 18.47
CA SER E 130 -10.12 -39.03 18.13
C SER E 130 -9.96 -39.08 16.62
N ALA E 131 -8.84 -38.53 16.15
CA ALA E 131 -8.56 -38.46 14.72
C ALA E 131 -8.05 -39.79 14.18
N GLU E 132 -8.25 -39.99 12.87
CA GLU E 132 -7.84 -41.20 12.19
C GLU E 132 -7.65 -40.90 10.71
N ILE E 133 -6.91 -41.78 10.05
CA ILE E 133 -6.45 -41.56 8.68
C ILE E 133 -7.39 -42.22 7.70
N LEU E 134 -7.65 -41.53 6.59
CA LEU E 134 -8.38 -42.09 5.45
C LEU E 134 -7.38 -42.59 4.43
N GLU E 135 -7.06 -43.88 4.52
CA GLU E 135 -6.05 -44.46 3.64
C GLU E 135 -6.47 -44.33 2.18
N THR E 136 -5.69 -43.59 1.40
CA THR E 136 -6.04 -43.25 0.03
C THR E 136 -5.53 -44.24 -1.00
N GLY E 137 -4.49 -45.01 -0.67
CA GLY E 137 -3.86 -45.85 -1.64
C GLY E 137 -2.72 -45.21 -2.41
N ILE E 138 -2.48 -43.93 -2.19
CA ILE E 138 -1.42 -43.19 -2.85
C ILE E 138 -0.27 -43.05 -1.86
N LYS E 139 0.91 -43.55 -2.24
CA LYS E 139 2.02 -43.67 -1.30
C LYS E 139 2.33 -42.33 -0.65
N VAL E 140 2.55 -41.30 -1.47
CA VAL E 140 3.06 -40.03 -0.98
C VAL E 140 2.11 -39.44 0.05
N VAL E 141 0.81 -39.47 -0.22
CA VAL E 141 -0.16 -38.92 0.72
C VAL E 141 -0.17 -39.73 2.00
N ASP E 142 -0.39 -41.03 1.86
CA ASP E 142 -0.58 -41.89 3.02
C ASP E 142 0.66 -41.90 3.92
N LEU E 143 1.84 -41.60 3.38
CA LEU E 143 3.05 -41.60 4.18
C LEU E 143 3.44 -40.20 4.67
N LEU E 144 3.62 -39.25 3.76
CA LEU E 144 4.20 -37.98 4.12
C LEU E 144 3.17 -36.89 4.39
N ALA E 145 1.90 -37.14 4.12
CA ALA E 145 0.86 -36.15 4.38
C ALA E 145 -0.52 -36.79 4.39
N PRO E 146 -0.82 -37.59 5.40
CA PRO E 146 -2.05 -38.39 5.35
C PRO E 146 -3.31 -37.55 5.51
N TYR E 147 -4.37 -37.97 4.81
CA TYR E 147 -5.63 -37.27 4.84
C TYR E 147 -6.48 -37.72 6.02
N ALA E 148 -7.15 -36.75 6.64
CA ALA E 148 -7.93 -37.00 7.84
C ALA E 148 -9.32 -37.49 7.49
N ARG E 149 -9.80 -38.49 8.24
CA ARG E 149 -11.17 -38.93 8.11
C ARG E 149 -12.09 -37.88 8.71
N GLY E 150 -12.97 -37.32 7.87
CA GLY E 150 -13.82 -36.23 8.28
C GLY E 150 -13.18 -34.88 8.18
N GLY E 151 -11.98 -34.80 7.62
CA GLY E 151 -11.22 -33.58 7.63
C GLY E 151 -11.35 -32.80 6.34
N LYS E 152 -10.53 -31.76 6.25
CA LYS E 152 -10.44 -30.91 5.08
C LYS E 152 -9.05 -30.96 4.50
N ILE E 153 -8.97 -31.16 3.19
CA ILE E 153 -7.72 -31.32 2.47
C ILE E 153 -7.70 -30.31 1.35
N GLY E 154 -6.66 -29.49 1.33
CA GLY E 154 -6.50 -28.45 0.33
C GLY E 154 -5.54 -28.86 -0.75
N LEU E 155 -6.01 -28.85 -1.99
CA LEU E 155 -5.23 -29.27 -3.14
C LEU E 155 -4.79 -28.04 -3.91
N PHE E 156 -3.49 -27.90 -4.12
CA PHE E 156 -2.90 -26.75 -4.76
C PHE E 156 -2.28 -27.15 -6.09
N GLY E 157 -2.31 -26.22 -7.04
CA GLY E 157 -1.73 -26.44 -8.35
C GLY E 157 -2.69 -26.23 -9.49
N GLY E 158 -2.16 -25.77 -10.62
CA GLY E 158 -2.97 -25.47 -11.79
C GLY E 158 -2.89 -26.49 -12.90
N ALA E 159 -2.42 -26.06 -14.06
CA ALA E 159 -2.42 -26.90 -15.25
C ALA E 159 -1.19 -27.80 -15.29
N GLY E 160 -1.31 -28.88 -16.07
CA GLY E 160 -0.22 -29.79 -16.31
C GLY E 160 0.20 -30.63 -15.13
N VAL E 161 -0.34 -30.39 -13.94
CA VAL E 161 0.11 -31.08 -12.74
C VAL E 161 -0.81 -32.25 -12.39
N GLY E 162 -1.77 -32.56 -13.25
CA GLY E 162 -2.52 -33.79 -13.09
C GLY E 162 -3.61 -33.76 -12.04
N LYS E 163 -4.20 -32.59 -11.81
CA LYS E 163 -5.18 -32.47 -10.74
C LYS E 163 -6.39 -33.37 -10.96
N THR E 164 -6.92 -33.37 -12.18
CA THR E 164 -8.14 -34.14 -12.44
C THR E 164 -7.89 -35.63 -12.33
N VAL E 165 -6.72 -36.09 -12.73
CA VAL E 165 -6.43 -37.51 -12.60
C VAL E 165 -6.26 -37.88 -11.13
N PHE E 166 -5.70 -36.96 -10.33
CA PHE E 166 -5.61 -37.19 -8.90
C PHE E 166 -6.99 -37.33 -8.29
N ILE E 167 -7.92 -36.46 -8.70
CA ILE E 167 -9.29 -36.54 -8.18
C ILE E 167 -9.94 -37.86 -8.59
N GLN E 168 -9.79 -38.23 -9.86
CA GLN E 168 -10.40 -39.47 -10.32
C GLN E 168 -9.82 -40.67 -9.60
N GLU E 169 -8.53 -40.62 -9.28
CA GLU E 169 -7.90 -41.74 -8.61
C GLU E 169 -8.34 -41.82 -7.16
N LEU E 170 -8.51 -40.67 -6.51
CA LEU E 170 -9.09 -40.67 -5.18
C LEU E 170 -10.47 -41.30 -5.21
N ILE E 171 -11.29 -40.94 -6.20
CA ILE E 171 -12.64 -41.51 -6.27
C ILE E 171 -12.56 -43.01 -6.39
N ASN E 172 -11.74 -43.51 -7.31
CA ASN E 172 -11.68 -44.96 -7.54
C ASN E 172 -11.15 -45.68 -6.32
N ASN E 173 -10.10 -45.15 -5.71
CA ASN E 173 -9.50 -45.81 -4.55
C ASN E 173 -10.47 -45.85 -3.39
N ILE E 174 -11.19 -44.75 -3.14
CA ILE E 174 -12.16 -44.77 -2.06
C ILE E 174 -13.28 -45.74 -2.37
N ALA E 175 -13.69 -45.83 -3.63
CA ALA E 175 -14.81 -46.70 -3.97
C ALA E 175 -14.43 -48.16 -3.90
N LYS E 176 -13.15 -48.48 -4.07
CA LYS E 176 -12.71 -49.86 -3.97
C LYS E 176 -12.36 -50.25 -2.54
N ALA E 177 -11.58 -49.42 -1.86
CA ALA E 177 -11.16 -49.76 -0.50
C ALA E 177 -12.28 -49.58 0.49
N HIS E 178 -12.94 -48.43 0.48
CA HIS E 178 -13.90 -48.07 1.52
C HIS E 178 -15.34 -48.21 1.08
N GLY E 179 -15.59 -48.52 -0.19
CA GLY E 179 -16.95 -48.63 -0.68
C GLY E 179 -17.69 -47.32 -0.75
N GLY E 180 -17.01 -46.21 -0.51
CA GLY E 180 -17.68 -44.92 -0.43
C GLY E 180 -17.77 -44.21 -1.77
N PHE E 181 -18.96 -43.72 -2.06
CA PHE E 181 -19.19 -42.90 -3.23
C PHE E 181 -18.57 -41.52 -3.04
N SER E 182 -18.73 -40.67 -4.04
CA SER E 182 -18.11 -39.35 -4.02
C SER E 182 -19.01 -38.31 -4.67
N VAL E 183 -18.78 -37.06 -4.31
CA VAL E 183 -19.48 -35.91 -4.88
C VAL E 183 -18.46 -34.87 -5.27
N PHE E 184 -18.63 -34.28 -6.45
CA PHE E 184 -17.82 -33.20 -6.95
C PHE E 184 -18.70 -31.97 -7.11
N THR E 185 -18.23 -30.83 -6.61
CA THR E 185 -18.90 -29.56 -6.78
C THR E 185 -17.93 -28.60 -7.44
N GLY E 186 -18.33 -28.11 -8.61
CA GLY E 186 -17.60 -27.06 -9.26
C GLY E 186 -18.19 -25.72 -8.89
N VAL E 187 -17.53 -25.01 -8.00
CA VAL E 187 -18.03 -23.75 -7.48
C VAL E 187 -17.30 -22.62 -8.20
N GLY E 188 -17.99 -22.00 -9.15
CA GLY E 188 -17.51 -20.78 -9.77
C GLY E 188 -16.33 -20.94 -10.69
N GLU E 189 -16.14 -22.13 -11.26
CA GLU E 189 -15.06 -22.37 -12.19
C GLU E 189 -15.58 -22.39 -13.63
N ARG E 190 -14.64 -22.61 -14.56
CA ARG E 190 -14.94 -22.50 -15.97
C ARG E 190 -15.75 -23.68 -16.46
N THR E 191 -16.69 -23.40 -17.37
CA THR E 191 -17.57 -24.43 -17.89
C THR E 191 -16.83 -25.41 -18.79
N ARG E 192 -15.89 -24.91 -19.59
CA ARG E 192 -15.13 -25.79 -20.47
C ARG E 192 -14.36 -26.82 -19.66
N GLU E 193 -13.84 -26.42 -18.51
CA GLU E 193 -13.10 -27.36 -17.68
C GLU E 193 -14.02 -28.41 -17.08
N GLY E 194 -15.25 -28.04 -16.78
CA GLY E 194 -16.21 -29.02 -16.32
C GLY E 194 -16.62 -30.01 -17.38
N ASN E 195 -16.68 -29.57 -18.64
CA ASN E 195 -16.95 -30.52 -19.71
C ASN E 195 -15.75 -31.45 -19.91
N ASP E 196 -14.54 -30.90 -19.81
CA ASP E 196 -13.36 -31.75 -19.86
C ASP E 196 -13.40 -32.79 -18.75
N LEU E 197 -13.78 -32.38 -17.54
CA LEU E 197 -13.85 -33.32 -16.44
C LEU E 197 -14.91 -34.38 -16.70
N TYR E 198 -16.04 -33.99 -17.27
CA TYR E 198 -17.11 -34.95 -17.55
C TYR E 198 -16.67 -35.98 -18.58
N ARG E 199 -16.00 -35.56 -19.64
CA ARG E 199 -15.58 -36.50 -20.66
C ARG E 199 -14.43 -37.39 -20.17
N GLU E 200 -13.50 -36.80 -19.42
CA GLU E 200 -12.43 -37.59 -18.82
C GLU E 200 -13.00 -38.63 -17.87
N MET E 201 -14.02 -38.25 -17.10
CA MET E 201 -14.61 -39.19 -16.16
C MET E 201 -15.35 -40.30 -16.89
N LYS E 202 -15.99 -39.99 -18.01
CA LYS E 202 -16.63 -41.04 -18.79
C LYS E 202 -15.60 -42.01 -19.33
N GLU E 203 -14.44 -41.51 -19.74
CA GLU E 203 -13.44 -42.40 -20.31
C GLU E 203 -12.74 -43.22 -19.25
N THR E 204 -12.43 -42.61 -18.11
CA THR E 204 -11.76 -43.31 -17.02
C THR E 204 -12.62 -44.43 -16.47
N GLY E 205 -13.90 -44.18 -16.27
CA GLY E 205 -14.82 -45.16 -15.75
C GLY E 205 -15.45 -44.80 -14.43
N VAL E 206 -15.28 -43.58 -13.95
CA VAL E 206 -15.96 -43.16 -12.73
C VAL E 206 -17.38 -42.69 -13.00
N ILE E 207 -17.69 -42.33 -14.24
CA ILE E 207 -19.06 -42.18 -14.70
C ILE E 207 -19.32 -43.23 -15.76
N ASN E 208 -20.47 -43.87 -15.69
CA ASN E 208 -20.82 -44.93 -16.61
C ASN E 208 -22.33 -44.86 -16.80
N LEU E 209 -22.75 -44.25 -17.90
CA LEU E 209 -24.16 -44.00 -18.14
C LEU E 209 -24.94 -45.30 -18.32
N GLU E 210 -24.26 -46.40 -18.59
CA GLU E 210 -24.89 -47.71 -18.77
C GLU E 210 -24.64 -48.65 -17.61
N GLY E 211 -24.20 -48.13 -16.46
CA GLY E 211 -23.91 -48.97 -15.31
C GLY E 211 -23.82 -48.19 -14.02
N GLU E 212 -22.96 -48.64 -13.11
CA GLU E 212 -22.86 -48.08 -11.78
C GLU E 212 -21.82 -46.99 -11.77
N SER E 213 -22.27 -45.73 -11.74
CA SER E 213 -21.38 -44.60 -11.59
C SER E 213 -20.97 -44.41 -10.14
N LYS E 214 -19.83 -43.75 -9.95
CA LYS E 214 -19.24 -43.59 -8.63
C LYS E 214 -19.33 -42.17 -8.08
N VAL E 215 -19.50 -41.17 -8.93
CA VAL E 215 -19.38 -39.78 -8.55
C VAL E 215 -20.61 -39.02 -9.00
N ALA E 216 -21.15 -38.20 -8.10
CA ALA E 216 -22.24 -37.31 -8.41
C ALA E 216 -21.70 -35.90 -8.65
N LEU E 217 -22.15 -35.28 -9.73
CA LEU E 217 -21.62 -34.02 -10.19
C LEU E 217 -22.62 -32.90 -9.91
N VAL E 218 -22.15 -31.85 -9.26
CA VAL E 218 -22.88 -30.62 -9.07
C VAL E 218 -22.05 -29.50 -9.67
N PHE E 219 -22.65 -28.70 -10.54
CA PHE E 219 -21.90 -27.76 -11.37
C PHE E 219 -22.57 -26.39 -11.36
N GLY E 220 -22.12 -25.54 -10.47
CA GLY E 220 -22.23 -24.12 -10.68
C GLY E 220 -21.01 -23.62 -11.38
N GLN E 221 -21.13 -22.45 -12.00
CA GLN E 221 -20.06 -21.96 -12.84
C GLN E 221 -20.12 -20.44 -12.89
N MET E 222 -19.13 -19.85 -13.54
CA MET E 222 -19.00 -18.40 -13.55
C MET E 222 -20.22 -17.72 -14.16
N ASN E 223 -20.86 -18.34 -15.15
CA ASN E 223 -22.02 -17.71 -15.77
C ASN E 223 -23.19 -17.56 -14.82
N GLU E 224 -23.17 -18.23 -13.68
CA GLU E 224 -24.30 -18.18 -12.78
C GLU E 224 -24.18 -16.99 -11.85
N PRO E 225 -25.31 -16.41 -11.44
CA PRO E 225 -25.26 -15.25 -10.58
C PRO E 225 -24.58 -15.56 -9.27
N PRO E 226 -24.14 -14.53 -8.54
CA PRO E 226 -23.41 -14.79 -7.29
C PRO E 226 -24.23 -15.54 -6.27
N GLY E 227 -25.55 -15.37 -6.30
CA GLY E 227 -26.39 -16.08 -5.37
C GLY E 227 -26.42 -17.57 -5.61
N ALA E 228 -26.14 -18.01 -6.84
CA ALA E 228 -26.06 -19.43 -7.12
C ALA E 228 -24.73 -19.99 -6.66
N ARG E 229 -23.63 -19.32 -7.03
CA ARG E 229 -22.31 -19.77 -6.61
C ARG E 229 -22.23 -19.93 -5.11
N ALA E 230 -22.94 -19.09 -4.36
CA ALA E 230 -22.88 -19.10 -2.91
C ALA E 230 -23.58 -20.30 -2.27
N ARG E 231 -24.23 -21.14 -3.08
CA ARG E 231 -25.05 -22.21 -2.55
C ARG E 231 -24.81 -23.58 -3.17
N VAL E 232 -24.06 -23.67 -4.27
CA VAL E 232 -23.80 -24.97 -4.89
C VAL E 232 -23.13 -25.92 -3.91
N ALA E 233 -22.21 -25.38 -3.11
CA ALA E 233 -21.44 -26.22 -2.22
C ALA E 233 -22.34 -26.90 -1.21
N LEU E 234 -23.40 -26.21 -0.79
CA LEU E 234 -24.33 -26.81 0.16
C LEU E 234 -25.10 -27.95 -0.47
N THR E 235 -25.35 -27.89 -1.77
CA THR E 235 -26.06 -28.97 -2.45
C THR E 235 -25.19 -30.22 -2.53
N GLY E 236 -23.95 -30.04 -2.95
CA GLY E 236 -23.04 -31.18 -2.97
C GLY E 236 -22.83 -31.73 -1.58
N LEU E 237 -22.75 -30.85 -0.59
CA LEU E 237 -22.58 -31.27 0.78
C LEU E 237 -23.77 -32.08 1.27
N THR E 238 -24.97 -31.73 0.80
CA THR E 238 -26.14 -32.47 1.22
C THR E 238 -26.18 -33.86 0.60
N ILE E 239 -25.73 -33.99 -0.65
CA ILE E 239 -25.63 -35.32 -1.23
C ILE E 239 -24.62 -36.15 -0.45
N ALA E 240 -23.48 -35.56 -0.12
CA ALA E 240 -22.48 -36.27 0.65
C ALA E 240 -23.00 -36.67 2.03
N GLU E 241 -23.71 -35.76 2.69
CA GLU E 241 -24.26 -36.04 4.01
C GLU E 241 -25.31 -37.12 3.95
N TYR E 242 -26.04 -37.22 2.84
CA TYR E 242 -27.01 -38.29 2.72
C TYR E 242 -26.32 -39.63 2.55
N PHE E 243 -25.26 -39.66 1.74
CA PHE E 243 -24.51 -40.91 1.65
C PHE E 243 -23.91 -41.28 2.99
N ARG E 244 -23.57 -40.28 3.81
CA ARG E 244 -23.06 -40.55 5.16
C ARG E 244 -24.13 -41.13 6.06
N ASP E 245 -25.19 -40.37 6.31
CA ASP E 245 -26.06 -40.64 7.46
C ASP E 245 -27.00 -41.81 7.20
N GLU E 246 -27.41 -42.02 5.95
CA GLU E 246 -28.30 -43.12 5.63
C GLU E 246 -27.53 -44.39 5.28
N GLU E 247 -26.65 -44.30 4.29
CA GLU E 247 -25.93 -45.48 3.83
C GLU E 247 -24.72 -45.82 4.68
N GLY E 248 -24.23 -44.90 5.51
CA GLY E 248 -23.15 -45.21 6.41
C GLY E 248 -21.78 -45.25 5.77
N GLN E 249 -21.54 -44.41 4.77
CA GLN E 249 -20.31 -44.48 3.99
C GLN E 249 -19.32 -43.40 4.41
N ASP E 250 -18.10 -43.55 3.91
CA ASP E 250 -17.07 -42.53 4.01
C ASP E 250 -16.97 -41.88 2.64
N VAL E 251 -17.39 -40.63 2.55
CA VAL E 251 -17.73 -40.00 1.29
C VAL E 251 -16.82 -38.80 1.05
N LEU E 252 -16.18 -38.79 -0.11
CA LEU E 252 -15.38 -37.65 -0.53
C LEU E 252 -16.25 -36.56 -1.14
N LEU E 253 -15.91 -35.32 -0.82
CA LEU E 253 -16.58 -34.13 -1.30
C LEU E 253 -15.51 -33.20 -1.86
N PHE E 254 -15.43 -33.14 -3.17
CA PHE E 254 -14.52 -32.23 -3.85
C PHE E 254 -15.19 -30.88 -4.04
N ILE E 255 -14.46 -29.82 -3.75
CA ILE E 255 -14.91 -28.44 -3.93
C ILE E 255 -13.88 -27.73 -4.80
N ASP E 256 -14.32 -27.19 -5.93
CA ASP E 256 -13.44 -26.48 -6.85
C ASP E 256 -14.20 -25.29 -7.44
N ASN E 257 -13.95 -24.06 -7.00
CA ASN E 257 -12.95 -23.66 -6.01
C ASN E 257 -13.61 -22.96 -4.83
N ILE E 258 -12.99 -23.09 -3.65
CA ILE E 258 -13.54 -22.54 -2.43
C ILE E 258 -13.47 -21.02 -2.39
N PHE E 259 -12.40 -20.44 -2.95
CA PHE E 259 -12.30 -18.99 -2.99
C PHE E 259 -13.47 -18.41 -3.73
N ARG E 260 -14.01 -19.14 -4.69
CA ARG E 260 -15.19 -18.68 -5.39
C ARG E 260 -16.43 -18.73 -4.51
N PHE E 261 -16.47 -19.64 -3.54
CA PHE E 261 -17.55 -19.60 -2.56
C PHE E 261 -17.45 -18.33 -1.72
N THR E 262 -16.23 -18.01 -1.29
CA THR E 262 -16.03 -16.78 -0.52
C THR E 262 -16.37 -15.54 -1.34
N GLN E 263 -15.94 -15.53 -2.60
CA GLN E 263 -16.17 -14.38 -3.47
C GLN E 263 -17.66 -14.19 -3.75
N ALA E 264 -18.38 -15.29 -3.98
CA ALA E 264 -19.81 -15.19 -4.17
C ALA E 264 -20.48 -14.67 -2.91
N GLY E 265 -19.99 -15.06 -1.75
CA GLY E 265 -20.53 -14.50 -0.53
C GLY E 265 -20.29 -13.02 -0.42
N SER E 266 -19.11 -12.56 -0.83
CA SER E 266 -18.81 -11.14 -0.79
C SER E 266 -19.73 -10.38 -1.74
N GLU E 267 -19.95 -10.93 -2.93
CA GLU E 267 -20.84 -10.29 -3.88
C GLU E 267 -22.26 -10.20 -3.34
N VAL E 268 -22.77 -11.29 -2.75
CA VAL E 268 -24.11 -11.27 -2.21
C VAL E 268 -24.22 -10.27 -1.07
N SER E 269 -23.19 -10.20 -0.22
CA SER E 269 -23.20 -9.23 0.87
C SER E 269 -23.24 -7.82 0.33
N ALA E 270 -22.39 -7.52 -0.66
CA ALA E 270 -22.37 -6.19 -1.24
C ALA E 270 -23.73 -5.83 -1.82
N LEU E 271 -24.38 -6.79 -2.47
CA LEU E 271 -25.66 -6.50 -3.10
C LEU E 271 -26.74 -6.28 -2.06
N LEU E 272 -26.70 -7.04 -0.97
CA LEU E 272 -27.71 -6.88 0.07
C LEU E 272 -27.52 -5.61 0.89
N GLY E 273 -26.47 -4.85 0.63
CA GLY E 273 -26.24 -3.60 1.31
C GLY E 273 -25.33 -3.66 2.52
N ARG E 274 -24.80 -4.83 2.84
CA ARG E 274 -23.99 -4.96 4.03
C ARG E 274 -22.65 -4.25 3.85
N ILE E 275 -22.18 -3.64 4.92
CA ILE E 275 -20.93 -2.88 4.88
C ILE E 275 -19.77 -3.83 4.65
N PRO E 276 -18.97 -3.64 3.62
CA PRO E 276 -17.83 -4.52 3.43
C PRO E 276 -16.81 -4.36 4.54
N SER E 277 -16.17 -5.46 4.88
CA SER E 277 -15.17 -5.53 5.93
C SER E 277 -13.78 -5.24 5.38
N ALA E 278 -12.78 -5.79 6.07
CA ALA E 278 -11.39 -5.82 5.59
C ALA E 278 -11.32 -6.03 4.09
N VAL E 279 -10.14 -6.35 3.58
CA VAL E 279 -9.71 -6.03 2.22
C VAL E 279 -10.83 -6.06 1.16
N GLY E 280 -12.02 -6.49 1.54
CA GLY E 280 -13.23 -6.32 0.77
C GLY E 280 -14.21 -7.45 0.88
N TYR E 281 -14.00 -8.38 1.82
CA TYR E 281 -14.87 -9.51 1.98
C TYR E 281 -16.05 -9.18 2.89
N GLN E 282 -17.05 -10.03 2.83
CA GLN E 282 -18.24 -9.87 3.62
C GLN E 282 -17.88 -9.92 5.11
N PRO E 283 -18.60 -9.19 5.97
CA PRO E 283 -18.37 -9.33 7.40
C PRO E 283 -18.71 -10.70 7.93
N THR E 284 -19.53 -11.46 7.23
CA THR E 284 -19.98 -12.77 7.64
C THR E 284 -19.04 -13.88 7.20
N LEU E 285 -17.82 -13.55 6.81
CA LEU E 285 -16.93 -14.50 6.15
C LEU E 285 -16.70 -15.74 7.00
N ALA E 286 -16.23 -15.55 8.24
CA ALA E 286 -15.86 -16.69 9.07
C ALA E 286 -17.05 -17.61 9.31
N THR E 287 -18.23 -17.04 9.51
CA THR E 287 -19.39 -17.85 9.83
C THR E 287 -19.94 -18.54 8.59
N ASP E 288 -19.86 -17.88 7.44
CA ASP E 288 -20.31 -18.51 6.21
C ASP E 288 -19.42 -19.67 5.83
N MET E 289 -18.11 -19.52 6.02
CA MET E 289 -17.21 -20.64 5.80
C MET E 289 -17.46 -21.75 6.80
N GLY E 290 -17.71 -21.40 8.06
CA GLY E 290 -17.93 -22.41 9.06
C GLY E 290 -19.19 -23.23 8.83
N LEU E 291 -20.29 -22.56 8.49
CA LEU E 291 -21.53 -23.29 8.27
C LEU E 291 -21.36 -24.39 7.23
N LEU E 292 -20.47 -24.18 6.28
CA LEU E 292 -20.17 -25.20 5.29
C LEU E 292 -19.19 -26.23 5.84
N GLN E 293 -18.05 -25.77 6.34
CA GLN E 293 -16.95 -26.68 6.67
C GLN E 293 -17.30 -27.59 7.84
N GLU E 294 -18.01 -27.08 8.84
CA GLU E 294 -18.30 -27.85 10.04
C GLU E 294 -19.38 -28.88 9.83
N ARG E 295 -19.92 -28.99 8.61
CA ARG E 295 -20.78 -30.10 8.27
C ARG E 295 -19.99 -31.25 7.67
N ILE E 296 -18.80 -30.97 7.16
CA ILE E 296 -17.84 -31.99 6.78
C ILE E 296 -17.17 -32.48 8.05
N THR E 297 -17.69 -33.56 8.62
CA THR E 297 -17.15 -34.09 9.85
C THR E 297 -17.59 -35.53 10.01
N THR E 298 -16.83 -36.28 10.79
CA THR E 298 -17.12 -37.67 11.05
C THR E 298 -18.16 -37.81 12.15
N THR E 299 -19.00 -38.83 12.00
CA THR E 299 -20.00 -39.19 13.00
C THR E 299 -20.04 -40.71 13.12
N LYS E 300 -20.83 -41.19 14.08
CA LYS E 300 -20.90 -42.62 14.32
C LYS E 300 -21.42 -43.37 13.09
N LYS E 301 -22.19 -42.70 12.26
CA LYS E 301 -22.67 -43.32 11.04
C LYS E 301 -21.57 -43.38 9.98
N GLY E 302 -20.79 -42.32 9.87
CA GLY E 302 -19.74 -42.28 8.87
C GLY E 302 -18.95 -40.99 8.88
N SER E 303 -18.36 -40.65 7.74
CA SER E 303 -17.51 -39.49 7.63
C SER E 303 -17.65 -38.90 6.23
N VAL E 304 -17.64 -37.58 6.18
CA VAL E 304 -17.49 -36.81 4.95
C VAL E 304 -16.13 -36.16 4.98
N THR E 305 -15.31 -36.47 4.00
CA THR E 305 -13.97 -35.92 3.88
C THR E 305 -13.91 -35.05 2.64
N SER E 306 -13.33 -33.87 2.78
CA SER E 306 -13.41 -32.84 1.76
C SER E 306 -12.05 -32.55 1.18
N VAL E 307 -11.97 -32.52 -0.14
CA VAL E 307 -10.79 -32.14 -0.88
C VAL E 307 -11.12 -30.84 -1.60
N GLN E 308 -10.39 -29.80 -1.27
CA GLN E 308 -10.79 -28.44 -1.63
C GLN E 308 -9.66 -27.77 -2.38
N ALA E 309 -9.94 -27.30 -3.59
CA ALA E 309 -9.00 -26.48 -4.30
C ALA E 309 -9.01 -25.08 -3.70
N VAL E 310 -7.81 -24.55 -3.45
CA VAL E 310 -7.64 -23.32 -2.68
C VAL E 310 -6.78 -22.38 -3.51
N TYR E 311 -7.43 -21.44 -4.19
CA TYR E 311 -6.73 -20.35 -4.85
C TYR E 311 -6.31 -19.30 -3.83
N VAL E 312 -5.15 -18.71 -4.05
CA VAL E 312 -4.58 -17.73 -3.13
C VAL E 312 -4.41 -16.39 -3.84
N PRO E 313 -5.24 -15.40 -3.56
CA PRO E 313 -5.11 -14.11 -4.26
C PRO E 313 -3.75 -13.48 -4.02
N ALA E 314 -3.16 -12.96 -5.10
CA ALA E 314 -1.90 -12.24 -5.04
C ALA E 314 -0.83 -13.04 -4.30
N ASP E 315 -0.95 -14.36 -4.32
CA ASP E 315 -0.03 -15.26 -3.64
C ASP E 315 0.08 -14.96 -2.15
N ASP E 316 -0.91 -14.28 -1.59
CA ASP E 316 -0.90 -13.87 -0.18
C ASP E 316 -1.66 -14.92 0.63
N LEU E 317 -0.91 -15.74 1.36
CA LEU E 317 -1.51 -16.73 2.24
C LEU E 317 -2.19 -16.06 3.43
N THR E 318 -2.13 -14.73 3.49
CA THR E 318 -2.72 -13.96 4.58
C THR E 318 -3.92 -13.12 4.15
N ASP E 319 -4.41 -13.29 2.93
CA ASP E 319 -5.64 -12.65 2.54
C ASP E 319 -6.80 -13.33 3.28
N PRO E 320 -7.78 -12.58 3.77
CA PRO E 320 -8.76 -13.18 4.67
C PRO E 320 -9.35 -14.49 4.19
N ALA E 321 -9.57 -14.64 2.89
CA ALA E 321 -10.12 -15.90 2.38
C ALA E 321 -9.16 -17.06 2.59
N PRO E 322 -7.92 -17.01 2.08
CA PRO E 322 -6.95 -18.06 2.42
C PRO E 322 -6.81 -18.31 3.90
N ALA E 323 -6.77 -17.26 4.71
CA ALA E 323 -6.59 -17.44 6.14
C ALA E 323 -7.75 -18.23 6.75
N THR E 324 -8.97 -17.86 6.41
CA THR E 324 -10.12 -18.56 6.98
C THR E 324 -10.22 -19.98 6.46
N THR E 325 -9.84 -20.20 5.20
CA THR E 325 -9.84 -21.57 4.67
C THR E 325 -8.79 -22.42 5.36
N PHE E 326 -7.55 -21.91 5.43
CA PHE E 326 -6.46 -22.64 6.07
C PHE E 326 -6.75 -22.92 7.52
N ALA E 327 -7.54 -22.07 8.18
CA ALA E 327 -7.86 -22.31 9.57
C ALA E 327 -8.63 -23.60 9.77
N HIS E 328 -9.31 -24.07 8.72
CA HIS E 328 -10.08 -25.30 8.81
C HIS E 328 -9.31 -26.49 8.28
N LEU E 329 -8.43 -26.27 7.31
CA LEU E 329 -7.78 -27.39 6.65
C LEU E 329 -7.00 -28.25 7.62
N ASP E 330 -7.16 -29.56 7.48
CA ASP E 330 -6.38 -30.54 8.21
C ASP E 330 -5.20 -31.06 7.42
N ALA E 331 -5.21 -30.93 6.10
CA ALA E 331 -4.08 -31.36 5.30
C ALA E 331 -3.95 -30.50 4.06
N THR E 332 -2.76 -30.53 3.49
CA THR E 332 -2.45 -29.81 2.26
C THR E 332 -1.63 -30.69 1.34
N THR E 333 -1.94 -30.62 0.04
CA THR E 333 -1.25 -31.37 -0.99
C THR E 333 -0.94 -30.44 -2.15
N VAL E 334 0.36 -30.25 -2.42
CA VAL E 334 0.83 -29.32 -3.42
C VAL E 334 1.33 -30.12 -4.63
N LEU E 335 0.68 -29.91 -5.77
CA LEU E 335 1.09 -30.50 -7.03
C LEU E 335 1.90 -29.47 -7.81
N SER E 336 3.09 -29.85 -8.24
CA SER E 336 4.08 -28.90 -8.74
C SER E 336 4.57 -29.30 -10.12
N ARG E 337 4.71 -28.29 -10.98
CA ARG E 337 5.26 -28.52 -12.31
C ARG E 337 6.68 -29.07 -12.23
N GLY E 338 7.42 -28.70 -11.19
CA GLY E 338 8.80 -29.14 -11.07
C GLY E 338 8.91 -30.64 -10.85
N ILE E 339 8.04 -31.20 -10.01
CA ILE E 339 8.09 -32.62 -9.77
C ILE E 339 7.60 -33.39 -10.99
N SER E 340 6.74 -32.79 -11.80
CA SER E 340 6.33 -33.45 -13.04
C SER E 340 7.44 -33.40 -14.07
N GLU E 341 8.21 -32.32 -14.11
CA GLU E 341 9.34 -32.26 -15.03
C GLU E 341 10.33 -33.37 -14.75
N LEU E 342 10.42 -33.81 -13.49
CA LEU E 342 11.21 -34.98 -13.12
C LEU E 342 10.51 -36.28 -13.46
N GLY E 343 9.32 -36.21 -14.06
CA GLY E 343 8.59 -37.39 -14.45
C GLY E 343 7.94 -38.16 -13.32
N ILE E 344 7.95 -37.62 -12.10
CA ILE E 344 7.38 -38.35 -10.98
C ILE E 344 5.91 -37.98 -10.84
N TYR E 345 5.05 -38.63 -11.60
CA TYR E 345 3.63 -38.53 -11.39
C TYR E 345 3.23 -39.39 -10.21
N PRO E 346 2.30 -38.95 -9.35
CA PRO E 346 1.36 -37.84 -9.42
C PRO E 346 1.84 -36.49 -8.89
N ALA E 347 3.14 -36.26 -8.92
CA ALA E 347 3.74 -34.93 -8.83
C ALA E 347 3.59 -34.27 -7.46
N VAL E 348 3.21 -35.01 -6.43
CA VAL E 348 3.05 -34.39 -5.12
C VAL E 348 4.42 -34.06 -4.54
N ASP E 349 4.61 -32.79 -4.21
CA ASP E 349 5.83 -32.33 -3.58
C ASP E 349 5.91 -32.92 -2.18
N PRO E 350 6.81 -33.88 -1.92
CA PRO E 350 6.80 -34.54 -0.61
C PRO E 350 7.25 -33.65 0.52
N LEU E 351 7.60 -32.40 0.26
CA LEU E 351 8.13 -31.52 1.27
C LEU E 351 7.28 -30.29 1.52
N ASP E 352 6.54 -29.80 0.53
CA ASP E 352 5.63 -28.69 0.75
C ASP E 352 4.26 -29.15 1.22
N SER E 353 3.92 -30.42 1.01
CA SER E 353 2.71 -31.00 1.58
C SER E 353 2.87 -31.26 3.06
N LYS E 354 1.78 -31.12 3.80
CA LYS E 354 1.79 -31.19 5.25
C LYS E 354 0.47 -31.75 5.75
N SER E 355 0.46 -32.19 7.00
CA SER E 355 -0.74 -32.69 7.65
C SER E 355 -0.61 -32.58 9.15
N ARG E 356 -1.66 -32.05 9.79
CA ARG E 356 -1.72 -32.03 11.25
C ARG E 356 -1.80 -33.41 11.84
N LEU E 357 -2.30 -34.39 11.10
CA LEU E 357 -2.45 -35.75 11.59
C LEU E 357 -1.17 -36.56 11.53
N LEU E 358 -0.09 -35.99 11.02
CA LEU E 358 1.21 -36.65 11.02
C LEU E 358 1.89 -36.44 12.37
N ASP E 359 1.30 -37.06 13.38
CA ASP E 359 1.81 -37.02 14.74
C ASP E 359 1.84 -38.43 15.30
N ALA E 360 2.79 -38.69 16.20
CA ALA E 360 2.99 -40.03 16.70
C ALA E 360 1.78 -40.57 17.43
N ALA E 361 0.85 -39.71 17.85
CA ALA E 361 -0.34 -40.17 18.53
C ALA E 361 -1.35 -40.75 17.55
N VAL E 362 -1.45 -40.15 16.37
CA VAL E 362 -2.48 -40.51 15.41
C VAL E 362 -2.04 -41.65 14.52
N VAL E 363 -0.91 -41.47 13.83
CA VAL E 363 -0.45 -42.48 12.89
C VAL E 363 0.33 -43.58 13.58
N GLY E 364 1.01 -43.26 14.67
CA GLY E 364 1.86 -44.22 15.34
C GLY E 364 3.33 -43.99 15.07
N GLN E 365 4.16 -44.56 15.94
CA GLN E 365 5.59 -44.32 15.88
C GLN E 365 6.21 -45.08 14.72
N GLU E 366 5.72 -46.29 14.48
CA GLU E 366 6.13 -47.05 13.31
C GLU E 366 6.00 -46.22 12.03
N HIS E 367 4.96 -45.41 11.96
CA HIS E 367 4.72 -44.57 10.79
C HIS E 367 5.49 -43.26 10.88
N TYR E 368 5.44 -42.62 12.05
CA TYR E 368 6.03 -41.31 12.20
C TYR E 368 7.54 -41.34 11.99
N ASP E 369 8.19 -42.41 12.43
CA ASP E 369 9.64 -42.47 12.26
C ASP E 369 10.01 -42.58 10.79
N VAL E 370 9.28 -43.40 10.04
CA VAL E 370 9.56 -43.53 8.62
C VAL E 370 9.31 -42.22 7.91
N ALA E 371 8.19 -41.57 8.20
CA ALA E 371 7.87 -40.31 7.55
C ALA E 371 8.92 -39.25 7.84
N SER E 372 9.33 -39.13 9.11
CA SER E 372 10.32 -38.13 9.48
C SER E 372 11.65 -38.41 8.80
N LYS E 373 12.10 -39.67 8.82
CA LYS E 373 13.37 -40.00 8.19
C LYS E 373 13.33 -39.71 6.69
N VAL E 374 12.20 -40.01 6.05
CA VAL E 374 12.09 -39.78 4.61
C VAL E 374 12.16 -38.30 4.31
N GLN E 375 11.46 -37.49 5.10
CA GLN E 375 11.48 -36.06 4.86
C GLN E 375 12.86 -35.48 5.12
N GLU E 376 13.57 -36.00 6.12
CA GLU E 376 14.93 -35.52 6.36
C GLU E 376 15.86 -35.89 5.22
N THR E 377 15.70 -37.10 4.69
CA THR E 377 16.54 -37.52 3.56
C THR E 377 16.34 -36.58 2.38
N LEU E 378 15.09 -36.33 2.03
CA LEU E 378 14.83 -35.49 0.87
C LEU E 378 15.21 -34.04 1.16
N GLN E 379 15.06 -33.59 2.39
CA GLN E 379 15.40 -32.21 2.73
C GLN E 379 16.91 -32.00 2.62
N THR E 380 17.71 -32.96 3.08
CA THR E 380 19.16 -32.83 2.93
C THR E 380 19.57 -32.91 1.46
N TYR E 381 18.99 -33.86 0.72
CA TYR E 381 19.29 -33.95 -0.71
C TYR E 381 19.01 -32.63 -1.41
N LYS E 382 17.85 -32.04 -1.14
CA LYS E 382 17.55 -30.72 -1.67
C LYS E 382 18.52 -29.67 -1.16
N SER E 383 18.97 -29.80 0.09
CA SER E 383 19.85 -28.80 0.68
C SER E 383 21.25 -28.84 0.09
N LEU E 384 21.61 -29.91 -0.60
CA LEU E 384 22.87 -29.98 -1.32
C LEU E 384 22.68 -30.23 -2.80
N GLN E 385 21.50 -29.93 -3.34
CA GLN E 385 21.18 -30.27 -4.72
C GLN E 385 21.81 -29.33 -5.73
N ASP E 386 22.70 -28.42 -5.33
CA ASP E 386 23.46 -27.59 -6.25
C ASP E 386 24.93 -27.97 -6.31
N ILE E 387 25.62 -27.99 -5.16
CA ILE E 387 27.01 -28.41 -5.14
C ILE E 387 27.15 -29.82 -5.69
N ILE E 388 26.08 -30.61 -5.61
CA ILE E 388 26.08 -31.93 -6.21
C ILE E 388 26.41 -31.84 -7.69
N ALA E 389 25.97 -30.76 -8.34
CA ALA E 389 26.25 -30.57 -9.75
C ALA E 389 27.61 -29.91 -9.96
N ILE E 390 27.96 -28.96 -9.10
CA ILE E 390 29.23 -28.25 -9.25
C ILE E 390 30.40 -29.21 -9.01
N LEU E 391 30.41 -29.87 -7.86
CA LEU E 391 31.55 -30.70 -7.45
C LEU E 391 31.41 -32.16 -7.88
N GLY E 392 30.24 -32.57 -8.34
CA GLY E 392 30.04 -33.95 -8.71
C GLY E 392 29.73 -34.85 -7.53
N MET E 393 28.92 -35.89 -7.77
CA MET E 393 28.47 -36.75 -6.69
C MET E 393 29.64 -37.43 -5.99
N ASP E 394 30.77 -37.58 -6.67
CA ASP E 394 31.93 -38.24 -6.09
C ASP E 394 32.60 -37.40 -5.01
N GLU E 395 32.47 -36.08 -5.07
CA GLU E 395 33.16 -35.20 -4.13
C GLU E 395 32.47 -35.15 -2.77
N LEU E 396 31.28 -35.72 -2.66
CA LEU E 396 30.58 -35.77 -1.40
C LEU E 396 31.33 -36.59 -0.37
N SER E 397 30.87 -36.50 0.87
CA SER E 397 31.17 -37.53 1.85
C SER E 397 30.43 -38.81 1.48
N GLU E 398 31.01 -39.94 1.88
CA GLU E 398 30.38 -41.22 1.57
C GLU E 398 29.01 -41.33 2.24
N GLN E 399 28.85 -40.73 3.42
CA GLN E 399 27.54 -40.75 4.07
C GLN E 399 26.55 -39.87 3.31
N ASP E 400 26.98 -38.68 2.91
CA ASP E 400 26.10 -37.82 2.11
C ASP E 400 25.79 -38.49 0.77
N LYS E 401 26.77 -39.17 0.19
CA LYS E 401 26.55 -39.92 -1.04
C LYS E 401 25.47 -40.98 -0.84
N LEU E 402 25.55 -41.72 0.27
CA LEU E 402 24.53 -42.73 0.54
C LEU E 402 23.17 -42.10 0.75
N THR E 403 23.13 -40.94 1.43
CA THR E 403 21.85 -40.26 1.61
C THR E 403 21.28 -39.81 0.29
N VAL E 404 22.13 -39.43 -0.67
CA VAL E 404 21.63 -39.01 -1.97
C VAL E 404 21.12 -40.19 -2.75
N GLU E 405 21.82 -41.32 -2.67
CA GLU E 405 21.35 -42.52 -3.35
C GLU E 405 20.02 -42.99 -2.77
N ARG E 406 19.83 -42.83 -1.45
CA ARG E 406 18.54 -43.13 -0.85
C ARG E 406 17.50 -42.12 -1.30
N ALA E 407 17.87 -40.84 -1.33
CA ALA E 407 16.92 -39.79 -1.65
C ALA E 407 16.34 -39.96 -3.04
N ARG E 408 17.20 -40.18 -4.04
CA ARG E 408 16.72 -40.26 -5.41
C ARG E 408 15.85 -41.49 -5.62
N LYS E 409 16.22 -42.58 -4.97
CA LYS E 409 15.50 -43.84 -5.02
C LYS E 409 14.12 -43.68 -4.39
N ILE E 410 14.06 -43.04 -3.23
CA ILE E 410 12.79 -42.75 -2.58
C ILE E 410 11.95 -41.83 -3.44
N GLN E 411 12.60 -40.80 -4.02
CA GLN E 411 11.89 -39.82 -4.82
C GLN E 411 11.16 -40.47 -5.97
N ARG E 412 11.81 -41.43 -6.64
CA ARG E 412 11.12 -42.17 -7.67
C ARG E 412 10.29 -43.33 -7.13
N PHE E 413 10.44 -43.67 -5.86
CA PHE E 413 9.58 -44.67 -5.24
C PHE E 413 8.27 -44.07 -4.77
N LEU E 414 8.21 -42.76 -4.60
CA LEU E 414 6.96 -42.07 -4.32
C LEU E 414 6.08 -42.01 -5.55
N SER E 415 6.58 -42.39 -6.72
CA SER E 415 5.77 -42.46 -7.92
C SER E 415 4.82 -43.65 -7.84
N GLN E 416 3.70 -43.52 -8.53
CA GLN E 416 2.70 -44.55 -8.48
C GLN E 416 1.89 -44.55 -9.76
N PRO E 417 1.57 -45.73 -10.31
CA PRO E 417 0.68 -45.80 -11.47
C PRO E 417 -0.77 -45.87 -11.04
N PHE E 418 -1.61 -45.05 -11.66
CA PHE E 418 -3.01 -44.94 -11.30
C PHE E 418 -3.87 -45.80 -12.23
N ALA E 419 -4.85 -46.49 -11.63
CA ALA E 419 -5.72 -47.37 -12.40
C ALA E 419 -6.65 -46.60 -13.32
N VAL E 420 -6.91 -45.32 -13.01
CA VAL E 420 -7.72 -44.51 -13.91
C VAL E 420 -6.95 -44.14 -15.16
N ALA E 421 -5.66 -43.84 -15.02
CA ALA E 421 -4.83 -43.42 -16.14
C ALA E 421 -4.45 -44.56 -17.06
N GLU E 422 -4.89 -45.79 -16.76
CA GLU E 422 -4.51 -46.92 -17.58
C GLU E 422 -4.89 -46.70 -19.04
N VAL E 423 -6.01 -46.03 -19.29
CA VAL E 423 -6.50 -45.85 -20.65
C VAL E 423 -5.73 -44.80 -21.42
N PHE E 424 -4.84 -44.06 -20.76
CA PHE E 424 -3.96 -43.11 -21.43
C PHE E 424 -2.50 -43.51 -21.38
N THR E 425 -2.02 -44.01 -20.24
CA THR E 425 -0.62 -44.35 -20.07
C THR E 425 -0.29 -45.78 -20.46
N GLY E 426 -1.29 -46.66 -20.47
CA GLY E 426 -1.07 -48.05 -20.81
C GLY E 426 -0.43 -48.88 -19.71
N ILE E 427 -0.01 -48.26 -18.61
CA ILE E 427 0.62 -48.98 -17.51
C ILE E 427 -0.48 -49.51 -16.59
N PRO E 428 -0.36 -50.72 -16.05
CA PRO E 428 -1.33 -51.18 -15.06
C PRO E 428 -1.20 -50.38 -13.77
N GLY E 429 -2.34 -50.01 -13.20
CA GLY E 429 -2.37 -49.22 -12.00
C GLY E 429 -2.54 -50.09 -10.77
N LYS E 430 -2.07 -49.58 -9.64
CA LYS E 430 -2.01 -50.36 -8.42
C LYS E 430 -2.45 -49.53 -7.23
N LEU E 431 -3.01 -50.21 -6.24
CA LEU E 431 -3.11 -49.69 -4.89
C LEU E 431 -1.90 -50.09 -4.08
N VAL E 432 -1.56 -49.27 -3.10
CA VAL E 432 -0.57 -49.60 -2.09
C VAL E 432 -1.16 -49.25 -0.74
N ARG E 433 -1.38 -50.28 0.07
CA ARG E 433 -1.97 -50.08 1.38
C ARG E 433 -0.98 -49.38 2.31
N LEU E 434 -1.48 -48.95 3.46
CA LEU E 434 -0.68 -48.14 4.39
C LEU E 434 0.39 -48.99 5.07
N LYS E 435 0.03 -50.18 5.52
CA LYS E 435 1.02 -51.10 6.07
C LYS E 435 2.15 -51.33 5.08
N ASP E 436 1.79 -51.68 3.84
CA ASP E 436 2.81 -51.99 2.85
C ASP E 436 3.68 -50.79 2.54
N THR E 437 3.09 -49.60 2.45
CA THR E 437 3.89 -48.41 2.17
C THR E 437 4.88 -48.15 3.30
N VAL E 438 4.43 -48.21 4.55
CA VAL E 438 5.32 -47.91 5.66
C VAL E 438 6.41 -48.96 5.76
N ALA E 439 6.06 -50.23 5.62
CA ALA E 439 7.05 -51.29 5.71
C ALA E 439 8.06 -51.17 4.58
N SER E 440 7.61 -50.82 3.37
CA SER E 440 8.51 -50.71 2.24
C SER E 440 9.51 -49.57 2.44
N PHE E 441 9.01 -48.42 2.88
CA PHE E 441 9.93 -47.31 3.08
C PHE E 441 10.86 -47.55 4.26
N LYS E 442 10.42 -48.30 5.26
CA LYS E 442 11.36 -48.70 6.31
C LYS E 442 12.45 -49.59 5.75
N ALA E 443 12.08 -50.55 4.91
CA ALA E 443 13.06 -51.44 4.30
C ALA E 443 14.04 -50.67 3.44
N VAL E 444 13.59 -49.62 2.76
CA VAL E 444 14.48 -48.78 1.98
C VAL E 444 15.39 -47.96 2.89
N LEU E 445 14.84 -47.45 3.99
CA LEU E 445 15.63 -46.65 4.91
C LEU E 445 16.71 -47.48 5.58
N GLU E 446 16.39 -48.74 5.91
CA GLU E 446 17.37 -49.62 6.50
C GLU E 446 18.42 -50.11 5.51
N GLY E 447 18.27 -49.78 4.24
CA GLY E 447 19.22 -50.19 3.24
C GLY E 447 19.07 -51.61 2.74
N LYS E 448 18.00 -52.29 3.12
CA LYS E 448 17.86 -53.70 2.75
C LYS E 448 17.74 -53.89 1.25
N TYR E 449 17.43 -52.82 0.50
CA TYR E 449 17.34 -52.87 -0.94
C TYR E 449 18.18 -51.80 -1.60
N ASP E 450 19.31 -51.46 -0.98
CA ASP E 450 20.23 -50.51 -1.60
C ASP E 450 20.74 -51.03 -2.94
N ASN E 451 21.04 -52.33 -3.01
CA ASN E 451 21.68 -52.95 -4.17
C ASN E 451 20.76 -53.10 -5.37
N ILE E 452 19.55 -52.56 -5.34
CA ILE E 452 18.61 -52.65 -6.46
C ILE E 452 18.65 -51.32 -7.20
N PRO E 453 18.80 -51.31 -8.52
CA PRO E 453 18.98 -50.05 -9.23
C PRO E 453 17.77 -49.14 -9.12
N GLU E 454 18.04 -47.85 -9.28
CA GLU E 454 17.01 -46.84 -9.06
C GLU E 454 15.76 -47.12 -9.87
N HIS E 455 15.92 -47.47 -11.14
CA HIS E 455 14.78 -47.58 -12.03
C HIS E 455 13.79 -48.66 -11.59
N ALA E 456 14.22 -49.57 -10.71
CA ALA E 456 13.31 -50.59 -10.22
C ALA E 456 12.24 -50.02 -9.30
N PHE E 457 12.40 -48.79 -8.85
CA PHE E 457 11.44 -48.15 -7.98
C PHE E 457 10.45 -47.29 -8.75
N TYR E 458 10.69 -47.05 -10.03
CA TYR E 458 9.83 -46.19 -10.81
C TYR E 458 8.54 -46.92 -11.18
N MET E 459 7.42 -46.43 -10.65
CA MET E 459 6.08 -46.88 -11.01
C MET E 459 5.93 -48.38 -10.93
N VAL E 460 6.23 -48.95 -9.76
CA VAL E 460 6.04 -50.37 -9.51
C VAL E 460 4.89 -50.61 -8.54
N GLY E 461 4.74 -49.74 -7.55
CA GLY E 461 3.91 -50.04 -6.40
C GLY E 461 4.77 -50.26 -5.17
N GLY E 462 4.48 -51.35 -4.47
CA GLY E 462 5.24 -51.72 -3.29
C GLY E 462 6.59 -52.32 -3.61
N ILE E 463 7.31 -52.64 -2.53
CA ILE E 463 8.67 -53.16 -2.66
C ILE E 463 8.67 -54.57 -3.23
N GLU E 464 7.63 -55.35 -2.93
CA GLU E 464 7.50 -56.68 -3.51
C GLU E 464 7.49 -56.62 -5.04
N ASP E 465 7.14 -55.47 -5.60
CA ASP E 465 7.22 -55.27 -7.04
C ASP E 465 8.53 -54.65 -7.48
N VAL E 466 9.20 -53.89 -6.60
CA VAL E 466 10.58 -53.51 -6.87
C VAL E 466 11.44 -54.75 -7.07
N VAL E 467 11.16 -55.80 -6.30
CA VAL E 467 11.85 -57.07 -6.48
C VAL E 467 11.68 -57.58 -7.90
N ALA E 468 10.42 -57.76 -8.33
CA ALA E 468 10.16 -58.32 -9.65
C ALA E 468 10.68 -57.43 -10.75
N LYS E 469 10.68 -56.12 -10.56
CA LYS E 469 11.20 -55.25 -11.60
C LYS E 469 12.72 -55.31 -11.65
N ALA E 470 13.39 -55.46 -10.50
CA ALA E 470 14.81 -55.73 -10.52
C ALA E 470 15.11 -57.03 -11.27
N GLU E 471 14.26 -58.03 -11.09
CA GLU E 471 14.44 -59.28 -11.84
C GLU E 471 14.18 -59.08 -13.33
N LYS E 472 13.24 -58.20 -13.68
CA LYS E 472 12.94 -57.93 -15.08
C LYS E 472 14.07 -57.16 -15.75
N LEU E 473 14.68 -56.23 -15.03
CA LEU E 473 15.88 -55.56 -15.52
C LEU E 473 17.03 -56.55 -15.65
N ALA E 474 17.14 -57.49 -14.71
CA ALA E 474 18.18 -58.51 -14.81
C ALA E 474 18.00 -59.34 -16.06
N ALA E 475 16.76 -59.70 -16.39
CA ALA E 475 16.51 -60.40 -17.65
C ALA E 475 16.90 -59.53 -18.85
N GLU E 476 16.78 -58.22 -18.71
CA GLU E 476 17.08 -57.30 -19.80
C GLU E 476 18.56 -56.92 -19.81
N PRO F 8 -37.58 20.44 41.18
CA PRO F 8 -36.41 20.31 40.31
C PRO F 8 -36.80 19.98 38.86
N ILE F 9 -35.87 20.20 37.93
CA ILE F 9 -36.13 19.89 36.53
C ILE F 9 -35.93 18.39 36.32
N THR F 10 -36.99 17.73 35.84
CA THR F 10 -36.99 16.28 35.71
C THR F 10 -37.54 15.86 34.36
N GLY F 11 -37.05 14.71 33.89
CA GLY F 11 -37.41 14.16 32.60
C GLY F 11 -37.42 12.65 32.58
N LYS F 12 -37.68 12.05 31.43
CA LYS F 12 -37.82 10.61 31.29
C LYS F 12 -36.96 10.09 30.16
N VAL F 13 -36.34 8.93 30.38
CA VAL F 13 -35.47 8.33 29.37
C VAL F 13 -36.32 7.80 28.22
N THR F 14 -35.85 8.05 27.01
CA THR F 14 -36.56 7.65 25.81
C THR F 14 -35.72 6.83 24.85
N ALA F 15 -34.41 6.74 25.07
CA ALA F 15 -33.56 5.90 24.26
C ALA F 15 -32.33 5.51 25.03
N VAL F 16 -31.81 4.32 24.73
CA VAL F 16 -30.55 3.84 25.29
C VAL F 16 -29.83 3.06 24.21
N ILE F 17 -28.66 3.55 23.81
CA ILE F 17 -27.84 2.90 22.81
C ILE F 17 -26.40 2.96 23.29
N GLY F 18 -25.93 1.87 23.89
CA GLY F 18 -24.61 1.86 24.46
C GLY F 18 -24.48 2.88 25.57
N ALA F 19 -23.46 3.71 25.47
CA ALA F 19 -23.20 4.75 26.46
C ALA F 19 -24.03 6.00 26.26
N ILE F 20 -24.84 6.06 25.22
CA ILE F 20 -25.63 7.25 24.90
C ILE F 20 -27.04 7.04 25.39
N VAL F 21 -27.61 8.07 26.01
CA VAL F 21 -28.92 8.03 26.61
C VAL F 21 -29.66 9.31 26.26
N ASP F 22 -30.90 9.17 25.80
CA ASP F 22 -31.72 10.32 25.44
C ASP F 22 -32.80 10.56 26.48
N VAL F 23 -33.03 11.82 26.79
CA VAL F 23 -33.91 12.23 27.88
C VAL F 23 -34.88 13.28 27.37
N HIS F 24 -36.17 13.07 27.62
CA HIS F 24 -37.23 13.97 27.21
C HIS F 24 -37.77 14.72 28.42
N PHE F 25 -37.81 16.04 28.33
CA PHE F 25 -38.28 16.90 29.40
C PHE F 25 -39.65 17.44 29.06
N GLU F 26 -40.62 17.19 29.95
CA GLU F 26 -42.02 17.46 29.65
C GLU F 26 -42.34 18.94 29.58
N GLN F 27 -41.43 19.81 30.02
CA GLN F 27 -41.65 21.24 29.97
C GLN F 27 -40.43 21.93 29.36
N SER F 28 -40.59 23.22 29.05
CA SER F 28 -39.65 23.91 28.17
C SER F 28 -38.28 24.15 28.82
N GLU F 29 -38.17 24.07 30.14
CA GLU F 29 -36.90 24.36 30.82
C GLU F 29 -35.97 23.17 30.65
N LEU F 30 -35.15 23.21 29.59
CA LEU F 30 -34.23 22.14 29.31
C LEU F 30 -32.87 22.39 29.96
N PRO F 31 -32.13 21.32 30.26
CA PRO F 31 -30.80 21.49 30.82
C PRO F 31 -29.76 21.89 29.78
N ALA F 32 -28.77 22.64 30.24
CA ALA F 32 -27.72 23.12 29.38
C ALA F 32 -26.74 22.01 29.02
N ILE F 33 -25.97 22.24 27.98
CA ILE F 33 -25.00 21.26 27.53
C ILE F 33 -23.84 21.22 28.51
N LEU F 34 -23.27 20.02 28.66
CA LEU F 34 -22.25 19.67 29.64
C LEU F 34 -22.79 19.63 31.06
N ASN F 35 -24.08 19.88 31.28
CA ASN F 35 -24.68 19.68 32.59
C ASN F 35 -24.67 18.21 32.97
N ALA F 36 -24.89 17.96 34.26
CA ALA F 36 -24.92 16.62 34.82
C ALA F 36 -26.31 16.26 35.30
N LEU F 37 -26.84 15.15 34.79
CA LEU F 37 -28.14 14.62 35.19
C LEU F 37 -27.94 13.32 35.96
N GLU F 38 -28.83 13.06 36.91
CA GLU F 38 -28.72 11.90 37.79
C GLU F 38 -29.92 10.99 37.67
N ILE F 39 -29.66 9.68 37.67
CA ILE F 39 -30.69 8.65 37.72
C ILE F 39 -30.44 7.83 38.99
N LYS F 40 -31.45 7.75 39.84
CA LYS F 40 -31.33 7.05 41.12
C LYS F 40 -31.71 5.58 41.01
N THR F 41 -31.11 4.88 40.05
CA THR F 41 -31.39 3.47 39.91
C THR F 41 -30.95 2.73 41.16
N PRO F 42 -31.73 1.74 41.64
CA PRO F 42 -31.42 1.13 42.94
C PRO F 42 -30.08 0.45 43.00
N GLN F 43 -29.46 0.15 41.86
CA GLN F 43 -28.09 -0.33 41.85
C GLN F 43 -27.07 0.77 42.12
N GLY F 44 -27.50 1.98 42.40
CA GLY F 44 -26.61 3.11 42.63
C GLY F 44 -26.72 4.14 41.52
N LYS F 45 -26.57 5.41 41.90
CA LYS F 45 -26.87 6.50 41.00
C LYS F 45 -25.97 6.48 39.77
N LEU F 46 -26.52 6.97 38.66
CA LEU F 46 -25.84 7.04 37.38
C LEU F 46 -25.87 8.47 36.88
N VAL F 47 -24.72 8.98 36.45
CA VAL F 47 -24.56 10.36 36.03
C VAL F 47 -24.41 10.42 34.52
N LEU F 48 -25.14 11.34 33.90
CA LEU F 48 -25.15 11.51 32.45
C LEU F 48 -24.75 12.95 32.15
N GLU F 49 -23.94 13.13 31.10
CA GLU F 49 -23.50 14.45 30.68
C GLU F 49 -24.20 14.82 29.39
N VAL F 50 -24.88 15.96 29.39
CA VAL F 50 -25.63 16.42 28.22
C VAL F 50 -24.65 16.76 27.11
N ALA F 51 -24.72 16.03 26.01
CA ALA F 51 -23.86 16.26 24.87
C ALA F 51 -24.52 17.17 23.83
N GLN F 52 -25.82 17.00 23.57
CA GLN F 52 -26.43 17.85 22.58
C GLN F 52 -27.94 17.91 22.76
N HIS F 53 -28.55 18.93 22.15
CA HIS F 53 -29.99 19.09 22.10
C HIS F 53 -30.47 18.53 20.76
N LEU F 54 -31.22 17.43 20.82
CA LEU F 54 -31.76 16.85 19.60
C LEU F 54 -32.96 17.59 19.08
N GLY F 55 -33.65 18.35 19.92
CA GLY F 55 -34.90 18.98 19.57
C GLY F 55 -36.09 18.16 20.05
N GLU F 56 -37.25 18.80 19.97
CA GLU F 56 -38.50 18.22 20.45
C GLU F 56 -38.40 17.91 21.93
N ASN F 57 -37.73 18.79 22.66
CA ASN F 57 -37.49 18.71 24.10
C ASN F 57 -36.62 17.53 24.50
N THR F 58 -35.92 16.92 23.57
CA THR F 58 -35.01 15.81 23.88
C THR F 58 -33.56 16.28 23.94
N VAL F 59 -32.82 15.71 24.88
CA VAL F 59 -31.38 15.90 24.99
C VAL F 59 -30.70 14.54 24.90
N ARG F 60 -29.50 14.52 24.33
CA ARG F 60 -28.70 13.32 24.17
C ARG F 60 -27.45 13.46 25.01
N THR F 61 -27.15 12.42 25.80
CA THR F 61 -26.19 12.47 26.89
C THR F 61 -25.27 11.25 26.86
N ILE F 62 -24.10 11.39 27.46
CA ILE F 62 -23.10 10.34 27.56
C ILE F 62 -23.05 9.86 29.00
N ALA F 63 -23.00 8.54 29.17
CA ALA F 63 -23.11 7.93 30.49
C ALA F 63 -21.73 7.68 31.08
N MET F 64 -21.52 8.21 32.30
CA MET F 64 -20.27 8.01 33.01
C MET F 64 -20.20 6.66 33.71
N ASP F 65 -21.21 5.82 33.55
CA ASP F 65 -21.18 4.48 34.11
C ASP F 65 -22.02 3.58 33.23
N GLY F 66 -21.93 2.28 33.49
CA GLY F 66 -22.62 1.30 32.69
C GLY F 66 -24.11 1.55 32.56
N THR F 67 -24.61 1.44 31.34
CA THR F 67 -26.02 1.66 31.05
C THR F 67 -26.87 0.43 31.28
N GLU F 68 -26.27 -0.67 31.73
CA GLU F 68 -27.03 -1.87 32.05
C GLU F 68 -28.20 -1.54 32.96
N GLY F 69 -29.34 -2.15 32.65
CA GLY F 69 -30.51 -2.07 33.51
C GLY F 69 -31.41 -0.89 33.28
N LEU F 70 -31.00 0.07 32.45
CA LEU F 70 -31.83 1.23 32.20
C LEU F 70 -33.13 0.84 31.53
N VAL F 71 -34.22 1.46 31.98
CA VAL F 71 -35.55 1.21 31.46
C VAL F 71 -36.08 2.48 30.83
N ARG F 72 -36.72 2.33 29.68
CA ARG F 72 -37.41 3.44 29.04
C ARG F 72 -38.55 3.90 29.92
N GLY F 73 -38.54 5.17 30.28
CA GLY F 73 -39.47 5.71 31.25
C GLY F 73 -38.83 6.06 32.57
N GLU F 74 -37.54 5.83 32.73
CA GLU F 74 -36.89 6.03 34.01
C GLU F 74 -36.61 7.51 34.25
N LYS F 75 -36.87 7.95 35.47
CA LYS F 75 -36.78 9.36 35.80
C LYS F 75 -35.33 9.84 35.84
N VAL F 76 -35.13 11.08 35.43
CA VAL F 76 -33.83 11.73 35.41
C VAL F 76 -34.00 13.13 35.98
N LEU F 77 -33.01 13.58 36.74
CA LEU F 77 -33.09 14.84 37.47
C LEU F 77 -31.82 15.66 37.23
N ASP F 78 -32.01 16.96 36.98
CA ASP F 78 -30.89 17.86 36.71
C ASP F 78 -30.25 18.32 37.99
N THR F 79 -28.92 18.29 38.03
CA THR F 79 -28.15 18.72 39.18
C THR F 79 -27.88 20.22 39.19
N GLY F 80 -28.10 20.91 38.08
CA GLY F 80 -27.93 22.34 38.03
C GLY F 80 -26.60 22.81 37.51
N GLY F 81 -25.72 21.91 37.09
CA GLY F 81 -24.44 22.31 36.56
C GLY F 81 -23.57 21.13 36.19
N PRO F 82 -22.36 21.42 35.72
CA PRO F 82 -21.49 20.36 35.23
C PRO F 82 -21.00 19.47 36.35
N ILE F 83 -20.34 18.38 35.95
CA ILE F 83 -19.72 17.49 36.91
C ILE F 83 -18.76 18.29 37.77
N SER F 84 -18.92 18.20 39.08
CA SER F 84 -18.13 18.98 40.02
C SER F 84 -17.26 18.04 40.84
N VAL F 85 -15.97 18.32 40.86
CA VAL F 85 -15.02 17.48 41.56
C VAL F 85 -14.43 18.24 42.74
N PRO F 86 -14.08 17.57 43.83
CA PRO F 86 -13.45 18.28 44.95
C PRO F 86 -12.04 18.68 44.59
N VAL F 87 -11.64 19.86 45.07
CA VAL F 87 -10.33 20.42 44.78
C VAL F 87 -9.67 20.87 46.06
N GLY F 88 -8.35 20.90 46.03
CA GLY F 88 -7.56 21.40 47.14
C GLY F 88 -6.69 20.37 47.82
N ARG F 89 -6.35 20.71 49.07
CA ARG F 89 -5.38 19.94 49.85
C ARG F 89 -5.94 18.62 50.33
N GLU F 90 -7.24 18.56 50.59
CA GLU F 90 -7.86 17.33 51.04
C GLU F 90 -8.00 16.29 49.93
N THR F 91 -7.75 16.67 48.68
CA THR F 91 -7.61 15.70 47.61
C THR F 91 -6.26 15.02 47.62
N LEU F 92 -5.32 15.51 48.43
CA LEU F 92 -4.00 14.91 48.47
C LEU F 92 -4.06 13.57 49.19
N GLY F 93 -3.39 12.59 48.61
CA GLY F 93 -3.33 11.28 49.20
C GLY F 93 -4.54 10.41 48.98
N ARG F 94 -5.42 10.78 48.07
CA ARG F 94 -6.67 10.07 47.87
C ARG F 94 -6.90 9.77 46.40
N ILE F 95 -7.78 8.79 46.16
CA ILE F 95 -8.08 8.29 44.85
C ILE F 95 -9.52 8.69 44.52
N ILE F 96 -9.69 9.35 43.37
CA ILE F 96 -10.95 9.96 43.00
C ILE F 96 -11.42 9.38 41.67
N ASN F 97 -12.73 9.20 41.53
CA ASN F 97 -13.34 8.79 40.29
C ASN F 97 -13.67 9.99 39.41
N VAL F 98 -14.08 9.71 38.18
CA VAL F 98 -14.44 10.77 37.23
C VAL F 98 -15.46 11.72 37.85
N ILE F 99 -16.50 11.16 38.48
CA ILE F 99 -17.59 11.97 38.99
C ILE F 99 -17.23 12.54 40.37
N GLY F 100 -16.00 12.36 40.79
CA GLY F 100 -15.50 12.95 42.01
C GLY F 100 -15.65 12.10 43.25
N GLU F 101 -16.42 11.03 43.20
CA GLU F 101 -16.54 10.17 44.36
C GLU F 101 -15.22 9.45 44.61
N PRO F 102 -14.87 9.19 45.85
CA PRO F 102 -13.69 8.37 46.12
C PRO F 102 -13.95 6.91 45.80
N ILE F 103 -12.90 6.25 45.31
CA ILE F 103 -12.89 4.81 45.15
C ILE F 103 -11.99 4.13 46.17
N ASP F 104 -11.22 4.90 46.93
CA ASP F 104 -10.66 4.41 48.18
C ASP F 104 -11.71 4.45 49.29
N GLU F 105 -11.56 3.56 50.25
CA GLU F 105 -12.55 3.34 51.28
C GLU F 105 -12.39 4.25 52.49
N ARG F 106 -11.58 5.32 52.37
CA ARG F 106 -11.30 6.18 53.50
C ARG F 106 -12.39 7.21 53.76
N GLY F 107 -13.55 7.05 53.15
CA GLY F 107 -14.66 7.92 53.42
C GLY F 107 -14.71 9.13 52.51
N PRO F 108 -15.44 10.15 52.92
CA PRO F 108 -15.66 11.31 52.05
C PRO F 108 -14.46 12.23 52.00
N ILE F 109 -14.30 12.87 50.84
CA ILE F 109 -13.36 13.98 50.69
C ILE F 109 -14.05 15.22 51.23
N LYS F 110 -13.75 15.58 52.45
CA LYS F 110 -14.27 16.82 53.02
C LYS F 110 -13.48 17.99 52.46
N SER F 111 -14.16 18.87 51.73
CA SER F 111 -13.51 19.99 51.07
C SER F 111 -14.45 21.18 51.08
N LYS F 112 -13.86 22.37 51.10
CA LYS F 112 -14.66 23.58 51.12
C LYS F 112 -15.20 23.90 49.74
N LEU F 113 -14.39 23.69 48.70
CA LEU F 113 -14.75 24.03 47.34
C LEU F 113 -14.85 22.77 46.49
N ARG F 114 -15.95 22.66 45.77
CA ARG F 114 -16.07 21.78 44.62
C ARG F 114 -16.08 22.62 43.36
N LYS F 115 -15.44 22.13 42.31
CA LYS F 115 -15.23 22.96 41.14
C LYS F 115 -15.56 22.21 39.86
N PRO F 116 -16.11 22.91 38.86
CA PRO F 116 -16.44 22.25 37.59
C PRO F 116 -15.22 21.68 36.90
N ILE F 117 -15.45 20.56 36.20
CA ILE F 117 -14.40 19.95 35.39
C ILE F 117 -14.27 20.59 34.02
N HIS F 118 -15.22 21.43 33.63
CA HIS F 118 -15.16 22.15 32.37
C HIS F 118 -14.87 23.63 32.64
N ALA F 119 -13.73 24.09 32.13
CA ALA F 119 -13.33 25.48 32.28
C ALA F 119 -12.47 25.87 31.09
N ASP F 120 -12.47 27.17 30.77
CA ASP F 120 -11.82 27.64 29.56
C ASP F 120 -10.31 27.81 29.76
N PRO F 121 -9.50 27.56 28.73
CA PRO F 121 -8.06 27.64 28.89
C PRO F 121 -7.60 29.03 29.24
N PRO F 122 -6.37 29.18 29.70
CA PRO F 122 -5.84 30.51 30.00
C PRO F 122 -5.64 31.34 28.74
N SER F 123 -5.83 32.64 28.88
CA SER F 123 -5.64 33.56 27.78
C SER F 123 -4.17 33.63 27.37
N PHE F 124 -3.94 34.28 26.23
CA PHE F 124 -2.58 34.52 25.75
C PHE F 124 -1.80 35.39 26.71
N ALA F 125 -2.47 36.32 27.39
CA ALA F 125 -1.80 37.19 28.35
C ALA F 125 -1.32 36.44 29.58
N GLU F 126 -1.95 35.32 29.91
CA GLU F 126 -1.60 34.56 31.11
C GLU F 126 -0.46 33.59 30.87
N GLN F 127 -0.10 33.34 29.62
CA GLN F 127 0.94 32.36 29.32
C GLN F 127 2.30 32.84 29.84
N SER F 128 3.16 31.86 30.11
CA SER F 128 4.53 32.11 30.51
C SER F 128 5.40 30.99 29.95
N THR F 129 6.54 31.36 29.39
CA THR F 129 7.39 30.42 28.67
C THR F 129 8.70 30.22 29.44
N SER F 130 8.90 29.00 29.92
CA SER F 130 10.11 28.64 30.64
C SER F 130 11.14 28.06 29.70
N ALA F 131 12.37 27.96 30.21
CA ALA F 131 13.49 27.44 29.43
C ALA F 131 14.37 26.51 30.24
N GLU F 132 13.93 26.08 31.42
CA GLU F 132 14.76 25.33 32.32
C GLU F 132 14.76 23.85 31.97
N ILE F 133 15.86 23.19 32.27
CA ILE F 133 16.08 21.80 31.93
C ILE F 133 15.81 20.94 33.15
N LEU F 134 15.03 19.88 32.95
CA LEU F 134 14.70 18.93 34.00
C LEU F 134 15.63 17.72 33.86
N GLU F 135 16.60 17.62 34.76
CA GLU F 135 17.51 16.49 34.77
C GLU F 135 16.74 15.24 35.17
N THR F 136 16.53 14.34 34.21
CA THR F 136 15.70 13.16 34.41
C THR F 136 16.48 11.95 34.87
N GLY F 137 17.80 11.96 34.73
CA GLY F 137 18.59 10.78 34.99
C GLY F 137 18.67 9.80 33.85
N ILE F 138 17.93 10.02 32.77
CA ILE F 138 17.91 9.13 31.63
C ILE F 138 18.82 9.72 30.57
N LYS F 139 19.77 8.90 30.10
CA LYS F 139 20.81 9.40 29.21
C LYS F 139 20.23 9.94 27.91
N VAL F 140 19.41 9.15 27.23
CA VAL F 140 18.92 9.53 25.91
C VAL F 140 18.11 10.82 26.01
N VAL F 141 17.34 10.98 27.07
CA VAL F 141 16.50 12.17 27.22
C VAL F 141 17.37 13.38 27.52
N ASP F 142 18.18 13.28 28.57
CA ASP F 142 18.99 14.42 28.97
C ASP F 142 19.98 14.84 27.89
N LEU F 143 20.31 13.93 26.98
CA LEU F 143 21.27 14.26 25.93
C LEU F 143 20.57 14.80 24.68
N LEU F 144 19.66 14.01 24.11
CA LEU F 144 19.13 14.29 22.80
C LEU F 144 17.78 15.00 22.81
N ALA F 145 17.07 14.99 23.92
CA ALA F 145 15.75 15.61 23.99
C ALA F 145 15.46 16.08 25.40
N PRO F 146 16.18 17.06 25.91
CA PRO F 146 16.02 17.47 27.30
C PRO F 146 14.61 18.00 27.59
N TYR F 147 14.04 17.47 28.65
CA TYR F 147 12.72 17.89 29.10
C TYR F 147 12.79 19.24 29.78
N ALA F 148 11.76 20.06 29.53
CA ALA F 148 11.67 21.37 30.14
C ALA F 148 10.86 21.33 31.42
N ARG F 149 11.35 22.02 32.43
CA ARG F 149 10.57 22.26 33.63
C ARG F 149 9.55 23.35 33.36
N GLY F 150 8.29 23.06 33.69
CA GLY F 150 7.20 23.91 33.32
C GLY F 150 6.68 23.68 31.93
N GLY F 151 7.17 22.68 31.23
CA GLY F 151 6.80 22.40 29.87
C GLY F 151 5.88 21.20 29.74
N LYS F 152 5.82 20.67 28.52
CA LYS F 152 4.94 19.57 28.20
C LYS F 152 5.74 18.46 27.53
N ILE F 153 5.60 17.25 28.06
CA ILE F 153 6.40 16.10 27.65
C ILE F 153 5.47 14.99 27.20
N GLY F 154 5.80 14.39 26.06
CA GLY F 154 5.08 13.24 25.56
C GLY F 154 5.99 12.03 25.44
N LEU F 155 5.50 10.90 25.94
CA LEU F 155 6.15 9.61 25.74
C LEU F 155 5.31 8.83 24.74
N PHE F 156 5.63 9.00 23.46
CA PHE F 156 4.93 8.30 22.40
C PHE F 156 5.45 6.88 22.28
N GLY F 157 4.53 5.93 22.14
CA GLY F 157 4.93 4.55 22.04
C GLY F 157 3.79 3.57 21.84
N GLY F 158 4.03 2.60 20.96
CA GLY F 158 3.08 1.54 20.72
C GLY F 158 3.00 0.57 21.88
N ALA F 159 2.25 -0.50 21.66
CA ALA F 159 2.10 -1.53 22.67
C ALA F 159 3.37 -2.35 22.80
N GLY F 160 3.80 -2.55 24.05
CA GLY F 160 4.90 -3.45 24.33
C GLY F 160 6.27 -2.82 24.24
N VAL F 161 6.36 -1.49 24.15
CA VAL F 161 7.65 -0.84 24.02
C VAL F 161 8.21 -0.34 25.34
N GLY F 162 7.39 -0.26 26.38
CA GLY F 162 7.88 -0.03 27.72
C GLY F 162 7.64 1.33 28.31
N LYS F 163 6.61 2.05 27.88
CA LYS F 163 6.45 3.42 28.35
C LYS F 163 5.85 3.50 29.76
N THR F 164 5.25 2.41 30.27
CA THR F 164 4.84 2.42 31.66
C THR F 164 6.04 2.39 32.60
N VAL F 165 7.07 1.63 32.24
CA VAL F 165 8.27 1.63 33.07
C VAL F 165 8.96 2.98 32.98
N PHE F 166 8.84 3.64 31.83
CA PHE F 166 9.36 4.98 31.68
C PHE F 166 8.63 5.97 32.58
N ILE F 167 7.31 5.84 32.64
CA ILE F 167 6.52 6.70 33.52
C ILE F 167 6.90 6.46 34.97
N GLN F 168 7.07 5.19 35.34
CA GLN F 168 7.42 4.90 36.72
C GLN F 168 8.81 5.41 37.07
N GLU F 169 9.73 5.38 36.10
CA GLU F 169 11.06 5.92 36.34
C GLU F 169 10.99 7.43 36.50
N LEU F 170 10.22 8.09 35.64
CA LEU F 170 10.05 9.53 35.76
C LEU F 170 9.43 9.91 37.08
N ILE F 171 8.52 9.08 37.59
CA ILE F 171 7.93 9.35 38.90
C ILE F 171 8.98 9.24 39.98
N ASN F 172 9.73 8.13 39.98
CA ASN F 172 10.76 7.94 40.99
C ASN F 172 11.78 9.07 40.97
N ASN F 173 12.17 9.52 39.79
CA ASN F 173 13.28 10.45 39.67
C ASN F 173 12.83 11.89 39.90
N ILE F 174 11.74 12.31 39.27
CA ILE F 174 11.31 13.70 39.34
C ILE F 174 10.43 13.95 40.55
N ALA F 175 9.44 13.09 40.79
CA ALA F 175 8.35 13.42 41.70
C ALA F 175 8.82 13.75 43.10
N LYS F 176 9.94 13.18 43.55
CA LYS F 176 10.42 13.45 44.90
C LYS F 176 11.32 14.67 44.96
N ALA F 177 12.08 14.94 43.90
CA ALA F 177 12.91 16.13 43.85
C ALA F 177 12.13 17.36 43.42
N HIS F 178 10.84 17.21 43.10
CA HIS F 178 10.05 18.36 42.68
C HIS F 178 9.65 19.23 43.86
N GLY F 179 9.36 18.62 45.01
CA GLY F 179 9.03 19.37 46.21
C GLY F 179 7.61 19.90 46.27
N GLY F 180 7.02 20.17 45.10
CA GLY F 180 5.68 20.72 45.05
C GLY F 180 4.58 19.69 45.20
N PHE F 181 3.56 19.79 44.37
CA PHE F 181 2.43 18.87 44.38
C PHE F 181 2.38 18.09 43.08
N SER F 182 1.74 16.93 43.12
CA SER F 182 1.69 16.02 41.99
C SER F 182 0.27 15.48 41.82
N VAL F 183 -0.10 15.27 40.56
CA VAL F 183 -1.39 14.68 40.21
C VAL F 183 -1.17 13.61 39.15
N PHE F 184 -1.67 12.42 39.41
CA PHE F 184 -1.60 11.32 38.46
C PHE F 184 -2.99 10.96 37.99
N THR F 185 -3.19 11.09 36.69
CA THR F 185 -4.47 10.84 36.03
C THR F 185 -4.32 9.63 35.15
N GLY F 186 -4.99 8.54 35.53
CA GLY F 186 -5.03 7.36 34.71
C GLY F 186 -6.20 7.40 33.76
N VAL F 187 -5.91 7.27 32.47
CA VAL F 187 -6.92 7.34 31.44
C VAL F 187 -6.73 6.10 30.57
N GLY F 188 -7.53 5.08 30.83
CA GLY F 188 -7.44 3.85 30.08
C GLY F 188 -6.16 3.08 30.27
N GLU F 189 -5.62 3.07 31.48
CA GLU F 189 -4.44 2.29 31.80
C GLU F 189 -4.79 1.09 32.66
N ARG F 190 -3.79 0.26 32.93
CA ARG F 190 -3.99 -0.99 33.64
C ARG F 190 -4.23 -0.75 35.13
N THR F 191 -5.25 -1.41 35.66
CA THR F 191 -5.56 -1.29 37.08
C THR F 191 -4.47 -1.89 37.95
N ARG F 192 -3.82 -2.95 37.47
CA ARG F 192 -2.69 -3.52 38.18
C ARG F 192 -1.59 -2.49 38.35
N GLU F 193 -1.35 -1.68 37.34
CA GLU F 193 -0.32 -0.66 37.40
C GLU F 193 -0.82 0.62 38.04
N GLY F 194 -2.05 0.61 38.54
CA GLY F 194 -2.52 1.65 39.44
C GLY F 194 -2.32 1.20 40.87
N ASN F 195 -2.58 -0.08 41.12
CA ASN F 195 -2.30 -0.65 42.42
C ASN F 195 -0.80 -0.64 42.71
N ASP F 196 0.01 -0.96 41.70
CA ASP F 196 1.45 -0.97 41.86
C ASP F 196 2.00 0.43 42.10
N LEU F 197 1.27 1.47 41.73
CA LEU F 197 1.68 2.84 41.99
C LEU F 197 1.21 3.29 43.36
N TYR F 198 -0.04 2.97 43.71
CA TYR F 198 -0.55 3.27 45.03
C TYR F 198 0.32 2.64 46.11
N ARG F 199 0.69 1.37 45.91
CA ARG F 199 1.48 0.65 46.89
C ARG F 199 2.85 1.27 47.07
N GLU F 200 3.53 1.56 45.96
CA GLU F 200 4.87 2.12 46.06
C GLU F 200 4.84 3.54 46.62
N MET F 201 3.85 4.34 46.23
CA MET F 201 3.71 5.66 46.80
C MET F 201 3.41 5.60 48.29
N LYS F 202 2.77 4.52 48.73
CA LYS F 202 2.44 4.35 50.14
C LYS F 202 3.65 3.86 50.93
N GLU F 203 4.50 3.06 50.29
CA GLU F 203 5.71 2.58 50.94
C GLU F 203 6.76 3.69 51.03
N THR F 204 6.97 4.42 49.95
CA THR F 204 7.97 5.48 49.90
C THR F 204 7.53 6.75 50.62
N GLY F 205 6.30 6.81 51.12
CA GLY F 205 5.87 7.86 52.01
C GLY F 205 5.18 9.04 51.37
N VAL F 206 5.07 9.07 50.04
CA VAL F 206 4.39 10.19 49.40
C VAL F 206 2.88 10.13 49.62
N ILE F 207 2.36 8.95 49.95
CA ILE F 207 0.97 8.82 50.37
C ILE F 207 0.94 8.29 51.79
N ASN F 208 0.94 9.19 52.76
CA ASN F 208 0.78 8.81 54.17
C ASN F 208 -0.71 8.85 54.48
N LEU F 209 -1.34 7.68 54.48
CA LEU F 209 -2.78 7.61 54.65
C LEU F 209 -3.23 8.41 55.85
N GLU F 210 -2.41 8.45 56.91
CA GLU F 210 -2.77 9.07 58.17
C GLU F 210 -1.88 10.28 58.47
N GLY F 211 -1.42 10.97 57.44
CA GLY F 211 -0.61 12.16 57.62
C GLY F 211 -0.65 13.06 56.42
N GLU F 212 0.41 13.86 56.27
CA GLU F 212 0.53 14.78 55.16
C GLU F 212 0.92 14.01 53.90
N SER F 213 0.25 14.33 52.80
CA SER F 213 0.49 13.69 51.52
C SER F 213 0.70 14.76 50.46
N LYS F 214 1.38 14.38 49.38
CA LYS F 214 1.67 15.32 48.31
C LYS F 214 1.46 14.74 46.93
N VAL F 215 0.55 13.79 46.76
CA VAL F 215 0.15 13.29 45.45
C VAL F 215 -1.33 12.99 45.46
N ALA F 216 -2.01 13.44 44.42
CA ALA F 216 -3.43 13.21 44.21
C ALA F 216 -3.62 12.25 43.06
N LEU F 217 -4.36 11.19 43.29
CA LEU F 217 -4.57 10.14 42.30
C LEU F 217 -6.00 10.18 41.80
N VAL F 218 -6.14 10.12 40.48
CA VAL F 218 -7.42 10.06 39.80
C VAL F 218 -7.33 8.92 38.81
N PHE F 219 -8.28 7.99 38.87
CA PHE F 219 -8.12 6.71 38.18
C PHE F 219 -9.38 6.39 37.40
N GLY F 220 -9.37 6.70 36.13
CA GLY F 220 -10.14 5.96 35.17
C GLY F 220 -9.27 4.93 34.51
N GLN F 221 -9.86 3.79 34.20
CA GLN F 221 -9.06 2.65 33.77
C GLN F 221 -9.77 1.96 32.62
N MET F 222 -9.04 1.07 31.95
CA MET F 222 -9.55 0.47 30.72
C MET F 222 -10.74 -0.42 30.96
N ASN F 223 -11.13 -0.64 32.20
CA ASN F 223 -12.38 -1.31 32.51
C ASN F 223 -13.57 -0.37 32.51
N GLU F 224 -13.35 0.93 32.56
CA GLU F 224 -14.45 1.86 32.70
C GLU F 224 -15.05 2.21 31.35
N PRO F 225 -16.33 2.58 31.31
CA PRO F 225 -16.99 2.85 30.05
C PRO F 225 -16.34 4.01 29.32
N PRO F 226 -16.66 4.20 28.04
CA PRO F 226 -16.05 5.28 27.27
C PRO F 226 -16.37 6.65 27.81
N GLY F 227 -17.59 6.85 28.33
CA GLY F 227 -17.94 8.15 28.87
C GLY F 227 -17.06 8.57 30.02
N ALA F 228 -16.52 7.61 30.76
CA ALA F 228 -15.63 7.93 31.87
C ALA F 228 -14.23 8.19 31.38
N ARG F 229 -13.74 7.35 30.47
CA ARG F 229 -12.41 7.56 29.91
C ARG F 229 -12.32 8.92 29.24
N ALA F 230 -13.42 9.41 28.68
CA ALA F 230 -13.44 10.67 27.96
C ALA F 230 -13.50 11.88 28.88
N ARG F 231 -13.67 11.70 30.18
CA ARG F 231 -13.92 12.82 31.07
C ARG F 231 -13.06 12.86 32.33
N VAL F 232 -12.39 11.77 32.72
CA VAL F 232 -11.57 11.78 33.92
C VAL F 232 -10.39 12.73 33.79
N ALA F 233 -9.83 12.83 32.59
CA ALA F 233 -8.68 13.70 32.40
C ALA F 233 -9.03 15.12 32.80
N LEU F 234 -10.28 15.51 32.62
CA LEU F 234 -10.72 16.83 33.04
C LEU F 234 -10.77 16.95 34.56
N THR F 235 -11.03 15.85 35.27
CA THR F 235 -11.01 15.89 36.73
C THR F 235 -9.58 16.09 37.23
N GLY F 236 -8.65 15.35 36.65
CA GLY F 236 -7.26 15.54 37.01
C GLY F 236 -6.78 16.94 36.69
N LEU F 237 -7.17 17.44 35.51
CA LEU F 237 -6.85 18.80 35.13
C LEU F 237 -7.43 19.81 36.12
N THR F 238 -8.64 19.55 36.61
CA THR F 238 -9.24 20.49 37.57
C THR F 238 -8.45 20.54 38.86
N ILE F 239 -8.02 19.38 39.36
CA ILE F 239 -7.21 19.38 40.58
C ILE F 239 -5.88 20.10 40.33
N ALA F 240 -5.23 19.76 39.21
CA ALA F 240 -3.95 20.38 38.90
C ALA F 240 -4.07 21.88 38.73
N GLU F 241 -5.16 22.32 38.11
CA GLU F 241 -5.36 23.74 37.88
C GLU F 241 -5.66 24.48 39.16
N TYR F 242 -6.36 23.85 40.10
CA TYR F 242 -6.52 24.49 41.40
C TYR F 242 -5.19 24.60 42.11
N PHE F 243 -4.35 23.57 42.02
CA PHE F 243 -3.04 23.69 42.64
C PHE F 243 -2.19 24.75 41.95
N ARG F 244 -2.37 24.92 40.64
CA ARG F 244 -1.63 25.93 39.91
C ARG F 244 -2.06 27.34 40.30
N ASP F 245 -3.37 27.59 40.28
CA ASP F 245 -3.91 28.93 40.42
C ASP F 245 -4.25 29.28 41.87
N GLU F 246 -4.98 28.42 42.57
CA GLU F 246 -5.52 28.76 43.87
C GLU F 246 -4.48 28.62 44.97
N GLU F 247 -3.58 27.65 44.84
CA GLU F 247 -2.50 27.47 45.81
C GLU F 247 -1.18 28.08 45.36
N GLY F 248 -1.00 28.29 44.06
CA GLY F 248 0.22 28.89 43.56
C GLY F 248 1.44 27.99 43.64
N GLN F 249 1.29 26.77 44.11
CA GLN F 249 2.40 25.84 44.23
C GLN F 249 2.87 25.40 42.84
N ASP F 250 4.02 24.74 42.83
CA ASP F 250 4.51 24.10 41.63
C ASP F 250 3.92 22.70 41.50
N VAL F 251 3.50 22.35 40.29
CA VAL F 251 2.72 21.15 40.06
C VAL F 251 3.32 20.37 38.91
N LEU F 252 3.23 19.04 39.02
CA LEU F 252 3.55 18.16 37.91
C LEU F 252 2.40 17.18 37.72
N LEU F 253 1.95 17.05 36.48
CA LEU F 253 0.74 16.34 36.12
C LEU F 253 1.11 15.19 35.20
N PHE F 254 0.82 13.97 35.65
CA PHE F 254 1.04 12.77 34.85
C PHE F 254 -0.30 12.28 34.31
N ILE F 255 -0.35 12.08 32.99
CA ILE F 255 -1.53 11.60 32.29
C ILE F 255 -1.14 10.36 31.51
N ASP F 256 -1.78 9.23 31.81
CA ASP F 256 -1.48 7.95 31.18
C ASP F 256 -2.78 7.17 31.04
N ASN F 257 -3.29 6.99 29.82
CA ASN F 257 -2.73 7.43 28.54
C ASN F 257 -3.74 8.34 27.87
N ILE F 258 -3.25 9.45 27.32
CA ILE F 258 -4.15 10.48 26.81
C ILE F 258 -4.77 10.13 25.47
N PHE F 259 -4.22 9.15 24.76
CA PHE F 259 -4.87 8.66 23.55
C PHE F 259 -6.25 8.10 23.86
N ARG F 260 -6.43 7.56 25.06
CA ARG F 260 -7.70 6.94 25.41
C ARG F 260 -8.83 7.95 25.46
N PHE F 261 -8.52 9.22 25.72
CA PHE F 261 -9.54 10.25 25.67
C PHE F 261 -10.11 10.39 24.26
N THR F 262 -9.24 10.47 23.26
CA THR F 262 -9.70 10.58 21.88
C THR F 262 -10.38 9.29 21.43
N GLN F 263 -9.86 8.15 21.86
CA GLN F 263 -10.50 6.88 21.51
C GLN F 263 -11.89 6.77 22.11
N ALA F 264 -12.06 7.24 23.34
CA ALA F 264 -13.37 7.20 23.97
C ALA F 264 -14.33 8.15 23.29
N GLY F 265 -13.83 9.27 22.79
CA GLY F 265 -14.66 10.13 21.98
C GLY F 265 -15.06 9.48 20.67
N SER F 266 -14.13 8.75 20.06
CA SER F 266 -14.41 8.06 18.81
C SER F 266 -15.48 7.00 19.01
N GLU F 267 -15.36 6.21 20.07
CA GLU F 267 -16.35 5.18 20.35
C GLU F 267 -17.75 5.76 20.41
N VAL F 268 -17.90 6.96 20.98
CA VAL F 268 -19.23 7.53 21.18
C VAL F 268 -19.69 8.37 19.99
N SER F 269 -18.78 8.80 19.13
CA SER F 269 -19.17 9.70 18.05
C SER F 269 -20.20 9.07 17.13
N ALA F 270 -20.03 7.79 16.80
CA ALA F 270 -20.92 7.16 15.84
C ALA F 270 -22.34 7.07 16.38
N LEU F 271 -22.48 6.84 17.69
CA LEU F 271 -23.79 6.76 18.30
C LEU F 271 -24.38 8.14 18.56
N LEU F 272 -23.54 9.17 18.61
CA LEU F 272 -24.05 10.53 18.70
C LEU F 272 -24.64 11.02 17.38
N GLY F 273 -24.32 10.38 16.27
CA GLY F 273 -24.92 10.74 15.01
C GLY F 273 -24.07 11.68 14.20
N ARG F 274 -22.80 11.35 14.06
CA ARG F 274 -21.85 12.15 13.30
C ARG F 274 -21.26 11.34 12.16
N ILE F 275 -21.04 11.98 11.03
CA ILE F 275 -20.36 11.31 9.93
C ILE F 275 -18.90 11.09 10.32
N PRO F 276 -18.38 9.88 10.23
CA PRO F 276 -17.00 9.68 10.65
C PRO F 276 -16.01 10.31 9.68
N SER F 277 -14.91 10.80 10.26
CA SER F 277 -13.79 11.38 9.53
C SER F 277 -12.86 10.29 9.03
N ALA F 278 -11.61 10.66 8.80
CA ALA F 278 -10.54 9.76 8.37
C ALA F 278 -10.60 8.42 9.10
N VAL F 279 -9.48 7.72 9.15
CA VAL F 279 -9.44 6.27 9.36
C VAL F 279 -10.50 5.71 10.31
N GLY F 280 -11.27 6.59 10.95
CA GLY F 280 -12.43 6.23 11.73
C GLY F 280 -12.66 7.08 12.96
N TYR F 281 -11.95 8.19 13.09
CA TYR F 281 -12.08 9.04 14.25
C TYR F 281 -13.19 10.07 14.05
N GLN F 282 -13.54 10.72 15.16
CA GLN F 282 -14.57 11.72 15.17
C GLN F 282 -14.11 13.01 14.50
N PRO F 283 -15.04 13.81 13.98
CA PRO F 283 -14.65 15.13 13.46
C PRO F 283 -13.95 16.00 14.48
N THR F 284 -14.43 15.99 15.72
CA THR F 284 -14.01 16.94 16.74
C THR F 284 -12.65 16.61 17.34
N LEU F 285 -11.94 15.63 16.79
CA LEU F 285 -10.68 15.18 17.38
C LEU F 285 -9.76 16.36 17.69
N ALA F 286 -9.53 17.22 16.71
CA ALA F 286 -8.50 18.23 16.85
C ALA F 286 -8.88 19.30 17.85
N THR F 287 -10.18 19.56 18.03
CA THR F 287 -10.65 20.58 18.95
C THR F 287 -11.08 20.03 20.29
N ASP F 288 -11.70 18.86 20.30
CA ASP F 288 -11.94 18.17 21.57
C ASP F 288 -10.62 17.92 22.28
N MET F 289 -9.58 17.60 21.52
CA MET F 289 -8.25 17.42 22.11
C MET F 289 -7.71 18.74 22.63
N GLY F 290 -7.83 19.79 21.83
CA GLY F 290 -7.28 21.07 22.23
C GLY F 290 -7.90 21.63 23.49
N LEU F 291 -9.20 21.46 23.66
CA LEU F 291 -9.84 22.04 24.83
C LEU F 291 -9.27 21.47 26.11
N LEU F 292 -8.82 20.21 26.08
CA LEU F 292 -8.16 19.62 27.24
C LEU F 292 -6.70 20.01 27.28
N GLN F 293 -6.02 19.92 26.14
CA GLN F 293 -4.57 20.03 26.11
C GLN F 293 -4.10 21.43 26.45
N GLU F 294 -4.83 22.45 26.04
CA GLU F 294 -4.45 23.82 26.29
C GLU F 294 -4.67 24.24 27.73
N ARG F 295 -5.37 23.43 28.52
CA ARG F 295 -5.45 23.67 29.95
C ARG F 295 -4.20 23.19 30.66
N ILE F 296 -3.54 22.18 30.10
CA ILE F 296 -2.28 21.68 30.62
C ILE F 296 -1.19 22.63 30.12
N THR F 297 -0.91 23.67 30.90
CA THR F 297 0.06 24.67 30.48
C THR F 297 0.46 25.49 31.69
N THR F 298 1.65 26.08 31.60
CA THR F 298 2.13 26.96 32.65
C THR F 298 1.59 28.36 32.43
N THR F 299 1.36 29.06 33.53
CA THR F 299 0.79 30.40 33.50
C THR F 299 1.57 31.30 34.44
N LYS F 300 1.31 32.59 34.31
CA LYS F 300 1.96 33.56 35.19
C LYS F 300 1.64 33.28 36.64
N LYS F 301 0.52 32.61 36.90
CA LYS F 301 0.11 32.33 38.27
C LYS F 301 0.80 31.11 38.84
N GLY F 302 1.15 30.14 38.00
CA GLY F 302 1.76 28.92 38.48
C GLY F 302 2.30 28.11 37.33
N SER F 303 3.12 27.13 37.68
CA SER F 303 3.78 26.25 36.73
C SER F 303 3.21 24.85 36.81
N VAL F 304 2.95 24.25 35.65
CA VAL F 304 2.57 22.85 35.52
C VAL F 304 3.54 22.18 34.58
N THR F 305 4.19 21.12 35.07
CA THR F 305 5.07 20.28 34.28
C THR F 305 4.31 19.02 33.93
N SER F 306 4.10 18.79 32.63
CA SER F 306 3.18 17.76 32.17
C SER F 306 3.92 16.66 31.43
N VAL F 307 3.78 15.44 31.91
CA VAL F 307 4.26 14.25 31.22
C VAL F 307 3.05 13.47 30.77
N GLN F 308 2.93 13.27 29.45
CA GLN F 308 1.80 12.59 28.85
C GLN F 308 2.29 11.36 28.10
N ALA F 309 1.63 10.23 28.34
CA ALA F 309 1.82 9.04 27.53
C ALA F 309 0.81 9.06 26.39
N VAL F 310 1.28 8.78 25.18
CA VAL F 310 0.46 8.85 23.98
C VAL F 310 0.61 7.52 23.25
N TYR F 311 -0.44 6.72 23.27
CA TYR F 311 -0.43 5.44 22.58
C TYR F 311 -0.44 5.65 21.07
N VAL F 312 0.35 4.84 20.38
CA VAL F 312 0.41 4.84 18.92
C VAL F 312 -0.16 3.52 18.43
N PRO F 313 -1.36 3.51 17.87
CA PRO F 313 -1.95 2.25 17.43
C PRO F 313 -1.30 1.71 16.17
N ALA F 314 -1.09 0.40 16.17
CA ALA F 314 -0.50 -0.31 15.04
C ALA F 314 0.86 0.28 14.68
N ASP F 315 1.54 0.86 15.66
CA ASP F 315 2.83 1.49 15.47
C ASP F 315 2.79 2.60 14.44
N ASP F 316 1.58 3.05 14.07
CA ASP F 316 1.39 4.03 13.01
C ASP F 316 1.41 5.42 13.64
N LEU F 317 2.59 6.02 13.65
CA LEU F 317 2.75 7.39 14.13
C LEU F 317 1.90 8.38 13.34
N THR F 318 1.40 8.00 12.18
CA THR F 318 0.61 8.87 11.33
C THR F 318 -0.87 8.82 11.65
N ASP F 319 -1.28 7.99 12.59
CA ASP F 319 -2.67 7.97 13.00
C ASP F 319 -3.08 9.36 13.46
N PRO F 320 -4.27 9.83 13.12
CA PRO F 320 -4.63 11.22 13.44
C PRO F 320 -4.34 11.62 14.87
N ALA F 321 -4.56 10.75 15.85
CA ALA F 321 -4.44 11.17 17.23
C ALA F 321 -3.00 11.55 17.58
N PRO F 322 -2.00 10.68 17.44
CA PRO F 322 -0.61 11.11 17.67
C PRO F 322 -0.17 12.27 16.80
N ALA F 323 -0.54 12.24 15.52
CA ALA F 323 -0.16 13.33 14.62
C ALA F 323 -0.67 14.67 15.13
N THR F 324 -1.81 14.68 15.82
CA THR F 324 -2.34 15.92 16.35
C THR F 324 -1.71 16.25 17.69
N THR F 325 -1.39 15.22 18.48
CA THR F 325 -0.77 15.45 19.78
C THR F 325 0.63 16.02 19.66
N PHE F 326 1.37 15.64 18.62
CA PHE F 326 2.75 16.10 18.50
C PHE F 326 2.84 17.62 18.53
N ALA F 327 1.80 18.32 18.10
CA ALA F 327 1.85 19.77 18.02
C ALA F 327 1.65 20.45 19.36
N HIS F 328 1.21 19.71 20.36
CA HIS F 328 0.85 20.27 21.65
C HIS F 328 1.93 20.10 22.70
N LEU F 329 3.09 19.55 22.35
CA LEU F 329 4.10 19.18 23.30
C LEU F 329 5.42 19.86 22.97
N ASP F 330 6.13 20.27 24.01
CA ASP F 330 7.45 20.88 23.83
C ASP F 330 8.52 19.83 23.67
N ALA F 331 8.40 18.70 24.36
CA ALA F 331 9.31 17.59 24.24
C ALA F 331 8.54 16.33 23.89
N THR F 332 9.10 15.53 23.00
CA THR F 332 8.46 14.30 22.54
C THR F 332 9.52 13.23 22.39
N THR F 333 9.41 12.16 23.16
CA THR F 333 10.24 10.98 23.02
C THR F 333 9.41 9.85 22.44
N VAL F 334 9.80 9.36 21.27
CA VAL F 334 9.08 8.31 20.56
C VAL F 334 9.77 6.99 20.83
N LEU F 335 9.13 6.15 21.63
CA LEU F 335 9.57 4.78 21.82
C LEU F 335 9.16 3.94 20.63
N SER F 336 10.11 3.17 20.09
CA SER F 336 9.89 2.39 18.89
C SER F 336 10.21 0.92 19.14
N ARG F 337 9.53 0.06 18.38
CA ARG F 337 9.60 -1.37 18.63
C ARG F 337 10.92 -1.96 18.14
N GLY F 338 11.43 -1.47 17.01
CA GLY F 338 12.69 -1.97 16.51
C GLY F 338 13.80 -1.87 17.54
N ILE F 339 13.94 -0.71 18.16
CA ILE F 339 14.96 -0.53 19.17
C ILE F 339 14.73 -1.45 20.35
N SER F 340 13.51 -1.96 20.54
CA SER F 340 13.24 -2.89 21.61
C SER F 340 13.60 -4.32 21.23
N GLU F 341 13.38 -4.68 19.97
CA GLU F 341 13.79 -5.99 19.50
C GLU F 341 15.30 -6.14 19.55
N LEU F 342 16.03 -5.06 19.26
CA LEU F 342 17.47 -5.03 19.39
C LEU F 342 17.93 -5.14 20.83
N GLY F 343 17.01 -5.17 21.79
CA GLY F 343 17.36 -5.26 23.18
C GLY F 343 17.65 -3.95 23.85
N ILE F 344 17.58 -2.83 23.13
CA ILE F 344 18.04 -1.56 23.66
C ILE F 344 16.88 -0.88 24.37
N TYR F 345 16.65 -1.26 25.61
CA TYR F 345 15.77 -0.49 26.48
C TYR F 345 16.51 0.72 27.00
N PRO F 346 15.84 1.86 27.19
CA PRO F 346 14.42 2.20 27.11
C PRO F 346 13.83 2.52 25.73
N ALA F 347 14.43 1.99 24.68
CA ALA F 347 13.80 1.87 23.38
C ALA F 347 13.45 3.20 22.72
N VAL F 348 14.14 4.27 23.08
CA VAL F 348 13.86 5.57 22.49
C VAL F 348 14.53 5.66 21.13
N ASP F 349 13.80 6.12 20.13
CA ASP F 349 14.35 6.38 18.82
C ASP F 349 15.20 7.63 18.89
N PRO F 350 16.53 7.53 18.83
CA PRO F 350 17.36 8.70 19.10
C PRO F 350 17.10 9.86 18.17
N LEU F 351 16.44 9.63 17.04
CA LEU F 351 16.26 10.63 16.02
C LEU F 351 14.87 11.24 16.03
N ASP F 352 13.84 10.40 16.10
CA ASP F 352 12.47 10.91 16.15
C ASP F 352 12.20 11.66 17.44
N SER F 353 12.98 11.45 18.49
CA SER F 353 12.84 12.19 19.73
C SER F 353 13.39 13.59 19.57
N LYS F 354 12.65 14.58 20.04
CA LYS F 354 13.04 15.97 19.83
C LYS F 354 12.56 16.83 20.99
N SER F 355 13.25 17.95 21.18
CA SER F 355 12.97 18.86 22.28
C SER F 355 13.28 20.29 21.86
N ARG F 356 12.46 21.22 22.33
CA ARG F 356 12.66 22.63 22.02
C ARG F 356 13.92 23.18 22.65
N LEU F 357 14.43 22.54 23.70
CA LEU F 357 15.53 23.10 24.48
C LEU F 357 16.89 22.70 23.95
N LEU F 358 16.96 21.85 22.92
CA LEU F 358 18.24 21.42 22.37
C LEU F 358 18.79 22.53 21.48
N ASP F 359 19.12 23.64 22.13
CA ASP F 359 19.75 24.76 21.47
C ASP F 359 20.88 25.27 22.34
N ALA F 360 21.94 25.75 21.70
CA ALA F 360 23.15 26.13 22.43
C ALA F 360 22.90 27.22 23.43
N ALA F 361 21.87 28.04 23.23
CA ALA F 361 21.55 29.09 24.16
C ALA F 361 21.14 28.55 25.52
N VAL F 362 20.79 27.28 25.60
CA VAL F 362 20.21 26.67 26.79
C VAL F 362 21.09 25.54 27.31
N VAL F 363 21.35 24.55 26.47
CA VAL F 363 22.10 23.37 26.91
C VAL F 363 23.60 23.58 26.85
N GLY F 364 24.06 24.59 26.13
CA GLY F 364 25.48 24.79 25.90
C GLY F 364 25.93 24.24 24.57
N GLN F 365 27.02 24.82 24.06
CA GLN F 365 27.51 24.46 22.74
C GLN F 365 28.14 23.08 22.75
N GLU F 366 28.81 22.71 23.83
CA GLU F 366 29.38 21.39 23.96
C GLU F 366 28.29 20.33 23.84
N HIS F 367 27.28 20.46 24.66
CA HIS F 367 26.14 19.56 24.66
C HIS F 367 25.47 19.52 23.29
N TYR F 368 25.23 20.69 22.70
CA TYR F 368 24.57 20.75 21.41
C TYR F 368 25.38 20.01 20.36
N ASP F 369 26.70 20.19 20.36
CA ASP F 369 27.54 19.59 19.35
C ASP F 369 27.65 18.09 19.56
N VAL F 370 27.64 17.67 20.82
CA VAL F 370 27.67 16.24 21.12
C VAL F 370 26.40 15.57 20.61
N ALA F 371 25.26 16.20 20.87
CA ALA F 371 24.01 15.64 20.39
C ALA F 371 23.97 15.63 18.86
N SER F 372 24.52 16.66 18.23
CA SER F 372 24.52 16.69 16.77
C SER F 372 25.42 15.62 16.19
N LYS F 373 26.55 15.36 16.83
CA LYS F 373 27.44 14.31 16.35
C LYS F 373 26.85 12.93 16.59
N VAL F 374 26.14 12.74 17.70
CA VAL F 374 25.46 11.48 17.94
C VAL F 374 24.42 11.23 16.86
N GLN F 375 23.59 12.24 16.59
CA GLN F 375 22.57 12.08 15.56
C GLN F 375 23.20 11.82 14.20
N GLU F 376 24.28 12.53 13.87
CA GLU F 376 24.92 12.32 12.58
C GLU F 376 25.45 10.91 12.46
N THR F 377 26.09 10.41 13.52
CA THR F 377 26.62 9.05 13.47
C THR F 377 25.50 8.03 13.30
N LEU F 378 24.42 8.18 14.05
CA LEU F 378 23.34 7.21 13.96
C LEU F 378 22.63 7.28 12.61
N GLN F 379 22.50 8.47 12.02
CA GLN F 379 21.84 8.56 10.73
C GLN F 379 22.73 8.04 9.61
N THR F 380 24.04 8.24 9.73
CA THR F 380 24.97 7.59 8.81
C THR F 380 24.86 6.09 8.92
N TYR F 381 24.69 5.57 10.13
CA TYR F 381 24.52 4.14 10.31
C TYR F 381 23.23 3.65 9.66
N LYS F 382 22.16 4.42 9.79
CA LYS F 382 20.88 3.99 9.25
C LYS F 382 20.80 4.14 7.75
N SER F 383 21.63 5.00 7.16
CA SER F 383 21.65 5.14 5.72
C SER F 383 22.41 4.02 5.04
N LEU F 384 23.32 3.37 5.76
CA LEU F 384 24.13 2.29 5.23
C LEU F 384 23.55 0.91 5.46
N GLN F 385 22.34 0.80 6.02
CA GLN F 385 21.84 -0.49 6.45
C GLN F 385 21.63 -1.46 5.28
N ASP F 386 21.11 -0.96 4.17
CA ASP F 386 20.91 -1.83 3.01
C ASP F 386 22.23 -2.40 2.52
N ILE F 387 23.24 -1.55 2.40
CA ILE F 387 24.58 -1.98 1.99
C ILE F 387 25.07 -3.10 2.89
N ILE F 388 24.89 -2.94 4.20
CA ILE F 388 25.40 -3.91 5.15
C ILE F 388 24.62 -5.21 5.04
N ALA F 389 23.32 -5.09 4.77
CA ALA F 389 22.49 -6.27 4.62
C ALA F 389 22.92 -7.10 3.42
N ILE F 390 23.10 -6.45 2.27
CA ILE F 390 23.39 -7.17 1.03
C ILE F 390 24.90 -7.36 0.88
N LEU F 391 25.60 -6.24 0.74
CA LEU F 391 27.02 -6.30 0.39
C LEU F 391 27.88 -6.73 1.55
N GLY F 392 27.71 -6.10 2.70
CA GLY F 392 28.60 -6.28 3.84
C GLY F 392 29.33 -5.00 4.19
N MET F 393 30.08 -5.09 5.28
CA MET F 393 30.81 -3.94 5.78
C MET F 393 32.15 -3.76 5.10
N ASP F 394 32.60 -4.74 4.31
CA ASP F 394 33.90 -4.65 3.67
C ASP F 394 33.95 -3.52 2.67
N GLU F 395 32.86 -3.34 1.91
CA GLU F 395 32.86 -2.32 0.86
C GLU F 395 33.04 -0.93 1.44
N LEU F 396 32.45 -0.68 2.60
CA LEU F 396 32.49 0.65 3.20
C LEU F 396 33.92 1.17 3.29
N SER F 397 34.02 2.49 3.27
CA SER F 397 35.28 3.20 3.40
C SER F 397 35.84 3.07 4.82
N GLU F 398 37.00 3.69 5.02
CA GLU F 398 37.65 3.62 6.33
C GLU F 398 36.95 4.50 7.35
N GLN F 399 36.51 5.69 6.94
CA GLN F 399 35.76 6.54 7.85
C GLN F 399 34.42 5.91 8.22
N ASP F 400 33.80 5.21 7.29
CA ASP F 400 32.46 4.70 7.51
C ASP F 400 32.47 3.41 8.34
N LYS F 401 33.49 2.57 8.21
CA LYS F 401 33.61 1.45 9.13
C LYS F 401 33.72 1.94 10.56
N LEU F 402 34.52 2.98 10.77
CA LEU F 402 34.66 3.56 12.10
C LEU F 402 33.35 4.16 12.57
N THR F 403 32.65 4.87 11.68
CA THR F 403 31.37 5.46 12.04
C THR F 403 30.35 4.39 12.38
N VAL F 404 30.41 3.23 11.73
CA VAL F 404 29.46 2.16 12.01
C VAL F 404 29.77 1.50 13.36
N GLU F 405 31.05 1.21 13.61
CA GLU F 405 31.43 0.69 14.91
C GLU F 405 31.00 1.65 16.02
N ARG F 406 31.21 2.95 15.79
CA ARG F 406 30.91 3.94 16.79
C ARG F 406 29.40 4.12 16.95
N ALA F 407 28.65 3.97 15.86
CA ALA F 407 27.20 4.03 15.95
C ALA F 407 26.65 2.86 16.73
N ARG F 408 27.19 1.67 16.50
CA ARG F 408 26.75 0.50 17.26
C ARG F 408 27.10 0.65 18.73
N LYS F 409 28.21 1.30 19.04
CA LYS F 409 28.53 1.57 20.43
C LYS F 409 27.58 2.61 21.02
N ILE F 410 27.34 3.69 20.30
CA ILE F 410 26.51 4.78 20.80
C ILE F 410 25.08 4.30 21.05
N GLN F 411 24.47 3.69 20.05
CA GLN F 411 23.09 3.24 20.19
C GLN F 411 22.94 2.28 21.35
N ARG F 412 24.01 1.57 21.69
CA ARG F 412 23.97 0.60 22.77
C ARG F 412 24.21 1.27 24.12
N PHE F 413 24.99 2.35 24.10
CA PHE F 413 25.25 3.14 25.31
C PHE F 413 24.07 3.98 25.73
N LEU F 414 23.14 4.25 24.82
CA LEU F 414 21.90 4.92 25.19
C LEU F 414 20.97 4.00 25.96
N SER F 415 21.29 2.72 26.06
CA SER F 415 20.58 1.84 26.97
C SER F 415 20.93 2.17 28.42
N GLN F 416 20.00 1.86 29.30
CA GLN F 416 20.12 2.24 30.70
C GLN F 416 19.13 1.44 31.53
N PRO F 417 19.58 0.75 32.57
CA PRO F 417 18.65 -0.04 33.39
C PRO F 417 17.93 0.82 34.42
N PHE F 418 16.67 0.45 34.69
CA PHE F 418 15.79 1.22 35.56
C PHE F 418 15.48 0.43 36.82
N ALA F 419 15.50 1.14 37.96
CA ALA F 419 15.36 0.48 39.25
C ALA F 419 14.00 -0.16 39.43
N VAL F 420 13.00 0.26 38.67
CA VAL F 420 11.68 -0.36 38.75
C VAL F 420 11.57 -1.55 37.80
N ALA F 421 12.45 -1.65 36.81
CA ALA F 421 12.48 -2.75 35.86
C ALA F 421 13.31 -3.92 36.33
N GLU F 422 13.96 -3.83 37.49
CA GLU F 422 14.84 -4.90 37.93
C GLU F 422 14.10 -6.20 38.14
N VAL F 423 12.84 -6.13 38.58
CA VAL F 423 12.07 -7.33 38.85
C VAL F 423 11.91 -8.22 37.63
N PHE F 424 11.88 -7.64 36.44
CA PHE F 424 11.72 -8.42 35.22
C PHE F 424 12.88 -8.26 34.26
N THR F 425 13.95 -7.59 34.66
CA THR F 425 15.19 -7.55 33.90
C THR F 425 16.40 -8.00 34.70
N GLY F 426 16.36 -7.94 36.02
CA GLY F 426 17.45 -8.43 36.83
C GLY F 426 18.59 -7.45 37.01
N ILE F 427 18.83 -6.60 36.03
CA ILE F 427 19.96 -5.68 36.08
C ILE F 427 19.60 -4.52 37.00
N PRO F 428 20.41 -4.22 38.01
CA PRO F 428 20.09 -3.12 38.91
C PRO F 428 20.15 -1.77 38.22
N GLY F 429 19.51 -0.79 38.84
CA GLY F 429 19.28 0.48 38.20
C GLY F 429 20.45 1.42 38.27
N LYS F 430 20.48 2.36 37.33
CA LYS F 430 21.53 3.36 37.22
C LYS F 430 20.92 4.73 36.93
N LEU F 431 21.33 5.73 37.69
CA LEU F 431 21.01 7.13 37.42
C LEU F 431 22.27 7.84 36.98
N VAL F 432 22.20 8.53 35.83
CA VAL F 432 23.36 9.15 35.21
C VAL F 432 23.10 10.64 35.09
N ARG F 433 24.01 11.43 35.62
CA ARG F 433 23.90 12.87 35.59
C ARG F 433 24.11 13.40 34.18
N LEU F 434 23.61 14.60 33.95
CA LEU F 434 23.68 15.21 32.62
C LEU F 434 25.11 15.48 32.22
N LYS F 435 25.89 16.07 33.12
CA LYS F 435 27.28 16.37 32.81
C LYS F 435 28.06 15.10 32.51
N ASP F 436 27.83 14.05 33.30
CA ASP F 436 28.52 12.79 33.05
C ASP F 436 28.12 12.22 31.71
N THR F 437 26.86 12.35 31.32
CA THR F 437 26.41 11.81 30.05
C THR F 437 27.07 12.54 28.89
N VAL F 438 27.09 13.87 28.96
CA VAL F 438 27.72 14.65 27.91
C VAL F 438 29.19 14.30 27.81
N ALA F 439 29.88 14.26 28.94
CA ALA F 439 31.30 13.92 28.93
C ALA F 439 31.55 12.53 28.36
N SER F 440 30.68 11.58 28.68
CA SER F 440 30.88 10.22 28.19
C SER F 440 30.70 10.16 26.68
N PHE F 441 29.62 10.72 26.17
CA PHE F 441 29.38 10.65 24.73
C PHE F 441 30.41 11.47 23.97
N LYS F 442 30.91 12.54 24.59
CA LYS F 442 32.03 13.28 24.01
C LYS F 442 33.28 12.40 23.91
N ALA F 443 33.60 11.69 24.98
CA ALA F 443 34.77 10.83 24.96
C ALA F 443 34.63 9.71 23.95
N VAL F 444 33.42 9.21 23.76
CA VAL F 444 33.19 8.17 22.77
C VAL F 444 33.33 8.73 21.36
N LEU F 445 32.75 9.90 21.12
CA LEU F 445 32.86 10.50 19.80
C LEU F 445 34.31 10.86 19.48
N GLU F 446 35.04 11.33 20.47
CA GLU F 446 36.44 11.68 20.27
C GLU F 446 37.36 10.49 20.16
N GLY F 447 36.84 9.27 20.25
CA GLY F 447 37.60 8.08 19.92
C GLY F 447 38.38 7.45 21.05
N LYS F 448 38.13 7.84 22.30
CA LYS F 448 38.96 7.37 23.39
C LYS F 448 38.76 5.89 23.65
N TYR F 449 37.59 5.36 23.29
CA TYR F 449 37.19 4.01 23.67
C TYR F 449 36.96 3.09 22.48
N ASP F 450 37.67 3.32 21.38
CA ASP F 450 37.62 2.41 20.26
C ASP F 450 38.18 1.04 20.60
N ASN F 451 38.89 0.94 21.73
CA ASN F 451 39.53 -0.29 22.16
C ASN F 451 38.67 -1.12 23.11
N ILE F 452 37.42 -0.72 23.33
CA ILE F 452 36.52 -1.47 24.20
C ILE F 452 35.38 -2.03 23.37
N PRO F 453 34.99 -3.28 23.57
CA PRO F 453 33.97 -3.89 22.72
C PRO F 453 32.57 -3.35 22.99
N GLU F 454 31.68 -3.64 22.03
CA GLU F 454 30.31 -3.18 22.09
C GLU F 454 29.60 -3.65 23.36
N HIS F 455 29.89 -4.87 23.80
CA HIS F 455 29.15 -5.43 24.92
C HIS F 455 29.41 -4.67 26.20
N ALA F 456 30.48 -3.90 26.26
CA ALA F 456 30.79 -3.14 27.46
C ALA F 456 29.84 -1.99 27.67
N PHE F 457 29.14 -1.58 26.61
CA PHE F 457 28.26 -0.42 26.67
C PHE F 457 26.82 -0.79 26.94
N TYR F 458 26.47 -2.06 26.82
CA TYR F 458 25.08 -2.48 26.92
C TYR F 458 24.61 -2.50 28.36
N MET F 459 23.54 -1.75 28.63
CA MET F 459 22.83 -1.77 29.89
C MET F 459 23.75 -1.42 31.05
N VAL F 460 24.69 -0.52 30.81
CA VAL F 460 25.50 0.08 31.85
C VAL F 460 25.13 1.55 31.96
N GLY F 461 25.67 2.19 32.98
CA GLY F 461 25.50 3.60 33.16
C GLY F 461 26.60 4.37 32.46
N GLY F 462 27.37 5.12 33.22
CA GLY F 462 28.38 5.98 32.65
C GLY F 462 29.55 5.24 32.06
N ILE F 463 30.49 6.02 31.55
CA ILE F 463 31.65 5.48 30.86
C ILE F 463 32.55 4.71 31.80
N GLU F 464 32.60 5.12 33.07
CA GLU F 464 33.39 4.39 34.05
C GLU F 464 32.87 2.97 34.21
N ASP F 465 31.56 2.79 34.05
CA ASP F 465 31.00 1.46 34.12
C ASP F 465 31.33 0.66 32.87
N VAL F 466 31.48 1.35 31.74
CA VAL F 466 31.96 0.69 30.52
C VAL F 466 33.35 0.14 30.75
N VAL F 467 34.22 0.93 31.38
CA VAL F 467 35.57 0.45 31.67
C VAL F 467 35.54 -0.70 32.67
N ALA F 468 34.74 -0.58 33.72
CA ALA F 468 34.65 -1.65 34.71
C ALA F 468 34.19 -2.95 34.08
N LYS F 469 33.17 -2.89 33.23
CA LYS F 469 32.68 -4.08 32.57
C LYS F 469 33.67 -4.61 31.55
N ALA F 470 34.39 -3.73 30.87
CA ALA F 470 35.43 -4.19 29.97
C ALA F 470 36.48 -5.00 30.72
N GLU F 471 36.90 -4.51 31.89
CA GLU F 471 37.86 -5.24 32.70
C GLU F 471 37.29 -6.57 33.15
N LYS F 472 36.01 -6.59 33.55
CA LYS F 472 35.39 -7.82 34.01
C LYS F 472 35.32 -8.84 32.88
N LEU F 473 34.88 -8.44 31.70
CA LEU F 473 34.83 -9.34 30.56
C LEU F 473 36.22 -9.84 30.18
N ALA F 474 37.22 -8.95 30.22
CA ALA F 474 38.58 -9.38 29.93
C ALA F 474 39.05 -10.44 30.92
N ALA F 475 38.69 -10.27 32.19
CA ALA F 475 39.09 -11.25 33.20
C ALA F 475 38.37 -12.59 33.03
N GLU F 476 37.42 -12.67 32.12
CA GLU F 476 36.66 -13.91 31.90
C GLU F 476 37.36 -14.79 30.87
N ALA G 1 5.72 3.60 3.00
CA ALA G 1 4.39 3.63 3.68
C ALA G 1 3.27 3.33 2.69
N THR G 2 3.25 4.07 1.59
CA THR G 2 2.25 3.87 0.54
C THR G 2 2.75 2.85 -0.47
N LEU G 3 1.82 2.44 -1.35
CA LEU G 3 2.09 1.33 -2.25
C LEU G 3 3.17 1.68 -3.27
N LYS G 4 3.15 2.90 -3.78
CA LYS G 4 4.16 3.35 -4.73
C LYS G 4 5.56 3.34 -4.13
N GLU G 5 5.67 3.33 -2.81
CA GLU G 5 6.97 3.33 -2.15
C GLU G 5 7.47 1.91 -1.93
N VAL G 6 6.59 1.02 -1.47
CA VAL G 6 7.00 -0.35 -1.25
C VAL G 6 7.31 -1.03 -2.57
N GLU G 7 6.54 -0.73 -3.62
CA GLU G 7 6.79 -1.36 -4.90
C GLU G 7 8.09 -0.87 -5.52
N MET G 8 8.43 0.40 -5.34
CA MET G 8 9.69 0.91 -5.86
C MET G 8 10.86 0.36 -5.07
N ARG G 9 10.70 0.21 -3.76
CA ARG G 9 11.72 -0.43 -2.95
C ARG G 9 11.96 -1.86 -3.42
N LEU G 10 10.89 -2.60 -3.64
CA LEU G 10 11.02 -3.99 -4.08
C LEU G 10 11.68 -4.07 -5.45
N LYS G 11 11.35 -3.16 -6.35
CA LYS G 11 11.98 -3.15 -7.66
C LYS G 11 13.46 -2.84 -7.57
N SER G 12 13.84 -1.92 -6.69
CA SER G 12 15.26 -1.64 -6.50
C SER G 12 15.99 -2.86 -5.95
N ILE G 13 15.36 -3.58 -5.03
CA ILE G 13 16.01 -4.74 -4.45
C ILE G 13 16.17 -5.84 -5.49
N LYS G 14 15.15 -6.04 -6.33
CA LYS G 14 15.25 -7.06 -7.36
C LYS G 14 16.32 -6.68 -8.39
N ASN G 15 16.51 -5.38 -8.64
CA ASN G 15 17.59 -4.97 -9.52
C ASN G 15 18.95 -5.26 -8.89
N ILE G 16 19.09 -5.02 -7.59
CA ILE G 16 20.34 -5.35 -6.92
C ILE G 16 20.61 -6.84 -7.05
N GLU G 17 19.56 -7.66 -6.89
CA GLU G 17 19.74 -9.10 -6.93
C GLU G 17 20.18 -9.56 -8.31
N LYS G 18 19.59 -8.99 -9.35
CA LYS G 18 20.02 -9.35 -10.70
C LYS G 18 21.45 -8.91 -10.98
N ILE G 19 21.78 -7.68 -10.59
CA ILE G 19 23.14 -7.17 -10.79
C ILE G 19 24.16 -8.06 -10.09
N THR G 20 23.79 -8.63 -8.95
CA THR G 20 24.71 -9.52 -8.25
C THR G 20 24.73 -10.93 -8.84
N LYS G 21 23.63 -11.38 -9.40
CA LYS G 21 23.62 -12.69 -10.03
C LYS G 21 24.50 -12.70 -11.27
N THR G 22 24.40 -11.67 -12.10
CA THR G 22 25.27 -11.62 -13.27
C THR G 22 26.73 -11.56 -12.86
N MET G 23 27.02 -10.90 -11.75
CA MET G 23 28.40 -10.82 -11.30
C MET G 23 28.91 -12.17 -10.82
N LYS G 24 28.06 -12.89 -10.10
CA LYS G 24 28.43 -14.24 -9.68
C LYS G 24 28.71 -15.11 -10.89
N ILE G 25 27.85 -15.04 -11.92
CA ILE G 25 28.03 -15.89 -13.07
C ILE G 25 29.32 -15.56 -13.79
N VAL G 26 29.60 -14.27 -14.01
CA VAL G 26 30.81 -13.91 -14.73
C VAL G 26 32.03 -14.30 -13.93
N ALA G 27 31.95 -14.26 -12.59
CA ALA G 27 33.09 -14.70 -11.79
C ALA G 27 33.27 -16.22 -11.88
N SER G 28 32.17 -16.95 -12.05
CA SER G 28 32.29 -18.39 -12.24
C SER G 28 32.91 -18.73 -13.59
N THR G 29 32.59 -17.95 -14.62
CA THR G 29 33.14 -18.24 -15.95
C THR G 29 34.62 -17.90 -16.02
N ARG G 30 35.00 -16.76 -15.45
CA ARG G 30 36.37 -16.28 -15.50
C ARG G 30 37.32 -17.12 -14.67
N LEU G 31 36.83 -18.13 -13.97
CA LEU G 31 37.67 -18.87 -13.03
C LEU G 31 38.52 -19.90 -13.73
N SER G 32 37.92 -20.72 -14.59
CA SER G 32 38.65 -21.80 -15.25
C SER G 32 39.98 -21.32 -15.80
N LYS G 33 39.96 -20.15 -16.44
CA LYS G 33 41.19 -19.59 -16.98
C LYS G 33 42.18 -19.27 -15.87
N ALA G 34 41.70 -18.67 -14.79
CA ALA G 34 42.58 -18.34 -13.67
C ALA G 34 43.16 -19.58 -13.02
N GLU G 35 42.39 -20.66 -12.96
CA GLU G 35 42.88 -21.89 -12.35
C GLU G 35 43.90 -22.58 -13.23
N LYS G 36 43.64 -22.63 -14.54
CA LYS G 36 44.66 -23.07 -15.48
C LYS G 36 45.94 -22.26 -15.30
N ALA G 37 45.80 -20.94 -15.17
CA ALA G 37 46.96 -20.08 -15.03
C ALA G 37 47.70 -20.35 -13.73
N LYS G 38 46.96 -20.50 -12.63
CA LYS G 38 47.59 -20.76 -11.35
C LYS G 38 48.36 -22.08 -11.39
N ILE G 39 47.78 -23.10 -12.01
CA ILE G 39 48.42 -24.39 -12.04
C ILE G 39 49.67 -24.35 -12.89
N SER G 40 49.58 -23.75 -14.08
CA SER G 40 50.75 -23.65 -14.94
C SER G 40 51.87 -22.84 -14.29
N ALA G 41 51.52 -21.70 -13.69
CA ALA G 41 52.52 -20.87 -13.05
C ALA G 41 53.14 -21.56 -11.84
N LYS G 42 52.34 -22.25 -11.04
CA LYS G 42 52.90 -22.97 -9.90
C LYS G 42 53.77 -24.13 -10.35
N LYS G 43 53.44 -24.71 -11.51
CA LYS G 43 54.27 -25.77 -12.06
C LYS G 43 55.61 -25.22 -12.51
N MET G 44 55.63 -23.98 -13.01
CA MET G 44 56.91 -23.33 -13.27
C MET G 44 57.64 -23.04 -11.97
N ASP G 45 56.91 -22.53 -10.98
CA ASP G 45 57.54 -22.11 -9.73
C ASP G 45 58.20 -23.27 -9.01
N GLU G 46 57.60 -24.45 -9.10
CA GLU G 46 58.17 -25.62 -8.42
C GLU G 46 59.59 -25.89 -8.89
N ALA G 47 59.84 -25.74 -10.19
CA ALA G 47 61.18 -25.97 -10.73
C ALA G 47 62.19 -25.02 -10.12
N GLU G 48 61.90 -23.72 -10.13
CA GLU G 48 62.87 -22.76 -9.62
C GLU G 48 63.01 -22.86 -8.11
N GLN G 49 61.93 -23.23 -7.41
CA GLN G 49 62.00 -23.41 -5.96
C GLN G 49 62.84 -24.62 -5.57
N LEU G 50 62.86 -25.65 -6.42
CA LEU G 50 63.61 -26.86 -6.10
C LEU G 50 65.08 -26.56 -5.87
N PHE G 51 65.63 -25.57 -6.57
CA PHE G 51 67.04 -25.26 -6.42
C PHE G 51 67.35 -24.79 -5.02
N TYR G 52 66.57 -23.82 -4.53
CA TYR G 52 66.75 -23.36 -3.17
C TYR G 52 66.45 -24.47 -2.18
N LYS G 53 65.48 -25.32 -2.49
CA LYS G 53 65.17 -26.44 -1.62
C LYS G 53 66.38 -27.33 -1.42
N ASN G 54 67.14 -27.57 -2.48
CA ASN G 54 68.31 -28.43 -2.38
C ASN G 54 69.54 -27.69 -1.84
N ALA G 55 69.68 -26.39 -2.12
CA ALA G 55 70.92 -25.68 -1.80
C ALA G 55 70.84 -24.92 -0.49
N GLU G 56 70.07 -23.84 -0.45
CA GLU G 56 70.05 -22.95 0.69
C GLU G 56 68.77 -22.14 0.75
N LEU G 73 62.52 -4.96 1.05
CA LEU G 73 61.25 -4.27 0.86
C LEU G 73 60.08 -5.24 0.81
N ILE G 74 58.89 -4.69 0.58
CA ILE G 74 57.69 -5.48 0.36
C ILE G 74 57.11 -5.12 -0.99
N VAL G 75 56.68 -6.13 -1.73
CA VAL G 75 55.73 -5.99 -2.82
C VAL G 75 54.41 -6.54 -2.32
N ALA G 76 53.32 -5.80 -2.49
CA ALA G 76 52.01 -6.22 -2.05
C ALA G 76 51.07 -6.22 -3.24
N ILE G 77 50.44 -7.35 -3.49
CA ILE G 77 49.68 -7.56 -4.72
C ILE G 77 48.19 -7.66 -4.41
N THR G 78 47.42 -6.75 -5.00
CA THR G 78 45.97 -6.88 -5.13
C THR G 78 45.54 -6.10 -6.36
N SER G 79 44.31 -6.35 -6.81
CA SER G 79 43.77 -5.62 -7.94
C SER G 79 43.20 -4.29 -7.48
N ASP G 80 42.74 -3.51 -8.45
CA ASP G 80 42.18 -2.19 -8.17
C ASP G 80 40.68 -2.24 -7.99
N LYS G 81 40.03 -3.23 -8.59
CA LYS G 81 38.60 -3.35 -8.48
C LYS G 81 38.22 -3.99 -7.16
N GLY G 82 37.18 -3.48 -6.54
CA GLY G 82 36.73 -3.93 -5.26
C GLY G 82 35.57 -4.88 -5.37
N LEU G 83 34.73 -4.88 -4.35
CA LEU G 83 33.56 -5.74 -4.31
C LEU G 83 33.99 -7.19 -4.44
N CYS G 84 35.05 -7.53 -3.71
CA CYS G 84 35.60 -8.88 -3.68
C CYS G 84 35.68 -9.41 -2.27
N GLY G 85 34.97 -8.79 -1.33
CA GLY G 85 35.07 -9.22 0.03
C GLY G 85 36.37 -8.74 0.68
N SER G 86 36.99 -9.63 1.44
CA SER G 86 38.07 -9.28 2.35
C SER G 86 39.46 -9.44 1.74
N ILE G 87 39.58 -9.52 0.41
CA ILE G 87 40.88 -9.75 -0.20
C ILE G 87 41.87 -8.67 0.20
N HIS G 88 41.48 -7.40 0.06
CA HIS G 88 42.39 -6.32 0.40
C HIS G 88 42.51 -6.11 1.91
N SER G 89 41.44 -6.37 2.65
CA SER G 89 41.49 -6.16 4.09
C SER G 89 42.50 -7.10 4.73
N GLN G 90 42.36 -8.40 4.50
CA GLN G 90 43.26 -9.35 5.12
C GLN G 90 44.71 -9.11 4.73
N LEU G 91 44.94 -8.65 3.50
CA LEU G 91 46.32 -8.50 3.07
C LEU G 91 46.95 -7.23 3.62
N ALA G 92 46.22 -6.11 3.62
CA ALA G 92 46.70 -4.93 4.30
C ALA G 92 46.98 -5.23 5.76
N LYS G 93 46.11 -6.02 6.40
CA LYS G 93 46.30 -6.36 7.80
C LYS G 93 47.54 -7.21 7.99
N ALA G 94 47.75 -8.20 7.12
CA ALA G 94 48.95 -9.03 7.22
C ALA G 94 50.21 -8.22 7.00
N VAL G 95 50.14 -7.24 6.11
CA VAL G 95 51.31 -6.41 5.85
C VAL G 95 51.61 -5.53 7.05
N ARG G 96 50.57 -4.99 7.68
CA ARG G 96 50.77 -4.20 8.89
C ARG G 96 51.29 -5.06 10.03
N ARG G 97 50.78 -6.30 10.14
CA ARG G 97 51.29 -7.23 11.14
C ARG G 97 52.76 -7.55 10.92
N HIS G 98 53.19 -7.62 9.66
CA HIS G 98 54.60 -7.78 9.39
C HIS G 98 55.37 -6.51 9.74
N LEU G 99 54.74 -5.36 9.56
CA LEU G 99 55.33 -4.10 9.97
C LEU G 99 54.99 -3.75 11.42
N ILE G 107 57.54 0.49 0.50
CA ILE G 107 56.69 -0.60 0.07
C ILE G 107 56.11 -0.31 -1.32
N VAL G 108 56.08 -1.36 -2.14
CA VAL G 108 55.62 -1.27 -3.53
C VAL G 108 54.26 -1.94 -3.61
N THR G 109 53.28 -1.20 -4.11
CA THR G 109 51.89 -1.64 -4.13
C THR G 109 51.44 -1.83 -5.56
N ILE G 110 51.06 -3.06 -5.91
CA ILE G 110 50.42 -3.36 -7.18
C ILE G 110 48.92 -3.34 -6.93
N GLY G 111 48.23 -2.36 -7.51
CA GLY G 111 46.81 -2.19 -7.34
C GLY G 111 46.46 -1.01 -6.45
N ASP G 112 45.32 -0.39 -6.75
CA ASP G 112 44.93 0.85 -6.08
C ASP G 112 44.40 0.61 -4.66
N LYS G 113 43.86 -0.57 -4.38
CA LYS G 113 43.13 -0.74 -3.13
C LYS G 113 44.05 -1.02 -1.97
N ILE G 114 45.02 -1.92 -2.15
CA ILE G 114 46.08 -2.06 -1.17
C ILE G 114 46.86 -0.77 -1.06
N LYS G 115 47.00 -0.05 -2.16
CA LYS G 115 47.65 1.25 -2.13
C LYS G 115 46.94 2.16 -1.15
N MET G 116 45.62 2.25 -1.24
CA MET G 116 44.89 3.16 -0.37
C MET G 116 44.93 2.70 1.07
N GLN G 117 44.78 1.39 1.29
CA GLN G 117 44.88 0.85 2.64
C GLN G 117 46.21 1.21 3.28
N LEU G 118 47.30 1.09 2.54
CA LEU G 118 48.61 1.41 3.10
C LEU G 118 48.80 2.91 3.21
N LEU G 119 48.23 3.66 2.27
CA LEU G 119 48.44 5.10 2.22
C LEU G 119 47.77 5.79 3.39
N ARG G 120 46.63 5.28 3.84
CA ARG G 120 45.98 5.90 4.99
C ARG G 120 46.81 5.68 6.26
N THR G 121 47.41 4.51 6.41
CA THR G 121 48.14 4.20 7.64
C THR G 121 49.55 4.77 7.62
N HIS G 122 50.29 4.56 6.55
CA HIS G 122 51.73 4.84 6.52
C HIS G 122 52.11 5.51 5.21
N PRO G 123 51.64 6.74 5.00
CA PRO G 123 51.81 7.37 3.68
C PRO G 123 53.25 7.57 3.25
N ASN G 124 54.19 7.65 4.17
CA ASN G 124 55.57 7.95 3.82
C ASN G 124 56.34 6.71 3.36
N ASN G 125 55.82 5.51 3.58
CA ASN G 125 56.55 4.30 3.27
C ASN G 125 56.39 3.83 1.84
N ILE G 126 55.32 4.23 1.15
CA ILE G 126 55.10 3.76 -0.21
C ILE G 126 56.14 4.36 -1.14
N LYS G 127 56.81 3.50 -1.90
CA LYS G 127 57.86 3.90 -2.82
C LYS G 127 57.43 3.83 -4.28
N LEU G 128 56.58 2.87 -4.63
CA LEU G 128 56.15 2.68 -6.01
C LEU G 128 54.77 2.06 -6.02
N SER G 129 53.99 2.42 -7.04
CA SER G 129 52.66 1.87 -7.22
C SER G 129 52.44 1.52 -8.68
N ILE G 130 51.81 0.37 -8.91
CA ILE G 130 51.45 -0.09 -10.24
C ILE G 130 49.96 -0.37 -10.24
N ASN G 131 49.28 0.07 -11.29
CA ASN G 131 47.84 -0.09 -11.41
C ASN G 131 47.48 -0.45 -12.83
N GLY G 132 46.27 -0.95 -13.02
CA GLY G 132 45.76 -1.34 -14.31
C GLY G 132 46.10 -2.75 -14.74
N ILE G 133 46.80 -3.52 -13.91
CA ILE G 133 47.27 -4.82 -14.33
C ILE G 133 46.17 -5.87 -14.24
N GLY G 134 45.39 -5.83 -13.17
CA GLY G 134 44.55 -6.96 -12.82
C GLY G 134 43.39 -7.25 -13.73
N LYS G 135 43.17 -6.44 -14.75
CA LYS G 135 42.00 -6.60 -15.59
C LYS G 135 41.99 -7.91 -16.36
N ASP G 136 43.07 -8.68 -16.31
CA ASP G 136 43.12 -9.93 -17.06
C ASP G 136 44.28 -10.78 -16.52
N ALA G 137 44.25 -12.05 -16.87
CA ALA G 137 45.22 -13.00 -16.34
C ALA G 137 46.63 -12.47 -16.50
N PRO G 138 47.45 -12.53 -15.46
CA PRO G 138 48.79 -11.95 -15.55
C PRO G 138 49.67 -12.71 -16.51
N THR G 139 50.72 -12.02 -16.94
CA THR G 139 51.64 -12.52 -17.93
C THR G 139 53.06 -12.11 -17.58
N PHE G 140 54.01 -12.81 -18.17
CA PHE G 140 55.41 -12.50 -17.92
C PHE G 140 55.81 -11.14 -18.45
N GLN G 141 55.03 -10.56 -19.36
CA GLN G 141 55.35 -9.22 -19.82
C GLN G 141 55.17 -8.22 -18.69
N GLU G 142 54.01 -8.24 -18.04
CA GLU G 142 53.75 -7.37 -16.90
C GLU G 142 54.75 -7.63 -15.78
N SER G 143 55.00 -8.90 -15.46
CA SER G 143 55.90 -9.22 -14.36
C SER G 143 57.33 -8.77 -14.67
N ALA G 144 57.81 -9.05 -15.87
CA ALA G 144 59.16 -8.66 -16.25
C ALA G 144 59.31 -7.15 -16.30
N LEU G 145 58.32 -6.44 -16.85
CA LEU G 145 58.39 -4.99 -16.90
C LEU G 145 58.34 -4.40 -15.50
N ILE G 146 57.54 -4.99 -14.62
CA ILE G 146 57.50 -4.52 -13.24
C ILE G 146 58.85 -4.74 -12.57
N ALA G 147 59.44 -5.90 -12.79
CA ALA G 147 60.77 -6.18 -12.27
C ALA G 147 61.78 -5.17 -12.80
N ASP G 148 61.63 -4.78 -14.06
CA ASP G 148 62.61 -3.89 -14.68
C ASP G 148 62.51 -2.50 -14.10
N LYS G 149 61.30 -1.95 -14.02
CA LYS G 149 61.12 -0.65 -13.40
C LYS G 149 61.51 -0.70 -11.92
N LEU G 150 61.27 -1.83 -11.26
CA LEU G 150 61.66 -1.99 -9.87
C LEU G 150 63.17 -1.91 -9.70
N LEU G 151 63.91 -2.71 -10.46
CA LEU G 151 65.37 -2.69 -10.38
C LEU G 151 65.97 -1.41 -10.95
N SER G 152 65.21 -0.62 -11.70
CA SER G 152 65.71 0.63 -12.24
C SER G 152 65.48 1.81 -11.29
N VAL G 153 64.27 1.94 -10.77
CA VAL G 153 63.94 3.08 -9.92
C VAL G 153 64.39 2.82 -8.49
N MET G 154 64.11 1.64 -7.96
CA MET G 154 64.47 1.30 -6.59
C MET G 154 65.80 0.59 -6.45
N LYS G 155 66.30 -0.02 -7.51
CA LYS G 155 67.51 -0.84 -7.42
C LYS G 155 67.30 -1.96 -6.40
N ALA G 156 66.13 -2.59 -6.47
CA ALA G 156 65.68 -3.52 -5.44
C ALA G 156 66.76 -4.53 -5.05
N GLY G 157 67.61 -4.92 -5.99
CA GLY G 157 68.56 -5.98 -5.69
C GLY G 157 69.54 -5.66 -4.59
N THR G 158 69.65 -4.38 -4.21
CA THR G 158 70.57 -3.97 -3.15
C THR G 158 69.98 -4.16 -1.75
N TYR G 159 68.67 -4.25 -1.63
CA TYR G 159 68.05 -4.33 -0.32
C TYR G 159 68.45 -5.63 0.38
N PRO G 160 68.81 -5.57 1.66
CA PRO G 160 69.10 -6.81 2.41
C PRO G 160 67.95 -7.80 2.47
N LYS G 161 66.75 -7.41 2.04
CA LYS G 161 65.62 -8.32 2.11
C LYS G 161 64.53 -7.84 1.16
N ILE G 162 63.84 -8.80 0.54
CA ILE G 162 62.67 -8.54 -0.27
C ILE G 162 61.61 -9.59 0.03
N SER G 163 60.36 -9.19 0.08
CA SER G 163 59.26 -10.07 0.43
C SER G 163 58.03 -9.73 -0.39
N ILE G 164 57.28 -10.76 -0.78
CA ILE G 164 56.12 -10.63 -1.63
C ILE G 164 54.89 -11.07 -0.84
N PHE G 165 53.92 -10.19 -0.73
CA PHE G 165 52.67 -10.43 -0.03
C PHE G 165 51.54 -10.63 -1.03
N TYR G 166 50.88 -11.77 -0.93
CA TYR G 166 49.85 -12.16 -1.88
C TYR G 166 48.89 -13.15 -1.22
N ASN G 167 47.75 -13.32 -1.84
CA ASN G 167 46.70 -14.19 -1.34
C ASN G 167 46.72 -15.52 -2.07
N ASP G 168 46.51 -16.60 -1.33
CA ASP G 168 46.57 -17.95 -1.85
C ASP G 168 45.21 -18.61 -1.72
N PRO G 169 44.70 -19.20 -2.79
CA PRO G 169 43.40 -19.86 -2.74
C PRO G 169 43.47 -21.26 -2.12
N VAL G 170 43.48 -21.28 -0.78
CA VAL G 170 43.62 -22.54 -0.08
C VAL G 170 42.48 -23.50 -0.38
N SER G 171 41.34 -22.98 -0.84
CA SER G 171 40.20 -23.83 -1.16
C SER G 171 39.28 -23.07 -2.11
N SER G 172 38.30 -23.78 -2.65
CA SER G 172 37.33 -23.19 -3.56
C SER G 172 36.40 -22.22 -2.88
N LEU G 173 36.49 -22.09 -1.56
CA LEU G 173 35.58 -21.21 -0.82
C LEU G 173 36.31 -20.42 0.26
N SER G 174 37.63 -20.30 0.17
CA SER G 174 38.38 -19.54 1.16
C SER G 174 39.77 -19.26 0.59
N PHE G 175 40.49 -18.36 1.29
CA PHE G 175 41.83 -18.00 0.91
C PHE G 175 42.60 -17.60 2.15
N GLU G 176 43.93 -17.56 2.02
CA GLU G 176 44.80 -17.17 3.11
C GLU G 176 45.92 -16.28 2.60
N PRO G 177 46.24 -15.20 3.30
CA PRO G 177 47.38 -14.38 2.87
C PRO G 177 48.68 -15.09 3.14
N SER G 178 49.73 -14.62 2.46
CA SER G 178 51.00 -15.31 2.50
C SER G 178 52.11 -14.35 2.11
N GLU G 179 53.27 -14.60 2.69
CA GLU G 179 54.50 -13.86 2.43
C GLU G 179 55.53 -14.84 1.88
N LYS G 180 56.28 -14.40 0.87
CA LYS G 180 57.27 -15.25 0.23
C LYS G 180 58.54 -14.45 0.04
N PRO G 181 59.70 -15.02 0.36
CA PRO G 181 60.93 -14.25 0.30
C PRO G 181 61.54 -14.22 -1.09
N ILE G 182 62.38 -13.22 -1.29
CA ILE G 182 63.29 -13.15 -2.43
C ILE G 182 64.68 -12.93 -1.86
N PHE G 183 65.54 -13.93 -1.99
CA PHE G 183 66.85 -13.90 -1.37
C PHE G 183 67.82 -13.05 -2.17
N ASN G 204 78.06 -15.50 -14.03
CA ASN G 204 77.47 -14.50 -13.13
C ASN G 204 76.15 -14.99 -12.57
N VAL G 205 76.02 -16.31 -12.48
CA VAL G 205 74.73 -16.98 -12.26
C VAL G 205 73.88 -16.30 -11.19
N PRO G 206 74.44 -15.82 -10.07
CA PRO G 206 73.54 -15.29 -9.03
C PRO G 206 72.76 -14.07 -9.47
N ARG G 207 73.39 -13.14 -10.18
CA ARG G 207 72.69 -11.93 -10.62
C ARG G 207 71.51 -12.27 -11.51
N ASP G 208 71.78 -12.98 -12.61
CA ASP G 208 70.71 -13.34 -13.54
C ASP G 208 69.65 -14.20 -12.86
N LEU G 209 70.08 -15.09 -11.97
CA LEU G 209 69.13 -15.97 -11.30
C LEU G 209 68.17 -15.18 -10.43
N PHE G 210 68.68 -14.26 -9.61
CA PHE G 210 67.82 -13.46 -8.76
C PHE G 210 66.92 -12.56 -9.60
N GLU G 211 67.50 -11.92 -10.63
CA GLU G 211 66.73 -11.03 -11.46
C GLU G 211 65.60 -11.76 -12.15
N TYR G 212 65.81 -13.03 -12.51
CA TYR G 212 64.78 -13.82 -13.16
C TYR G 212 63.76 -14.35 -12.16
N THR G 213 64.22 -14.80 -11.00
CA THR G 213 63.32 -15.34 -10.00
C THR G 213 62.44 -14.24 -9.43
N LEU G 214 62.88 -12.98 -9.51
CA LEU G 214 62.01 -11.88 -9.12
C LEU G 214 60.76 -11.86 -9.98
N ALA G 215 60.94 -11.89 -11.30
CA ALA G 215 59.79 -11.90 -12.19
C ALA G 215 59.00 -13.18 -12.04
N ASN G 216 59.68 -14.29 -11.79
CA ASN G 216 58.99 -15.56 -11.63
C ASN G 216 58.06 -15.52 -10.43
N GLN G 217 58.53 -15.01 -9.31
CA GLN G 217 57.74 -14.99 -8.09
C GLN G 217 56.66 -13.92 -8.14
N MET G 218 56.92 -12.79 -8.79
CA MET G 218 55.86 -11.82 -8.97
C MET G 218 54.73 -12.39 -9.82
N LEU G 219 55.06 -13.06 -10.92
CA LEU G 219 54.02 -13.73 -11.70
C LEU G 219 53.29 -14.79 -10.87
N THR G 220 54.04 -15.61 -10.15
CA THR G 220 53.42 -16.68 -9.39
C THR G 220 52.46 -16.14 -8.34
N ALA G 221 52.78 -14.98 -7.78
CA ALA G 221 51.89 -14.38 -6.80
C ALA G 221 50.69 -13.72 -7.46
N MET G 222 50.91 -13.02 -8.58
CA MET G 222 49.80 -12.35 -9.24
C MET G 222 48.76 -13.35 -9.70
N ALA G 223 49.20 -14.50 -10.20
CA ALA G 223 48.27 -15.52 -10.66
C ALA G 223 47.39 -16.00 -9.51
N GLN G 224 48.02 -16.33 -8.38
CA GLN G 224 47.27 -16.88 -7.27
C GLN G 224 46.34 -15.83 -6.66
N GLY G 225 46.76 -14.57 -6.65
CA GLY G 225 45.88 -13.52 -6.19
C GLY G 225 44.70 -13.29 -7.11
N TYR G 226 44.91 -13.42 -8.41
CA TYR G 226 43.82 -13.26 -9.35
C TYR G 226 42.78 -14.36 -9.18
N ALA G 227 43.26 -15.61 -9.05
CA ALA G 227 42.34 -16.71 -8.77
C ALA G 227 41.58 -16.49 -7.47
N ALA G 228 42.29 -16.06 -6.43
CA ALA G 228 41.66 -15.86 -5.13
C ALA G 228 40.59 -14.79 -5.20
N GLU G 229 40.87 -13.68 -5.88
CA GLU G 229 39.89 -12.61 -5.94
C GLU G 229 38.69 -13.00 -6.77
N ILE G 230 38.88 -13.82 -7.82
CA ILE G 230 37.72 -14.28 -8.55
C ILE G 230 36.85 -15.18 -7.68
N SER G 231 37.48 -16.07 -6.93
CA SER G 231 36.70 -16.97 -6.08
C SER G 231 35.97 -16.21 -4.99
N ALA G 232 36.61 -15.18 -4.45
CA ALA G 232 36.01 -14.37 -3.40
C ALA G 232 35.03 -13.35 -3.95
N ARG G 233 35.02 -13.18 -5.26
CA ARG G 233 34.01 -12.39 -5.95
C ARG G 233 32.88 -13.25 -6.46
N ARG G 234 33.03 -14.57 -6.36
CA ARG G 234 31.95 -15.50 -6.65
C ARG G 234 31.21 -15.94 -5.40
N ASN G 235 31.90 -16.03 -4.27
CA ASN G 235 31.23 -16.35 -3.02
C ASN G 235 30.60 -15.12 -2.40
N ALA G 236 31.25 -13.97 -2.56
CA ALA G 236 30.72 -12.74 -2.01
C ALA G 236 29.39 -12.39 -2.65
N MET G 237 29.32 -12.44 -3.98
CA MET G 237 28.07 -12.13 -4.66
C MET G 237 27.02 -13.19 -4.43
N ASP G 238 27.41 -14.41 -4.11
CA ASP G 238 26.44 -15.43 -3.74
C ASP G 238 25.76 -15.05 -2.44
N ASN G 239 26.55 -14.74 -1.41
CA ASN G 239 25.98 -14.26 -0.16
C ASN G 239 25.13 -13.03 -0.40
N ALA G 240 25.60 -12.12 -1.26
CA ALA G 240 24.85 -10.90 -1.53
C ALA G 240 23.49 -11.20 -2.14
N SER G 241 23.44 -12.11 -3.11
CA SER G 241 22.18 -12.43 -3.75
C SER G 241 21.23 -13.13 -2.79
N LYS G 242 21.77 -13.97 -1.92
CA LYS G 242 20.90 -14.65 -0.96
C LYS G 242 20.35 -13.67 0.07
N ASN G 243 21.16 -12.69 0.49
CA ASN G 243 20.65 -11.65 1.37
C ASN G 243 19.60 -10.81 0.66
N ALA G 244 19.77 -10.58 -0.64
CA ALA G 244 18.75 -9.89 -1.42
C ALA G 244 17.46 -10.69 -1.44
N GLY G 245 17.58 -12.01 -1.55
CA GLY G 245 16.39 -12.85 -1.51
C GLY G 245 15.67 -12.77 -0.18
N ASP G 246 16.42 -12.73 0.91
CA ASP G 246 15.77 -12.61 2.21
C ASP G 246 15.07 -11.26 2.35
N MET G 247 15.69 -10.20 1.81
CA MET G 247 15.07 -8.89 1.88
C MET G 247 13.81 -8.84 1.03
N ILE G 248 13.82 -9.53 -0.12
CA ILE G 248 12.63 -9.63 -0.95
C ILE G 248 11.54 -10.37 -0.21
N ASN G 249 11.89 -11.45 0.48
CA ASN G 249 10.89 -12.19 1.22
C ASN G 249 10.32 -11.41 2.39
N ARG G 250 11.03 -10.40 2.89
CA ARG G 250 10.44 -9.53 3.91
C ARG G 250 9.55 -8.47 3.27
N TYR G 251 10.06 -7.79 2.26
CA TYR G 251 9.27 -6.75 1.61
C TYR G 251 8.05 -7.33 0.91
N SER G 252 8.04 -8.62 0.62
CA SER G 252 6.86 -9.25 0.03
C SER G 252 5.73 -9.42 1.04
N ILE G 253 6.03 -9.37 2.33
CA ILE G 253 5.01 -9.33 3.36
C ILE G 253 4.58 -7.90 3.62
N LEU G 254 5.57 -7.00 3.71
CA LEU G 254 5.24 -5.60 3.91
C LEU G 254 4.33 -5.09 2.80
N TYR G 255 4.60 -5.50 1.56
CA TYR G 255 3.81 -5.07 0.43
C TYR G 255 2.38 -5.54 0.53
N ASN G 256 2.19 -6.82 0.83
CA ASN G 256 0.84 -7.35 0.91
C ASN G 256 0.06 -6.70 2.04
N ARG G 257 0.72 -6.45 3.17
CA ARG G 257 0.04 -5.73 4.25
C ARG G 257 -0.41 -4.36 3.78
N THR G 258 0.46 -3.62 3.08
CA THR G 258 0.07 -2.29 2.63
C THR G 258 -1.04 -2.37 1.60
N ARG G 259 -1.04 -3.42 0.79
CA ARG G 259 -2.11 -3.63 -0.20
C ARG G 259 -3.46 -3.80 0.49
N GLN G 260 -3.52 -4.70 1.47
CA GLN G 260 -4.77 -4.90 2.20
C GLN G 260 -5.22 -3.62 2.89
N ALA G 261 -4.28 -2.90 3.50
CA ALA G 261 -4.64 -1.67 4.20
C ALA G 261 -5.18 -0.64 3.23
N VAL G 262 -4.54 -0.49 2.07
CA VAL G 262 -4.98 0.50 1.10
C VAL G 262 -6.39 0.18 0.63
N ILE G 263 -6.67 -1.09 0.32
CA ILE G 263 -8.00 -1.42 -0.18
C ILE G 263 -9.03 -1.15 0.90
N THR G 264 -8.77 -1.62 2.12
CA THR G 264 -9.72 -1.41 3.20
C THR G 264 -10.03 0.07 3.37
N ASN G 265 -9.01 0.91 3.35
CA ASN G 265 -9.25 2.31 3.65
C ASN G 265 -9.92 3.04 2.49
N GLU G 266 -9.55 2.71 1.25
CA GLU G 266 -10.26 3.29 0.11
C GLU G 266 -11.74 2.94 0.19
N LEU G 267 -12.05 1.73 0.62
CA LEU G 267 -13.44 1.30 0.70
C LEU G 267 -14.16 1.89 1.91
N VAL G 268 -13.45 2.11 3.02
CA VAL G 268 -14.05 2.84 4.13
C VAL G 268 -14.44 4.23 3.68
N ASP G 269 -13.57 4.89 2.92
CA ASP G 269 -13.89 6.22 2.41
C ASP G 269 -15.10 6.18 1.49
N ILE G 270 -15.14 5.21 0.57
CA ILE G 270 -16.25 5.12 -0.37
C ILE G 270 -17.56 4.88 0.38
N ILE G 271 -17.54 3.96 1.35
CA ILE G 271 -18.75 3.65 2.09
C ILE G 271 -19.22 4.86 2.88
N THR G 272 -18.31 5.54 3.59
CA THR G 272 -18.73 6.70 4.35
C THR G 272 -19.25 7.80 3.44
N GLY G 273 -18.73 7.88 2.21
CA GLY G 273 -19.31 8.80 1.26
C GLY G 273 -20.70 8.38 0.83
N ALA G 274 -20.94 7.06 0.75
CA ALA G 274 -22.21 6.54 0.28
C ALA G 274 -23.27 6.42 1.36
N SER G 275 -22.90 6.50 2.62
CA SER G 275 -23.85 6.31 3.71
C SER G 275 -24.95 7.36 3.65
N SER H 9 66.75 -5.88 -15.99
CA SER H 9 66.94 -5.81 -17.43
C SER H 9 67.01 -7.20 -18.04
N TYR H 10 67.51 -8.18 -17.29
CA TYR H 10 67.57 -9.55 -17.79
C TYR H 10 66.18 -10.13 -17.97
N ALA H 11 65.25 -9.83 -17.07
CA ALA H 11 63.87 -10.27 -17.27
C ALA H 11 63.27 -9.59 -18.50
N ALA H 12 63.55 -8.30 -18.68
CA ALA H 12 63.07 -7.63 -19.88
C ALA H 12 63.82 -8.11 -21.11
N TYR H 13 65.07 -8.54 -20.95
CA TYR H 13 65.79 -9.16 -22.05
C TYR H 13 65.06 -10.42 -22.49
N LEU H 14 64.67 -11.26 -21.54
CA LEU H 14 63.86 -12.42 -21.87
C LEU H 14 62.54 -12.00 -22.49
N ASN H 15 62.00 -10.85 -22.09
CA ASN H 15 60.73 -10.40 -22.65
C ASN H 15 60.87 -10.04 -24.13
N VAL H 16 61.92 -9.31 -24.47
CA VAL H 16 62.12 -8.94 -25.87
C VAL H 16 62.56 -10.13 -26.70
N ALA H 17 63.32 -11.06 -26.12
CA ALA H 17 63.65 -12.28 -26.83
C ALA H 17 62.42 -13.14 -27.06
N ALA H 18 61.51 -13.16 -26.10
CA ALA H 18 60.24 -13.84 -26.29
C ALA H 18 59.43 -13.20 -27.40
N GLN H 19 59.40 -11.86 -27.43
CA GLN H 19 58.72 -11.19 -28.54
C GLN H 19 59.35 -11.57 -29.86
N ALA H 20 60.67 -11.75 -29.88
CA ALA H 20 61.33 -12.14 -31.12
C ALA H 20 60.92 -13.56 -31.52
N ILE H 21 60.83 -14.46 -30.54
CA ILE H 21 60.40 -15.83 -30.81
C ILE H 21 58.91 -15.89 -31.12
N ARG H 22 58.18 -14.84 -30.82
CA ARG H 22 56.73 -14.83 -30.88
C ARG H 22 56.19 -14.21 -32.17
N SER H 23 56.73 -13.05 -32.57
CA SER H 23 56.30 -12.45 -33.83
C SER H 23 56.76 -13.28 -35.02
N SER H 24 57.83 -14.04 -34.86
CA SER H 24 58.33 -14.92 -35.89
C SER H 24 57.47 -16.16 -36.07
N LEU H 25 56.44 -16.34 -35.26
CA LEU H 25 55.51 -17.45 -35.45
C LEU H 25 54.61 -17.18 -36.66
N LYS H 26 54.25 -18.24 -37.36
CA LYS H 26 53.35 -18.12 -38.49
C LYS H 26 52.11 -17.33 -38.09
N THR H 27 51.62 -16.49 -39.01
CA THR H 27 50.51 -15.61 -38.70
C THR H 27 49.22 -16.36 -38.44
N GLU H 28 49.14 -17.63 -38.82
CA GLU H 28 47.96 -18.45 -38.52
C GLU H 28 48.02 -19.03 -37.12
N LEU H 29 49.19 -19.10 -36.52
CA LEU H 29 49.37 -19.70 -35.20
C LEU H 29 49.20 -18.71 -34.06
N GLN H 30 49.21 -17.41 -34.35
CA GLN H 30 49.17 -16.41 -33.30
C GLN H 30 47.78 -16.33 -32.69
N THR H 31 47.37 -17.38 -31.99
CA THR H 31 46.07 -17.41 -31.33
C THR H 31 45.93 -16.21 -30.40
N ALA H 32 44.67 -15.92 -30.04
CA ALA H 32 44.36 -14.75 -29.22
C ALA H 32 45.26 -14.68 -27.99
N SER H 33 45.64 -15.83 -27.44
CA SER H 33 46.52 -15.85 -26.28
C SER H 33 47.85 -15.19 -26.60
N VAL H 34 48.38 -15.46 -27.79
CA VAL H 34 49.69 -14.91 -28.15
C VAL H 34 49.62 -13.40 -28.25
N LEU H 35 48.51 -12.86 -28.77
CA LEU H 35 48.33 -11.42 -28.76
C LEU H 35 48.17 -10.90 -27.34
N ASN H 36 47.41 -11.61 -26.51
CA ASN H 36 47.18 -11.17 -25.14
C ASN H 36 48.50 -11.02 -24.39
N ARG H 37 49.39 -11.98 -24.55
CA ARG H 37 50.71 -11.92 -23.94
C ARG H 37 51.49 -10.67 -24.34
N SER H 38 50.98 -9.87 -25.27
CA SER H 38 51.72 -8.74 -25.83
C SER H 38 51.01 -7.41 -25.64
N GLN H 39 50.08 -7.32 -24.68
CA GLN H 39 49.23 -6.14 -24.55
C GLN H 39 49.16 -5.65 -23.10
N THR H 40 50.27 -5.72 -22.37
CA THR H 40 50.30 -5.22 -21.01
C THR H 40 49.83 -3.78 -20.96
N ASP H 41 48.79 -3.53 -20.15
CA ASP H 41 48.18 -2.22 -20.01
C ASP H 41 48.66 -1.47 -18.77
N ALA H 42 49.64 -1.99 -18.05
CA ALA H 42 49.97 -1.48 -16.73
C ALA H 42 50.53 -0.06 -16.79
N PHE H 43 50.22 0.72 -15.75
CA PHE H 43 50.81 2.02 -15.53
C PHE H 43 51.50 2.07 -14.17
N TYR H 44 52.52 2.90 -14.06
CA TYR H 44 53.32 3.02 -12.85
C TYR H 44 53.48 4.48 -12.43
N THR H 45 53.59 4.68 -11.11
CA THR H 45 53.82 6.01 -10.54
C THR H 45 54.58 5.85 -9.23
N GLN H 46 55.78 6.43 -9.18
CA GLN H 46 56.62 6.34 -8.00
C GLN H 46 56.13 7.26 -6.90
N TYR H 47 56.29 6.83 -5.65
CA TYR H 47 55.88 7.61 -4.50
C TYR H 47 57.04 7.76 -3.54
N ALA H 53 54.23 10.84 0.15
CA ALA H 53 52.96 10.77 -0.57
C ALA H 53 53.02 11.53 -1.89
N SER H 54 54.13 12.24 -2.11
CA SER H 54 54.32 12.94 -3.38
C SER H 54 54.62 11.93 -4.49
N GLU H 55 54.05 12.18 -5.66
CA GLU H 55 54.28 11.29 -6.81
C GLU H 55 54.01 12.07 -8.09
N PRO H 56 54.75 11.78 -9.15
CA PRO H 56 54.54 12.46 -10.43
C PRO H 56 53.38 11.85 -11.21
N THR H 57 53.25 12.30 -12.46
CA THR H 57 52.15 11.84 -13.30
C THR H 57 52.27 10.35 -13.57
N PRO H 58 51.22 9.73 -14.09
CA PRO H 58 51.29 8.30 -14.40
C PRO H 58 52.10 8.02 -15.66
N ILE H 59 52.89 6.95 -15.59
CA ILE H 59 53.77 6.55 -16.67
C ILE H 59 53.40 5.15 -17.13
N THR H 60 53.31 4.98 -18.44
CA THR H 60 53.05 3.66 -19.02
C THR H 60 54.30 2.78 -18.91
N LYS H 61 54.07 1.47 -18.80
CA LYS H 61 55.16 0.51 -18.64
C LYS H 61 55.95 0.31 -19.93
PG ATP I . -4.15 1.83 -27.25
O1G ATP I . -4.10 1.15 -25.90
O2G ATP I . -3.92 3.32 -27.24
O3G ATP I . -5.29 1.31 -28.12
PB ATP I . -2.91 -0.12 -28.73
O1B ATP I . -1.52 -0.70 -28.71
O2B ATP I . -4.07 -0.90 -28.17
O3B ATP I . -2.84 1.30 -28.01
PA ATP I . -2.38 -0.09 -31.47
O1A ATP I . -3.18 0.02 -32.75
O2A ATP I . -1.69 -1.38 -31.10
O3A ATP I . -3.27 0.37 -30.21
O5' ATP I . -1.28 1.07 -31.45
C5' ATP I . 0.04 0.58 -31.50
C4' ATP I . 1.06 1.51 -32.13
O4' ATP I . 2.22 0.72 -32.31
C3' ATP I . 0.64 2.01 -33.49
O3' ATP I . 1.18 3.30 -33.76
C2' ATP I . 1.22 1.00 -34.45
O2' ATP I . 1.63 1.66 -35.65
C1' ATP I . 2.39 0.41 -33.69
N9 ATP I . 2.49 -1.07 -33.85
C8 ATP I . 1.73 -2.01 -33.29
N7 ATP I . 2.12 -3.25 -33.68
C5 ATP I . 3.16 -3.09 -34.49
C6 ATP I . 4.03 -3.99 -35.23
N6 ATP I . 3.80 -5.32 -35.13
N1 ATP I . 5.00 -3.45 -35.98
C2 ATP I . 5.19 -2.12 -36.06
N3 ATP I . 4.42 -1.24 -35.40
C4 ATP I . 3.41 -1.66 -34.61
H5'1 ATP I . -0.01 -0.29 -32.13
H5'2 ATP I . 0.36 0.27 -30.51
H4' ATP I . 1.24 2.37 -31.46
H3' ATP I . -0.45 2.01 -33.56
H2' ATP I . 0.48 0.22 -34.67
HO2' ATP I . 0.94 2.28 -35.91
H1' ATP I . 3.31 0.89 -34.05
H8 ATP I . 0.90 -1.87 -32.63
HN61 ATP I . 3.05 -5.67 -34.54
HN62 ATP I . 4.39 -5.97 -35.62
H2 ATP I . 5.99 -1.73 -36.67
MG MG J . -5.67 -0.16 -28.94
PG ATP K . -3.56 -23.53 15.04
O1G ATP K . -2.51 -24.52 14.62
O2G ATP K . -4.95 -23.86 14.57
O3G ATP K . -3.18 -22.09 14.87
PB ATP K . -2.34 -24.00 17.50
O1B ATP K . -2.65 -23.64 18.92
O2B ATP K . -1.15 -23.39 16.80
O3B ATP K . -3.66 -23.72 16.64
PA ATP K . -1.02 -26.36 18.10
O1A ATP K . -1.57 -27.13 19.27
O2A ATP K . 0.08 -25.37 18.27
O3A ATP K . -2.23 -25.60 17.38
O5' ATP K . -0.55 -27.43 16.99
C5' ATP K . 0.84 -27.57 16.82
C4' ATP K . 1.27 -28.96 16.37
O4' ATP K . 2.61 -29.11 16.82
C3' ATP K . 0.48 -30.14 16.92
O3' ATP K . 0.16 -31.04 15.86
C2' ATP K . 1.36 -30.80 17.95
O2' ATP K . 1.44 -32.23 17.76
C1' ATP K . 2.73 -30.16 17.77
N9 ATP K . 3.24 -29.59 19.03
C8 ATP K . 2.61 -28.73 19.84
N7 ATP K . 3.38 -28.41 20.92
C5 ATP K . 4.53 -29.09 20.79
C6 ATP K . 5.78 -29.23 21.57
N6 ATP K . 5.95 -28.54 22.73
N1 ATP K . 6.73 -30.04 21.09
C2 ATP K . 6.58 -30.72 19.94
N3 ATP K . 5.47 -30.64 19.19
C4 ATP K . 4.43 -29.87 19.56
H5'1 ATP K . 1.34 -27.33 17.76
H5'2 ATP K . 1.17 -26.85 16.08
H4' ATP K . 1.24 -29.00 15.28
H3' ATP K . -0.43 -29.78 17.41
HO3' ATP K . -0.23 -31.84 16.24
H2' ATP K . 0.97 -30.58 18.95
HO2' ATP K . 0.64 -32.64 18.11
H1' ATP K . 3.43 -30.91 17.40
H8 ATP K . 1.61 -28.33 19.67
HN61 ATP K . 5.22 -27.94 23.08
HN62 ATP K . 6.81 -28.64 23.24
H2 ATP K . 7.37 -31.36 19.60
MG MG L . -4.76 -23.93 18.35
PG ATP M . 6.45 21.82 14.01
O1G ATP M . 5.90 23.20 13.67
O2G ATP M . 6.96 21.70 15.42
O3G ATP M . 5.62 20.66 13.53
PB ATP M . 8.45 22.97 12.52
O1B ATP M . 7.62 24.19 12.90
O2B ATP M . 8.65 22.67 11.06
O3B ATP M . 7.80 21.65 13.17
PA ATP M . 10.59 24.45 13.61
O1A ATP M . 10.98 25.20 12.35
O2A ATP M . 9.69 25.14 14.62
O3A ATP M . 9.91 23.05 13.20
O5' ATP M . 11.93 23.99 14.35
C5' ATP M . 12.07 22.63 14.72
C4' ATP M . 13.41 22.42 15.41
O4' ATP M . 14.43 22.39 14.43
C3' ATP M . 13.71 23.52 16.42
O3' ATP M . 13.93 22.96 17.71
C2' ATP M . 14.98 24.17 15.92
O2' ATP M . 15.92 24.36 16.98
C1' ATP M . 15.50 23.22 14.86
N9 ATP M . 16.04 23.96 13.71
C8 ATP M . 15.32 24.48 12.71
N7 ATP M . 16.12 25.08 11.81
C5 ATP M . 17.39 24.94 12.22
C6 ATP M . 18.73 25.33 11.75
N6 ATP M . 18.83 26.03 10.59
N1 ATP M . 19.79 24.99 12.50
C2 ATP M . 19.67 24.31 13.65
N3 ATP M . 18.48 23.91 14.14
C4 ATP M . 17.33 24.21 13.48
H5'1 ATP M . 12.04 22.04 13.80
H5'2 ATP M . 11.25 22.33 15.37
H4' ATP M . 13.39 21.47 15.93
H3' ATP M . 12.91 24.26 16.46
HO3' ATP M . 14.12 23.68 18.34
H2' ATP M . 14.73 25.12 15.44
H1' ATP M . 16.29 22.62 15.30
H8 ATP M . 14.24 24.43 12.64
HN61 ATP M . 18.00 26.26 10.06
HN62 ATP M . 19.74 26.29 10.26
H2 ATP M . 20.56 24.06 14.20
MG MG N . 5.74 24.96 13.05
P PO4 O . 3.27 -0.35 27.26
O1 PO4 O . 2.50 0.89 26.84
O2 PO4 O . 4.74 -0.07 27.17
O3 PO4 O . 2.91 -1.48 26.34
O4 PO4 O . 2.91 -0.70 28.68
C10 ZHD P . 32.41 -4.13 -18.23
C13 ZHD P . 33.27 -5.94 -16.85
C15 ZHD P . 33.04 -6.67 -14.54
C17 ZHD P . 32.24 -5.41 -14.21
C20 ZHD P . 28.71 -4.39 -15.43
C22 ZHD P . 27.09 -5.50 -14.10
C24 ZHD P . 33.75 -4.87 -12.40
C26 ZHD P . 33.19 -5.58 -10.09
C28 ZHD P . 33.23 -2.80 -9.19
C02 ZHD P . 30.42 -3.35 -23.62
C03 ZHD P . 31.03 -2.15 -22.96
C05 ZHD P . 29.94 -0.96 -22.88
C06 ZHD P . 31.49 -2.44 -21.61
C07 ZHD P . 32.06 -3.83 -21.51
C09 ZHD P . 32.84 -4.80 -19.48
C11 ZHD P . 31.22 -3.24 -18.47
C16 ZHD P . 32.42 -7.87 -13.72
C18 ZHD P . 30.81 -5.62 -14.56
C19 ZHD P . 30.01 -4.29 -14.57
C25 ZHD P . 33.84 -4.51 -10.91
C27 ZHD P . 33.16 -3.14 -10.67
C29 ZHD P . 33.58 -1.33 -8.88
C31 ZHD P . 35.13 0.10 -9.87
C32 ZHD P . 33.35 -1.02 -7.41
C34 ZHD P . 31.85 -1.20 -7.08
C35 ZHD P . 31.03 -0.20 -6.75
C36 ZHD P . 31.51 1.27 -6.64
C37 ZHD P . 29.53 -0.54 -6.49
C38 ZHD P . 29.05 -0.84 -5.28
C39 ZHD P . 29.98 -0.88 -4.05
C40 ZHD P . 27.52 -1.17 -5.17
C41 ZHD P . 26.54 -0.29 -5.59
C42 ZHD P . 26.91 1.08 -6.15
C43 ZHD P . 25.07 -0.68 -5.48
C45 ZHD P . 24.54 0.79 -3.72
C46 ZHD P . 23.55 1.89 -3.32
C48 ZHD P . 22.17 1.37 -3.23
C50 ZHD P . 22.12 0.29 -2.23
C52 ZHD P . 23.05 -0.85 -2.64
C53 ZHD P . 23.03 -1.92 -1.61
C55 ZHD P . 24.57 -1.09 -6.83
C56 ZHD P . 23.65 -2.32 -6.72
C57 ZHD P . 25.81 -1.50 -7.68
C58 ZHD P . 26.21 -0.85 -8.80
C59 ZHD P . 25.47 0.39 -9.37
C60 ZHD P . 27.53 -1.42 -9.47
C61 ZHD P . 27.78 -1.45 -10.78
C63 ZHD P . 26.04 -1.97 -12.27
C64 ZHD P . 29.19 -2.08 -11.12
C65 ZHD P . 30.10 -1.53 -12.01
C66 ZHD P . 29.78 -0.23 -12.80
C67 ZHD P . 31.45 -2.32 -12.17
C71 ZHD P . 34.58 -6.13 -12.70
C73 ZHD P . 36.50 -6.78 -11.50
C74 ZHD P . 34.46 -6.53 -14.12
C76 ZHD P . 33.92 -6.51 -18.09
C77 ZHD P . 34.09 -5.53 -19.21
C80 ZHD P . 31.40 -4.51 -23.70
C81 ZHD P . 31.84 -4.71 -25.15
O01 ZHD P . 29.26 -3.77 -22.87
O04 ZHD P . 32.14 -1.73 -23.73
O08 ZHD P . 33.08 -3.83 -20.56
O12 ZHD P . 32.07 -5.15 -17.19
O14 ZHD P . 32.93 -6.99 -16.01
O21 ZHD P . 27.60 -4.24 -14.57
O23 ZHD P . 32.35 -5.07 -12.77
O30 ZHD P . 34.92 -1.10 -9.20
O33 ZHD P . 34.11 -1.87 -6.62
O44 ZHD P . 24.28 0.41 -5.02
O47 ZHD P . 23.59 2.91 -4.30
O49 ZHD P . 21.26 2.44 -2.84
O51 ZHD P . 20.77 -0.20 -2.13
O54 ZHD P . 24.45 -0.37 -2.81
O62 ZHD P . 26.88 -0.96 -11.76
O68 ZHD P . 31.83 -3.23 -11.10
O69 ZHD P . 32.13 -2.19 -13.14
O70 ZHD P . 34.25 -3.84 -13.14
O72 ZHD P . 35.96 -5.88 -12.41
O75 ZHD P . 35.15 -7.83 -14.30
O78 ZHD P . 35.11 -4.57 -18.83
O79 ZHD P . 32.55 -4.27 -22.85
H101 ZHD P . 33.14 -3.60 -17.90
H131 ZHD P . 33.90 -5.34 -16.43
H171 ZHD P . 32.59 -4.68 -14.73
H201 ZHD P . 28.70 -3.69 -16.09
H202 ZHD P . 28.67 -5.26 -15.85
H221 ZHD P . 26.57 -5.35 -13.28
H222 ZHD P . 27.82 -6.10 -13.90
H223 ZHD P . 26.52 -5.89 -14.78
H263 ZHD P . 32.46 -5.20 -9.57
H261 ZHD P . 32.83 -6.27 -10.67
H262 ZHD P . 33.84 -5.96 -9.49
H281 ZHD P . 32.37 -3.02 -8.81
H282 ZHD P . 33.90 -3.35 -8.78
H021 ZHD P . 30.16 -3.13 -24.52
H052 ZHD P . 29.08 -1.28 -23.21
H051 ZHD P . 30.24 -0.22 -23.42
H053 ZHD P . 29.84 -0.67 -21.96
H061 ZHD P . 30.74 -2.38 -21.00
H062 ZHD P . 32.17 -1.80 -21.36
H071 ZHD P . 31.35 -4.43 -21.24
H091 ZHD P . 32.18 -5.45 -19.74
H111 ZHD P . 30.59 -3.70 -19.06
H113 ZHD P . 31.51 -2.42 -18.88
H112 ZHD P . 30.78 -3.05 -17.63
H163 ZHD P . 31.65 -8.22 -14.18
H162 ZHD P . 32.16 -7.55 -12.84
H161 ZHD P . 33.08 -8.57 -13.61
H181 ZHD P . 30.76 -6.03 -15.43
H182 ZHD P . 30.41 -6.21 -13.91
H192 ZHD P . 29.77 -4.05 -13.66
H191 ZHD P . 30.58 -3.58 -14.94
H251 ZHD P . 34.77 -4.45 -10.66
H271 ZHD P . 33.61 -2.46 -11.18
H291 ZHD P . 33.02 -0.75 -9.42
H311 ZHD P . 36.07 0.34 -9.81
H313 ZHD P . 34.59 0.80 -9.47
H312 ZHD P . 34.89 -0.01 -10.81
H321 ZHD P . 33.62 -0.12 -7.22
H341 ZHD P . 31.48 -2.05 -7.13
H361 ZHD P . 30.82 1.79 -6.21
H363 ZHD P . 31.67 1.62 -7.53
H362 ZHD P . 32.32 1.31 -6.12
H371 ZHD P . 28.94 -0.52 -7.21
H391 ZHD P . 29.46 -0.91 -3.24
H392 ZHD P . 30.55 -0.08 -4.03
H393 ZHD P . 30.55 -1.67 -4.10
H401 ZHD P . 27.26 -1.99 -4.84
H423 ZHD P . 26.12 1.64 -6.15
H421 ZHD P . 27.24 0.98 -7.06
H422 ZHD P . 27.60 1.48 -5.60
H431 ZHD P . 24.97 -1.43 -4.86
H451 ZHD P . 25.43 1.15 -3.66
H461 ZHD P . 23.81 2.24 -2.46
H481 ZHD P . 21.90 1.00 -4.08
H501 ZHD P . 22.41 0.64 -1.37
H521 ZHD P . 22.75 -1.18 -3.49
H532 ZHD P . 22.90 -1.54 -0.73
H531 ZHD P . 23.87 -2.41 -1.63
H533 ZHD P . 22.30 -2.54 -1.80
H551 ZHD P . 24.11 -0.37 -7.26
H563 ZHD P . 24.18 -3.10 -6.47
H562 ZHD P . 23.23 -2.48 -7.58
H561 ZHD P . 22.98 -2.15 -6.05
H571 ZHD P . 26.33 -2.22 -7.39
H591 ZHD P . 24.55 0.15 -9.54
H593 ZHD P . 25.90 0.68 -10.19
H592 ZHD P . 25.50 1.11 -8.71
H601 ZHD P . 28.17 -1.76 -8.91
H632 ZHD P . 25.79 -1.77 -13.18
H633 ZHD P . 25.23 -2.02 -11.72
H631 ZHD P . 26.51 -2.82 -12.24
H641 ZHD P . 29.43 -2.86 -10.68
H662 ZHD P . 29.30 0.39 -12.23
H663 ZHD P . 29.23 -0.45 -13.57
H661 ZHD P . 30.61 0.17 -13.10
H711 ZHD P . 34.27 -6.85 -12.15
H732 ZHD P . 37.40 -6.51 -11.27
H731 ZHD P . 36.51 -7.66 -11.88
H733 ZHD P . 35.96 -6.79 -10.69
H741 ZHD P . 34.88 -5.86 -14.65
H762 ZHD P . 33.37 -7.24 -18.41
H761 ZHD P . 34.78 -6.86 -17.85
H771 ZHD P . 34.37 -6.00 -20.00
H801 ZHD P . 30.95 -5.31 -23.38
H812 ZHD P . 32.15 -3.86 -25.50
H811 ZHD P . 31.09 -5.02 -25.67
H813 ZHD P . 32.56 -5.35 -25.18
H011 ZHD P . 28.61 -3.87 -23.40
H041 ZHD P . 32.13 -2.14 -24.46
H331 ZHD P . 34.90 -1.57 -6.57
H471 ZHD P . 23.92 2.61 -5.01
H491 ZHD P . 21.41 3.13 -3.31
H511 ZHD P . 20.23 0.45 -2.09
H701 ZHD P . 35.04 -4.04 -13.40
H751 ZHD P . 35.93 -7.68 -14.61
H781 ZHD P . 35.12 -3.95 -19.41
#